data_1GC3
#
_entry.id   1GC3
#
_cell.length_a   81.5
_cell.length_b   98.4
_cell.length_c   187.0
_cell.angle_alpha   90
_cell.angle_beta   91.53
_cell.angle_gamma   90
#
_symmetry.space_group_name_H-M   'P 1 21 1'
#
loop_
_entity.id
_entity.type
_entity.pdbx_description
1 polymer 'ASPARTATE AMINOTRANSFERASE'
2 non-polymer TRYPTOPHAN
3 non-polymer "PYRIDOXAL-5'-PHOSPHATE"
#
_entity_poly.entity_id   1
_entity_poly.type   'polypeptide(L)'
_entity_poly.pdbx_seq_one_letter_code
;MRGLSRRVQAMKPDAVVAVNAKALELRRQGVDLVALTAGEPDFDTPEHVKEAARRALAQGKTKYAPPAGIPELREALAEK
FRRENGLSVTPEETIVTVGGSQALFNLFQAILDPGDEVIVLSPYWVSYPEMVRFAGGVVVEVETLPEEGFVPDPERVRRA
ITPRTKALVVNSPNNPTGAVYPKEVLEALARLAVEHDFYLVSDEIYEHLLYEGEHFSPGRVAPEHTLTVNGAAKAFAMTG
WRIGYACGPKEVIKAMASVSRQSTTSPDTIAQWATLEALTNQEASRAFVEMAREAYRRRRDLLLEGLTALGLKAVRPSGA
FYVLMDTSPIAPDEVRAAERLLEAGVAVVPGTDFAAFGHVRLSYATSEENLRKALERFARVLGRA
;
_entity_poly.pdbx_strand_id   A,B,C,D,E,F,G,H
#
# COMPACT_ATOMS: atom_id res chain seq x y z
N MET A 1 -25.28 19.55 -33.30
CA MET A 1 -26.31 19.99 -34.28
C MET A 1 -26.07 21.46 -34.60
N ARG A 2 -27.13 22.25 -34.65
CA ARG A 2 -27.05 23.68 -34.91
C ARG A 2 -28.23 24.30 -34.17
N GLY A 3 -28.11 25.59 -33.85
CA GLY A 3 -29.17 26.27 -33.14
C GLY A 3 -28.59 27.15 -32.05
N LEU A 4 -29.40 28.07 -31.55
CA LEU A 4 -28.91 28.97 -30.51
C LEU A 4 -28.99 28.41 -29.10
N SER A 5 -28.37 29.13 -28.18
CA SER A 5 -28.31 28.75 -26.77
C SER A 5 -29.61 29.09 -26.06
N ARG A 6 -29.86 28.38 -24.97
CA ARG A 6 -31.07 28.59 -24.18
C ARG A 6 -31.04 30.01 -23.63
N ARG A 7 -29.88 30.41 -23.12
CA ARG A 7 -29.70 31.75 -22.53
C ARG A 7 -29.99 32.91 -23.42
N VAL A 8 -29.53 32.80 -24.66
CA VAL A 8 -29.66 33.84 -25.67
C VAL A 8 -31.08 33.93 -26.24
N GLN A 9 -31.68 32.74 -26.43
CA GLN A 9 -33.04 32.66 -26.95
C GLN A 9 -33.88 33.26 -25.85
N ALA A 10 -33.65 32.79 -24.63
CA ALA A 10 -34.39 33.26 -23.46
C ALA A 10 -34.40 34.73 -23.12
N MET A 11 -33.43 35.49 -23.66
CA MET A 11 -33.35 36.91 -23.36
C MET A 11 -34.12 37.95 -24.19
N LYS A 12 -34.78 38.86 -23.45
CA LYS A 12 -35.59 39.92 -24.05
C LYS A 12 -34.90 41.04 -24.81
N PRO A 13 -35.55 41.53 -25.88
CA PRO A 13 -35.04 42.62 -26.73
C PRO A 13 -34.87 43.90 -25.90
N ASP A 14 -34.78 45.05 -26.54
CA ASP A 14 -34.62 46.25 -25.78
C ASP A 14 -35.58 47.43 -25.80
N ALA A 15 -36.20 47.67 -24.64
CA ALA A 15 -37.15 48.75 -24.43
C ALA A 15 -36.77 50.01 -25.18
N VAL A 16 -35.52 50.43 -24.99
CA VAL A 16 -35.03 51.63 -25.64
C VAL A 16 -34.42 51.54 -27.05
N VAL A 17 -33.81 50.42 -27.40
CA VAL A 17 -33.23 50.30 -28.76
C VAL A 17 -34.42 50.18 -29.72
N ALA A 18 -35.55 49.74 -29.19
CA ALA A 18 -36.74 49.57 -29.99
C ALA A 18 -37.22 50.95 -30.41
N VAL A 19 -37.66 51.77 -29.44
CA VAL A 19 -38.15 53.12 -29.73
C VAL A 19 -37.23 53.97 -30.61
N ASN A 20 -35.93 53.65 -30.59
CA ASN A 20 -34.93 54.36 -31.39
C ASN A 20 -35.11 54.02 -32.86
N ALA A 21 -35.02 52.73 -33.21
CA ALA A 21 -35.20 52.29 -34.59
C ALA A 21 -36.55 52.79 -35.14
N LYS A 22 -37.61 52.56 -34.38
CA LYS A 22 -38.96 52.99 -34.77
C LYS A 22 -39.17 54.50 -34.72
N ALA A 23 -38.08 55.25 -34.63
CA ALA A 23 -38.17 56.70 -34.63
C ALA A 23 -37.75 56.54 -36.11
N LEU A 24 -36.46 56.72 -36.40
CA LEU A 24 -35.90 56.57 -37.75
C LEU A 24 -36.54 55.68 -38.81
N GLU A 25 -37.69 56.13 -39.33
CA GLU A 25 -38.48 55.45 -40.37
C GLU A 25 -39.81 55.87 -39.75
N LEU A 26 -39.96 57.19 -39.69
CA LEU A 26 -41.12 57.88 -39.13
C LEU A 26 -40.20 59.11 -39.24
N ARG A 27 -39.09 59.16 -38.50
CA ARG A 27 -38.20 60.31 -38.63
C ARG A 27 -37.38 60.23 -39.91
N ARG A 28 -37.24 59.02 -40.44
CA ARG A 28 -36.50 58.86 -41.69
C ARG A 28 -37.37 59.22 -42.90
N GLN A 29 -38.66 59.43 -42.64
CA GLN A 29 -39.63 59.69 -43.70
C GLN A 29 -40.50 60.94 -43.61
N GLY A 30 -39.85 62.08 -43.39
CA GLY A 30 -40.57 63.32 -43.25
C GLY A 30 -40.99 63.61 -41.83
N VAL A 31 -41.72 62.67 -41.21
CA VAL A 31 -42.21 62.84 -39.84
C VAL A 31 -41.10 63.14 -38.83
N ASP A 32 -41.05 64.38 -38.37
CA ASP A 32 -40.06 64.79 -37.38
C ASP A 32 -40.86 64.60 -36.09
N LEU A 33 -40.24 63.93 -35.12
CA LEU A 33 -40.89 63.70 -33.83
C LEU A 33 -39.86 64.32 -32.91
N VAL A 34 -40.14 64.32 -31.62
CA VAL A 34 -39.23 64.87 -30.61
C VAL A 34 -38.92 63.52 -29.94
N ALA A 35 -37.67 63.28 -29.60
CA ALA A 35 -37.31 62.02 -28.97
C ALA A 35 -36.79 62.03 -27.54
N LEU A 36 -37.69 61.91 -26.58
CA LEU A 36 -37.29 61.90 -25.17
C LEU A 36 -36.94 60.52 -24.66
N THR A 37 -36.16 59.78 -25.43
CA THR A 37 -35.75 58.44 -25.02
C THR A 37 -34.40 58.53 -24.33
N ALA A 38 -33.60 59.51 -24.75
CA ALA A 38 -32.24 59.76 -24.25
C ALA A 38 -31.56 59.26 -22.98
N GLY A 39 -30.43 58.58 -23.15
CA GLY A 39 -29.67 58.10 -22.02
C GLY A 39 -28.43 58.95 -21.91
N GLU A 40 -28.04 59.51 -23.04
CA GLU A 40 -26.87 60.38 -23.15
C GLU A 40 -27.11 61.88 -23.09
N PRO A 41 -26.16 62.62 -22.49
CA PRO A 41 -26.22 64.07 -22.37
C PRO A 41 -26.03 64.74 -23.72
N ASP A 42 -26.82 65.77 -24.00
CA ASP A 42 -26.72 66.49 -25.27
C ASP A 42 -25.35 67.12 -25.47
N PHE A 43 -24.69 67.47 -24.37
CA PHE A 43 -23.35 68.06 -24.41
C PHE A 43 -22.34 67.09 -25.01
N ASP A 44 -21.32 67.65 -25.63
CA ASP A 44 -20.26 66.86 -26.26
C ASP A 44 -19.20 66.73 -25.15
N THR A 45 -18.37 65.71 -25.21
CA THR A 45 -17.32 65.51 -24.19
C THR A 45 -16.31 66.66 -24.26
N PRO A 46 -15.77 67.09 -23.09
CA PRO A 46 -14.80 68.17 -22.87
C PRO A 46 -13.56 68.20 -23.76
N GLU A 47 -13.13 69.41 -24.15
CA GLU A 47 -11.95 69.54 -25.01
C GLU A 47 -10.59 69.08 -24.50
N HIS A 48 -10.40 69.03 -23.19
CA HIS A 48 -9.12 68.57 -22.65
C HIS A 48 -9.09 67.04 -22.68
N VAL A 49 -10.26 66.43 -22.72
CA VAL A 49 -10.38 64.97 -22.78
C VAL A 49 -10.05 64.68 -24.24
N LYS A 50 -10.77 65.34 -25.15
CA LYS A 50 -10.57 65.14 -26.59
C LYS A 50 -9.08 65.30 -26.85
N GLU A 51 -8.53 66.35 -26.25
CA GLU A 51 -7.14 66.71 -26.36
C GLU A 51 -6.24 65.57 -25.99
N ALA A 52 -6.44 65.09 -24.77
CA ALA A 52 -5.65 64.01 -24.21
C ALA A 52 -5.64 62.79 -25.12
N ALA A 53 -6.78 62.52 -25.75
CA ALA A 53 -6.92 61.37 -26.64
C ALA A 53 -5.97 61.61 -27.80
N ARG A 54 -5.98 62.85 -28.29
CA ARG A 54 -5.12 63.25 -29.39
C ARG A 54 -3.65 63.06 -29.00
N ARG A 55 -3.33 63.40 -27.76
CA ARG A 55 -1.96 63.28 -27.27
C ARG A 55 -1.51 61.85 -27.33
N ALA A 56 -2.44 60.95 -27.03
CA ALA A 56 -2.16 59.52 -27.03
C ALA A 56 -1.91 58.97 -28.43
N LEU A 57 -2.75 59.37 -29.38
CA LEU A 57 -2.64 58.94 -30.78
C LEU A 57 -1.26 59.32 -31.24
N ALA A 58 -0.90 60.58 -30.99
CA ALA A 58 0.39 61.12 -31.36
C ALA A 58 1.54 60.32 -30.77
N GLN A 59 1.51 60.10 -29.46
CA GLN A 59 2.57 59.35 -28.81
C GLN A 59 2.65 57.87 -29.18
N GLY A 60 1.65 57.38 -29.90
CA GLY A 60 1.62 55.99 -30.29
C GLY A 60 1.25 55.08 -29.14
N LYS A 61 0.28 55.50 -28.35
CA LYS A 61 -0.22 54.74 -27.19
C LYS A 61 -1.33 53.91 -27.83
N THR A 62 -0.93 52.97 -28.68
CA THR A 62 -1.88 52.12 -29.38
C THR A 62 -1.75 50.59 -29.31
N LYS A 63 -1.00 50.10 -28.32
CA LYS A 63 -0.81 48.65 -28.16
C LYS A 63 -1.72 48.10 -27.07
N TYR A 64 -1.67 46.81 -26.88
CA TYR A 64 -2.50 46.18 -25.89
C TYR A 64 -2.23 46.61 -24.46
N ALA A 65 -3.29 47.02 -23.77
CA ALA A 65 -3.20 47.45 -22.39
C ALA A 65 -3.50 46.23 -21.52
N PRO A 66 -3.24 46.33 -20.19
CA PRO A 66 -3.50 45.21 -19.28
C PRO A 66 -5.02 44.97 -19.22
N PRO A 67 -5.54 43.81 -18.92
CA PRO A 67 -6.87 43.36 -18.80
C PRO A 67 -7.55 44.26 -17.74
N ALA A 68 -6.87 44.63 -16.65
CA ALA A 68 -7.51 45.42 -15.59
C ALA A 68 -7.41 46.88 -15.94
N GLY A 69 -6.76 47.19 -17.05
CA GLY A 69 -6.62 48.57 -17.49
C GLY A 69 -5.24 49.08 -17.17
N ILE A 70 -4.88 50.23 -17.74
CA ILE A 70 -3.56 50.80 -17.52
C ILE A 70 -3.33 51.20 -16.07
N PRO A 71 -2.10 50.98 -15.57
CA PRO A 71 -1.75 51.31 -14.19
C PRO A 71 -2.12 52.74 -13.84
N GLU A 72 -1.61 53.69 -14.60
CA GLU A 72 -1.89 55.10 -14.37
C GLU A 72 -3.36 55.41 -14.11
N LEU A 73 -4.26 54.78 -14.87
CA LEU A 73 -5.68 55.01 -14.69
C LEU A 73 -6.19 54.32 -13.44
N ARG A 74 -5.69 53.12 -13.18
CA ARG A 74 -6.13 52.40 -11.99
C ARG A 74 -5.71 53.24 -10.80
N GLU A 75 -4.46 53.70 -10.82
CA GLU A 75 -3.88 54.52 -9.75
C GLU A 75 -4.72 55.77 -9.53
N ALA A 76 -5.05 56.45 -10.62
CA ALA A 76 -5.85 57.67 -10.59
C ALA A 76 -7.30 57.36 -10.18
N LEU A 77 -7.68 56.11 -10.39
CA LEU A 77 -9.02 55.61 -10.09
C LEU A 77 -9.19 55.44 -8.58
N ALA A 78 -8.25 54.72 -7.98
CA ALA A 78 -8.25 54.45 -6.54
C ALA A 78 -8.30 55.77 -5.76
N GLU A 79 -7.91 56.84 -6.43
CA GLU A 79 -7.86 58.17 -5.86
C GLU A 79 -9.15 58.98 -5.89
N LYS A 80 -9.89 58.83 -6.99
CA LYS A 80 -11.17 59.52 -7.21
C LYS A 80 -12.10 58.90 -6.18
N PHE A 81 -11.97 57.59 -6.04
CA PHE A 81 -12.78 56.84 -5.10
C PHE A 81 -12.57 57.23 -3.64
N ARG A 82 -11.41 57.81 -3.33
CA ARG A 82 -11.10 58.27 -1.95
C ARG A 82 -11.51 59.73 -1.83
N ARG A 83 -10.90 60.55 -2.68
CA ARG A 83 -11.15 61.98 -2.75
C ARG A 83 -12.66 62.21 -2.72
N GLU A 84 -13.32 61.79 -3.80
CA GLU A 84 -14.74 61.95 -3.96
C GLU A 84 -15.71 61.10 -3.16
N ASN A 85 -15.28 59.89 -2.80
CA ASN A 85 -16.14 58.95 -2.09
C ASN A 85 -15.92 58.40 -0.68
N GLY A 86 -14.71 58.51 -0.17
CA GLY A 86 -14.43 58.00 1.17
C GLY A 86 -14.14 56.51 1.17
N LEU A 87 -14.08 55.92 -0.02
CA LEU A 87 -13.79 54.49 -0.17
C LEU A 87 -12.29 54.54 0.04
N SER A 88 -11.74 53.45 0.55
CA SER A 88 -10.32 53.40 0.83
C SER A 88 -9.79 52.18 0.12
N VAL A 89 -9.74 52.28 -1.21
CA VAL A 89 -9.26 51.18 -2.03
C VAL A 89 -7.84 51.49 -2.48
N THR A 90 -7.13 50.47 -2.93
CA THR A 90 -5.77 50.64 -3.43
C THR A 90 -5.95 50.35 -4.94
N PRO A 91 -4.94 50.64 -5.76
CA PRO A 91 -5.07 50.38 -7.20
C PRO A 91 -5.31 48.91 -7.58
N GLU A 92 -5.03 47.97 -6.68
CA GLU A 92 -5.26 46.56 -6.98
C GLU A 92 -6.74 46.20 -6.82
N GLU A 93 -7.45 46.99 -6.02
CA GLU A 93 -8.87 46.79 -5.76
C GLU A 93 -9.63 47.80 -6.61
N THR A 94 -9.15 48.02 -7.83
CA THR A 94 -9.75 48.95 -8.78
C THR A 94 -9.59 48.29 -10.15
N ILE A 95 -10.61 48.47 -11.00
CA ILE A 95 -10.58 47.90 -12.36
C ILE A 95 -11.29 48.82 -13.35
N VAL A 96 -10.75 48.92 -14.56
CA VAL A 96 -11.39 49.75 -15.57
C VAL A 96 -11.90 48.84 -16.69
N THR A 97 -13.23 48.80 -16.82
CA THR A 97 -13.95 47.99 -17.78
C THR A 97 -14.46 48.74 -19.01
N VAL A 98 -14.94 48.00 -20.00
CA VAL A 98 -15.48 48.55 -21.25
C VAL A 98 -16.86 49.14 -20.96
N GLY A 99 -16.88 50.17 -20.12
CA GLY A 99 -18.14 50.80 -19.75
C GLY A 99 -18.71 50.26 -18.47
N GLY A 100 -19.63 51.01 -17.87
CA GLY A 100 -20.25 50.57 -16.64
C GLY A 100 -21.04 49.30 -16.87
N SER A 101 -21.34 49.01 -18.13
CA SER A 101 -22.07 47.80 -18.49
C SER A 101 -21.13 46.63 -18.26
N GLN A 102 -20.00 46.60 -18.96
CA GLN A 102 -19.03 45.51 -18.80
C GLN A 102 -18.64 45.24 -17.35
N ALA A 103 -18.79 46.24 -16.50
CA ALA A 103 -18.46 46.08 -15.09
C ALA A 103 -19.61 45.26 -14.51
N LEU A 104 -20.84 45.74 -14.66
CA LEU A 104 -22.01 45.03 -14.16
C LEU A 104 -22.09 43.60 -14.72
N PHE A 105 -21.73 43.43 -15.99
CA PHE A 105 -21.76 42.10 -16.61
C PHE A 105 -20.70 41.24 -15.94
N ASN A 106 -19.43 41.56 -16.15
CA ASN A 106 -18.34 40.80 -15.53
C ASN A 106 -18.42 40.54 -14.03
N LEU A 107 -19.24 41.34 -13.35
CA LEU A 107 -19.43 41.21 -11.90
C LEU A 107 -20.31 39.97 -11.73
N PHE A 108 -21.52 40.03 -12.26
CA PHE A 108 -22.45 38.93 -12.15
C PHE A 108 -21.97 37.57 -12.64
N GLN A 109 -20.94 37.56 -13.48
CA GLN A 109 -20.35 36.32 -14.02
C GLN A 109 -19.34 35.76 -13.01
N ALA A 110 -18.76 36.67 -12.22
CA ALA A 110 -17.76 36.32 -11.21
C ALA A 110 -18.38 35.83 -9.91
N ILE A 111 -19.49 36.43 -9.49
CA ILE A 111 -20.17 35.99 -8.28
C ILE A 111 -21.19 34.98 -8.80
N LEU A 112 -22.44 35.37 -9.03
CA LEU A 112 -23.49 34.48 -9.56
C LEU A 112 -23.27 33.11 -10.17
N ASP A 113 -23.79 32.10 -9.49
CA ASP A 113 -23.63 30.75 -9.97
C ASP A 113 -25.15 30.44 -10.08
N PRO A 114 -25.55 29.51 -11.00
CA PRO A 114 -26.94 29.10 -11.25
C PRO A 114 -27.84 28.92 -10.02
N GLY A 115 -29.00 29.56 -10.06
CA GLY A 115 -29.94 29.46 -8.95
C GLY A 115 -29.69 30.50 -7.88
N ASP A 116 -28.55 31.19 -7.93
CA ASP A 116 -28.25 32.22 -6.94
C ASP A 116 -29.22 33.36 -7.20
N GLU A 117 -29.80 33.90 -6.13
CA GLU A 117 -30.75 34.99 -6.22
C GLU A 117 -30.13 36.36 -6.06
N VAL A 118 -30.60 37.32 -6.85
CA VAL A 118 -30.11 38.70 -6.77
C VAL A 118 -31.33 39.58 -6.54
N ILE A 119 -31.36 40.25 -5.39
CA ILE A 119 -32.49 41.11 -5.07
C ILE A 119 -32.30 42.35 -5.92
N VAL A 120 -33.39 42.83 -6.52
CA VAL A 120 -33.38 44.00 -7.39
C VAL A 120 -34.61 44.85 -7.07
N LEU A 121 -34.41 46.17 -6.95
CA LEU A 121 -35.47 47.13 -6.63
C LEU A 121 -36.28 47.95 -7.63
N SER A 122 -37.50 47.52 -7.94
CA SER A 122 -38.37 48.24 -8.87
C SER A 122 -39.07 49.53 -8.41
N PRO A 123 -39.27 50.52 -9.31
CA PRO A 123 -38.90 50.55 -10.72
C PRO A 123 -37.40 50.46 -10.90
N TYR A 124 -36.96 49.59 -11.81
CA TYR A 124 -35.55 49.37 -12.05
C TYR A 124 -35.05 49.47 -13.48
N TRP A 125 -33.77 49.79 -13.62
CA TRP A 125 -33.16 49.92 -14.93
C TRP A 125 -33.19 48.63 -15.73
N VAL A 126 -33.84 48.71 -16.89
CA VAL A 126 -33.98 47.60 -17.82
C VAL A 126 -33.03 46.42 -17.83
N SER A 127 -31.72 46.70 -17.86
CA SER A 127 -30.71 45.65 -17.91
C SER A 127 -30.26 44.78 -16.76
N TYR A 128 -30.57 45.21 -15.54
CA TYR A 128 -30.17 44.43 -14.37
C TYR A 128 -30.67 43.00 -14.43
N PRO A 129 -31.99 42.81 -14.67
CA PRO A 129 -32.53 41.45 -14.73
C PRO A 129 -31.92 40.65 -15.87
N GLU A 130 -31.89 41.24 -17.06
CA GLU A 130 -31.32 40.60 -18.24
C GLU A 130 -29.92 40.05 -18.00
N MET A 131 -29.09 40.84 -17.35
CA MET A 131 -27.74 40.39 -17.05
C MET A 131 -27.61 39.52 -15.81
N VAL A 132 -28.57 39.63 -14.89
CA VAL A 132 -28.55 38.81 -13.67
C VAL A 132 -28.78 37.42 -14.28
N ARG A 133 -29.91 37.26 -14.95
CA ARG A 133 -30.28 36.00 -15.61
C ARG A 133 -29.33 35.41 -16.61
N PHE A 134 -28.68 36.26 -17.41
CA PHE A 134 -27.75 35.77 -18.43
C PHE A 134 -26.65 34.91 -17.79
N ALA A 135 -26.30 35.26 -16.55
CA ALA A 135 -25.28 34.53 -15.80
C ALA A 135 -25.83 33.26 -15.11
N GLY A 136 -27.15 33.20 -14.95
CA GLY A 136 -27.77 32.05 -14.31
C GLY A 136 -28.39 32.46 -13.00
N GLY A 137 -28.59 33.76 -12.83
CA GLY A 137 -29.16 34.27 -11.60
C GLY A 137 -30.66 34.09 -11.51
N VAL A 138 -31.24 34.70 -10.49
CA VAL A 138 -32.68 34.62 -10.25
C VAL A 138 -33.06 35.97 -9.67
N VAL A 139 -33.74 36.77 -10.47
CA VAL A 139 -34.20 38.08 -10.03
C VAL A 139 -35.26 37.88 -8.97
N VAL A 140 -35.09 38.56 -7.85
CA VAL A 140 -36.05 38.49 -6.76
C VAL A 140 -36.22 39.99 -6.63
N GLU A 141 -37.38 40.50 -7.02
CA GLU A 141 -37.62 41.94 -6.91
C GLU A 141 -38.48 42.55 -5.81
N VAL A 142 -38.08 43.74 -5.34
CA VAL A 142 -38.80 44.46 -4.29
C VAL A 142 -39.26 45.81 -4.82
N GLU A 143 -40.57 46.06 -4.81
CA GLU A 143 -41.14 47.32 -5.28
C GLU A 143 -40.78 48.49 -4.35
N THR A 144 -40.86 49.71 -4.88
CA THR A 144 -40.58 50.92 -4.12
C THR A 144 -41.79 51.75 -4.57
N LEU A 145 -42.76 51.94 -3.68
CA LEU A 145 -43.95 52.72 -4.02
C LEU A 145 -43.60 54.18 -4.32
N PRO A 146 -44.38 54.84 -5.18
CA PRO A 146 -44.13 56.24 -5.54
C PRO A 146 -44.52 57.24 -4.45
N GLU A 147 -45.54 56.89 -3.65
CA GLU A 147 -46.03 57.74 -2.56
C GLU A 147 -44.90 57.97 -1.57
N GLU A 148 -44.12 56.90 -1.31
CA GLU A 148 -42.96 56.96 -0.43
C GLU A 148 -41.73 57.37 -1.24
N GLY A 149 -41.97 58.21 -2.25
CA GLY A 149 -40.94 58.76 -3.13
C GLY A 149 -39.89 57.87 -3.78
N PHE A 150 -40.24 56.62 -4.05
CA PHE A 150 -39.32 55.68 -4.68
C PHE A 150 -37.99 55.34 -3.98
N VAL A 151 -37.97 55.44 -2.66
CA VAL A 151 -36.75 55.11 -1.92
C VAL A 151 -37.14 53.85 -1.14
N PRO A 152 -36.29 52.80 -1.22
CA PRO A 152 -36.47 51.51 -0.57
C PRO A 152 -36.76 51.57 0.92
N ASP A 153 -37.55 50.61 1.37
CA ASP A 153 -37.93 50.50 2.77
C ASP A 153 -37.09 49.29 3.19
N PRO A 154 -36.09 49.50 4.05
CA PRO A 154 -35.19 48.46 4.56
C PRO A 154 -35.88 47.22 5.08
N GLU A 155 -36.92 47.40 5.91
CA GLU A 155 -37.65 46.28 6.47
C GLU A 155 -38.20 45.22 5.54
N ARG A 156 -38.68 45.65 4.37
CA ARG A 156 -39.21 44.72 3.39
C ARG A 156 -38.11 44.17 2.50
N VAL A 157 -37.03 44.93 2.35
CA VAL A 157 -35.91 44.48 1.52
C VAL A 157 -35.33 43.31 2.31
N ARG A 158 -35.49 43.38 3.64
CA ARG A 158 -34.98 42.34 4.52
C ARG A 158 -35.76 41.06 4.25
N ARG A 159 -37.08 41.17 4.30
CA ARG A 159 -37.94 40.03 4.04
C ARG A 159 -38.04 39.52 2.60
N ALA A 160 -36.90 39.56 1.91
CA ALA A 160 -36.79 39.08 0.54
C ALA A 160 -35.50 38.29 0.52
N ILE A 161 -34.75 38.36 1.62
CA ILE A 161 -33.48 37.65 1.75
C ILE A 161 -33.80 36.19 2.08
N THR A 162 -33.10 35.29 1.40
CA THR A 162 -33.29 33.86 1.59
C THR A 162 -31.85 33.37 1.54
N PRO A 163 -31.60 32.12 1.96
CA PRO A 163 -30.25 31.56 1.95
C PRO A 163 -29.68 31.38 0.55
N ARG A 164 -30.46 31.72 -0.47
CA ARG A 164 -29.98 31.63 -1.83
C ARG A 164 -29.54 33.01 -2.28
N THR A 165 -30.00 34.02 -1.55
CA THR A 165 -29.64 35.41 -1.81
C THR A 165 -28.14 35.71 -1.78
N LYS A 166 -27.61 36.08 -2.94
CA LYS A 166 -26.19 36.38 -3.07
C LYS A 166 -25.75 37.82 -3.31
N ALA A 167 -26.67 38.65 -3.81
CA ALA A 167 -26.36 40.04 -4.08
C ALA A 167 -27.60 40.92 -3.99
N LEU A 168 -27.38 42.19 -3.68
CA LEU A 168 -28.47 43.17 -3.56
C LEU A 168 -27.92 44.21 -4.52
N VAL A 169 -28.79 44.83 -5.30
CA VAL A 169 -28.35 45.82 -6.27
C VAL A 169 -29.11 47.12 -6.05
N VAL A 170 -28.38 48.11 -5.56
CA VAL A 170 -28.92 49.43 -5.28
C VAL A 170 -28.32 50.47 -6.24
N ASN A 171 -29.17 51.34 -6.76
CA ASN A 171 -28.75 52.36 -7.72
C ASN A 171 -29.26 53.75 -7.37
N SER A 172 -28.39 54.59 -6.82
CA SER A 172 -28.76 55.95 -6.46
C SER A 172 -27.59 56.79 -6.97
N PRO A 173 -27.86 57.85 -7.77
CA PRO A 173 -29.14 58.37 -8.28
C PRO A 173 -29.85 57.44 -9.27
N ASN A 174 -31.09 57.12 -8.90
CA ASN A 174 -31.96 56.24 -9.67
C ASN A 174 -32.38 56.52 -11.10
N ASN A 175 -32.33 55.47 -11.92
CA ASN A 175 -32.72 55.49 -13.33
C ASN A 175 -33.67 54.28 -13.09
N PRO A 176 -34.96 54.41 -13.50
CA PRO A 176 -35.66 55.51 -14.17
C PRO A 176 -36.41 56.51 -13.28
N THR A 177 -36.35 56.34 -11.96
CA THR A 177 -37.07 57.26 -11.09
C THR A 177 -36.44 58.60 -10.73
N GLY A 178 -35.12 58.69 -10.84
CA GLY A 178 -34.41 59.91 -10.52
C GLY A 178 -34.22 60.16 -9.04
N ALA A 179 -34.80 59.29 -8.21
CA ALA A 179 -34.69 59.42 -6.75
C ALA A 179 -33.24 59.29 -6.29
N VAL A 180 -32.94 59.83 -5.11
CA VAL A 180 -31.59 59.76 -4.55
C VAL A 180 -31.89 59.35 -3.10
N TYR A 181 -31.47 58.13 -2.75
CA TYR A 181 -31.71 57.60 -1.41
C TYR A 181 -30.86 58.30 -0.34
N PRO A 182 -31.46 58.54 0.85
CA PRO A 182 -30.77 59.19 1.96
C PRO A 182 -29.63 58.33 2.50
N LYS A 183 -28.70 58.97 3.20
CA LYS A 183 -27.55 58.28 3.76
C LYS A 183 -27.90 57.04 4.58
N GLU A 184 -28.81 57.19 5.54
CA GLU A 184 -29.20 56.08 6.40
C GLU A 184 -30.02 54.94 5.84
N VAL A 185 -30.24 54.95 4.53
CA VAL A 185 -30.99 53.87 3.92
C VAL A 185 -29.89 53.11 3.22
N LEU A 186 -28.96 53.84 2.59
CA LEU A 186 -27.86 53.15 1.92
C LEU A 186 -27.12 52.52 3.10
N GLU A 187 -27.15 53.21 4.24
CA GLU A 187 -26.50 52.77 5.47
C GLU A 187 -27.19 51.45 5.83
N ALA A 188 -28.51 51.50 5.96
CA ALA A 188 -29.34 50.35 6.29
C ALA A 188 -29.17 49.12 5.41
N LEU A 189 -29.32 49.30 4.10
CA LEU A 189 -29.20 48.20 3.15
C LEU A 189 -27.78 47.62 3.19
N ALA A 190 -26.78 48.49 3.28
CA ALA A 190 -25.37 48.06 3.33
C ALA A 190 -25.20 47.13 4.52
N ARG A 191 -25.97 47.38 5.56
CA ARG A 191 -25.90 46.56 6.75
C ARG A 191 -26.52 45.16 6.58
N LEU A 192 -27.61 45.06 5.83
CA LEU A 192 -28.26 43.76 5.61
C LEU A 192 -27.32 42.91 4.76
N ALA A 193 -26.49 43.57 3.97
CA ALA A 193 -25.51 42.91 3.13
C ALA A 193 -24.43 42.24 4.00
N VAL A 194 -24.06 42.94 5.06
CA VAL A 194 -23.04 42.46 6.00
C VAL A 194 -23.60 41.44 6.99
N GLU A 195 -24.82 41.70 7.43
CA GLU A 195 -25.52 40.85 8.37
C GLU A 195 -25.78 39.43 7.90
N HIS A 196 -26.36 39.32 6.70
CA HIS A 196 -26.71 38.03 6.11
C HIS A 196 -25.61 37.52 5.21
N ASP A 197 -24.54 38.30 5.07
CA ASP A 197 -23.40 37.89 4.28
C ASP A 197 -23.68 37.64 2.79
N PHE A 198 -23.68 38.72 2.02
CA PHE A 198 -23.90 38.67 0.57
C PHE A 198 -23.41 40.03 0.08
N TYR A 199 -22.97 40.09 -1.18
CA TYR A 199 -22.46 41.32 -1.74
C TYR A 199 -23.53 42.39 -1.84
N LEU A 200 -23.09 43.63 -2.05
CA LEU A 200 -24.01 44.75 -2.20
C LEU A 200 -23.37 45.34 -3.45
N VAL A 201 -24.17 45.52 -4.50
CA VAL A 201 -23.68 46.08 -5.75
C VAL A 201 -24.30 47.46 -5.88
N SER A 202 -23.46 48.49 -5.78
CA SER A 202 -23.90 49.87 -5.86
C SER A 202 -23.55 50.45 -7.23
N ASP A 203 -24.55 50.86 -8.01
CA ASP A 203 -24.32 51.44 -9.35
C ASP A 203 -24.32 52.97 -9.21
N GLU A 204 -23.21 53.52 -8.72
CA GLU A 204 -23.10 54.97 -8.53
C GLU A 204 -23.14 55.97 -9.68
N ILE A 205 -22.46 55.67 -10.79
CA ILE A 205 -22.48 56.49 -11.99
C ILE A 205 -23.10 57.91 -12.13
N TYR A 206 -24.37 58.04 -11.75
CA TYR A 206 -25.09 59.32 -11.80
C TYR A 206 -24.79 60.23 -10.62
N GLU A 207 -23.78 59.84 -9.83
CA GLU A 207 -23.37 60.60 -8.64
C GLU A 207 -23.24 62.11 -8.78
N HIS A 208 -22.71 62.52 -9.92
CA HIS A 208 -22.51 63.93 -10.22
C HIS A 208 -23.62 64.82 -10.72
N LEU A 209 -24.72 64.21 -11.15
CA LEU A 209 -25.84 64.97 -11.67
C LEU A 209 -26.73 64.82 -10.43
N LEU A 210 -26.49 65.70 -9.46
CA LEU A 210 -27.23 65.68 -8.20
C LEU A 210 -27.69 67.09 -7.94
N TYR A 211 -28.99 67.30 -8.07
CA TYR A 211 -29.57 68.62 -7.88
C TYR A 211 -29.87 68.94 -6.42
N GLU A 212 -30.49 68.00 -5.71
CA GLU A 212 -30.80 68.19 -4.29
C GLU A 212 -30.75 67.04 -3.31
N GLY A 213 -29.60 66.90 -2.66
CA GLY A 213 -29.38 65.84 -1.69
C GLY A 213 -27.89 65.66 -1.53
N GLU A 214 -27.46 64.57 -0.92
CA GLU A 214 -26.04 64.34 -0.74
C GLU A 214 -25.81 62.89 -1.12
N HIS A 215 -24.85 62.67 -2.01
CA HIS A 215 -24.53 61.33 -2.48
C HIS A 215 -23.63 60.54 -1.53
N PHE A 216 -24.22 59.51 -0.91
CA PHE A 216 -23.53 58.65 0.04
C PHE A 216 -23.20 57.30 -0.60
N SER A 217 -22.00 56.80 -0.33
CA SER A 217 -21.58 55.50 -0.88
C SER A 217 -21.62 54.54 0.31
N PRO A 218 -22.11 53.31 0.10
CA PRO A 218 -22.20 52.32 1.18
C PRO A 218 -20.88 51.59 1.39
N GLY A 219 -19.95 51.76 0.46
CA GLY A 219 -18.66 51.10 0.56
C GLY A 219 -17.83 51.69 1.67
N ARG A 220 -18.34 52.78 2.25
CA ARG A 220 -17.68 53.47 3.36
C ARG A 220 -18.14 52.55 4.51
N VAL A 221 -19.41 52.17 4.49
CA VAL A 221 -19.97 51.30 5.52
C VAL A 221 -19.70 49.80 5.53
N ALA A 222 -19.71 49.17 4.37
CA ALA A 222 -19.47 47.72 4.27
C ALA A 222 -18.49 47.47 3.13
N PRO A 223 -17.23 47.85 3.31
CA PRO A 223 -16.14 47.70 2.33
C PRO A 223 -15.76 46.29 1.88
N GLU A 224 -16.02 45.28 2.70
CA GLU A 224 -15.68 43.92 2.30
C GLU A 224 -16.86 43.17 1.70
N HIS A 225 -17.95 43.90 1.45
CA HIS A 225 -19.17 43.35 0.86
C HIS A 225 -19.56 44.14 -0.38
N THR A 226 -19.32 45.45 -0.30
CA THR A 226 -19.64 46.37 -1.38
C THR A 226 -18.78 46.38 -2.64
N LEU A 227 -19.47 46.45 -3.78
CA LEU A 227 -18.85 46.48 -5.09
C LEU A 227 -19.43 47.77 -5.63
N THR A 228 -18.56 48.77 -5.75
CA THR A 228 -18.97 50.10 -6.22
C THR A 228 -18.67 50.33 -7.70
N VAL A 229 -19.73 50.37 -8.50
CA VAL A 229 -19.66 50.56 -9.95
C VAL A 229 -19.95 51.97 -10.42
N ASN A 230 -19.02 52.53 -11.18
CA ASN A 230 -19.16 53.88 -11.70
C ASN A 230 -18.64 53.90 -13.13
N GLY A 231 -18.65 55.08 -13.76
CA GLY A 231 -18.15 55.22 -15.12
C GLY A 231 -18.01 56.65 -15.60
N ALA A 232 -17.22 56.83 -16.66
CA ALA A 232 -16.98 58.14 -17.25
C ALA A 232 -18.17 58.71 -18.02
N ALA A 233 -18.86 57.83 -18.73
CA ALA A 233 -20.02 58.20 -19.53
C ALA A 233 -20.95 59.37 -19.21
N LYS A 234 -21.80 59.19 -18.21
CA LYS A 234 -22.73 60.23 -17.81
C LYS A 234 -22.22 61.55 -17.25
N ALA A 235 -21.18 61.53 -16.43
CA ALA A 235 -20.63 62.76 -15.87
C ALA A 235 -19.95 63.60 -16.93
N PHE A 236 -18.96 62.99 -17.58
CA PHE A 236 -18.18 63.63 -18.63
C PHE A 236 -18.65 63.61 -20.08
N ALA A 237 -19.94 63.34 -20.30
CA ALA A 237 -20.50 63.26 -21.65
C ALA A 237 -19.76 62.26 -22.56
N MET A 238 -19.13 61.26 -21.93
CA MET A 238 -18.38 60.23 -22.64
C MET A 238 -18.98 58.86 -22.92
N THR A 239 -20.29 58.81 -23.15
CA THR A 239 -20.95 57.55 -23.46
C THR A 239 -20.31 56.75 -24.61
N GLY A 240 -20.15 57.36 -25.77
CA GLY A 240 -19.55 56.67 -26.91
C GLY A 240 -18.15 56.16 -26.71
N TRP A 241 -17.46 56.71 -25.72
CA TRP A 241 -16.09 56.31 -25.45
C TRP A 241 -15.90 54.89 -24.93
N ARG A 242 -16.94 54.37 -24.29
CA ARG A 242 -16.89 53.04 -23.72
C ARG A 242 -15.90 52.77 -22.59
N ILE A 243 -16.03 53.51 -21.49
CA ILE A 243 -15.19 53.32 -20.31
C ILE A 243 -15.94 53.47 -19.00
N GLY A 244 -15.83 52.42 -18.20
CA GLY A 244 -16.43 52.36 -16.89
C GLY A 244 -15.41 51.78 -15.92
N TYR A 245 -15.72 51.86 -14.63
CA TYR A 245 -14.80 51.37 -13.62
C TYR A 245 -15.47 50.94 -12.32
N ALA A 246 -14.74 50.19 -11.51
CA ALA A 246 -15.26 49.71 -10.23
C ALA A 246 -14.18 49.42 -9.19
N CYS A 247 -14.64 49.18 -7.96
CA CYS A 247 -13.74 48.90 -6.85
C CYS A 247 -14.44 48.07 -5.78
N GLY A 248 -13.65 47.35 -5.00
CA GLY A 248 -14.18 46.50 -3.95
C GLY A 248 -13.19 45.42 -3.54
N PRO A 249 -13.67 44.27 -3.06
CA PRO A 249 -12.84 43.14 -2.64
C PRO A 249 -11.79 42.73 -3.65
N LYS A 250 -10.53 42.82 -3.25
CA LYS A 250 -9.39 42.47 -4.09
C LYS A 250 -9.62 41.21 -4.92
N GLU A 251 -10.20 40.19 -4.28
CA GLU A 251 -10.48 38.90 -4.93
C GLU A 251 -11.52 38.83 -6.05
N VAL A 252 -12.66 39.52 -5.86
CA VAL A 252 -13.72 39.55 -6.85
C VAL A 252 -13.29 40.45 -8.01
N ILE A 253 -12.49 41.50 -7.72
CA ILE A 253 -12.00 42.42 -8.75
C ILE A 253 -10.76 41.89 -9.43
N LYS A 254 -10.72 40.59 -9.62
CA LYS A 254 -9.61 39.95 -10.28
C LYS A 254 -10.25 38.73 -10.93
N ALA A 255 -11.44 38.40 -10.47
CA ALA A 255 -12.21 37.29 -11.00
C ALA A 255 -12.64 38.18 -12.19
N MET A 256 -13.19 39.37 -11.91
CA MET A 256 -13.63 40.30 -12.94
C MET A 256 -12.61 40.53 -14.03
N ALA A 257 -11.40 40.89 -13.60
CA ALA A 257 -10.33 41.15 -14.54
C ALA A 257 -10.00 39.95 -15.44
N SER A 258 -10.17 38.73 -14.93
CA SER A 258 -9.87 37.55 -15.75
C SER A 258 -10.97 37.20 -16.76
N VAL A 259 -12.18 37.71 -16.52
CA VAL A 259 -13.29 37.48 -17.45
C VAL A 259 -12.96 38.50 -18.54
N SER A 260 -12.64 39.73 -18.11
CA SER A 260 -12.29 40.83 -18.99
C SER A 260 -11.21 40.42 -19.97
N ARG A 261 -10.18 39.73 -19.47
CA ARG A 261 -9.07 39.27 -20.29
C ARG A 261 -9.44 38.27 -21.38
N GLN A 262 -10.56 37.60 -21.18
CA GLN A 262 -11.01 36.61 -22.14
C GLN A 262 -12.23 37.05 -22.93
N SER A 263 -12.85 38.15 -22.52
CA SER A 263 -14.02 38.64 -23.23
C SER A 263 -13.53 39.75 -24.15
N THR A 264 -13.11 40.87 -23.58
CA THR A 264 -12.67 42.01 -24.36
C THR A 264 -11.16 42.18 -24.51
N THR A 265 -10.42 41.40 -23.73
CA THR A 265 -8.95 41.47 -23.70
C THR A 265 -8.45 42.68 -22.93
N SER A 266 -9.19 43.80 -23.01
CA SER A 266 -8.87 45.06 -22.31
C SER A 266 -9.47 46.24 -23.06
N PRO A 267 -9.97 47.25 -22.33
CA PRO A 267 -10.56 48.44 -22.96
C PRO A 267 -9.65 49.13 -23.97
N ASP A 268 -10.27 49.86 -24.89
CA ASP A 268 -9.55 50.59 -25.92
C ASP A 268 -8.57 51.56 -25.27
N THR A 269 -7.28 51.31 -25.49
CA THR A 269 -6.19 52.11 -24.92
C THR A 269 -6.31 53.64 -24.95
N ILE A 270 -6.61 54.18 -26.12
CA ILE A 270 -6.76 55.62 -26.33
C ILE A 270 -7.74 56.20 -25.31
N ALA A 271 -8.89 55.56 -25.16
CA ALA A 271 -9.89 56.04 -24.22
C ALA A 271 -9.51 56.01 -22.76
N GLN A 272 -8.59 55.13 -22.40
CA GLN A 272 -8.15 54.97 -21.02
C GLN A 272 -7.41 56.26 -20.73
N TRP A 273 -6.38 56.53 -21.53
CA TRP A 273 -5.57 57.72 -21.37
C TRP A 273 -6.41 58.99 -21.38
N ALA A 274 -7.43 59.00 -22.23
CA ALA A 274 -8.31 60.14 -22.34
C ALA A 274 -9.05 60.31 -21.02
N THR A 275 -9.46 59.20 -20.41
CA THR A 275 -10.17 59.24 -19.13
C THR A 275 -9.24 59.69 -18.01
N LEU A 276 -8.01 59.19 -18.01
CA LEU A 276 -7.01 59.54 -17.00
C LEU A 276 -6.99 61.06 -16.79
N GLU A 277 -7.11 61.78 -17.88
CA GLU A 277 -7.11 63.24 -17.89
C GLU A 277 -8.35 63.88 -17.27
N ALA A 278 -9.51 63.32 -17.58
CA ALA A 278 -10.76 63.84 -17.04
C ALA A 278 -10.66 63.67 -15.52
N LEU A 279 -10.01 62.58 -15.11
CA LEU A 279 -9.85 62.28 -13.68
C LEU A 279 -8.78 63.08 -12.96
N THR A 280 -7.63 63.24 -13.59
CA THR A 280 -6.53 63.97 -12.98
C THR A 280 -6.57 65.49 -13.09
N ASN A 281 -7.23 65.98 -14.13
CA ASN A 281 -7.32 67.43 -14.34
C ASN A 281 -8.56 67.93 -13.62
N GLN A 282 -8.48 68.03 -12.29
CA GLN A 282 -9.63 68.48 -11.49
C GLN A 282 -10.30 69.74 -12.01
N GLU A 283 -9.61 70.85 -11.87
CA GLU A 283 -10.06 72.15 -12.32
C GLU A 283 -10.84 72.33 -13.61
N ALA A 284 -10.48 71.52 -14.60
CA ALA A 284 -11.11 71.59 -15.91
C ALA A 284 -12.41 70.84 -15.82
N SER A 285 -12.34 69.59 -15.37
CA SER A 285 -13.51 68.73 -15.24
C SER A 285 -14.54 69.24 -14.23
N ARG A 286 -14.03 69.83 -13.13
CA ARG A 286 -14.85 70.37 -12.06
C ARG A 286 -15.82 71.40 -12.61
N ALA A 287 -15.41 72.03 -13.71
CA ALA A 287 -16.22 73.03 -14.36
C ALA A 287 -17.27 72.51 -15.33
N PHE A 288 -16.91 71.47 -16.09
CA PHE A 288 -17.83 70.89 -17.06
C PHE A 288 -19.02 70.40 -16.27
N VAL A 289 -18.73 69.61 -15.26
CA VAL A 289 -19.76 69.03 -14.41
C VAL A 289 -20.61 70.17 -13.90
N GLU A 290 -19.97 71.14 -13.27
CA GLU A 290 -20.67 72.32 -12.76
C GLU A 290 -21.61 72.99 -13.75
N MET A 291 -21.22 72.99 -15.01
CA MET A 291 -22.05 73.60 -16.05
C MET A 291 -23.22 72.68 -16.41
N ALA A 292 -22.90 71.41 -16.62
CA ALA A 292 -23.89 70.39 -16.97
C ALA A 292 -25.00 70.27 -15.95
N ARG A 293 -24.67 70.19 -14.67
CA ARG A 293 -25.71 70.05 -13.68
C ARG A 293 -26.76 71.12 -13.67
N GLU A 294 -26.36 72.36 -13.41
CA GLU A 294 -27.33 73.46 -13.37
C GLU A 294 -28.08 73.44 -14.70
N ALA A 295 -27.40 73.00 -15.77
CA ALA A 295 -28.05 72.93 -17.07
C ALA A 295 -29.23 71.99 -16.93
N TYR A 296 -28.97 70.69 -16.81
CA TYR A 296 -30.05 69.71 -16.69
C TYR A 296 -31.11 70.18 -15.68
N ARG A 297 -30.66 70.80 -14.60
CA ARG A 297 -31.55 71.27 -13.54
C ARG A 297 -32.66 72.23 -13.96
N ARG A 298 -32.36 73.10 -14.93
CA ARG A 298 -33.34 74.07 -15.42
C ARG A 298 -34.33 73.38 -16.37
N ARG A 299 -33.84 72.36 -17.06
CA ARG A 299 -34.66 71.59 -17.99
C ARG A 299 -35.56 70.76 -17.09
N ARG A 300 -34.99 70.30 -15.98
CA ARG A 300 -35.69 69.49 -14.99
C ARG A 300 -36.83 70.37 -14.43
N ASP A 301 -36.59 71.66 -14.28
CA ASP A 301 -37.64 72.53 -13.76
C ASP A 301 -38.60 72.88 -14.87
N LEU A 302 -38.12 72.89 -16.11
CA LEU A 302 -38.97 73.24 -17.25
C LEU A 302 -40.01 72.17 -17.49
N LEU A 303 -39.53 70.94 -17.67
CA LEU A 303 -40.36 69.77 -17.91
C LEU A 303 -41.45 69.63 -16.84
N LEU A 304 -41.02 69.60 -15.58
CA LEU A 304 -41.93 69.48 -14.44
C LEU A 304 -43.02 70.55 -14.23
N GLU A 305 -42.72 71.79 -14.62
CA GLU A 305 -43.67 72.89 -14.47
C GLU A 305 -44.70 72.78 -15.57
N GLY A 306 -44.21 72.58 -16.80
CA GLY A 306 -45.10 72.42 -17.93
C GLY A 306 -45.89 71.12 -17.83
N LEU A 307 -45.27 70.10 -17.28
CA LEU A 307 -45.89 68.80 -17.11
C LEU A 307 -47.03 68.93 -16.09
N THR A 308 -46.71 69.53 -14.96
CA THR A 308 -47.67 69.74 -13.89
C THR A 308 -48.75 70.75 -14.31
N ALA A 309 -48.38 71.70 -15.16
CA ALA A 309 -49.33 72.71 -15.60
C ALA A 309 -50.32 71.99 -16.50
N LEU A 310 -49.82 71.10 -17.34
CA LEU A 310 -50.64 70.33 -18.25
C LEU A 310 -51.62 69.41 -17.55
N GLY A 311 -51.30 69.03 -16.33
CA GLY A 311 -52.17 68.14 -15.58
C GLY A 311 -51.51 66.80 -15.31
N LEU A 312 -50.57 66.39 -16.15
CA LEU A 312 -49.88 65.12 -15.98
C LEU A 312 -49.07 65.05 -14.68
N LYS A 313 -49.13 63.89 -14.02
CA LYS A 313 -48.43 63.65 -12.75
C LYS A 313 -47.08 62.97 -12.83
N ALA A 314 -46.11 63.54 -12.13
CA ALA A 314 -44.75 62.99 -12.10
C ALA A 314 -44.00 63.24 -10.78
N VAL A 315 -43.03 62.37 -10.50
CA VAL A 315 -42.20 62.48 -9.29
C VAL A 315 -40.95 63.32 -9.59
N ARG A 316 -40.83 64.46 -8.91
CA ARG A 316 -39.70 65.35 -9.12
C ARG A 316 -38.38 64.68 -8.76
N PRO A 317 -37.56 64.36 -9.79
CA PRO A 317 -36.27 63.71 -9.58
C PRO A 317 -35.31 64.66 -8.87
N SER A 318 -34.37 64.11 -8.12
CA SER A 318 -33.40 64.94 -7.43
C SER A 318 -32.08 64.70 -8.12
N GLY A 319 -31.95 63.58 -8.82
CA GLY A 319 -30.73 63.25 -9.51
C GLY A 319 -30.99 62.52 -10.83
N ALA A 320 -29.93 62.34 -11.62
CA ALA A 320 -30.00 61.68 -12.92
C ALA A 320 -30.88 62.59 -13.78
N PHE A 321 -31.17 62.20 -15.01
CA PHE A 321 -32.01 63.03 -15.86
C PHE A 321 -33.27 62.41 -16.47
N TYR A 322 -33.96 61.60 -15.67
CA TYR A 322 -35.15 60.90 -16.08
C TYR A 322 -36.30 61.36 -15.20
N VAL A 323 -37.52 61.10 -15.65
CA VAL A 323 -38.75 61.47 -14.92
C VAL A 323 -39.75 60.40 -15.36
N LEU A 324 -40.36 59.70 -14.41
CA LEU A 324 -41.36 58.68 -14.75
C LEU A 324 -42.69 59.43 -14.69
N MET A 325 -43.32 59.60 -15.86
CA MET A 325 -44.61 60.30 -15.95
C MET A 325 -45.81 59.35 -15.94
N ASP A 326 -46.87 59.78 -15.27
CA ASP A 326 -48.06 58.97 -15.18
C ASP A 326 -48.94 59.13 -16.40
N THR A 327 -48.88 58.12 -17.26
CA THR A 327 -49.68 58.08 -18.48
C THR A 327 -51.17 57.85 -18.24
N SER A 328 -51.57 57.73 -16.97
CA SER A 328 -52.98 57.49 -16.62
C SER A 328 -54.14 58.05 -17.43
N PRO A 329 -54.12 59.36 -17.73
CA PRO A 329 -55.19 59.98 -18.52
C PRO A 329 -54.89 60.01 -20.02
N ILE A 330 -53.62 59.87 -20.39
CA ILE A 330 -53.20 59.91 -21.79
C ILE A 330 -53.51 58.59 -22.50
N ALA A 331 -53.97 57.62 -21.73
CA ALA A 331 -54.36 56.29 -22.22
C ALA A 331 -54.61 55.51 -20.93
N PRO A 332 -55.14 54.27 -21.06
CA PRO A 332 -55.43 53.43 -19.89
C PRO A 332 -54.31 52.50 -19.42
N ASP A 333 -53.28 52.33 -20.25
CA ASP A 333 -52.13 51.51 -19.87
C ASP A 333 -50.92 52.23 -20.46
N GLU A 334 -49.71 51.75 -20.19
CA GLU A 334 -48.52 52.44 -20.65
C GLU A 334 -47.96 52.13 -22.02
N VAL A 335 -48.68 51.30 -22.77
CA VAL A 335 -48.25 50.90 -24.09
C VAL A 335 -49.07 51.53 -25.20
N ARG A 336 -50.38 51.63 -24.98
CA ARG A 336 -51.27 52.24 -25.97
C ARG A 336 -50.94 53.71 -25.77
N ALA A 337 -50.63 54.07 -24.53
CA ALA A 337 -50.27 55.44 -24.18
C ALA A 337 -49.03 55.88 -24.97
N ALA A 338 -48.06 54.97 -25.04
CA ALA A 338 -46.79 55.21 -25.72
C ALA A 338 -46.95 55.55 -27.20
N GLU A 339 -47.84 54.81 -27.86
CA GLU A 339 -48.11 54.98 -29.29
C GLU A 339 -48.85 56.29 -29.55
N ARG A 340 -49.81 56.57 -28.68
CA ARG A 340 -50.62 57.78 -28.73
C ARG A 340 -49.68 58.98 -28.81
N LEU A 341 -48.60 58.88 -28.06
CA LEU A 341 -47.58 59.93 -28.01
C LEU A 341 -46.62 59.96 -29.18
N LEU A 342 -46.38 58.79 -29.78
CA LEU A 342 -45.49 58.69 -30.92
C LEU A 342 -46.31 59.38 -32.00
N GLU A 343 -47.63 59.25 -31.93
CA GLU A 343 -48.51 59.88 -32.88
C GLU A 343 -48.47 61.40 -32.79
N ALA A 344 -48.10 61.91 -31.63
CA ALA A 344 -48.00 63.36 -31.44
C ALA A 344 -46.52 63.73 -31.62
N GLY A 345 -45.80 62.91 -32.39
CA GLY A 345 -44.39 63.16 -32.66
C GLY A 345 -43.51 63.34 -31.43
N VAL A 346 -43.53 62.37 -30.53
CA VAL A 346 -42.71 62.45 -29.33
C VAL A 346 -42.46 61.03 -28.82
N ALA A 347 -41.22 60.58 -28.98
CA ALA A 347 -40.82 59.25 -28.57
C ALA A 347 -40.44 59.16 -27.10
N VAL A 348 -41.17 58.32 -26.39
CA VAL A 348 -40.95 58.10 -24.96
C VAL A 348 -40.61 56.62 -24.84
N VAL A 349 -40.14 56.19 -23.67
CA VAL A 349 -39.81 54.78 -23.45
C VAL A 349 -40.76 54.30 -22.35
N PRO A 350 -41.58 53.30 -22.67
CA PRO A 350 -42.58 52.69 -21.77
C PRO A 350 -41.99 52.10 -20.49
N GLY A 351 -42.64 52.41 -19.37
CA GLY A 351 -42.19 51.92 -18.08
C GLY A 351 -42.27 50.41 -17.90
N THR A 352 -42.82 49.72 -18.90
CA THR A 352 -42.98 48.28 -18.88
C THR A 352 -41.80 47.40 -18.44
N ASP A 353 -40.63 47.64 -19.02
CA ASP A 353 -39.44 46.86 -18.69
C ASP A 353 -38.71 47.29 -17.41
N PHE A 354 -39.22 48.34 -16.77
CA PHE A 354 -38.63 48.85 -15.55
C PHE A 354 -39.57 48.47 -14.44
N ALA A 355 -40.65 47.77 -14.77
CA ALA A 355 -41.66 47.38 -13.80
C ALA A 355 -42.27 48.69 -13.28
N ALA A 356 -42.38 49.66 -14.17
CA ALA A 356 -42.93 50.98 -13.85
C ALA A 356 -44.22 51.12 -14.64
N PHE A 357 -45.11 50.16 -14.43
CA PHE A 357 -46.41 50.09 -15.11
C PHE A 357 -47.39 51.25 -14.95
N GLY A 358 -47.82 51.77 -16.10
CA GLY A 358 -48.73 52.91 -16.10
C GLY A 358 -47.92 54.17 -15.91
N HIS A 359 -46.71 54.15 -16.46
CA HIS A 359 -45.77 55.28 -16.39
C HIS A 359 -44.93 55.16 -17.67
N VAL A 360 -44.28 56.25 -18.06
CA VAL A 360 -43.44 56.23 -19.25
C VAL A 360 -42.24 57.12 -18.90
N ARG A 361 -41.03 56.69 -19.27
CA ARG A 361 -39.81 57.44 -18.97
C ARG A 361 -39.31 58.62 -19.81
N LEU A 362 -39.65 59.82 -19.35
CA LEU A 362 -39.24 61.06 -20.01
C LEU A 362 -37.78 61.33 -19.77
N SER A 363 -37.17 62.06 -20.71
CA SER A 363 -35.77 62.40 -20.59
C SER A 363 -35.38 63.82 -20.99
N TYR A 364 -35.19 64.68 -19.99
CA TYR A 364 -34.76 66.07 -20.22
C TYR A 364 -33.27 66.28 -20.51
N ALA A 365 -32.55 65.19 -20.78
CA ALA A 365 -31.13 65.25 -21.10
C ALA A 365 -30.90 65.77 -22.52
N THR A 366 -31.98 66.13 -23.21
CA THR A 366 -31.89 66.66 -24.57
C THR A 366 -32.02 68.17 -24.38
N SER A 367 -32.23 68.85 -25.51
CA SER A 367 -32.39 70.29 -25.54
C SER A 367 -33.56 71.03 -24.87
N GLU A 368 -33.30 72.30 -24.57
CA GLU A 368 -34.23 73.23 -23.94
C GLU A 368 -35.41 73.44 -24.89
N GLU A 369 -35.13 73.31 -26.19
CA GLU A 369 -36.13 73.50 -27.22
C GLU A 369 -36.98 72.27 -27.49
N ASN A 370 -36.51 71.10 -27.05
CA ASN A 370 -37.26 69.87 -27.28
C ASN A 370 -38.24 69.64 -26.14
N LEU A 371 -37.93 70.24 -24.99
CA LEU A 371 -38.78 70.13 -23.82
C LEU A 371 -39.90 71.13 -24.03
N ARG A 372 -39.62 72.19 -24.79
CA ARG A 372 -40.62 73.22 -25.08
C ARG A 372 -41.55 72.68 -26.18
N LYS A 373 -40.97 71.96 -27.13
CA LYS A 373 -41.72 71.38 -28.23
C LYS A 373 -42.48 70.14 -27.77
N ALA A 374 -41.78 69.20 -27.14
CA ALA A 374 -42.40 67.97 -26.63
C ALA A 374 -43.56 68.28 -25.68
N LEU A 375 -43.42 69.36 -24.91
CA LEU A 375 -44.44 69.76 -23.94
C LEU A 375 -45.65 70.40 -24.65
N GLU A 376 -45.42 70.83 -25.88
CA GLU A 376 -46.47 71.43 -26.71
C GLU A 376 -47.25 70.29 -27.36
N ARG A 377 -46.54 69.28 -27.82
CA ARG A 377 -47.16 68.12 -28.45
C ARG A 377 -47.96 67.31 -27.43
N PHE A 378 -47.55 67.35 -26.17
CA PHE A 378 -48.26 66.62 -25.10
C PHE A 378 -49.56 67.40 -25.01
N ALA A 379 -49.42 68.72 -24.80
CA ALA A 379 -50.55 69.63 -24.68
C ALA A 379 -51.72 69.40 -25.63
N ARG A 380 -51.42 69.14 -26.89
CA ARG A 380 -52.45 68.92 -27.88
C ARG A 380 -53.14 67.56 -27.71
N VAL A 381 -52.36 66.52 -27.45
CA VAL A 381 -52.91 65.18 -27.24
C VAL A 381 -53.96 65.17 -26.12
N LEU A 382 -53.74 65.98 -25.10
CA LEU A 382 -54.69 66.05 -24.01
C LEU A 382 -55.92 66.86 -24.43
N MET B 1 -24.43 33.85 0.18
CA MET B 1 -23.17 33.82 0.99
C MET B 1 -22.19 34.83 0.35
N ARG B 2 -20.96 34.38 0.11
CA ARG B 2 -19.94 35.19 -0.57
C ARG B 2 -18.97 34.17 -1.16
N GLY B 3 -18.27 34.57 -2.22
CA GLY B 3 -17.32 33.67 -2.86
C GLY B 3 -17.45 33.76 -4.37
N LEU B 4 -16.44 33.27 -5.09
CA LEU B 4 -16.50 33.33 -6.54
C LEU B 4 -17.14 32.13 -7.22
N SER B 5 -17.60 32.31 -8.47
CA SER B 5 -18.25 31.26 -9.24
C SER B 5 -17.43 30.05 -9.67
N ARG B 6 -18.11 28.96 -10.01
CA ARG B 6 -17.42 27.75 -10.39
C ARG B 6 -16.83 27.86 -11.80
N ARG B 7 -17.19 28.92 -12.52
CA ARG B 7 -16.67 29.14 -13.88
C ARG B 7 -15.37 29.93 -13.89
N VAL B 8 -15.29 30.89 -12.98
CA VAL B 8 -14.15 31.79 -12.85
C VAL B 8 -13.01 31.19 -12.07
N GLN B 9 -13.37 30.41 -11.04
CA GLN B 9 -12.42 29.73 -10.18
C GLN B 9 -11.77 28.72 -11.10
N ALA B 10 -12.60 27.98 -11.82
CA ALA B 10 -12.15 26.95 -12.75
C ALA B 10 -11.22 27.32 -13.90
N MET B 11 -11.11 28.60 -14.23
CA MET B 11 -10.23 29.00 -15.32
C MET B 11 -8.72 29.16 -15.03
N LYS B 12 -7.91 28.73 -15.99
CA LYS B 12 -6.46 28.80 -15.89
C LYS B 12 -5.95 30.19 -16.28
N PRO B 13 -4.88 30.68 -15.61
CA PRO B 13 -4.27 31.99 -15.86
C PRO B 13 -3.68 32.12 -17.27
N ASP B 14 -2.91 33.16 -17.52
CA ASP B 14 -2.35 33.30 -18.85
C ASP B 14 -0.89 33.07 -19.22
N ALA B 15 -0.67 32.17 -20.16
CA ALA B 15 0.67 31.83 -20.64
C ALA B 15 1.52 33.02 -21.06
N VAL B 16 0.95 33.86 -21.91
CA VAL B 16 1.62 35.07 -22.41
C VAL B 16 1.60 36.22 -21.40
N VAL B 17 0.47 36.41 -20.73
CA VAL B 17 0.33 37.46 -19.73
C VAL B 17 1.31 37.28 -18.56
N ALA B 18 1.69 36.03 -18.32
CA ALA B 18 2.63 35.65 -17.27
C ALA B 18 4.02 36.11 -17.67
N VAL B 19 4.52 35.58 -18.79
CA VAL B 19 5.84 35.93 -19.27
C VAL B 19 6.05 37.43 -19.39
N ASN B 20 4.98 38.17 -19.62
CA ASN B 20 5.04 39.62 -19.73
C ASN B 20 5.40 40.29 -18.41
N ALA B 21 4.58 40.06 -17.39
CA ALA B 21 4.83 40.62 -16.07
C ALA B 21 6.22 40.19 -15.59
N LYS B 22 6.50 38.89 -15.64
CA LYS B 22 7.80 38.37 -15.21
C LYS B 22 9.04 38.81 -16.00
N ALA B 23 8.85 39.70 -16.96
CA ALA B 23 9.92 40.23 -17.79
C ALA B 23 9.99 41.34 -16.73
N LEU B 24 9.34 42.47 -17.01
CA LEU B 24 9.24 43.63 -16.10
C LEU B 24 9.45 43.64 -14.57
N GLU B 25 10.63 43.19 -14.15
CA GLU B 25 11.04 43.10 -12.74
C GLU B 25 11.95 41.93 -13.14
N LEU B 26 13.01 42.30 -13.85
CA LEU B 26 14.02 41.39 -14.38
C LEU B 26 14.33 42.54 -15.33
N ARG B 27 13.34 42.90 -16.16
CA ARG B 27 13.50 44.02 -17.09
C ARG B 27 13.57 45.24 -16.19
N ARG B 28 12.58 45.36 -15.31
CA ARG B 28 12.48 46.48 -14.38
C ARG B 28 13.43 46.41 -13.18
N GLN B 29 14.67 46.00 -13.46
CA GLN B 29 15.71 45.82 -12.44
C GLN B 29 17.07 45.50 -13.06
N GLY B 30 17.55 46.35 -13.95
CA GLY B 30 18.85 46.09 -14.58
C GLY B 30 18.73 45.22 -15.81
N VAL B 31 18.40 43.94 -15.61
CA VAL B 31 18.26 42.96 -16.69
C VAL B 31 17.39 43.24 -17.92
N ASP B 32 18.04 43.52 -19.05
CA ASP B 32 17.32 43.76 -20.31
C ASP B 32 17.38 42.35 -20.89
N LEU B 33 16.25 41.90 -21.42
CA LEU B 33 16.15 40.59 -22.03
C LEU B 33 15.83 40.91 -23.50
N VAL B 34 15.32 39.91 -24.23
CA VAL B 34 14.95 40.11 -25.63
C VAL B 34 13.59 39.40 -25.50
N ALA B 35 12.51 40.13 -25.74
CA ALA B 35 11.17 39.54 -25.64
C ALA B 35 10.41 39.14 -26.90
N LEU B 36 10.52 37.86 -27.25
CA LEU B 36 9.85 37.32 -28.42
C LEU B 36 8.50 36.72 -27.98
N THR B 37 7.82 37.41 -27.07
CA THR B 37 6.52 36.96 -26.56
C THR B 37 5.40 37.54 -27.43
N ALA B 38 5.74 38.63 -28.12
CA ALA B 38 4.86 39.35 -29.02
C ALA B 38 3.67 38.85 -29.85
N GLY B 39 2.51 39.46 -29.62
CA GLY B 39 1.33 39.12 -30.38
C GLY B 39 1.10 40.26 -31.35
N GLU B 40 1.60 41.43 -30.97
CA GLU B 40 1.49 42.67 -31.74
C GLU B 40 2.63 43.10 -32.66
N PRO B 41 2.28 43.65 -33.83
CA PRO B 41 3.27 44.11 -34.80
C PRO B 41 4.01 45.32 -34.24
N ASP B 42 5.33 45.35 -34.42
CA ASP B 42 6.12 46.46 -33.90
C ASP B 42 5.84 47.78 -34.60
N PHE B 43 5.23 47.70 -35.77
CA PHE B 43 4.88 48.90 -36.52
C PHE B 43 3.71 49.53 -35.75
N ASP B 44 3.60 50.85 -35.86
CA ASP B 44 2.54 51.59 -35.18
C ASP B 44 1.46 51.60 -36.27
N THR B 45 0.23 51.89 -35.86
CA THR B 45 -0.89 51.96 -36.80
C THR B 45 -0.84 53.13 -37.79
N PRO B 46 -1.23 52.89 -39.05
CA PRO B 46 -1.25 53.87 -40.16
C PRO B 46 -1.84 55.25 -39.85
N GLU B 47 -1.16 56.27 -40.36
CA GLU B 47 -1.56 57.65 -40.15
C GLU B 47 -2.91 58.11 -40.68
N HIS B 48 -3.42 57.43 -41.70
CA HIS B 48 -4.72 57.82 -42.24
C HIS B 48 -5.78 57.28 -41.31
N VAL B 49 -5.43 56.26 -40.53
CA VAL B 49 -6.38 55.67 -39.60
C VAL B 49 -6.33 56.62 -38.41
N LYS B 50 -5.12 57.02 -37.99
CA LYS B 50 -4.96 57.95 -36.87
C LYS B 50 -5.74 59.23 -37.17
N GLU B 51 -5.55 59.77 -38.36
CA GLU B 51 -6.23 61.00 -38.77
C GLU B 51 -7.75 60.87 -38.78
N ALA B 52 -8.26 59.75 -39.30
CA ALA B 52 -9.70 59.52 -39.34
C ALA B 52 -10.26 59.59 -37.92
N ALA B 53 -9.49 59.05 -36.96
CA ALA B 53 -9.91 59.05 -35.55
C ALA B 53 -10.02 60.50 -35.10
N ARG B 54 -8.98 61.30 -35.38
CA ARG B 54 -8.95 62.71 -35.02
C ARG B 54 -10.15 63.41 -35.64
N ARG B 55 -10.42 63.09 -36.89
CA ARG B 55 -11.53 63.68 -37.62
C ARG B 55 -12.85 63.43 -36.88
N ALA B 56 -12.98 62.24 -36.27
CA ALA B 56 -14.17 61.88 -35.50
C ALA B 56 -14.29 62.67 -34.20
N LEU B 57 -13.17 62.81 -33.50
CA LEU B 57 -13.13 63.54 -32.24
C LEU B 57 -13.66 64.93 -32.59
N ALA B 58 -13.04 65.54 -33.59
CA ALA B 58 -13.40 66.87 -34.04
C ALA B 58 -14.90 66.99 -34.30
N GLN B 59 -15.39 66.06 -35.10
CA GLN B 59 -16.80 66.05 -35.47
C GLN B 59 -17.77 65.66 -34.36
N GLY B 60 -17.23 65.41 -33.17
CA GLY B 60 -18.06 65.07 -32.04
C GLY B 60 -18.79 63.76 -32.23
N LYS B 61 -18.08 62.76 -32.77
CA LYS B 61 -18.64 61.45 -33.02
C LYS B 61 -18.31 60.74 -31.71
N THR B 62 -18.96 61.17 -30.62
CA THR B 62 -18.70 60.59 -29.31
C THR B 62 -19.85 60.02 -28.47
N LYS B 63 -20.99 59.76 -29.13
CA LYS B 63 -22.15 59.19 -28.44
C LYS B 63 -22.34 57.70 -28.66
N TYR B 64 -23.28 57.11 -27.95
CA TYR B 64 -23.52 55.68 -28.05
C TYR B 64 -23.80 55.20 -29.46
N ALA B 65 -23.04 54.21 -29.90
CA ALA B 65 -23.22 53.62 -31.22
C ALA B 65 -24.17 52.42 -31.03
N PRO B 66 -24.74 51.88 -32.11
CA PRO B 66 -25.66 50.73 -31.98
C PRO B 66 -24.86 49.52 -31.49
N PRO B 67 -25.53 48.53 -30.91
CA PRO B 67 -24.92 47.31 -30.39
C PRO B 67 -24.15 46.50 -31.42
N ALA B 68 -24.63 46.48 -32.66
CA ALA B 68 -23.94 45.74 -33.71
C ALA B 68 -22.88 46.59 -34.40
N GLY B 69 -22.73 47.84 -33.96
CA GLY B 69 -21.76 48.73 -34.55
C GLY B 69 -22.41 49.71 -35.49
N ILE B 70 -21.69 50.76 -35.86
CA ILE B 70 -22.23 51.76 -36.75
C ILE B 70 -22.57 51.19 -38.13
N PRO B 71 -23.67 51.67 -38.72
CA PRO B 71 -24.11 51.22 -40.05
C PRO B 71 -23.00 51.31 -41.07
N GLU B 72 -22.44 52.51 -41.23
CA GLU B 72 -21.36 52.72 -42.18
C GLU B 72 -20.26 51.66 -42.14
N LEU B 73 -19.88 51.23 -40.94
CA LEU B 73 -18.84 50.23 -40.79
C LEU B 73 -19.41 48.87 -41.17
N ARG B 74 -20.66 48.62 -40.79
CA ARG B 74 -21.30 47.34 -41.11
C ARG B 74 -21.34 47.19 -42.63
N GLU B 75 -21.82 48.22 -43.32
CA GLU B 75 -21.89 48.19 -44.77
C GLU B 75 -20.52 48.04 -45.37
N ALA B 76 -19.55 48.80 -44.86
CA ALA B 76 -18.19 48.71 -45.38
C ALA B 76 -17.57 47.33 -45.08
N LEU B 77 -18.07 46.71 -44.01
CA LEU B 77 -17.61 45.40 -43.55
C LEU B 77 -18.07 44.35 -44.55
N ALA B 78 -19.39 44.32 -44.78
CA ALA B 78 -20.00 43.38 -45.72
C ALA B 78 -19.29 43.37 -47.07
N GLU B 79 -18.68 44.49 -47.43
CA GLU B 79 -17.97 44.61 -48.70
C GLU B 79 -16.59 43.96 -48.70
N LYS B 80 -15.86 44.12 -47.59
CA LYS B 80 -14.52 43.56 -47.43
C LYS B 80 -14.67 42.04 -47.47
N PHE B 81 -15.79 41.57 -46.93
CA PHE B 81 -16.06 40.15 -46.92
C PHE B 81 -16.37 39.62 -48.30
N ARG B 82 -16.98 40.42 -49.16
CA ARG B 82 -17.29 39.99 -50.52
C ARG B 82 -15.99 40.16 -51.31
N ARG B 83 -15.61 41.42 -51.49
CA ARG B 83 -14.43 41.83 -52.25
C ARG B 83 -13.16 40.99 -51.98
N GLU B 84 -12.73 40.99 -50.73
CA GLU B 84 -11.54 40.25 -50.34
C GLU B 84 -11.68 38.76 -50.06
N ASN B 85 -12.92 38.33 -49.80
CA ASN B 85 -13.21 36.94 -49.49
C ASN B 85 -14.19 36.04 -50.25
N GLY B 86 -15.07 36.62 -51.04
CA GLY B 86 -16.03 35.82 -51.78
C GLY B 86 -17.24 35.42 -50.94
N LEU B 87 -17.31 35.91 -49.71
CA LEU B 87 -18.45 35.59 -48.85
C LEU B 87 -19.48 36.68 -49.16
N SER B 88 -20.64 36.27 -49.64
CA SER B 88 -21.69 37.22 -49.96
C SER B 88 -22.68 37.40 -48.79
N VAL B 89 -22.29 38.28 -47.89
CA VAL B 89 -23.09 38.63 -46.73
C VAL B 89 -23.67 39.99 -46.99
N THR B 90 -24.68 40.32 -46.21
CA THR B 90 -25.35 41.60 -46.31
C THR B 90 -24.98 42.17 -44.95
N PRO B 91 -24.83 43.50 -44.83
CA PRO B 91 -24.47 44.15 -43.57
C PRO B 91 -25.24 43.74 -42.31
N GLU B 92 -26.41 43.12 -42.46
CA GLU B 92 -27.19 42.67 -41.31
C GLU B 92 -26.54 41.40 -40.79
N GLU B 93 -25.89 40.67 -41.70
CA GLU B 93 -25.18 39.43 -41.42
C GLU B 93 -23.70 39.80 -41.15
N THR B 94 -23.51 40.96 -40.56
CA THR B 94 -22.18 41.47 -40.27
C THR B 94 -22.30 42.14 -38.89
N ILE B 95 -21.26 42.04 -38.08
CA ILE B 95 -21.22 42.63 -36.74
C ILE B 95 -19.81 43.08 -36.35
N VAL B 96 -19.70 44.20 -35.65
CA VAL B 96 -18.39 44.70 -35.20
C VAL B 96 -18.27 44.64 -33.68
N THR B 97 -17.50 43.67 -33.21
CA THR B 97 -17.28 43.45 -31.79
C THR B 97 -16.11 44.25 -31.23
N VAL B 98 -15.93 44.16 -29.91
CA VAL B 98 -14.84 44.85 -29.23
C VAL B 98 -13.63 43.92 -29.38
N GLY B 99 -13.11 43.80 -30.60
CA GLY B 99 -11.97 42.95 -30.87
C GLY B 99 -12.37 41.55 -31.33
N GLY B 100 -11.44 40.86 -31.97
CA GLY B 100 -11.70 39.51 -32.43
C GLY B 100 -11.97 38.57 -31.26
N SER B 101 -11.53 39.00 -30.08
CA SER B 101 -11.71 38.23 -28.87
C SER B 101 -13.21 38.28 -28.61
N GLN B 102 -13.74 39.46 -28.35
CA GLN B 102 -15.17 39.60 -28.07
C GLN B 102 -16.10 38.89 -29.07
N ALA B 103 -15.64 38.73 -30.31
CA ALA B 103 -16.42 38.06 -31.34
C ALA B 103 -16.42 36.59 -30.94
N LEU B 104 -15.23 36.01 -30.76
CA LEU B 104 -15.12 34.62 -30.38
C LEU B 104 -15.86 34.34 -29.07
N PHE B 105 -15.85 35.31 -28.15
CA PHE B 105 -16.56 35.15 -26.87
C PHE B 105 -18.08 35.17 -27.12
N ASN B 106 -18.60 36.31 -27.56
CA ASN B 106 -20.02 36.46 -27.84
C ASN B 106 -20.64 35.36 -28.69
N LEU B 107 -19.80 34.74 -29.52
CA LEU B 107 -20.20 33.67 -30.42
C LEU B 107 -20.57 32.41 -29.64
N PHE B 108 -19.60 31.85 -28.93
CA PHE B 108 -19.83 30.67 -28.12
C PHE B 108 -20.91 30.84 -27.04
N GLN B 109 -21.18 32.07 -26.63
CA GLN B 109 -22.22 32.35 -25.62
C GLN B 109 -23.59 32.27 -26.29
N ALA B 110 -23.60 32.44 -27.61
CA ALA B 110 -24.81 32.39 -28.42
C ALA B 110 -25.15 30.98 -28.90
N ILE B 111 -24.15 30.19 -29.27
CA ILE B 111 -24.38 28.83 -29.70
C ILE B 111 -24.25 28.04 -28.39
N LEU B 112 -23.08 27.44 -28.11
CA LEU B 112 -22.85 26.69 -26.87
C LEU B 112 -23.73 26.63 -25.61
N ASP B 113 -24.34 25.48 -25.39
CA ASP B 113 -25.15 25.30 -24.19
C ASP B 113 -24.32 24.21 -23.48
N PRO B 114 -24.42 24.13 -22.15
CA PRO B 114 -23.71 23.17 -21.31
C PRO B 114 -23.64 21.75 -21.86
N GLY B 115 -22.43 21.21 -21.90
CA GLY B 115 -22.23 19.86 -22.39
C GLY B 115 -22.00 19.78 -23.89
N ASP B 116 -22.26 20.88 -24.60
CA ASP B 116 -22.07 20.89 -26.05
C ASP B 116 -20.57 20.84 -26.26
N GLU B 117 -20.16 20.00 -27.21
CA GLU B 117 -18.74 19.82 -27.53
C GLU B 117 -18.26 20.70 -28.68
N VAL B 118 -17.06 21.21 -28.56
CA VAL B 118 -16.47 22.05 -29.60
C VAL B 118 -15.15 21.39 -29.96
N ILE B 119 -15.02 20.95 -31.20
CA ILE B 119 -13.78 20.32 -31.65
C ILE B 119 -12.77 21.46 -31.83
N VAL B 120 -11.55 21.24 -31.36
CA VAL B 120 -10.48 22.24 -31.45
C VAL B 120 -9.21 21.49 -31.83
N LEU B 121 -8.47 21.98 -32.83
CA LEU B 121 -7.25 21.30 -33.27
C LEU B 121 -5.94 21.81 -32.70
N SER B 122 -5.14 20.91 -32.13
CA SER B 122 -3.85 21.27 -31.54
C SER B 122 -2.65 20.99 -32.45
N PRO B 123 -1.56 21.77 -32.31
CA PRO B 123 -1.39 22.89 -31.39
C PRO B 123 -2.43 23.96 -31.65
N TYR B 124 -2.91 24.59 -30.59
CA TYR B 124 -3.92 25.62 -30.69
C TYR B 124 -3.73 26.87 -29.85
N TRP B 125 -4.29 27.97 -30.31
CA TRP B 125 -4.20 29.24 -29.58
C TRP B 125 -4.82 29.18 -28.20
N VAL B 126 -3.98 29.45 -27.21
CA VAL B 126 -4.35 29.49 -25.80
C VAL B 126 -5.79 29.70 -25.35
N SER B 127 -6.44 30.75 -25.83
CA SER B 127 -7.80 31.04 -25.42
C SER B 127 -9.06 30.31 -25.89
N TYR B 128 -8.94 29.60 -27.00
CA TYR B 128 -10.06 28.84 -27.54
C TYR B 128 -10.67 27.91 -26.47
N PRO B 129 -9.85 27.03 -25.87
CA PRO B 129 -10.43 26.15 -24.86
C PRO B 129 -10.96 26.94 -23.69
N GLU B 130 -10.17 27.89 -23.23
CA GLU B 130 -10.56 28.72 -22.10
C GLU B 130 -11.96 29.27 -22.25
N MET B 131 -12.25 29.86 -23.39
CA MET B 131 -13.56 30.42 -23.62
C MET B 131 -14.67 29.49 -24.11
N VAL B 132 -14.30 28.28 -24.55
CA VAL B 132 -15.29 27.30 -24.99
C VAL B 132 -15.85 26.85 -23.65
N ARG B 133 -14.97 26.52 -22.72
CA ARG B 133 -15.36 26.09 -21.37
C ARG B 133 -16.06 27.13 -20.51
N PHE B 134 -15.71 28.41 -20.67
CA PHE B 134 -16.34 29.46 -19.88
C PHE B 134 -17.87 29.49 -20.13
N ALA B 135 -18.25 29.21 -21.38
CA ALA B 135 -19.65 29.19 -21.79
C ALA B 135 -20.38 27.90 -21.37
N GLY B 136 -19.61 26.87 -21.07
CA GLY B 136 -20.19 25.60 -20.65
C GLY B 136 -19.92 24.54 -21.69
N GLY B 137 -18.95 24.81 -22.55
CA GLY B 137 -18.61 23.86 -23.60
C GLY B 137 -17.78 22.70 -23.12
N VAL B 138 -17.29 21.93 -24.08
CA VAL B 138 -16.48 20.75 -23.79
C VAL B 138 -15.49 20.66 -24.93
N VAL B 139 -14.23 21.01 -24.66
CA VAL B 139 -13.21 20.95 -25.68
C VAL B 139 -12.94 19.50 -26.00
N VAL B 140 -12.96 19.18 -27.29
CA VAL B 140 -12.71 17.82 -27.75
C VAL B 140 -11.61 18.22 -28.72
N GLU B 141 -10.40 17.76 -28.46
CA GLU B 141 -9.29 18.11 -29.32
C GLU B 141 -8.58 17.12 -30.24
N VAL B 142 -8.24 17.61 -31.44
CA VAL B 142 -7.59 16.79 -32.45
C VAL B 142 -6.19 17.28 -32.75
N GLU B 143 -5.24 16.36 -32.61
CA GLU B 143 -3.83 16.62 -32.85
C GLU B 143 -3.49 16.77 -34.32
N THR B 144 -2.47 17.57 -34.60
CA THR B 144 -2.02 17.81 -35.97
C THR B 144 -0.52 17.58 -35.84
N LEU B 145 -0.02 16.61 -36.60
CA LEU B 145 1.40 16.28 -36.57
C LEU B 145 2.27 17.28 -37.31
N PRO B 146 3.48 17.53 -36.78
CA PRO B 146 4.43 18.46 -37.42
C PRO B 146 5.00 17.79 -38.66
N GLU B 147 5.03 16.45 -38.64
CA GLU B 147 5.54 15.67 -39.76
C GLU B 147 4.62 15.96 -40.93
N GLU B 148 3.34 16.16 -40.63
CA GLU B 148 2.37 16.50 -41.66
C GLU B 148 2.22 18.03 -41.56
N GLY B 149 3.35 18.70 -41.30
CA GLY B 149 3.41 20.15 -41.20
C GLY B 149 2.24 20.87 -40.55
N PHE B 150 1.69 20.28 -39.50
CA PHE B 150 0.56 20.88 -38.80
C PHE B 150 -0.74 21.21 -39.53
N VAL B 151 -1.05 20.49 -40.61
CA VAL B 151 -2.30 20.74 -41.32
C VAL B 151 -3.25 19.61 -40.93
N PRO B 152 -4.50 19.95 -40.56
CA PRO B 152 -5.48 18.93 -40.16
C PRO B 152 -5.71 17.87 -41.24
N ASP B 153 -6.09 16.68 -40.81
CA ASP B 153 -6.35 15.58 -41.72
C ASP B 153 -7.84 15.45 -41.45
N PRO B 154 -8.68 15.78 -42.44
CA PRO B 154 -10.14 15.71 -42.32
C PRO B 154 -10.68 14.38 -41.79
N GLU B 155 -10.13 13.26 -42.27
CA GLU B 155 -10.60 11.95 -41.82
C GLU B 155 -10.64 11.80 -40.32
N ARG B 156 -9.55 12.17 -39.65
CA ARG B 156 -9.51 12.05 -38.20
C ARG B 156 -10.28 13.12 -37.46
N VAL B 157 -10.53 14.22 -38.15
CA VAL B 157 -11.28 15.32 -37.57
C VAL B 157 -12.71 14.79 -37.62
N ARG B 158 -12.97 13.94 -38.61
CA ARG B 158 -14.28 13.32 -38.81
C ARG B 158 -14.58 12.44 -37.63
N ARG B 159 -13.66 11.55 -37.31
CA ARG B 159 -13.84 10.64 -36.18
C ARG B 159 -13.68 11.20 -34.76
N ALA B 160 -14.15 12.44 -34.57
CA ALA B 160 -14.10 13.15 -33.29
C ALA B 160 -15.50 13.76 -33.17
N ILE B 161 -16.29 13.65 -34.23
CA ILE B 161 -17.64 14.18 -34.25
C ILE B 161 -18.53 13.20 -33.50
N THR B 162 -19.40 13.73 -32.65
CA THR B 162 -20.32 12.93 -31.86
C THR B 162 -21.59 13.76 -31.93
N PRO B 163 -22.74 13.19 -31.56
CA PRO B 163 -24.01 13.92 -31.60
C PRO B 163 -24.07 15.09 -30.61
N ARG B 164 -22.99 15.26 -29.84
CA ARG B 164 -22.86 16.34 -28.86
C ARG B 164 -22.23 17.49 -29.65
N THR B 165 -21.34 17.14 -30.57
CA THR B 165 -20.61 18.11 -31.39
C THR B 165 -21.40 19.26 -32.01
N LYS B 166 -21.12 20.47 -31.53
CA LYS B 166 -21.79 21.68 -31.98
C LYS B 166 -21.01 22.74 -32.74
N ALA B 167 -19.69 22.63 -32.73
CA ALA B 167 -18.85 23.57 -33.47
C ALA B 167 -17.47 22.99 -33.72
N LEU B 168 -16.83 23.46 -34.78
CA LEU B 168 -15.49 23.02 -35.16
C LEU B 168 -14.81 24.38 -35.26
N VAL B 169 -13.54 24.43 -34.88
CA VAL B 169 -12.81 25.68 -34.92
C VAL B 169 -11.49 25.48 -35.62
N VAL B 170 -11.35 26.12 -36.78
CA VAL B 170 -10.12 26.03 -37.55
C VAL B 170 -9.64 27.47 -37.61
N ASN B 171 -8.32 27.63 -37.69
CA ASN B 171 -7.71 28.94 -37.74
C ASN B 171 -6.47 28.82 -38.62
N SER B 172 -6.55 29.35 -39.83
CA SER B 172 -5.46 29.34 -40.78
C SER B 172 -5.46 30.80 -41.22
N PRO B 173 -4.27 31.44 -41.26
CA PRO B 173 -2.95 30.87 -40.96
C PRO B 173 -2.80 30.67 -39.46
N ASN B 174 -2.72 29.40 -39.07
CA ASN B 174 -2.61 28.95 -37.69
C ASN B 174 -1.96 29.75 -36.56
N ASN B 175 -2.50 29.65 -35.34
CA ASN B 175 -1.89 30.38 -34.24
C ASN B 175 -0.52 30.05 -33.75
N PRO B 176 -0.32 28.94 -32.94
CA PRO B 176 1.12 29.18 -32.83
C PRO B 176 2.00 28.55 -33.90
N THR B 177 1.46 27.70 -34.78
CA THR B 177 2.32 27.10 -35.79
C THR B 177 2.71 27.91 -37.01
N GLY B 178 1.84 28.83 -37.42
CA GLY B 178 2.09 29.64 -38.60
C GLY B 178 1.67 28.98 -39.90
N ALA B 179 1.19 27.74 -39.82
CA ALA B 179 0.74 26.98 -40.99
C ALA B 179 -0.43 27.67 -41.68
N VAL B 180 -0.64 27.38 -42.96
CA VAL B 180 -1.74 27.96 -43.71
C VAL B 180 -2.28 26.73 -44.45
N TYR B 181 -3.50 26.33 -44.08
CA TYR B 181 -4.13 25.15 -44.67
C TYR B 181 -4.56 25.37 -46.11
N PRO B 182 -4.38 24.34 -46.97
CA PRO B 182 -4.75 24.36 -48.39
C PRO B 182 -6.26 24.53 -48.63
N LYS B 183 -6.60 25.04 -49.81
CA LYS B 183 -7.98 25.28 -50.18
C LYS B 183 -8.87 24.09 -49.85
N GLU B 184 -8.56 22.93 -50.41
CA GLU B 184 -9.34 21.70 -50.21
C GLU B 184 -9.44 21.00 -48.85
N VAL B 185 -8.78 21.57 -47.85
CA VAL B 185 -8.82 21.00 -46.50
C VAL B 185 -9.87 21.89 -45.84
N LEU B 186 -9.81 23.19 -46.09
CA LEU B 186 -10.81 24.10 -45.52
C LEU B 186 -12.11 23.64 -46.19
N GLU B 187 -12.00 23.22 -47.45
CA GLU B 187 -13.14 22.74 -48.22
C GLU B 187 -13.62 21.51 -47.47
N ALA B 188 -12.73 20.55 -47.28
CA ALA B 188 -13.08 19.32 -46.57
C ALA B 188 -13.75 19.50 -45.21
N LEU B 189 -13.12 20.31 -44.36
CA LEU B 189 -13.61 20.58 -43.02
C LEU B 189 -14.96 21.28 -43.05
N ALA B 190 -15.09 22.22 -43.97
CA ALA B 190 -16.31 22.98 -44.12
C ALA B 190 -17.44 22.03 -44.50
N ARG B 191 -17.08 20.99 -45.23
CA ARG B 191 -18.06 20.00 -45.67
C ARG B 191 -18.67 19.20 -44.52
N LEU B 192 -17.82 18.72 -43.61
CA LEU B 192 -18.28 17.94 -42.45
C LEU B 192 -19.23 18.78 -41.66
N ALA B 193 -18.89 20.06 -41.54
CA ALA B 193 -19.73 20.98 -40.80
C ALA B 193 -21.17 20.96 -41.32
N VAL B 194 -21.34 20.83 -42.63
CA VAL B 194 -22.68 20.82 -43.25
C VAL B 194 -23.33 19.45 -43.11
N GLU B 195 -22.55 18.46 -43.52
CA GLU B 195 -22.90 17.04 -43.54
C GLU B 195 -23.45 16.59 -42.20
N HIS B 196 -22.64 16.75 -41.16
CA HIS B 196 -23.02 16.37 -39.81
C HIS B 196 -23.84 17.44 -39.11
N ASP B 197 -23.93 18.61 -39.73
CA ASP B 197 -24.73 19.68 -39.18
C ASP B 197 -24.21 20.21 -37.84
N PHE B 198 -23.42 21.27 -37.93
CA PHE B 198 -22.86 21.96 -36.78
C PHE B 198 -22.11 23.12 -37.38
N TYR B 199 -21.96 24.20 -36.61
CA TYR B 199 -21.27 25.38 -37.10
C TYR B 199 -19.78 25.16 -37.35
N LEU B 200 -19.19 26.05 -38.13
CA LEU B 200 -17.76 25.95 -38.43
C LEU B 200 -17.38 27.38 -38.07
N VAL B 201 -16.40 27.51 -37.16
CA VAL B 201 -15.94 28.82 -36.71
C VAL B 201 -14.55 29.00 -37.30
N SER B 202 -14.43 29.92 -38.24
CA SER B 202 -13.16 30.21 -38.91
C SER B 202 -12.56 31.49 -38.35
N ASP B 203 -11.37 31.36 -37.76
CA ASP B 203 -10.68 32.50 -37.18
C ASP B 203 -9.65 32.97 -38.18
N GLU B 204 -10.11 33.62 -39.23
CA GLU B 204 -9.21 34.11 -40.26
C GLU B 204 -8.16 35.13 -39.85
N ILE B 205 -8.58 36.33 -39.40
CA ILE B 205 -7.68 37.37 -38.92
C ILE B 205 -6.28 37.64 -39.52
N TYR B 206 -5.41 36.62 -39.44
CA TYR B 206 -4.04 36.66 -39.97
C TYR B 206 -3.98 36.52 -41.49
N GLU B 207 -5.15 36.55 -42.14
CA GLU B 207 -5.21 36.42 -43.59
C GLU B 207 -4.18 37.21 -44.39
N HIS B 208 -4.00 38.46 -44.01
CA HIS B 208 -3.07 39.33 -44.70
C HIS B 208 -1.59 39.21 -44.53
N LEU B 209 -1.17 38.49 -43.51
CA LEU B 209 0.26 38.33 -43.22
C LEU B 209 0.49 36.92 -43.74
N LEU B 210 0.46 36.78 -45.05
CA LEU B 210 0.63 35.48 -45.68
C LEU B 210 1.83 35.71 -46.59
N TYR B 211 2.80 34.82 -46.47
CA TYR B 211 4.04 34.85 -47.27
C TYR B 211 4.00 33.90 -48.46
N GLU B 212 3.52 32.67 -48.25
CA GLU B 212 3.42 31.69 -49.33
C GLU B 212 2.30 30.66 -49.35
N GLY B 213 1.24 31.01 -50.07
CA GLY B 213 0.07 30.17 -50.19
C GLY B 213 -1.08 31.05 -50.63
N GLU B 214 -2.31 30.53 -50.55
CA GLU B 214 -3.48 31.30 -50.94
C GLU B 214 -4.53 31.15 -49.85
N HIS B 215 -4.98 32.27 -49.31
CA HIS B 215 -5.98 32.26 -48.24
C HIS B 215 -7.39 32.01 -48.71
N PHE B 216 -7.90 30.83 -48.36
CA PHE B 216 -9.25 30.40 -48.71
C PHE B 216 -10.20 30.51 -47.50
N SER B 217 -11.41 30.96 -47.74
CA SER B 217 -12.40 31.06 -46.68
C SER B 217 -13.41 29.95 -46.96
N PRO B 218 -13.85 29.24 -45.91
CA PRO B 218 -14.81 28.15 -46.07
C PRO B 218 -16.26 28.65 -46.16
N GLY B 219 -16.47 29.92 -45.82
CA GLY B 219 -17.81 30.50 -45.86
C GLY B 219 -18.28 30.65 -47.31
N ARG B 220 -17.34 30.41 -48.22
CA ARG B 220 -17.57 30.48 -49.65
C ARG B 220 -18.36 29.14 -49.77
N VAL B 221 -17.76 28.06 -49.25
CA VAL B 221 -18.34 26.71 -49.28
C VAL B 221 -19.56 26.29 -48.46
N ALA B 222 -19.63 26.73 -47.22
CA ALA B 222 -20.74 26.39 -46.32
C ALA B 222 -21.19 27.65 -45.60
N PRO B 223 -21.82 28.57 -46.34
CA PRO B 223 -22.32 29.86 -45.83
C PRO B 223 -23.41 29.84 -44.75
N GLU B 224 -24.19 28.77 -44.66
CA GLU B 224 -25.24 28.67 -43.64
C GLU B 224 -24.77 27.96 -42.36
N HIS B 225 -23.48 27.64 -42.32
CA HIS B 225 -22.86 26.95 -41.21
C HIS B 225 -21.66 27.69 -40.66
N THR B 226 -20.86 28.28 -41.56
CA THR B 226 -19.66 29.04 -41.17
C THR B 226 -19.91 30.36 -40.43
N LEU B 227 -18.98 30.74 -39.56
CA LEU B 227 -19.07 32.00 -38.81
C LEU B 227 -17.63 32.47 -38.99
N THR B 228 -17.46 33.45 -39.86
CA THR B 228 -16.14 33.96 -40.19
C THR B 228 -15.71 35.15 -39.33
N VAL B 229 -14.73 34.91 -38.46
CA VAL B 229 -14.20 35.91 -37.54
C VAL B 229 -12.88 36.55 -37.98
N ASN B 230 -12.87 37.87 -38.05
CA ASN B 230 -11.69 38.62 -38.46
C ASN B 230 -11.62 39.89 -37.62
N GLY B 231 -10.54 40.67 -37.79
CA GLY B 231 -10.39 41.90 -37.03
C GLY B 231 -9.34 42.84 -37.58
N ALA B 232 -9.41 44.10 -37.14
CA ALA B 232 -8.48 45.13 -37.58
C ALA B 232 -7.06 44.99 -37.01
N ALA B 233 -6.98 44.59 -35.75
CA ALA B 233 -5.70 44.41 -35.05
C ALA B 233 -4.40 44.02 -35.75
N LYS B 234 -4.29 42.76 -36.15
CA LYS B 234 -3.08 42.27 -36.81
C LYS B 234 -2.68 42.82 -38.17
N ALA B 235 -3.64 43.03 -39.06
CA ALA B 235 -3.33 43.57 -40.40
C ALA B 235 -2.87 45.02 -40.31
N PHE B 236 -3.73 45.87 -39.75
CA PHE B 236 -3.48 47.28 -39.59
C PHE B 236 -2.74 47.82 -38.36
N ALA B 237 -2.00 46.95 -37.67
CA ALA B 237 -1.25 47.33 -36.47
C ALA B 237 -2.15 47.99 -35.41
N MET B 238 -3.44 47.65 -35.46
CA MET B 238 -4.44 48.19 -34.55
C MET B 238 -4.89 47.46 -33.27
N THR B 239 -3.99 46.66 -32.68
CA THR B 239 -4.32 45.90 -31.49
C THR B 239 -4.97 46.72 -30.37
N GLY B 240 -4.26 47.74 -29.91
CA GLY B 240 -4.77 48.56 -28.83
C GLY B 240 -6.10 49.23 -29.07
N TRP B 241 -6.46 49.41 -30.34
CA TRP B 241 -7.70 50.08 -30.65
C TRP B 241 -8.94 49.32 -30.24
N ARG B 242 -8.82 48.00 -30.11
CA ARG B 242 -9.93 47.14 -29.73
C ARG B 242 -11.09 47.10 -30.71
N ILE B 243 -10.88 46.45 -31.85
CA ILE B 243 -11.93 46.30 -32.86
C ILE B 243 -11.77 45.03 -33.67
N GLY B 244 -12.86 44.27 -33.71
CA GLY B 244 -12.92 43.03 -34.45
C GLY B 244 -14.28 42.92 -35.11
N TYR B 245 -14.43 41.97 -36.03
CA TYR B 245 -15.68 41.80 -36.72
C TYR B 245 -15.95 40.40 -37.22
N ALA B 246 -17.20 40.12 -37.56
CA ALA B 246 -17.59 38.81 -38.06
C ALA B 246 -18.83 38.80 -38.97
N CYS B 247 -19.08 37.67 -39.60
CA CYS B 247 -20.21 37.52 -40.50
C CYS B 247 -20.65 36.06 -40.57
N GLY B 248 -21.91 35.86 -40.92
CA GLY B 248 -22.47 34.52 -41.01
C GLY B 248 -23.99 34.54 -40.96
N PRO B 249 -24.62 33.45 -40.51
CA PRO B 249 -26.09 33.34 -40.41
C PRO B 249 -26.70 34.52 -39.65
N LYS B 250 -27.56 35.26 -40.34
CA LYS B 250 -28.23 36.42 -39.77
C LYS B 250 -28.74 36.20 -38.34
N GLU B 251 -29.06 34.95 -38.01
CA GLU B 251 -29.54 34.61 -36.66
C GLU B 251 -28.53 34.62 -35.51
N VAL B 252 -27.40 33.93 -35.70
CA VAL B 252 -26.36 33.89 -34.67
C VAL B 252 -25.55 35.20 -34.58
N ILE B 253 -25.70 36.04 -35.61
CA ILE B 253 -25.02 37.33 -35.66
C ILE B 253 -25.78 38.44 -34.91
N LYS B 254 -26.95 38.10 -34.39
CA LYS B 254 -27.71 39.10 -33.66
C LYS B 254 -28.06 38.52 -32.30
N ALA B 255 -27.64 37.28 -32.10
CA ALA B 255 -27.85 36.58 -30.84
C ALA B 255 -26.60 37.31 -30.32
N MET B 256 -25.50 37.21 -31.09
CA MET B 256 -24.23 37.86 -30.76
C MET B 256 -24.42 39.32 -30.42
N ALA B 257 -25.09 40.05 -31.30
CA ALA B 257 -25.33 41.47 -31.09
C ALA B 257 -26.08 41.74 -29.79
N SER B 258 -26.95 40.80 -29.41
CA SER B 258 -27.73 40.92 -28.18
C SER B 258 -26.94 40.73 -26.89
N VAL B 259 -25.86 39.98 -27.00
CA VAL B 259 -24.99 39.72 -25.85
C VAL B 259 -24.17 41.01 -25.76
N SER B 260 -23.69 41.46 -26.92
CA SER B 260 -22.89 42.66 -27.04
C SER B 260 -23.56 43.85 -26.35
N ARG B 261 -24.88 43.98 -26.51
CA ARG B 261 -25.62 45.10 -25.89
C ARG B 261 -25.64 45.08 -24.36
N GLN B 262 -25.40 43.91 -23.80
CA GLN B 262 -25.39 43.79 -22.34
C GLN B 262 -24.03 43.46 -21.72
N SER B 263 -23.03 43.32 -22.58
CA SER B 263 -21.68 43.04 -22.13
C SER B 263 -20.80 44.28 -22.34
N THR B 264 -20.87 44.87 -23.53
CA THR B 264 -20.08 46.07 -23.80
C THR B 264 -20.95 47.26 -24.19
N THR B 265 -22.21 47.01 -24.47
CA THR B 265 -23.16 48.04 -24.92
C THR B 265 -22.90 48.41 -26.38
N SER B 266 -21.63 48.37 -26.80
CA SER B 266 -21.23 48.66 -28.18
C SER B 266 -19.78 49.10 -28.11
N PRO B 267 -19.01 48.81 -29.16
CA PRO B 267 -17.60 49.18 -29.22
C PRO B 267 -17.39 50.71 -29.23
N ASP B 268 -16.16 51.09 -28.90
CA ASP B 268 -15.71 52.49 -28.83
C ASP B 268 -15.97 53.22 -30.15
N THR B 269 -16.93 54.14 -30.14
CA THR B 269 -17.28 54.89 -31.35
C THR B 269 -16.16 55.42 -32.23
N ILE B 270 -15.22 56.13 -31.60
CA ILE B 270 -14.07 56.70 -32.29
C ILE B 270 -13.32 55.64 -33.12
N ALA B 271 -13.04 54.49 -32.50
CA ALA B 271 -12.33 53.42 -33.19
C ALA B 271 -13.08 52.75 -34.33
N GLN B 272 -14.39 52.96 -34.39
CA GLN B 272 -15.23 52.39 -35.44
C GLN B 272 -14.91 53.22 -36.69
N TRP B 273 -15.16 54.53 -36.59
CA TRP B 273 -14.88 55.46 -37.69
C TRP B 273 -13.41 55.42 -38.11
N ALA B 274 -12.53 55.04 -37.18
CA ALA B 274 -11.11 54.95 -37.49
C ALA B 274 -10.92 53.71 -38.36
N THR B 275 -11.68 52.66 -38.07
CA THR B 275 -11.60 51.42 -38.83
C THR B 275 -12.25 51.59 -40.20
N LEU B 276 -13.41 52.22 -40.25
CA LEU B 276 -14.12 52.43 -41.51
C LEU B 276 -13.13 52.90 -42.58
N GLU B 277 -12.29 53.87 -42.21
CA GLU B 277 -11.30 54.43 -43.13
C GLU B 277 -10.27 53.42 -43.63
N ALA B 278 -9.79 52.54 -42.76
CA ALA B 278 -8.78 51.58 -43.17
C ALA B 278 -9.45 50.64 -44.16
N LEU B 279 -10.74 50.37 -43.93
CA LEU B 279 -11.49 49.50 -44.81
C LEU B 279 -11.90 50.10 -46.15
N THR B 280 -12.21 51.39 -46.16
CA THR B 280 -12.62 52.05 -47.39
C THR B 280 -11.51 52.72 -48.18
N ASN B 281 -10.46 53.14 -47.49
CA ASN B 281 -9.37 53.79 -48.19
C ASN B 281 -8.44 52.69 -48.66
N GLN B 282 -8.84 52.02 -49.71
CA GLN B 282 -8.02 50.96 -50.23
C GLN B 282 -6.56 51.35 -50.40
N GLU B 283 -6.23 52.04 -51.49
CA GLU B 283 -4.86 52.47 -51.79
C GLU B 283 -3.89 52.73 -50.68
N ALA B 284 -4.38 53.35 -49.62
CA ALA B 284 -3.52 53.69 -48.49
C ALA B 284 -3.20 52.43 -47.73
N SER B 285 -4.26 51.73 -47.32
CA SER B 285 -4.12 50.49 -46.56
C SER B 285 -3.41 49.39 -47.32
N ARG B 286 -3.72 49.27 -48.61
CA ARG B 286 -3.14 48.29 -49.52
C ARG B 286 -1.63 48.35 -49.43
N ALA B 287 -1.10 49.53 -49.15
CA ALA B 287 0.33 49.76 -49.04
C ALA B 287 0.96 49.42 -47.71
N PHE B 288 0.25 49.73 -46.62
CA PHE B 288 0.78 49.47 -45.28
C PHE B 288 0.96 47.97 -45.17
N VAL B 289 -0.07 47.25 -45.58
CA VAL B 289 -0.06 45.80 -45.55
C VAL B 289 1.13 45.33 -46.38
N GLU B 290 1.23 45.80 -47.63
CA GLU B 290 2.33 45.42 -48.51
C GLU B 290 3.67 45.58 -47.80
N MET B 291 3.83 46.68 -47.07
CA MET B 291 5.08 46.97 -46.37
C MET B 291 5.34 45.98 -45.24
N ALA B 292 4.32 45.84 -44.41
CA ALA B 292 4.37 44.96 -43.26
C ALA B 292 4.70 43.54 -43.65
N ARG B 293 3.97 43.01 -44.63
CA ARG B 293 4.16 41.67 -45.15
C ARG B 293 5.64 41.32 -45.33
N GLU B 294 6.19 41.81 -46.43
CA GLU B 294 7.57 41.54 -46.79
C GLU B 294 8.48 41.84 -45.60
N ALA B 295 8.09 42.80 -44.76
CA ALA B 295 8.90 43.13 -43.59
C ALA B 295 8.98 41.84 -42.77
N TYR B 296 7.82 41.40 -42.25
CA TYR B 296 7.76 40.19 -41.44
C TYR B 296 8.36 38.99 -42.16
N ARG B 297 8.28 38.98 -43.49
CA ARG B 297 8.80 37.87 -44.27
C ARG B 297 10.31 37.67 -44.13
N ARG B 298 11.02 38.79 -44.10
CA ARG B 298 12.48 38.82 -43.97
C ARG B 298 12.97 38.41 -42.60
N ARG B 299 12.27 38.86 -41.57
CA ARG B 299 12.60 38.54 -40.19
C ARG B 299 12.32 37.05 -40.09
N ARG B 300 11.25 36.65 -40.77
CA ARG B 300 10.80 35.27 -40.82
C ARG B 300 11.95 34.40 -41.34
N ASP B 301 12.69 34.92 -42.32
CA ASP B 301 13.81 34.17 -42.89
C ASP B 301 15.12 34.28 -42.11
N LEU B 302 15.31 35.42 -41.46
CA LEU B 302 16.51 35.71 -40.69
C LEU B 302 16.46 34.63 -39.60
N LEU B 303 15.42 34.74 -38.78
CA LEU B 303 15.15 33.83 -37.67
C LEU B 303 15.38 32.39 -38.09
N LEU B 304 14.68 31.97 -39.13
CA LEU B 304 14.80 30.61 -39.62
C LEU B 304 16.20 30.16 -40.00
N GLU B 305 16.96 31.06 -40.61
CA GLU B 305 18.32 30.75 -41.03
C GLU B 305 19.14 30.56 -39.78
N GLY B 306 19.19 31.59 -38.95
CA GLY B 306 19.98 31.53 -37.73
C GLY B 306 19.60 30.41 -36.80
N LEU B 307 18.32 30.05 -36.80
CA LEU B 307 17.80 28.97 -35.96
C LEU B 307 18.28 27.65 -36.57
N THR B 308 18.10 27.52 -37.88
CA THR B 308 18.49 26.31 -38.60
C THR B 308 19.99 26.09 -38.49
N ALA B 309 20.75 27.18 -38.53
CA ALA B 309 22.20 27.14 -38.43
C ALA B 309 22.55 26.70 -37.01
N LEU B 310 22.01 27.39 -36.01
CA LEU B 310 22.28 27.07 -34.61
C LEU B 310 22.04 25.62 -34.25
N GLY B 311 21.26 24.94 -35.07
CA GLY B 311 20.98 23.54 -34.82
C GLY B 311 19.56 23.30 -34.38
N LEU B 312 18.93 24.33 -33.82
CA LEU B 312 17.56 24.22 -33.34
C LEU B 312 16.58 23.92 -34.47
N LYS B 313 15.55 23.14 -34.16
CA LYS B 313 14.55 22.76 -35.15
C LYS B 313 13.23 23.50 -35.10
N ALA B 314 12.76 23.89 -36.27
CA ALA B 314 11.48 24.59 -36.36
C ALA B 314 10.76 24.44 -37.67
N VAL B 315 9.45 24.65 -37.61
CA VAL B 315 8.56 24.56 -38.76
C VAL B 315 8.33 25.87 -39.53
N ARG B 316 8.93 25.95 -40.73
CA ARG B 316 8.84 27.12 -41.61
C ARG B 316 7.40 27.64 -41.83
N PRO B 317 7.00 28.66 -41.04
CA PRO B 317 5.66 29.24 -41.14
C PRO B 317 5.46 29.84 -42.50
N SER B 318 4.20 29.87 -42.95
CA SER B 318 3.90 30.46 -44.24
C SER B 318 3.08 31.73 -43.97
N GLY B 319 2.44 31.77 -42.81
CA GLY B 319 1.63 32.92 -42.44
C GLY B 319 1.72 33.25 -40.97
N ALA B 320 1.15 34.39 -40.59
CA ALA B 320 1.16 34.86 -39.21
C ALA B 320 2.63 35.11 -38.85
N PHE B 321 2.89 35.52 -37.61
CA PHE B 321 4.26 35.77 -37.20
C PHE B 321 4.76 35.02 -35.98
N TYR B 322 4.56 33.71 -35.99
CA TYR B 322 4.99 32.84 -34.89
C TYR B 322 5.79 31.69 -35.50
N VAL B 323 6.55 31.01 -34.65
CA VAL B 323 7.38 29.87 -35.06
C VAL B 323 7.44 29.01 -33.80
N LEU B 324 7.07 27.74 -33.94
CA LEU B 324 7.10 26.81 -32.81
C LEU B 324 8.44 26.07 -32.83
N MET B 325 9.37 26.58 -32.02
CA MET B 325 10.71 26.02 -31.91
C MET B 325 10.78 24.79 -31.03
N ASP B 326 11.64 23.85 -31.42
CA ASP B 326 11.81 22.61 -30.70
C ASP B 326 12.89 22.72 -29.63
N THR B 327 12.46 22.91 -28.39
CA THR B 327 13.34 23.04 -27.23
C THR B 327 14.12 21.80 -26.83
N SER B 328 13.93 20.72 -27.61
CA SER B 328 14.61 19.45 -27.38
C SER B 328 16.07 19.43 -26.89
N PRO B 329 16.96 20.22 -27.50
CA PRO B 329 18.37 20.25 -27.08
C PRO B 329 18.69 21.37 -26.08
N ILE B 330 17.71 22.22 -25.80
CA ILE B 330 17.90 23.33 -24.86
C ILE B 330 17.48 22.95 -23.43
N ALA B 331 16.79 21.81 -23.31
CA ALA B 331 16.33 21.27 -22.02
C ALA B 331 15.48 20.04 -22.39
N PRO B 332 15.18 19.18 -21.39
CA PRO B 332 14.38 17.97 -21.62
C PRO B 332 12.86 18.14 -21.70
N ASP B 333 12.35 19.32 -21.33
CA ASP B 333 10.91 19.62 -21.39
C ASP B 333 10.80 21.08 -21.86
N GLU B 334 9.57 21.57 -22.05
CA GLU B 334 9.41 22.95 -22.51
C GLU B 334 9.25 24.07 -21.49
N VAL B 335 9.33 23.74 -20.21
CA VAL B 335 9.17 24.76 -19.20
C VAL B 335 10.49 25.11 -18.51
N ARG B 336 11.35 24.12 -18.34
CA ARG B 336 12.65 24.31 -17.71
C ARG B 336 13.40 25.00 -18.85
N ALA B 337 13.14 24.53 -20.07
CA ALA B 337 13.76 25.09 -21.26
C ALA B 337 13.45 26.58 -21.31
N ALA B 338 12.22 26.93 -20.97
CA ALA B 338 11.75 28.30 -20.98
C ALA B 338 12.56 29.20 -20.05
N GLU B 339 12.87 28.65 -18.88
CA GLU B 339 13.64 29.36 -17.87
C GLU B 339 15.11 29.51 -18.25
N ARG B 340 15.70 28.45 -18.79
CA ARG B 340 17.09 28.43 -19.24
C ARG B 340 17.28 29.54 -20.27
N LEU B 341 16.20 29.88 -20.97
CA LEU B 341 16.24 30.96 -21.95
C LEU B 341 16.00 32.36 -21.40
N LEU B 342 15.22 32.46 -20.33
CA LEU B 342 14.97 33.77 -19.72
C LEU B 342 16.31 34.14 -19.09
N GLU B 343 17.12 33.11 -18.85
CA GLU B 343 18.45 33.25 -18.28
C GLU B 343 19.30 34.00 -19.25
N ALA B 344 19.25 33.58 -20.52
CA ALA B 344 20.02 34.21 -21.58
C ALA B 344 19.27 35.46 -22.02
N GLY B 345 18.50 36.04 -21.10
CA GLY B 345 17.77 37.25 -21.41
C GLY B 345 16.96 37.20 -22.70
N VAL B 346 16.03 36.26 -22.76
CA VAL B 346 15.19 36.14 -23.93
C VAL B 346 13.89 35.44 -23.51
N ALA B 347 12.81 36.23 -23.46
CA ALA B 347 11.50 35.76 -23.06
C ALA B 347 10.73 35.10 -24.20
N VAL B 348 10.40 33.82 -24.00
CA VAL B 348 9.67 33.05 -24.99
C VAL B 348 8.39 32.63 -24.26
N VAL B 349 7.42 32.08 -25.00
CA VAL B 349 6.17 31.62 -24.40
C VAL B 349 6.12 30.12 -24.64
N PRO B 350 6.08 29.33 -23.54
CA PRO B 350 6.04 27.86 -23.55
C PRO B 350 4.85 27.29 -24.31
N GLY B 351 5.13 26.27 -25.12
CA GLY B 351 4.09 25.62 -25.90
C GLY B 351 3.06 24.86 -25.08
N THR B 352 3.27 24.79 -23.76
CA THR B 352 2.36 24.11 -22.85
C THR B 352 0.84 24.32 -22.96
N ASP B 353 0.40 25.57 -22.95
CA ASP B 353 -1.03 25.86 -23.06
C ASP B 353 -1.58 25.74 -24.48
N PHE B 354 -0.70 25.49 -25.44
CA PHE B 354 -1.12 25.36 -26.83
C PHE B 354 -1.16 23.89 -27.17
N ALA B 355 -0.79 23.06 -26.21
CA ALA B 355 -0.73 21.61 -26.40
C ALA B 355 0.39 21.40 -27.41
N ALA B 356 1.43 22.23 -27.26
CA ALA B 356 2.59 22.19 -28.12
C ALA B 356 3.63 21.95 -27.05
N PHE B 357 3.71 20.71 -26.61
CA PHE B 357 4.66 20.34 -25.60
C PHE B 357 5.98 20.07 -26.30
N GLY B 358 7.06 20.46 -25.62
CA GLY B 358 8.41 20.26 -26.11
C GLY B 358 8.70 21.21 -27.24
N HIS B 359 8.07 22.38 -27.17
CA HIS B 359 8.21 23.42 -28.16
C HIS B 359 8.00 24.71 -27.40
N VAL B 360 8.44 25.80 -28.03
CA VAL B 360 8.34 27.13 -27.46
C VAL B 360 8.11 28.15 -28.57
N ARG B 361 7.18 29.07 -28.33
CA ARG B 361 6.84 30.10 -29.32
C ARG B 361 7.57 31.42 -29.46
N LEU B 362 8.43 31.49 -30.47
CA LEU B 362 9.19 32.69 -30.77
C LEU B 362 8.25 33.53 -31.63
N SER B 363 8.49 34.83 -31.64
CA SER B 363 7.68 35.73 -32.45
C SER B 363 8.47 36.86 -33.10
N TYR B 364 8.84 36.65 -34.35
CA TYR B 364 9.57 37.63 -35.14
C TYR B 364 8.83 38.93 -35.47
N ALA B 365 7.69 39.16 -34.81
CA ALA B 365 6.92 40.37 -35.03
C ALA B 365 7.58 41.59 -34.38
N THR B 366 8.78 41.41 -33.83
CA THR B 366 9.50 42.52 -33.20
C THR B 366 10.57 42.89 -34.24
N SER B 367 11.59 43.64 -33.81
CA SER B 367 12.69 44.06 -34.69
C SER B 367 13.65 43.06 -35.34
N GLU B 368 14.32 43.51 -36.42
CA GLU B 368 15.30 42.67 -37.11
C GLU B 368 16.58 42.61 -36.28
N GLU B 369 16.70 43.54 -35.32
CA GLU B 369 17.85 43.60 -34.45
C GLU B 369 17.49 43.07 -33.05
N ASN B 370 16.46 42.23 -32.98
CA ASN B 370 16.03 41.64 -31.71
C ASN B 370 16.20 40.19 -32.08
N LEU B 371 15.90 39.87 -33.32
CA LEU B 371 16.03 38.52 -33.81
C LEU B 371 17.53 38.34 -33.80
N ARG B 372 18.26 39.35 -34.25
CA ARG B 372 19.71 39.26 -34.27
C ARG B 372 20.29 38.95 -32.90
N LYS B 373 19.87 39.72 -31.90
CA LYS B 373 20.36 39.56 -30.53
C LYS B 373 19.83 38.29 -29.88
N ALA B 374 18.52 38.10 -29.94
CA ALA B 374 17.90 36.90 -29.37
C ALA B 374 18.56 35.65 -29.94
N LEU B 375 18.92 35.70 -31.22
CA LEU B 375 19.54 34.57 -31.91
C LEU B 375 20.96 34.38 -31.39
N GLU B 376 21.58 35.49 -31.02
CA GLU B 376 22.93 35.54 -30.47
C GLU B 376 22.88 34.86 -29.10
N ARG B 377 21.92 35.31 -28.27
CA ARG B 377 21.75 34.78 -26.92
C ARG B 377 21.37 33.29 -26.84
N PHE B 378 20.73 32.79 -27.90
CA PHE B 378 20.35 31.38 -28.00
C PHE B 378 21.72 30.72 -28.16
N ALA B 379 22.47 31.21 -29.16
CA ALA B 379 23.80 30.72 -29.49
C ALA B 379 24.72 30.40 -28.32
N ARG B 380 24.80 31.35 -27.39
CA ARG B 380 25.63 31.23 -26.18
C ARG B 380 25.15 30.12 -25.27
N VAL B 381 23.83 30.02 -25.13
CA VAL B 381 23.20 29.00 -24.30
C VAL B 381 23.68 27.63 -24.77
N LEU B 382 23.93 27.53 -26.08
CA LEU B 382 24.36 26.29 -26.72
C LEU B 382 23.50 25.05 -26.49
N MET C 1 52.65 16.43 8.32
CA MET C 1 53.85 16.62 9.17
C MET C 1 54.80 17.56 8.42
N ARG C 2 56.07 17.18 8.27
CA ARG C 2 57.07 17.97 7.54
C ARG C 2 58.06 16.98 6.99
N GLY C 3 58.75 17.38 5.93
CA GLY C 3 59.73 16.51 5.31
C GLY C 3 59.62 16.54 3.79
N LEU C 4 60.65 16.03 3.12
CA LEU C 4 60.68 15.99 1.67
C LEU C 4 59.85 14.91 0.99
N SER C 5 59.79 15.01 -0.34
CA SER C 5 59.05 14.07 -1.17
C SER C 5 59.90 12.86 -1.46
N ARG C 6 59.22 11.74 -1.70
CA ARG C 6 59.89 10.50 -1.99
C ARG C 6 60.63 10.63 -3.31
N ARG C 7 60.06 11.42 -4.22
CA ARG C 7 60.63 11.67 -5.54
C ARG C 7 61.89 12.51 -5.58
N VAL C 8 61.91 13.54 -4.74
CA VAL C 8 63.00 14.49 -4.63
C VAL C 8 64.18 13.95 -3.84
N GLN C 9 63.89 13.20 -2.77
CA GLN C 9 64.91 12.59 -1.94
C GLN C 9 65.54 11.54 -2.83
N ALA C 10 64.69 10.77 -3.52
CA ALA C 10 65.15 9.72 -4.41
C ALA C 10 66.05 10.08 -5.59
N MET C 11 66.07 11.37 -5.94
CA MET C 11 66.93 11.81 -7.05
C MET C 11 68.39 12.10 -6.79
N LYS C 12 69.23 11.68 -7.74
CA LYS C 12 70.66 11.87 -7.62
C LYS C 12 71.24 13.20 -8.13
N PRO C 13 72.27 13.73 -7.43
CA PRO C 13 72.98 14.98 -7.75
C PRO C 13 73.62 15.03 -9.12
N ASP C 14 74.15 16.19 -9.48
CA ASP C 14 74.74 16.35 -10.81
C ASP C 14 76.20 16.21 -11.21
N ALA C 15 76.50 15.10 -11.88
CA ALA C 15 77.85 14.82 -12.36
C ALA C 15 78.62 16.01 -12.91
N VAL C 16 77.96 16.83 -13.70
CA VAL C 16 78.56 18.02 -14.29
C VAL C 16 78.66 19.08 -13.22
N VAL C 17 77.51 19.50 -12.71
CA VAL C 17 77.41 20.52 -11.66
C VAL C 17 78.43 20.38 -10.51
N ALA C 18 78.72 19.12 -10.17
CA ALA C 18 79.68 18.77 -9.13
C ALA C 18 81.07 19.27 -9.51
N VAL C 19 81.63 18.70 -10.59
CA VAL C 19 82.95 19.10 -11.09
C VAL C 19 83.14 20.63 -11.15
N ASN C 20 82.08 21.32 -11.52
CA ASN C 20 82.10 22.78 -11.62
C ASN C 20 82.33 23.36 -10.24
N ALA C 21 81.41 23.06 -9.33
CA ALA C 21 81.45 23.53 -7.93
C ALA C 21 82.89 23.37 -7.48
N LYS C 22 83.39 22.14 -7.37
CA LYS C 22 84.77 22.08 -7.00
C LYS C 22 85.91 22.14 -7.96
N ALA C 23 85.77 23.13 -8.81
CA ALA C 23 86.79 23.57 -9.74
C ALA C 23 86.83 24.71 -8.69
N LEU C 24 86.13 25.84 -8.94
CA LEU C 24 86.08 27.00 -8.01
C LEU C 24 86.45 27.11 -6.52
N GLU C 25 87.60 26.60 -6.11
CA GLU C 25 88.02 26.64 -4.70
C GLU C 25 88.94 25.47 -5.02
N LEU C 26 90.00 25.82 -5.73
CA LEU C 26 91.05 24.94 -6.25
C LEU C 26 91.19 26.09 -7.25
N ARG C 27 90.15 26.33 -8.06
CA ARG C 27 90.17 27.43 -9.01
C ARG C 27 90.09 28.70 -8.16
N ARG C 28 89.15 28.72 -7.21
CA ARG C 28 88.96 29.87 -6.29
C ARG C 28 89.88 29.85 -5.07
N GLN C 29 91.19 29.87 -5.32
CA GLN C 29 92.19 29.80 -4.25
C GLN C 29 93.50 29.39 -4.90
N GLY C 30 93.89 30.07 -5.97
CA GLY C 30 95.14 29.75 -6.64
C GLY C 30 95.08 28.78 -7.82
N VAL C 31 94.87 27.50 -7.55
CA VAL C 31 94.83 26.48 -8.59
C VAL C 31 94.05 26.76 -9.86
N ASP C 32 94.78 27.12 -10.92
CA ASP C 32 94.15 27.37 -12.20
C ASP C 32 94.12 25.91 -12.65
N LEU C 33 93.01 25.52 -13.26
CA LEU C 33 92.89 24.17 -13.82
C LEU C 33 92.35 24.54 -15.21
N VAL C 34 92.28 23.54 -16.07
CA VAL C 34 91.79 23.77 -17.42
C VAL C 34 90.49 23.00 -17.23
N ALA C 35 89.37 23.56 -17.67
CA ALA C 35 88.09 22.88 -17.50
C ALA C 35 87.37 22.27 -18.72
N LEU C 36 87.59 20.97 -18.94
CA LEU C 36 86.98 20.25 -20.05
C LEU C 36 85.63 19.63 -19.78
N THR C 37 84.86 20.27 -18.91
CA THR C 37 83.53 19.80 -18.55
C THR C 37 82.46 20.36 -19.49
N ALA C 38 82.71 21.55 -20.01
CA ALA C 38 81.81 22.27 -20.92
C ALA C 38 80.64 21.72 -21.75
N GLY C 39 79.47 22.30 -21.52
CA GLY C 39 78.30 21.90 -22.28
C GLY C 39 78.02 23.00 -23.29
N GLU C 40 78.51 24.19 -22.95
CA GLU C 40 78.34 25.35 -23.77
C GLU C 40 79.47 25.76 -24.70
N PRO C 41 79.11 26.38 -25.84
CA PRO C 41 80.09 26.84 -26.82
C PRO C 41 80.82 28.07 -26.31
N ASP C 42 82.14 28.10 -26.53
CA ASP C 42 82.99 29.22 -26.10
C ASP C 42 82.56 30.54 -26.72
N PHE C 43 81.90 30.45 -27.88
CA PHE C 43 81.43 31.62 -28.60
C PHE C 43 80.28 32.32 -27.92
N ASP C 44 80.21 33.63 -28.10
CA ASP C 44 79.13 34.43 -27.52
C ASP C 44 78.07 34.51 -28.62
N THR C 45 76.81 34.51 -28.19
CA THR C 45 75.69 34.58 -29.12
C THR C 45 75.79 35.73 -30.13
N PRO C 46 75.48 35.46 -31.41
CA PRO C 46 75.51 36.41 -32.53
C PRO C 46 74.94 37.76 -32.16
N GLU C 47 75.44 38.80 -32.82
CA GLU C 47 74.95 40.13 -32.54
C GLU C 47 73.53 40.45 -33.00
N HIS C 48 73.11 39.87 -34.12
CA HIS C 48 71.77 40.14 -34.63
C HIS C 48 70.72 39.51 -33.73
N VAL C 49 71.18 38.62 -32.85
CA VAL C 49 70.28 37.96 -31.93
C VAL C 49 70.20 39.01 -30.84
N LYS C 50 71.35 39.39 -30.31
CA LYS C 50 71.46 40.37 -29.22
C LYS C 50 70.65 41.60 -29.56
N GLU C 51 70.83 42.02 -30.79
CA GLU C 51 70.18 43.18 -31.35
C GLU C 51 68.66 43.07 -31.19
N ALA C 52 68.11 41.99 -31.74
CA ALA C 52 66.68 41.73 -31.74
C ALA C 52 66.10 41.81 -30.33
N ALA C 53 66.88 41.33 -29.35
CA ALA C 53 66.47 41.34 -27.95
C ALA C 53 66.32 42.80 -27.53
N ARG C 54 67.34 43.61 -27.80
CA ARG C 54 67.33 45.03 -27.46
C ARG C 54 66.11 45.69 -28.10
N ARG C 55 65.83 45.30 -29.35
CA ARG C 55 64.70 45.84 -30.11
C ARG C 55 63.38 45.58 -29.37
N ALA C 56 63.28 44.40 -28.76
CA ALA C 56 62.09 44.03 -27.99
C ALA C 56 61.98 44.84 -26.71
N LEU C 57 63.11 45.03 -26.04
CA LEU C 57 63.16 45.80 -24.80
C LEU C 57 62.57 47.16 -25.13
N ALA C 58 63.12 47.77 -26.17
CA ALA C 58 62.70 49.08 -26.64
C ALA C 58 61.21 49.16 -26.91
N GLN C 59 60.70 48.21 -27.70
CA GLN C 59 59.29 48.17 -28.07
C GLN C 59 58.34 47.91 -26.90
N GLY C 60 58.90 47.51 -25.76
CA GLY C 60 58.10 47.21 -24.59
C GLY C 60 57.40 45.86 -24.75
N LYS C 61 58.13 44.91 -25.30
CA LYS C 61 57.58 43.58 -25.52
C LYS C 61 58.04 42.97 -24.19
N THR C 62 57.31 43.27 -23.11
CA THR C 62 57.60 42.74 -21.78
C THR C 62 56.47 42.16 -20.91
N LYS C 63 55.33 41.83 -21.53
CA LYS C 63 54.22 41.27 -20.78
C LYS C 63 54.18 39.76 -20.91
N TYR C 64 53.15 39.17 -20.36
CA TYR C 64 53.01 37.74 -20.42
C TYR C 64 52.70 37.21 -21.82
N ALA C 65 53.49 36.22 -22.24
CA ALA C 65 53.32 35.59 -23.53
C ALA C 65 52.42 34.38 -23.33
N PRO C 66 52.02 33.72 -24.43
CA PRO C 66 51.16 32.54 -24.35
C PRO C 66 51.92 31.38 -23.75
N PRO C 67 51.20 30.43 -23.16
CA PRO C 67 51.84 29.27 -22.57
C PRO C 67 52.65 28.48 -23.60
N ALA C 68 52.15 28.40 -24.83
CA ALA C 68 52.85 27.65 -25.85
C ALA C 68 53.89 28.50 -26.55
N GLY C 69 53.99 29.76 -26.14
CA GLY C 69 54.95 30.67 -26.74
C GLY C 69 54.27 31.61 -27.70
N ILE C 70 54.96 32.67 -28.11
CA ILE C 70 54.38 33.65 -29.03
C ILE C 70 54.06 33.04 -30.39
N PRO C 71 52.94 33.45 -30.99
CA PRO C 71 52.52 32.95 -32.30
C PRO C 71 53.64 33.07 -33.32
N GLU C 72 54.17 34.28 -33.50
CA GLU C 72 55.24 34.51 -34.46
C GLU C 72 56.37 33.48 -34.41
N LEU C 73 56.75 33.09 -33.20
CA LEU C 73 57.83 32.12 -33.03
C LEU C 73 57.33 30.72 -33.35
N ARG C 74 56.11 30.40 -32.97
CA ARG C 74 55.55 29.08 -33.25
C ARG C 74 55.48 28.96 -34.77
N GLU C 75 54.96 30.00 -35.41
CA GLU C 75 54.83 30.05 -36.87
C GLU C 75 56.20 29.82 -37.51
N ALA C 76 57.18 30.59 -37.06
CA ALA C 76 58.54 30.50 -37.56
C ALA C 76 59.21 29.17 -37.22
N LEU C 77 58.74 28.56 -36.14
CA LEU C 77 59.25 27.30 -35.62
C LEU C 77 58.78 26.25 -36.61
N ALA C 78 57.46 26.21 -36.83
CA ALA C 78 56.84 25.27 -37.77
C ALA C 78 57.65 25.27 -39.06
N GLU C 79 58.09 26.45 -39.45
CA GLU C 79 58.87 26.62 -40.67
C GLU C 79 60.24 25.96 -40.69
N LYS C 80 60.98 26.15 -39.61
CA LYS C 80 62.31 25.59 -39.50
C LYS C 80 62.24 24.07 -39.58
N PHE C 81 61.37 23.47 -38.77
CA PHE C 81 61.23 22.02 -38.75
C PHE C 81 60.90 21.44 -40.12
N ARG C 82 60.31 22.28 -40.96
CA ARG C 82 59.96 21.90 -42.32
C ARG C 82 61.23 22.04 -43.14
N ARG C 83 61.53 23.29 -43.50
CA ARG C 83 62.68 23.68 -44.30
C ARG C 83 63.90 22.79 -44.09
N GLU C 84 64.43 22.82 -42.88
CA GLU C 84 65.59 22.04 -42.51
C GLU C 84 65.37 20.56 -42.25
N ASN C 85 64.17 20.21 -41.73
CA ASN C 85 63.89 18.82 -41.38
C ASN C 85 62.94 17.86 -42.11
N GLY C 86 62.06 18.40 -42.94
CA GLY C 86 61.14 17.55 -43.65
C GLY C 86 59.94 17.16 -42.80
N LEU C 87 59.87 17.73 -41.60
CA LEU C 87 58.77 17.48 -40.66
C LEU C 87 57.72 18.43 -41.24
N SER C 88 56.49 17.95 -41.30
CA SER C 88 55.40 18.72 -41.85
C SER C 88 54.40 18.99 -40.75
N VAL C 89 54.79 19.89 -39.84
CA VAL C 89 53.97 20.28 -38.71
C VAL C 89 53.37 21.62 -39.00
N THR C 90 52.33 21.98 -38.27
CA THR C 90 51.71 23.27 -38.45
C THR C 90 52.09 23.93 -37.11
N PRO C 91 51.89 25.26 -36.99
CA PRO C 91 52.22 26.00 -35.76
C PRO C 91 51.62 25.50 -34.44
N GLU C 92 50.41 24.93 -34.44
CA GLU C 92 49.89 24.41 -33.17
C GLU C 92 50.29 23.02 -32.69
N GLU C 93 51.25 22.43 -33.41
CA GLU C 93 51.80 21.10 -33.12
C GLU C 93 53.25 21.47 -32.87
N THR C 94 53.46 22.74 -32.55
CA THR C 94 54.78 23.28 -32.30
C THR C 94 54.62 23.97 -30.94
N ILE C 95 55.66 23.92 -30.12
CA ILE C 95 55.67 24.55 -28.80
C ILE C 95 57.05 25.06 -28.41
N VAL C 96 57.09 26.19 -27.72
CA VAL C 96 58.37 26.76 -27.29
C VAL C 96 58.49 26.79 -25.75
N THR C 97 59.27 25.86 -25.26
CA THR C 97 59.54 25.65 -23.85
C THR C 97 60.64 26.55 -23.30
N VAL C 98 60.94 26.41 -22.01
CA VAL C 98 62.00 27.18 -21.35
C VAL C 98 63.25 26.30 -21.45
N GLY C 99 63.72 26.11 -22.69
CA GLY C 99 64.89 25.30 -22.93
C GLY C 99 64.54 23.88 -23.35
N GLY C 100 65.50 23.19 -23.95
CA GLY C 100 65.28 21.83 -24.38
C GLY C 100 65.03 20.92 -23.19
N SER C 101 65.43 21.38 -22.00
CA SER C 101 65.25 20.65 -20.74
C SER C 101 63.78 20.69 -20.33
N GLN C 102 63.15 21.86 -20.44
CA GLN C 102 61.75 22.00 -20.08
C GLN C 102 60.87 21.21 -21.05
N ALA C 103 61.36 21.00 -22.27
CA ALA C 103 60.60 20.26 -23.27
C ALA C 103 60.65 18.79 -22.84
N LEU C 104 61.85 18.25 -22.66
CA LEU C 104 62.00 16.87 -22.25
C LEU C 104 61.27 16.59 -20.93
N PHE C 105 61.31 17.55 -20.02
CA PHE C 105 60.64 17.42 -18.73
C PHE C 105 59.15 17.38 -19.01
N ASN C 106 58.57 18.53 -19.34
CA ASN C 106 57.15 18.64 -19.66
C ASN C 106 56.58 17.51 -20.49
N LEU C 107 57.42 16.87 -21.29
CA LEU C 107 57.03 15.77 -22.18
C LEU C 107 56.63 14.56 -21.36
N PHE C 108 57.60 14.03 -20.63
CA PHE C 108 57.40 12.88 -19.79
C PHE C 108 56.28 13.05 -18.76
N GLN C 109 56.00 14.30 -18.38
CA GLN C 109 54.93 14.59 -17.41
C GLN C 109 53.58 14.41 -18.10
N ALA C 110 53.59 14.51 -19.43
CA ALA C 110 52.38 14.38 -20.27
C ALA C 110 52.08 12.96 -20.71
N ILE C 111 53.11 12.20 -21.06
CA ILE C 111 52.92 10.81 -21.46
C ILE C 111 53.08 10.05 -20.13
N LEU C 112 54.26 9.50 -19.83
CA LEU C 112 54.51 8.79 -18.57
C LEU C 112 53.64 8.74 -17.33
N ASP C 113 53.06 7.57 -17.10
CA ASP C 113 52.24 7.32 -15.92
C ASP C 113 53.11 6.33 -15.14
N PRO C 114 52.98 6.29 -13.81
CA PRO C 114 53.75 5.40 -12.94
C PRO C 114 53.87 3.95 -13.44
N GLY C 115 55.10 3.44 -13.46
CA GLY C 115 55.33 2.09 -13.91
C GLY C 115 55.56 1.99 -15.41
N ASP C 116 55.28 3.07 -16.15
CA ASP C 116 55.47 3.06 -17.60
C ASP C 116 56.98 3.05 -17.83
N GLU C 117 57.40 2.19 -18.75
CA GLU C 117 58.82 2.05 -19.06
C GLU C 117 59.28 2.92 -20.22
N VAL C 118 60.47 3.48 -20.11
CA VAL C 118 61.03 4.30 -21.17
C VAL C 118 62.39 3.69 -21.51
N ILE C 119 62.54 3.19 -22.74
CA ILE C 119 63.79 2.59 -23.16
C ILE C 119 64.76 3.75 -23.38
N VAL C 120 66.00 3.60 -22.90
CA VAL C 120 67.02 4.63 -23.00
C VAL C 120 68.31 3.92 -23.37
N LEU C 121 69.00 4.40 -24.40
CA LEU C 121 70.24 3.78 -24.81
C LEU C 121 71.56 4.34 -24.27
N SER C 122 72.32 3.50 -23.57
CA SER C 122 73.62 3.91 -23.01
C SER C 122 74.84 3.63 -23.91
N PRO C 123 75.91 4.43 -23.80
CA PRO C 123 76.10 5.59 -22.92
C PRO C 123 75.07 6.68 -23.22
N TYR C 124 74.50 7.24 -22.17
CA TYR C 124 73.47 8.25 -22.30
C TYR C 124 73.64 9.51 -21.49
N TRP C 125 73.02 10.59 -21.98
CA TRP C 125 73.08 11.86 -21.28
C TRP C 125 72.45 11.83 -19.90
N VAL C 126 73.28 12.15 -18.91
CA VAL C 126 72.90 12.20 -17.50
C VAL C 126 71.46 12.37 -17.05
N SER C 127 70.78 13.37 -17.60
CA SER C 127 69.43 13.63 -17.17
C SER C 127 68.19 12.89 -17.63
N TYR C 128 68.30 12.17 -18.75
CA TYR C 128 67.17 11.41 -19.29
C TYR C 128 66.52 10.55 -18.21
N PRO C 129 67.29 9.66 -17.56
CA PRO C 129 66.72 8.82 -16.53
C PRO C 129 66.30 9.60 -15.29
N GLU C 130 67.02 10.67 -14.94
CA GLU C 130 66.67 11.45 -13.76
C GLU C 130 65.25 11.98 -13.79
N MET C 131 64.85 12.45 -14.97
CA MET C 131 63.52 13.00 -15.19
C MET C 131 62.45 12.02 -15.67
N VAL C 132 62.87 10.88 -16.24
CA VAL C 132 61.96 9.83 -16.72
C VAL C 132 61.42 9.42 -15.35
N ARG C 133 62.33 9.02 -14.47
CA ARG C 133 62.01 8.61 -13.11
C ARG C 133 61.25 9.61 -12.25
N PHE C 134 61.58 10.89 -12.37
CA PHE C 134 60.92 11.92 -11.57
C PHE C 134 59.39 11.87 -11.86
N ALA C 135 59.02 11.60 -13.11
CA ALA C 135 57.61 11.51 -13.52
C ALA C 135 56.93 10.21 -13.07
N GLY C 136 57.72 9.20 -12.74
CA GLY C 136 57.17 7.93 -12.32
C GLY C 136 57.48 6.86 -13.34
N GLY C 137 58.46 7.14 -14.18
CA GLY C 137 58.83 6.19 -15.22
C GLY C 137 59.70 5.06 -14.72
N VAL C 138 60.21 4.27 -15.66
CA VAL C 138 61.05 3.12 -15.34
C VAL C 138 62.06 3.04 -16.47
N VAL C 139 63.29 3.42 -16.19
CA VAL C 139 64.34 3.39 -17.20
C VAL C 139 64.63 1.94 -17.48
N VAL C 140 64.63 1.59 -18.77
CA VAL C 140 64.92 0.24 -19.22
C VAL C 140 66.03 0.64 -20.18
N GLU C 141 67.27 0.28 -19.87
CA GLU C 141 68.38 0.64 -20.74
C GLU C 141 69.09 -0.36 -21.67
N VAL C 142 69.42 0.09 -22.87
CA VAL C 142 70.10 -0.75 -23.86
C VAL C 142 71.48 -0.21 -24.17
N GLU C 143 72.49 -1.06 -23.99
CA GLU C 143 73.85 -0.66 -24.26
C GLU C 143 74.19 -0.62 -25.74
N THR C 144 75.18 0.19 -26.09
CA THR C 144 75.62 0.33 -27.47
C THR C 144 77.11 0.13 -27.31
N LEU C 145 77.66 -0.82 -28.05
CA LEU C 145 79.08 -1.11 -27.99
C LEU C 145 79.96 -0.11 -28.73
N PRO C 146 81.12 0.24 -28.17
CA PRO C 146 82.05 1.19 -28.80
C PRO C 146 82.65 0.56 -30.06
N GLU C 147 82.76 -0.77 -30.06
CA GLU C 147 83.29 -1.50 -31.21
C GLU C 147 82.37 -1.28 -32.40
N GLU C 148 81.06 -1.30 -32.13
CA GLU C 148 80.07 -1.06 -33.16
C GLU C 148 79.84 0.46 -33.17
N GLY C 149 80.89 1.21 -32.86
CA GLY C 149 80.85 2.68 -32.84
C GLY C 149 79.69 3.39 -32.16
N PHE C 150 79.27 2.87 -31.02
CA PHE C 150 78.15 3.46 -30.27
C PHE C 150 76.79 3.68 -30.92
N VAL C 151 76.58 3.08 -32.09
CA VAL C 151 75.27 3.22 -32.76
C VAL C 151 74.40 2.03 -32.38
N PRO C 152 73.13 2.32 -32.03
CA PRO C 152 72.18 1.28 -31.63
C PRO C 152 71.98 0.17 -32.66
N ASP C 153 71.71 -1.04 -32.17
CA ASP C 153 71.47 -2.21 -33.01
C ASP C 153 69.97 -2.42 -32.78
N PRO C 154 69.16 -2.09 -33.78
CA PRO C 154 67.69 -2.21 -33.76
C PRO C 154 67.15 -3.53 -33.22
N GLU C 155 67.75 -4.64 -33.67
CA GLU C 155 67.34 -5.97 -33.26
C GLU C 155 67.20 -6.09 -31.75
N ARG C 156 68.23 -5.69 -31.03
CA ARG C 156 68.19 -5.77 -29.57
C ARG C 156 67.42 -4.68 -28.85
N VAL C 157 67.24 -3.55 -29.53
CA VAL C 157 66.48 -2.45 -28.96
C VAL C 157 65.05 -3.04 -29.01
N ARG C 158 64.82 -3.91 -29.97
CA ARG C 158 63.52 -4.56 -30.14
C ARG C 158 63.28 -5.42 -28.92
N ARG C 159 64.23 -6.30 -28.62
CA ARG C 159 64.08 -7.17 -27.46
C ARG C 159 64.23 -6.55 -26.06
N ALA C 160 63.69 -5.34 -25.90
CA ALA C 160 63.71 -4.61 -24.65
C ALA C 160 62.30 -4.04 -24.53
N ILE C 161 61.51 -4.20 -25.60
CA ILE C 161 60.13 -3.71 -25.64
C ILE C 161 59.27 -4.70 -24.87
N THR C 162 58.39 -4.17 -24.04
CA THR C 162 57.49 -4.98 -23.22
C THR C 162 56.20 -4.18 -23.33
N PRO C 163 55.07 -4.79 -22.96
CA PRO C 163 53.78 -4.10 -23.01
C PRO C 163 53.66 -2.91 -22.05
N ARG C 164 54.72 -2.65 -21.29
CA ARG C 164 54.70 -1.54 -20.36
C ARG C 164 55.43 -0.41 -21.08
N THR C 165 56.26 -0.76 -22.06
CA THR C 165 57.03 0.19 -22.86
C THR C 165 56.22 1.29 -23.54
N LYS C 166 56.45 2.54 -23.11
CA LYS C 166 55.73 3.69 -23.64
C LYS C 166 56.50 4.72 -24.48
N ALA C 167 57.82 4.72 -24.35
CA ALA C 167 58.63 5.67 -25.10
C ALA C 167 60.03 5.12 -25.33
N LEU C 168 60.66 5.59 -26.39
CA LEU C 168 62.02 5.18 -26.74
C LEU C 168 62.64 6.56 -26.89
N VAL C 169 63.91 6.71 -26.56
CA VAL C 169 64.56 8.00 -26.70
C VAL C 169 65.88 7.84 -27.43
N VAL C 170 65.94 8.42 -28.62
CA VAL C 170 67.12 8.34 -29.45
C VAL C 170 67.71 9.74 -29.58
N ASN C 171 69.02 9.85 -29.40
CA ASN C 171 69.72 11.12 -29.48
C ASN C 171 70.98 11.08 -30.37
N SER C 172 70.83 11.63 -31.57
CA SER C 172 71.90 11.67 -32.56
C SER C 172 71.71 13.10 -33.07
N PRO C 173 72.77 13.94 -33.00
CA PRO C 173 74.11 13.65 -32.47
C PRO C 173 74.13 13.27 -30.99
N ASN C 174 74.82 12.18 -30.71
CA ASN C 174 74.95 11.64 -29.37
C ASN C 174 75.82 12.40 -28.37
N ASN C 175 75.29 12.57 -27.17
CA ASN C 175 75.97 13.27 -26.07
C ASN C 175 75.80 12.07 -25.15
N PRO C 176 76.90 11.56 -24.53
CA PRO C 176 78.32 11.95 -24.54
C PRO C 176 79.25 11.29 -25.58
N THR C 177 78.73 10.44 -26.45
CA THR C 177 79.61 9.78 -27.41
C THR C 177 79.91 10.44 -28.75
N GLY C 178 79.16 11.49 -29.07
CA GLY C 178 79.38 12.25 -30.29
C GLY C 178 79.00 11.55 -31.57
N ALA C 179 78.55 10.30 -31.46
CA ALA C 179 78.14 9.51 -32.62
C ALA C 179 76.93 10.14 -33.32
N VAL C 180 76.75 9.81 -34.60
CA VAL C 180 75.63 10.34 -35.37
C VAL C 180 75.14 9.07 -36.08
N TYR C 181 73.93 8.66 -35.71
CA TYR C 181 73.34 7.44 -36.27
C TYR C 181 72.92 7.58 -37.74
N PRO C 182 73.17 6.52 -38.58
CA PRO C 182 72.85 6.46 -40.00
C PRO C 182 71.36 6.65 -40.23
N LYS C 183 70.99 7.14 -41.40
CA LYS C 183 69.59 7.37 -41.72
C LYS C 183 68.72 6.16 -41.44
N GLU C 184 69.16 4.99 -41.94
CA GLU C 184 68.42 3.73 -41.76
C GLU C 184 68.38 2.98 -40.42
N VAL C 185 68.81 3.65 -39.36
CA VAL C 185 68.78 3.08 -38.03
C VAL C 185 67.70 3.96 -37.40
N LEU C 186 67.74 5.26 -37.68
CA LEU C 186 66.75 6.20 -37.15
C LEU C 186 65.47 5.71 -37.83
N GLU C 187 65.63 5.20 -39.05
CA GLU C 187 64.52 4.67 -39.82
C GLU C 187 64.03 3.51 -38.96
N ALA C 188 64.89 2.51 -38.80
CA ALA C 188 64.59 1.31 -38.04
C ALA C 188 63.90 1.47 -36.70
N LEU C 189 64.51 2.28 -35.83
CA LEU C 189 63.96 2.52 -34.50
C LEU C 189 62.60 3.20 -34.61
N ALA C 190 62.47 4.16 -35.53
CA ALA C 190 61.22 4.88 -35.70
C ALA C 190 60.12 3.90 -36.07
N ARG C 191 60.49 2.87 -36.84
CA ARG C 191 59.56 1.86 -37.26
C ARG C 191 59.06 0.96 -36.14
N LEU C 192 59.91 0.68 -35.16
CA LEU C 192 59.51 -0.15 -34.03
C LEU C 192 58.48 0.65 -33.22
N ALA C 193 58.75 1.95 -33.08
CA ALA C 193 57.87 2.86 -32.36
C ALA C 193 56.44 2.77 -32.90
N VAL C 194 56.34 2.58 -34.22
CA VAL C 194 55.05 2.46 -34.93
C VAL C 194 54.43 1.09 -34.78
N GLU C 195 55.26 0.08 -35.07
CA GLU C 195 54.93 -1.33 -35.02
C GLU C 195 54.48 -1.89 -33.67
N HIS C 196 55.01 -1.32 -32.60
CA HIS C 196 54.68 -1.74 -31.24
C HIS C 196 53.89 -0.64 -30.54
N ASP C 197 53.58 0.41 -31.29
CA ASP C 197 52.83 1.56 -30.78
C ASP C 197 53.23 2.19 -29.44
N PHE C 198 54.18 3.11 -29.51
CA PHE C 198 54.68 3.83 -28.37
C PHE C 198 55.41 5.01 -28.99
N TYR C 199 55.52 6.09 -28.24
CA TYR C 199 56.20 7.29 -28.72
C TYR C 199 57.69 7.12 -28.99
N LEU C 200 58.25 8.01 -29.80
CA LEU C 200 59.67 7.95 -30.10
C LEU C 200 60.00 9.40 -29.75
N VAL C 201 60.97 9.59 -28.88
CA VAL C 201 61.38 10.92 -28.44
C VAL C 201 62.77 11.12 -29.03
N SER C 202 62.87 12.03 -29.99
CA SER C 202 64.13 12.34 -30.65
C SER C 202 64.69 13.67 -30.13
N ASP C 203 65.87 13.63 -29.53
CA ASP C 203 66.46 14.86 -29.00
C ASP C 203 67.46 15.29 -30.06
N GLU C 204 66.99 16.02 -31.06
CA GLU C 204 67.88 16.47 -32.10
C GLU C 204 68.96 17.50 -31.80
N ILE C 205 68.54 18.63 -31.22
CA ILE C 205 69.43 19.73 -30.80
C ILE C 205 70.83 20.00 -31.36
N TYR C 206 71.68 18.98 -31.32
CA TYR C 206 73.05 19.05 -31.84
C TYR C 206 73.11 18.88 -33.34
N GLU C 207 71.94 18.86 -33.97
CA GLU C 207 71.86 18.69 -35.41
C GLU C 207 72.85 19.47 -36.24
N HIS C 208 73.03 20.75 -35.90
CA HIS C 208 73.95 21.63 -36.63
C HIS C 208 75.45 21.54 -36.48
N LEU C 209 75.91 20.80 -35.47
CA LEU C 209 77.34 20.64 -35.20
C LEU C 209 77.48 19.22 -35.75
N LEU C 210 77.62 19.12 -37.06
CA LEU C 210 77.73 17.84 -37.71
C LEU C 210 78.91 17.97 -38.65
N TYR C 211 79.98 17.29 -38.29
CA TYR C 211 81.22 17.33 -39.07
C TYR C 211 81.19 16.36 -40.25
N GLU C 212 80.67 15.16 -40.03
CA GLU C 212 80.60 14.20 -41.13
C GLU C 212 79.58 13.10 -41.07
N GLY C 213 78.51 13.35 -41.79
CA GLY C 213 77.39 12.45 -41.90
C GLY C 213 76.21 13.28 -42.36
N GLU C 214 75.02 12.73 -42.26
CA GLU C 214 73.82 13.44 -42.66
C GLU C 214 72.79 13.30 -41.55
N HIS C 215 72.28 14.43 -41.07
CA HIS C 215 71.29 14.40 -39.99
C HIS C 215 69.88 14.09 -40.47
N PHE C 216 69.42 12.91 -40.10
CA PHE C 216 68.09 12.42 -40.44
C PHE C 216 67.14 12.49 -39.26
N SER C 217 65.90 12.94 -39.50
CA SER C 217 64.90 13.04 -38.45
C SER C 217 63.93 11.88 -38.71
N PRO C 218 63.50 11.19 -37.63
CA PRO C 218 62.56 10.06 -37.77
C PRO C 218 61.11 10.52 -37.87
N GLY C 219 60.86 11.79 -37.56
CA GLY C 219 59.51 12.33 -37.63
C GLY C 219 59.06 12.41 -39.07
N ARG C 220 60.01 12.17 -39.97
CA ARG C 220 59.79 12.17 -41.41
C ARG C 220 59.04 10.86 -41.51
N VAL C 221 59.64 9.80 -40.96
CA VAL C 221 59.11 8.44 -40.96
C VAL C 221 57.90 8.00 -40.13
N ALA C 222 57.81 8.47 -38.89
CA ALA C 222 56.71 8.10 -37.99
C ALA C 222 56.21 9.37 -37.31
N PRO C 223 55.56 10.28 -38.07
CA PRO C 223 55.01 11.56 -37.60
C PRO C 223 53.93 11.53 -36.52
N GLU C 224 53.20 10.44 -36.40
CA GLU C 224 52.16 10.37 -35.41
C GLU C 224 52.62 9.72 -34.10
N HIS C 225 53.91 9.37 -34.06
CA HIS C 225 54.56 8.72 -32.92
C HIS C 225 55.73 9.51 -32.36
N THR C 226 56.57 10.03 -33.24
CA THR C 226 57.76 10.79 -32.84
C THR C 226 57.42 12.12 -32.16
N LEU C 227 58.37 12.61 -31.37
CA LEU C 227 58.23 13.86 -30.66
C LEU C 227 59.64 14.35 -30.91
N THR C 228 59.75 15.41 -31.69
CA THR C 228 61.05 15.97 -32.03
C THR C 228 61.43 17.19 -31.20
N VAL C 229 62.41 17.00 -30.32
CA VAL C 229 62.90 18.03 -29.41
C VAL C 229 64.21 18.69 -29.84
N ASN C 230 64.22 20.02 -29.85
CA ASN C 230 65.40 20.76 -30.27
C ASN C 230 65.46 22.04 -29.44
N GLY C 231 66.41 22.91 -29.76
CA GLY C 231 66.54 24.16 -29.03
C GLY C 231 67.55 25.12 -29.61
N ALA C 232 67.45 26.38 -29.20
CA ALA C 232 68.35 27.43 -29.66
C ALA C 232 69.75 27.34 -29.09
N ALA C 233 69.85 26.99 -27.81
CA ALA C 233 71.12 26.87 -27.11
C ALA C 233 72.46 26.51 -27.80
N LYS C 234 72.63 25.25 -28.19
CA LYS C 234 73.88 24.82 -28.82
C LYS C 234 74.24 25.27 -30.22
N ALA C 235 73.25 25.48 -31.06
CA ALA C 235 73.52 25.96 -32.42
C ALA C 235 73.94 27.42 -32.37
N PHE C 236 73.06 28.25 -31.82
CA PHE C 236 73.26 29.70 -31.69
C PHE C 236 73.98 30.28 -30.47
N ALA C 237 74.75 29.45 -29.77
CA ALA C 237 75.48 29.89 -28.57
C ALA C 237 74.56 30.55 -27.55
N MET C 238 73.28 30.18 -27.62
CA MET C 238 72.23 30.69 -26.74
C MET C 238 71.84 29.97 -25.44
N THR C 239 72.77 29.23 -24.84
CA THR C 239 72.47 28.50 -23.61
C THR C 239 71.80 29.30 -22.51
N GLY C 240 72.46 30.36 -22.05
CA GLY C 240 71.92 31.18 -20.98
C GLY C 240 70.57 31.79 -21.26
N TRP C 241 70.22 31.87 -22.54
CA TRP C 241 68.95 32.43 -22.98
C TRP C 241 67.72 31.62 -22.62
N ARG C 242 67.94 30.35 -22.32
CA ARG C 242 66.86 29.44 -21.95
C ARG C 242 65.68 29.32 -22.89
N ILE C 243 65.95 28.87 -24.11
CA ILE C 243 64.89 28.67 -25.11
C ILE C 243 65.03 27.38 -25.92
N GLY C 244 64.00 26.53 -25.80
CA GLY C 244 63.96 25.27 -26.50
C GLY C 244 62.61 25.11 -27.16
N TYR C 245 62.49 24.13 -28.04
CA TYR C 245 61.23 23.90 -28.75
C TYR C 245 61.01 22.48 -29.21
N ALA C 246 59.77 22.15 -29.56
CA ALA C 246 59.42 20.82 -30.02
C ALA C 246 58.21 20.76 -30.92
N CYS C 247 57.98 19.60 -31.53
CA CYS C 247 56.86 19.40 -32.43
C CYS C 247 56.47 17.92 -32.47
N GLY C 248 55.20 17.68 -32.82
CA GLY C 248 54.70 16.33 -32.90
C GLY C 248 53.19 16.29 -32.84
N PRO C 249 52.60 15.15 -32.43
CA PRO C 249 51.17 14.98 -32.33
C PRO C 249 50.52 16.09 -31.53
N LYS C 250 49.74 16.92 -32.22
CA LYS C 250 49.02 18.03 -31.63
C LYS C 250 48.58 17.80 -30.17
N GLU C 251 47.99 16.63 -29.88
CA GLU C 251 47.52 16.29 -28.53
C GLU C 251 48.54 16.23 -27.41
N VAL C 252 49.75 15.80 -27.73
CA VAL C 252 50.80 15.72 -26.73
C VAL C 252 51.58 17.04 -26.64
N ILE C 253 51.54 17.82 -27.73
CA ILE C 253 52.20 19.13 -27.83
C ILE C 253 51.19 20.17 -27.34
N LYS C 254 50.26 19.73 -26.50
CA LYS C 254 49.24 20.62 -25.94
C LYS C 254 49.09 20.12 -24.50
N ALA C 255 49.43 18.86 -24.29
CA ALA C 255 49.37 18.22 -22.99
C ALA C 255 50.46 19.05 -22.36
N MET C 256 51.59 19.08 -23.07
CA MET C 256 52.79 19.83 -22.72
C MET C 256 52.56 21.29 -22.41
N ALA C 257 51.86 21.97 -23.31
CA ALA C 257 51.58 23.39 -23.12
C ALA C 257 50.81 23.68 -21.84
N SER C 258 49.96 22.75 -21.41
CA SER C 258 49.20 22.98 -20.20
C SER C 258 50.01 22.81 -18.94
N VAL C 259 51.08 22.01 -19.01
CA VAL C 259 51.96 21.79 -17.86
C VAL C 259 52.74 23.09 -17.79
N SER C 260 53.22 23.52 -18.96
CA SER C 260 54.00 24.74 -19.12
C SER C 260 53.27 25.92 -18.47
N ARG C 261 51.97 26.00 -18.70
CA ARG C 261 51.16 27.07 -18.14
C ARG C 261 51.24 27.06 -16.64
N GLN C 262 51.37 25.86 -16.08
CA GLN C 262 51.41 25.71 -14.65
C GLN C 262 52.72 25.54 -13.90
N SER C 263 53.78 25.25 -14.62
CA SER C 263 55.08 25.10 -13.99
C SER C 263 55.67 26.49 -14.17
N THR C 264 55.92 26.88 -15.42
CA THR C 264 56.51 28.18 -15.71
C THR C 264 55.70 29.41 -16.14
N THR C 265 54.48 29.16 -16.61
CA THR C 265 53.53 30.16 -17.10
C THR C 265 53.82 30.51 -18.55
N SER C 266 55.11 30.49 -18.89
CA SER C 266 55.65 30.74 -20.22
C SER C 266 57.06 31.33 -20.10
N PRO C 267 57.92 31.01 -21.06
CA PRO C 267 59.31 31.48 -21.12
C PRO C 267 59.42 33.00 -21.24
N ASP C 268 60.61 33.50 -20.94
CA ASP C 268 60.90 34.91 -20.98
C ASP C 268 60.64 35.54 -22.36
N THR C 269 59.60 36.37 -22.42
CA THR C 269 59.21 37.06 -23.66
C THR C 269 60.32 37.60 -24.55
N ILE C 270 61.24 38.35 -23.94
CA ILE C 270 62.36 38.94 -24.65
C ILE C 270 63.14 37.89 -25.47
N ALA C 271 63.47 36.77 -24.83
CA ALA C 271 64.20 35.72 -25.52
C ALA C 271 63.46 35.08 -26.68
N GLN C 272 62.15 35.22 -26.71
CA GLN C 272 61.35 34.64 -27.78
C GLN C 272 61.63 35.48 -29.01
N TRP C 273 61.39 36.79 -28.90
CA TRP C 273 61.62 37.73 -30.00
C TRP C 273 63.08 37.72 -30.46
N ALA C 274 63.97 37.31 -29.58
CA ALA C 274 65.38 37.23 -29.91
C ALA C 274 65.55 35.99 -30.76
N THR C 275 64.92 34.87 -30.33
CA THR C 275 65.03 33.61 -31.06
C THR C 275 64.38 33.72 -32.44
N LEU C 276 63.24 34.39 -32.49
CA LEU C 276 62.47 34.60 -33.72
C LEU C 276 63.35 35.20 -34.80
N GLU C 277 64.35 35.96 -34.37
CA GLU C 277 65.30 36.59 -35.27
C GLU C 277 66.29 35.53 -35.77
N ALA C 278 66.88 34.76 -34.86
CA ALA C 278 67.84 33.71 -35.22
C ALA C 278 67.27 32.66 -36.17
N LEU C 279 65.95 32.49 -36.11
CA LEU C 279 65.27 31.54 -36.97
C LEU C 279 64.88 32.15 -38.31
N THR C 280 64.39 33.40 -38.29
CA THR C 280 63.97 34.09 -39.51
C THR C 280 65.04 34.72 -40.38
N ASN C 281 66.13 35.14 -39.75
CA ASN C 281 67.21 35.78 -40.47
C ASN C 281 68.19 34.70 -40.91
N GLN C 282 67.83 33.94 -41.95
CA GLN C 282 68.71 32.88 -42.42
C GLN C 282 70.13 33.36 -42.63
N GLU C 283 70.33 34.12 -43.71
CA GLU C 283 71.63 34.67 -44.08
C GLU C 283 72.67 35.04 -43.03
N ALA C 284 72.19 35.48 -41.87
CA ALA C 284 73.06 35.89 -40.78
C ALA C 284 73.41 34.66 -39.97
N SER C 285 72.39 33.93 -39.54
CA SER C 285 72.54 32.71 -38.75
C SER C 285 73.30 31.59 -39.46
N ARG C 286 73.00 31.39 -40.74
CA ARG C 286 73.65 30.36 -41.54
C ARG C 286 75.17 30.53 -41.41
N ALA C 287 75.62 31.78 -41.31
CA ALA C 287 77.04 32.08 -41.20
C ALA C 287 77.68 31.79 -39.87
N PHE C 288 76.99 32.13 -38.79
CA PHE C 288 77.53 31.88 -37.46
C PHE C 288 77.72 30.38 -37.26
N VAL C 289 76.71 29.61 -37.68
CA VAL C 289 76.74 28.17 -37.60
C VAL C 289 77.94 27.70 -38.41
N GLU C 290 77.95 28.04 -39.70
CA GLU C 290 79.05 27.64 -40.55
C GLU C 290 80.40 27.90 -39.90
N MET C 291 80.55 29.05 -39.26
CA MET C 291 81.80 29.42 -38.61
C MET C 291 82.08 28.48 -37.45
N ALA C 292 81.12 28.38 -36.54
CA ALA C 292 81.21 27.54 -35.34
C ALA C 292 81.58 26.10 -35.65
N ARG C 293 80.95 25.50 -36.66
CA ARG C 293 81.29 24.13 -36.99
C ARG C 293 82.73 23.82 -37.41
N GLU C 294 83.25 24.55 -38.39
CA GLU C 294 84.62 24.34 -38.85
C GLU C 294 85.51 24.66 -37.65
N ALA C 295 85.02 25.49 -36.74
CA ALA C 295 85.79 25.85 -35.56
C ALA C 295 85.91 24.56 -34.75
N TYR C 296 84.77 24.02 -34.30
CA TYR C 296 84.74 22.78 -33.53
C TYR C 296 85.39 21.62 -34.23
N ARG C 297 85.33 21.60 -35.56
CA ARG C 297 85.93 20.51 -36.32
C ARG C 297 87.43 20.35 -36.10
N ARG C 298 88.13 21.48 -36.06
CA ARG C 298 89.58 21.47 -35.86
C ARG C 298 90.02 21.17 -34.43
N ARG C 299 89.30 21.70 -33.45
CA ARG C 299 89.61 21.46 -32.04
C ARG C 299 89.38 19.96 -31.88
N ARG C 300 88.28 19.49 -32.49
CA ARG C 300 87.86 18.09 -32.47
C ARG C 300 89.08 17.30 -32.89
N ASP C 301 89.74 17.77 -33.94
CA ASP C 301 90.91 17.11 -34.46
C ASP C 301 92.23 17.38 -33.76
N LEU C 302 92.34 18.55 -33.13
CA LEU C 302 93.57 18.94 -32.43
C LEU C 302 93.50 18.32 -31.04
N LEU C 303 92.38 17.66 -30.73
CA LEU C 303 92.18 17.05 -29.42
C LEU C 303 92.49 15.59 -29.75
N LEU C 304 91.79 15.08 -30.76
CA LEU C 304 91.97 13.70 -31.19
C LEU C 304 93.39 13.27 -31.52
N GLU C 305 94.11 14.11 -32.27
CA GLU C 305 95.49 13.83 -32.65
C GLU C 305 96.41 13.70 -31.45
N GLY C 306 96.40 14.73 -30.61
CA GLY C 306 97.21 14.73 -29.42
C GLY C 306 96.85 13.62 -28.43
N LEU C 307 95.56 13.25 -28.41
CA LEU C 307 95.06 12.18 -27.53
C LEU C 307 95.61 10.85 -28.02
N THR C 308 95.48 10.63 -29.32
CA THR C 308 95.94 9.41 -29.94
C THR C 308 97.45 9.32 -29.92
N ALA C 309 98.11 10.45 -30.09
CA ALA C 309 99.57 10.49 -30.11
C ALA C 309 100.13 10.32 -28.70
N LEU C 310 99.30 10.54 -27.69
CA LEU C 310 99.71 10.40 -26.30
C LEU C 310 99.60 8.94 -25.92
N GLY C 311 98.68 8.25 -26.58
CA GLY C 311 98.45 6.85 -26.29
C GLY C 311 97.03 6.55 -25.84
N LEU C 312 96.39 7.50 -25.15
CA LEU C 312 95.02 7.30 -24.68
C LEU C 312 94.07 7.01 -25.85
N LYS C 313 93.05 6.20 -25.57
CA LYS C 313 92.06 5.80 -26.57
C LYS C 313 90.71 6.52 -26.57
N ALA C 314 90.25 6.91 -27.76
CA ALA C 314 88.95 7.58 -27.89
C ALA C 314 88.22 7.35 -29.19
N VAL C 315 86.89 7.49 -29.13
CA VAL C 315 86.01 7.31 -30.27
C VAL C 315 85.76 8.60 -31.04
N ARG C 316 86.34 8.66 -32.25
CA ARG C 316 86.23 9.78 -33.16
C ARG C 316 84.76 10.21 -33.36
N PRO C 317 84.32 11.27 -32.67
CA PRO C 317 82.94 11.72 -32.82
C PRO C 317 82.75 12.33 -34.20
N SER C 318 81.50 12.43 -34.64
CA SER C 318 81.19 13.02 -35.93
C SER C 318 80.33 14.26 -35.70
N GLY C 319 79.69 14.31 -34.54
CA GLY C 319 78.86 15.45 -34.20
C GLY C 319 78.93 15.79 -32.72
N ALA C 320 78.33 16.92 -32.36
CA ALA C 320 78.31 17.41 -30.97
C ALA C 320 79.76 17.77 -30.62
N PHE C 321 79.99 18.16 -29.37
CA PHE C 321 81.34 18.49 -28.98
C PHE C 321 81.89 17.78 -27.76
N TYR C 322 81.71 16.47 -27.76
CA TYR C 322 82.18 15.64 -26.65
C TYR C 322 83.01 14.51 -27.22
N VAL C 323 83.79 13.86 -26.35
CA VAL C 323 84.66 12.74 -26.74
C VAL C 323 84.73 11.92 -25.46
N LEU C 324 84.44 10.62 -25.61
CA LEU C 324 84.48 9.68 -24.49
C LEU C 324 85.88 9.09 -24.46
N MET C 325 86.69 9.52 -23.49
CA MET C 325 88.03 9.02 -23.38
C MET C 325 88.27 7.85 -22.45
N ASP C 326 89.02 6.88 -22.94
CA ASP C 326 89.35 5.68 -22.20
C ASP C 326 90.40 5.92 -21.12
N THR C 327 89.93 6.10 -19.88
CA THR C 327 90.80 6.30 -18.73
C THR C 327 91.58 5.06 -18.29
N SER C 328 91.32 3.93 -18.96
CA SER C 328 91.98 2.66 -18.67
C SER C 328 93.42 2.60 -18.16
N PRO C 329 94.31 3.44 -18.73
CA PRO C 329 95.70 3.43 -18.27
C PRO C 329 96.02 4.59 -17.34
N ILE C 330 95.09 5.53 -17.20
CA ILE C 330 95.27 6.71 -16.34
C ILE C 330 94.94 6.47 -14.87
N ALA C 331 94.42 5.27 -14.62
CA ALA C 331 94.01 4.82 -13.28
C ALA C 331 93.29 3.53 -13.66
N PRO C 332 92.73 2.81 -12.65
CA PRO C 332 92.02 1.58 -12.98
C PRO C 332 90.47 1.69 -13.04
N ASP C 333 89.92 2.80 -12.56
CA ASP C 333 88.46 3.02 -12.58
C ASP C 333 88.28 4.46 -13.08
N GLU C 334 87.07 4.83 -13.50
CA GLU C 334 86.86 6.19 -14.00
C GLU C 334 86.65 7.34 -13.00
N VAL C 335 86.68 7.04 -11.71
CA VAL C 335 86.47 8.06 -10.67
C VAL C 335 87.78 8.58 -10.08
N ARG C 336 88.72 7.66 -9.87
CA ARG C 336 90.04 8.00 -9.35
C ARG C 336 90.70 8.57 -10.61
N ALA C 337 90.42 7.93 -11.75
CA ALA C 337 90.97 8.39 -13.04
C ALA C 337 90.56 9.84 -13.26
N ALA C 338 89.51 10.26 -12.55
CA ALA C 338 89.02 11.63 -12.59
C ALA C 338 89.79 12.59 -11.70
N GLU C 339 90.07 12.19 -10.46
CA GLU C 339 90.82 13.02 -9.51
C GLU C 339 92.30 13.10 -9.92
N ARG C 340 92.82 11.99 -10.43
CA ARG C 340 94.21 11.87 -10.91
C ARG C 340 94.43 13.01 -11.90
N LEU C 341 93.39 13.34 -12.63
CA LEU C 341 93.42 14.42 -13.62
C LEU C 341 93.14 15.82 -13.11
N LEU C 342 92.36 15.95 -12.05
CA LEU C 342 92.09 17.28 -11.52
C LEU C 342 93.41 17.66 -10.83
N GLU C 343 94.24 16.65 -10.56
CA GLU C 343 95.52 16.86 -9.92
C GLU C 343 96.47 17.53 -10.91
N ALA C 344 96.33 17.19 -12.18
CA ALA C 344 97.17 17.78 -13.21
C ALA C 344 96.45 19.05 -13.69
N GLY C 345 95.53 19.56 -12.88
CA GLY C 345 94.78 20.77 -13.23
C GLY C 345 93.96 20.66 -14.51
N VAL C 346 93.05 19.69 -14.56
CA VAL C 346 92.21 19.53 -15.73
C VAL C 346 90.94 18.80 -15.29
N ALA C 347 89.85 19.55 -15.27
CA ALA C 347 88.55 19.04 -14.88
C ALA C 347 87.80 18.32 -15.99
N VAL C 348 87.52 17.04 -15.77
CA VAL C 348 86.81 16.22 -16.73
C VAL C 348 85.54 15.78 -16.00
N VAL C 349 84.59 15.18 -16.72
CA VAL C 349 83.35 14.71 -16.11
C VAL C 349 83.36 13.20 -16.31
N PRO C 350 83.32 12.43 -15.21
CA PRO C 350 83.33 10.97 -15.18
C PRO C 350 82.17 10.32 -15.93
N GLY C 351 82.48 9.31 -16.73
CA GLY C 351 81.46 8.60 -17.49
C GLY C 351 80.45 7.84 -16.65
N THR C 352 80.66 7.80 -15.33
CA THR C 352 79.77 7.10 -14.40
C THR C 352 78.25 7.29 -14.54
N ASP C 353 77.81 8.55 -14.62
CA ASP C 353 76.41 8.91 -14.76
C ASP C 353 75.88 8.90 -16.19
N PHE C 354 76.66 8.29 -17.08
CA PHE C 354 76.33 8.15 -18.49
C PHE C 354 76.40 6.67 -18.78
N ALA C 355 76.66 5.87 -17.76
CA ALA C 355 76.78 4.43 -17.91
C ALA C 355 77.91 4.25 -18.92
N ALA C 356 78.88 5.16 -18.82
CA ALA C 356 80.04 5.19 -19.69
C ALA C 356 81.28 4.61 -19.04
N PHE C 357 81.09 4.02 -17.87
CA PHE C 357 82.16 3.35 -17.13
C PHE C 357 83.54 3.09 -17.76
N GLY C 358 84.59 3.55 -17.09
CA GLY C 358 85.96 3.38 -17.54
C GLY C 358 86.22 4.32 -18.70
N HIS C 359 85.56 5.47 -18.67
CA HIS C 359 85.67 6.49 -19.70
C HIS C 359 85.38 7.79 -18.94
N VAL C 360 85.78 8.92 -19.52
CA VAL C 360 85.52 10.21 -18.88
C VAL C 360 85.20 11.10 -20.08
N ARG C 361 84.34 12.09 -19.87
CA ARG C 361 83.96 13.00 -20.93
C ARG C 361 84.79 14.29 -21.08
N LEU C 362 85.46 14.38 -22.23
CA LEU C 362 86.29 15.53 -22.58
C LEU C 362 85.42 16.47 -23.40
N SER C 363 85.70 17.77 -23.32
CA SER C 363 84.93 18.75 -24.09
C SER C 363 85.59 19.86 -24.89
N TYR C 364 85.94 19.58 -26.13
CA TYR C 364 86.59 20.57 -26.99
C TYR C 364 85.81 21.82 -27.35
N ALA C 365 84.68 22.03 -26.70
CA ALA C 365 83.85 23.22 -26.96
C ALA C 365 84.46 24.46 -26.32
N THR C 366 85.64 24.27 -25.73
CA THR C 366 86.39 25.34 -25.09
C THR C 366 87.42 25.79 -26.14
N SER C 367 88.19 26.83 -25.82
CA SER C 367 89.20 27.35 -26.72
C SER C 367 90.25 26.36 -27.21
N GLU C 368 90.79 26.67 -28.39
CA GLU C 368 91.80 25.88 -29.05
C GLU C 368 93.06 25.74 -28.18
N GLU C 369 93.30 26.76 -27.35
CA GLU C 369 94.46 26.81 -26.47
C GLU C 369 94.37 26.08 -25.14
N ASN C 370 93.15 25.71 -24.77
CA ASN C 370 92.94 25.00 -23.53
C ASN C 370 93.14 23.54 -23.87
N LEU C 371 92.75 23.14 -25.07
CA LEU C 371 92.93 21.75 -25.48
C LEU C 371 94.45 21.60 -25.50
N ARG C 372 95.13 22.58 -26.06
CA ARG C 372 96.58 22.55 -26.16
C ARG C 372 97.23 22.55 -24.78
N LYS C 373 96.53 23.10 -23.79
CA LYS C 373 97.05 23.16 -22.42
C LYS C 373 96.71 21.88 -21.64
N ALA C 374 95.47 21.45 -21.79
CA ALA C 374 94.93 20.24 -21.17
C ALA C 374 95.65 19.02 -21.72
N LEU C 375 96.06 19.12 -22.98
CA LEU C 375 96.76 18.04 -23.65
C LEU C 375 98.18 17.99 -23.16
N GLU C 376 98.66 19.13 -22.67
CA GLU C 376 100.01 19.23 -22.13
C GLU C 376 99.96 18.51 -20.76
N ARG C 377 99.00 18.89 -19.92
CA ARG C 377 98.88 18.28 -18.61
C ARG C 377 98.56 16.76 -18.56
N PHE C 378 97.89 16.25 -19.58
CA PHE C 378 97.56 14.82 -19.66
C PHE C 378 98.95 14.22 -19.82
N ALA C 379 99.67 14.70 -20.83
CA ALA C 379 101.01 14.23 -21.14
C ALA C 379 101.93 13.95 -19.97
N ARG C 380 101.95 14.87 -19.02
CA ARG C 380 102.79 14.70 -17.86
C ARG C 380 102.25 13.58 -16.97
N VAL C 381 100.93 13.53 -16.77
CA VAL C 381 100.29 12.48 -15.94
C VAL C 381 100.80 11.08 -16.31
N LEU C 382 100.75 10.77 -17.60
CA LEU C 382 101.21 9.49 -18.11
C LEU C 382 102.71 9.27 -17.81
N MET D 1 52.26 1.68 -24.74
CA MET D 1 51.26 2.10 -25.76
C MET D 1 51.42 3.58 -26.09
N ARG D 2 50.31 4.32 -26.16
CA ARG D 2 50.34 5.75 -26.45
C ARG D 2 49.16 6.37 -25.71
N GLY D 3 49.27 7.65 -25.42
CA GLY D 3 48.21 8.34 -24.72
C GLY D 3 48.75 9.23 -23.62
N LEU D 4 47.89 10.09 -23.11
CA LEU D 4 48.29 10.99 -22.05
C LEU D 4 48.33 10.49 -20.62
N SER D 5 48.99 11.27 -19.76
CA SER D 5 49.17 10.96 -18.35
C SER D 5 47.85 11.32 -17.71
N ARG D 6 47.48 10.57 -16.68
CA ARG D 6 46.24 10.80 -15.96
C ARG D 6 46.36 12.22 -15.39
N ARG D 7 47.54 12.55 -14.87
CA ARG D 7 47.80 13.86 -14.25
C ARG D 7 47.50 15.11 -15.07
N VAL D 8 47.81 14.98 -16.36
CA VAL D 8 47.64 16.02 -17.35
C VAL D 8 46.22 16.07 -17.91
N GLN D 9 45.61 14.90 -18.10
CA GLN D 9 44.26 14.82 -18.61
C GLN D 9 43.44 15.41 -17.47
N ALA D 10 43.69 14.91 -16.26
CA ALA D 10 42.96 15.36 -15.07
C ALA D 10 42.90 16.85 -14.77
N MET D 11 43.79 17.60 -15.42
CA MET D 11 43.84 19.03 -15.18
C MET D 11 43.04 19.96 -16.09
N LYS D 12 42.39 20.91 -15.45
CA LYS D 12 41.56 21.88 -16.13
C LYS D 12 42.20 23.09 -16.79
N PRO D 13 41.59 23.56 -17.90
CA PRO D 13 42.05 24.72 -18.67
C PRO D 13 42.10 25.99 -17.83
N ASP D 14 42.60 27.07 -18.41
CA ASP D 14 42.70 28.29 -17.63
C ASP D 14 41.67 29.40 -17.69
N ALA D 15 41.02 29.63 -16.55
CA ALA D 15 39.98 30.66 -16.39
C ALA D 15 40.36 31.94 -17.14
N VAL D 16 41.56 32.42 -16.82
CA VAL D 16 42.08 33.63 -17.43
C VAL D 16 42.68 33.52 -18.84
N VAL D 17 43.25 32.38 -19.19
CA VAL D 17 43.79 32.22 -20.54
C VAL D 17 42.62 32.09 -21.54
N ALA D 18 41.45 31.72 -21.04
CA ALA D 18 40.24 31.55 -21.84
C ALA D 18 39.73 32.91 -22.27
N VAL D 19 39.35 33.73 -21.29
CA VAL D 19 38.82 35.07 -21.54
C VAL D 19 39.72 35.86 -22.47
N ASN D 20 41.01 35.61 -22.36
CA ASN D 20 41.97 36.30 -23.21
C ASN D 20 41.78 35.93 -24.65
N ALA D 21 41.79 34.63 -24.96
CA ALA D 21 41.60 34.18 -26.34
C ALA D 21 40.27 34.70 -26.89
N LYS D 22 39.19 34.42 -26.15
CA LYS D 22 37.85 34.84 -26.54
C LYS D 22 37.62 36.35 -26.57
N ALA D 23 38.71 37.11 -26.54
CA ALA D 23 38.62 38.56 -26.60
C ALA D 23 39.03 38.36 -28.07
N LEU D 24 40.32 38.44 -28.38
CA LEU D 24 40.79 38.29 -29.75
C LEU D 24 40.29 37.36 -30.86
N GLU D 25 39.13 37.75 -31.40
CA GLU D 25 38.37 37.12 -32.50
C GLU D 25 37.13 37.53 -31.74
N LEU D 26 36.86 38.84 -31.81
CA LEU D 26 35.73 39.53 -31.16
C LEU D 26 36.61 40.75 -31.26
N ARG D 27 37.70 40.78 -30.49
CA ARG D 27 38.62 41.90 -30.54
C ARG D 27 39.11 41.75 -31.99
N ARG D 28 39.56 40.56 -32.34
CA ARG D 28 40.07 40.28 -33.69
C ARG D 28 38.98 40.18 -34.76
N GLN D 29 38.13 41.20 -34.86
CA GLN D 29 37.04 41.19 -35.82
C GLN D 29 35.99 42.27 -35.52
N GLY D 30 36.43 43.52 -35.43
CA GLY D 30 35.51 44.61 -35.16
C GLY D 30 35.38 44.89 -33.67
N VAL D 31 34.69 44.01 -32.97
CA VAL D 31 34.42 44.13 -31.53
C VAL D 31 35.49 44.55 -30.53
N ASP D 32 35.63 45.86 -30.29
CA ASP D 32 36.62 46.32 -29.35
C ASP D 32 35.82 46.16 -28.05
N LEU D 33 36.47 45.56 -27.05
CA LEU D 33 35.85 45.38 -25.75
C LEU D 33 36.88 46.07 -24.86
N VAL D 34 36.59 46.17 -23.58
CA VAL D 34 37.52 46.79 -22.64
C VAL D 34 37.85 45.54 -21.83
N ALA D 35 39.15 45.28 -21.61
CA ALA D 35 39.55 44.10 -20.88
C ALA D 35 40.19 44.17 -19.50
N LEU D 36 39.40 43.90 -18.46
CA LEU D 36 39.91 43.91 -17.11
C LEU D 36 40.42 42.56 -16.63
N THR D 37 40.75 41.67 -17.57
CA THR D 37 41.25 40.33 -17.24
C THR D 37 42.67 40.43 -16.68
N ALA D 38 43.27 41.61 -16.83
CA ALA D 38 44.60 41.90 -16.35
C ALA D 38 45.29 41.44 -15.07
N GLY D 39 46.44 40.78 -15.25
CA GLY D 39 47.21 40.34 -14.11
C GLY D 39 48.44 41.22 -14.03
N GLU D 40 48.83 41.77 -15.17
CA GLU D 40 49.97 42.64 -15.25
C GLU D 40 49.69 44.14 -15.23
N PRO D 41 50.65 44.92 -14.71
CA PRO D 41 50.56 46.37 -14.61
C PRO D 41 50.74 47.01 -15.98
N ASP D 42 49.96 48.05 -16.26
CA ASP D 42 50.03 48.75 -17.54
C ASP D 42 51.45 49.28 -17.73
N PHE D 43 52.05 49.72 -16.62
CA PHE D 43 53.42 50.24 -16.62
C PHE D 43 54.44 49.31 -17.25
N ASP D 44 55.41 49.89 -17.96
CA ASP D 44 56.44 49.09 -18.60
C ASP D 44 57.44 49.03 -17.46
N THR D 45 58.29 48.01 -17.51
CA THR D 45 59.34 47.81 -16.51
C THR D 45 60.23 49.05 -16.63
N PRO D 46 60.81 49.53 -15.51
CA PRO D 46 61.69 50.69 -15.40
C PRO D 46 62.94 50.71 -16.29
N GLU D 47 63.30 51.89 -16.79
CA GLU D 47 64.46 52.01 -17.66
C GLU D 47 65.80 51.54 -17.12
N HIS D 48 66.01 51.65 -15.80
CA HIS D 48 67.27 51.19 -15.22
C HIS D 48 67.34 49.69 -15.27
N VAL D 49 66.19 49.05 -15.16
CA VAL D 49 66.15 47.59 -15.19
C VAL D 49 66.56 47.26 -16.63
N LYS D 50 65.89 47.89 -17.60
CA LYS D 50 66.13 47.67 -19.02
C LYS D 50 67.61 47.84 -19.35
N GLU D 51 68.19 48.92 -18.85
CA GLU D 51 69.60 49.23 -19.07
C GLU D 51 70.52 48.17 -18.51
N ALA D 52 70.27 47.70 -17.30
CA ALA D 52 71.09 46.66 -16.70
C ALA D 52 71.11 45.43 -17.58
N ALA D 53 69.97 45.11 -18.19
CA ALA D 53 69.84 43.96 -19.07
C ALA D 53 70.78 44.19 -20.25
N ARG D 54 70.65 45.39 -20.84
CA ARG D 54 71.46 45.84 -21.98
C ARG D 54 72.94 45.72 -21.67
N ARG D 55 73.29 46.01 -20.42
CA ARG D 55 74.66 45.95 -19.94
C ARG D 55 75.14 44.51 -20.04
N ALA D 56 74.31 43.61 -19.53
CA ALA D 56 74.61 42.19 -19.51
C ALA D 56 74.85 41.60 -20.88
N LEU D 57 74.00 41.98 -21.83
CA LEU D 57 74.11 41.52 -23.21
C LEU D 57 75.47 41.92 -23.70
N ALA D 58 75.81 43.20 -23.48
CA ALA D 58 77.10 43.75 -23.89
C ALA D 58 78.28 42.97 -23.31
N GLN D 59 78.25 42.72 -22.01
CA GLN D 59 79.34 42.03 -21.36
C GLN D 59 79.46 40.56 -21.71
N GLY D 60 78.45 40.05 -22.39
CA GLY D 60 78.45 38.65 -22.76
C GLY D 60 78.09 37.79 -21.57
N LYS D 61 77.06 38.23 -20.83
CA LYS D 61 76.57 37.54 -19.64
C LYS D 61 75.53 36.60 -20.23
N THR D 62 75.97 35.66 -21.06
CA THR D 62 75.04 34.75 -21.73
C THR D 62 75.18 33.23 -21.64
N LYS D 63 75.92 32.77 -20.63
CA LYS D 63 76.08 31.35 -20.48
C LYS D 63 75.16 30.81 -19.40
N TYR D 64 75.34 29.53 -19.15
CA TYR D 64 74.56 28.84 -18.16
C TYR D 64 74.83 29.35 -16.73
N ALA D 65 73.77 29.73 -16.02
CA ALA D 65 73.86 30.19 -14.63
C ALA D 65 73.65 28.96 -13.73
N PRO D 66 73.97 29.06 -12.43
CA PRO D 66 73.77 27.92 -11.53
C PRO D 66 72.27 27.68 -11.36
N PRO D 67 71.88 26.45 -11.00
CA PRO D 67 70.49 26.06 -10.81
C PRO D 67 69.71 26.90 -9.83
N ALA D 68 70.37 27.35 -8.76
CA ALA D 68 69.69 28.16 -7.76
C ALA D 68 69.74 29.65 -8.13
N GLY D 69 70.37 29.95 -9.26
CA GLY D 69 70.50 31.33 -9.72
C GLY D 69 71.88 31.86 -9.43
N ILE D 70 72.21 33.00 -10.03
CA ILE D 70 73.53 33.60 -9.82
C ILE D 70 73.76 34.03 -8.38
N PRO D 71 74.99 33.85 -7.88
CA PRO D 71 75.36 34.21 -6.51
C PRO D 71 74.96 35.64 -6.18
N GLU D 72 75.45 36.58 -6.98
CA GLU D 72 75.13 37.99 -6.78
C GLU D 72 73.66 38.28 -6.49
N LEU D 73 72.77 37.60 -7.21
CA LEU D 73 71.35 37.81 -7.02
C LEU D 73 70.87 37.12 -5.74
N ARG D 74 71.41 35.94 -5.45
CA ARG D 74 71.02 35.21 -4.24
C ARG D 74 71.44 36.03 -3.03
N GLU D 75 72.64 36.59 -3.11
CA GLU D 75 73.19 37.42 -2.05
C GLU D 75 72.29 38.64 -1.88
N ALA D 76 72.01 39.32 -3.00
CA ALA D 76 71.15 40.52 -2.99
C ALA D 76 69.73 40.21 -2.56
N LEU D 77 69.30 38.98 -2.82
CA LEU D 77 67.95 38.49 -2.48
C LEU D 77 67.76 38.43 -0.96
N ALA D 78 68.64 37.66 -0.31
CA ALA D 78 68.62 37.49 1.13
C ALA D 78 68.63 38.84 1.83
N GLU D 79 69.22 39.84 1.19
CA GLU D 79 69.29 41.18 1.75
C GLU D 79 67.96 41.90 1.73
N LYS D 80 67.23 41.76 0.63
CA LYS D 80 65.91 42.39 0.44
C LYS D 80 64.95 41.72 1.41
N PHE D 81 65.18 40.43 1.63
CA PHE D 81 64.34 39.67 2.56
C PHE D 81 64.54 40.04 4.01
N ARG D 82 65.73 40.53 4.34
CA ARG D 82 66.04 40.97 5.71
C ARG D 82 65.48 42.38 5.75
N ARG D 83 66.12 43.27 4.99
CA ARG D 83 65.75 44.68 4.90
C ARG D 83 64.25 44.96 4.96
N GLU D 84 63.57 44.64 3.86
CA GLU D 84 62.14 44.87 3.73
C GLU D 84 61.25 43.93 4.53
N ASN D 85 61.77 42.75 4.90
CA ASN D 85 60.97 41.78 5.63
C ASN D 85 61.23 41.24 7.03
N GLY D 86 62.45 41.40 7.54
CA GLY D 86 62.75 40.90 8.87
C GLY D 86 63.07 39.42 8.89
N LEU D 87 63.13 38.80 7.72
CA LEU D 87 63.45 37.39 7.63
C LEU D 87 64.98 37.51 7.73
N SER D 88 65.60 36.51 8.34
CA SER D 88 67.06 36.51 8.53
C SER D 88 67.63 35.28 7.86
N VAL D 89 67.53 35.25 6.54
CA VAL D 89 68.01 34.13 5.74
C VAL D 89 69.39 34.48 5.25
N THR D 90 70.10 33.47 4.76
CA THR D 90 71.42 33.71 4.20
C THR D 90 71.14 33.29 2.74
N PRO D 91 72.03 33.65 1.82
CA PRO D 91 71.89 33.32 0.39
C PRO D 91 71.64 31.85 0.05
N GLU D 92 72.10 30.94 0.90
CA GLU D 92 71.90 29.52 0.65
C GLU D 92 70.43 29.13 0.86
N GLU D 93 69.75 29.87 1.73
CA GLU D 93 68.34 29.65 2.03
C GLU D 93 67.58 30.65 1.16
N THR D 94 68.08 30.87 -0.04
CA THR D 94 67.47 31.80 -0.97
C THR D 94 67.62 31.11 -2.33
N ILE D 95 66.60 31.25 -3.19
CA ILE D 95 66.62 30.66 -4.52
C ILE D 95 65.87 31.53 -5.52
N VAL D 96 66.34 31.56 -6.76
CA VAL D 96 65.68 32.35 -7.81
C VAL D 96 65.08 31.46 -8.91
N THR D 97 63.78 31.23 -8.81
CA THR D 97 63.03 30.42 -9.76
C THR D 97 62.57 31.18 -11.00
N VAL D 98 62.15 30.46 -12.03
CA VAL D 98 61.69 31.06 -13.27
C VAL D 98 60.28 31.60 -12.99
N GLY D 99 60.21 32.68 -12.23
CA GLY D 99 58.92 33.27 -11.89
C GLY D 99 58.37 32.74 -10.57
N GLY D 100 57.45 33.49 -9.98
CA GLY D 100 56.85 33.06 -8.72
C GLY D 100 56.08 31.78 -8.94
N SER D 101 55.80 31.49 -10.21
CA SER D 101 55.07 30.30 -10.65
C SER D 101 55.92 29.06 -10.44
N GLN D 102 57.14 29.10 -10.98
CA GLN D 102 58.05 27.98 -10.85
C GLN D 102 58.41 27.71 -9.38
N ALA D 103 58.39 28.77 -8.56
CA ALA D 103 58.72 28.64 -7.15
C ALA D 103 57.61 27.80 -6.51
N LEU D 104 56.36 28.26 -6.67
CA LEU D 104 55.22 27.54 -6.13
C LEU D 104 55.16 26.11 -6.66
N PHE D 105 55.51 25.92 -7.94
CA PHE D 105 55.50 24.59 -8.55
C PHE D 105 56.56 23.71 -7.92
N ASN D 106 57.84 24.03 -8.15
CA ASN D 106 58.95 23.27 -7.57
C ASN D 106 58.85 22.95 -6.07
N LEU D 107 58.12 23.81 -5.34
CA LEU D 107 57.89 23.66 -3.90
C LEU D 107 56.98 22.47 -3.65
N PHE D 108 55.75 22.54 -4.16
CA PHE D 108 54.79 21.47 -3.99
C PHE D 108 55.32 20.10 -4.48
N GLN D 109 56.40 20.13 -5.28
CA GLN D 109 57.02 18.92 -5.81
C GLN D 109 58.04 18.37 -4.80
N ALA D 110 58.66 19.29 -4.08
CA ALA D 110 59.66 18.97 -3.09
C ALA D 110 59.08 18.47 -1.77
N ILE D 111 57.97 19.06 -1.34
CA ILE D 111 57.31 18.64 -0.11
C ILE D 111 56.31 17.59 -0.61
N LEU D 112 55.05 17.96 -0.82
CA LEU D 112 54.02 17.04 -1.33
C LEU D 112 54.21 15.65 -1.90
N ASP D 113 53.75 14.65 -1.16
CA ASP D 113 53.82 13.24 -1.58
C ASP D 113 52.34 12.90 -1.70
N PRO D 114 51.98 12.01 -2.64
CA PRO D 114 50.60 11.57 -2.90
C PRO D 114 49.74 11.39 -1.65
N GLY D 115 48.57 12.01 -1.68
CA GLY D 115 47.67 11.91 -0.55
C GLY D 115 47.90 12.99 0.51
N ASP D 116 49.02 13.70 0.42
CA ASP D 116 49.31 14.74 1.39
C ASP D 116 48.32 15.86 1.12
N GLU D 117 47.75 16.39 2.19
CA GLU D 117 46.77 17.47 2.08
C GLU D 117 47.37 18.87 2.22
N VAL D 118 46.88 19.81 1.42
CA VAL D 118 47.35 21.19 1.47
C VAL D 118 46.11 22.04 1.72
N ILE D 119 46.07 22.73 2.85
CA ILE D 119 44.93 23.59 3.17
C ILE D 119 45.08 24.82 2.28
N VAL D 120 43.96 25.26 1.69
CA VAL D 120 43.97 26.41 0.80
C VAL D 120 42.72 27.21 1.11
N LEU D 121 42.89 28.52 1.24
CA LEU D 121 41.79 29.40 1.56
C LEU D 121 41.11 30.13 0.41
N SER D 122 39.81 29.90 0.24
CA SER D 122 39.04 30.55 -0.82
C SER D 122 38.35 31.78 -0.28
N PRO D 123 38.05 32.79 -1.13
CA PRO D 123 38.32 32.85 -2.58
C PRO D 123 39.81 32.77 -2.81
N TYR D 124 40.22 31.86 -3.67
CA TYR D 124 41.63 31.66 -3.93
C TYR D 124 42.11 31.76 -5.36
N TRP D 125 43.38 32.11 -5.53
CA TRP D 125 43.96 32.22 -6.85
C TRP D 125 43.94 30.90 -7.62
N VAL D 126 43.28 30.95 -8.77
CA VAL D 126 43.15 29.82 -9.68
C VAL D 126 44.13 28.65 -9.68
N SER D 127 45.42 28.96 -9.71
CA SER D 127 46.43 27.91 -9.73
C SER D 127 46.96 27.14 -8.55
N TYR D 128 46.68 27.61 -7.33
CA TYR D 128 47.16 26.89 -6.15
C TYR D 128 46.71 25.43 -6.22
N PRO D 129 45.38 25.18 -6.39
CA PRO D 129 44.85 23.82 -6.47
C PRO D 129 45.24 23.06 -7.74
N GLU D 130 45.30 23.76 -8.86
CA GLU D 130 45.68 23.12 -10.11
C GLU D 130 47.15 22.70 -10.08
N MET D 131 47.90 23.13 -9.07
CA MET D 131 49.30 22.75 -8.98
C MET D 131 49.59 21.88 -7.77
N VAL D 132 48.72 21.97 -6.76
CA VAL D 132 48.83 21.15 -5.54
C VAL D 132 48.63 19.71 -6.08
N ARG D 133 47.44 19.47 -6.64
CA ARG D 133 47.05 18.19 -7.24
C ARG D 133 48.01 17.58 -8.27
N PHE D 134 48.61 18.42 -9.11
CA PHE D 134 49.52 17.92 -10.12
C PHE D 134 50.63 17.12 -9.45
N ALA D 135 51.09 17.62 -8.30
CA ALA D 135 52.13 16.94 -7.54
C ALA D 135 51.62 15.69 -6.83
N GLY D 136 50.30 15.59 -6.66
CA GLY D 136 49.71 14.46 -5.99
C GLY D 136 49.09 14.86 -4.67
N GLY D 137 48.86 16.17 -4.53
CA GLY D 137 48.30 16.70 -3.30
C GLY D 137 46.81 16.49 -3.18
N VAL D 138 46.23 17.10 -2.17
CA VAL D 138 44.81 17.01 -1.91
C VAL D 138 44.42 18.37 -1.34
N VAL D 139 43.76 19.20 -2.16
CA VAL D 139 43.34 20.52 -1.70
C VAL D 139 42.18 20.39 -0.74
N VAL D 140 42.37 20.93 0.45
CA VAL D 140 41.40 20.87 1.54
C VAL D 140 41.21 22.38 1.64
N GLU D 141 40.05 22.88 1.26
CA GLU D 141 39.80 24.33 1.32
C GLU D 141 38.89 24.94 2.39
N VAL D 142 39.30 26.10 2.90
CA VAL D 142 38.57 26.82 3.94
C VAL D 142 38.07 28.18 3.40
N GLU D 143 36.77 28.45 3.47
CA GLU D 143 36.20 29.73 2.99
C GLU D 143 36.60 30.90 3.88
N THR D 144 36.40 32.11 3.37
CA THR D 144 36.71 33.33 4.11
C THR D 144 35.47 34.12 3.73
N LEU D 145 34.55 34.30 4.69
CA LEU D 145 33.31 35.06 4.44
C LEU D 145 33.56 36.53 4.06
N PRO D 146 32.81 37.04 3.07
CA PRO D 146 32.99 38.44 2.67
C PRO D 146 32.66 39.39 3.84
N GLU D 147 31.64 39.03 4.62
CA GLU D 147 31.23 39.85 5.76
C GLU D 147 32.31 40.09 6.81
N GLU D 148 33.25 39.16 6.89
CA GLU D 148 34.38 39.27 7.80
C GLU D 148 35.59 39.86 7.04
N GLY D 149 35.28 40.47 5.90
CA GLY D 149 36.29 41.08 5.06
C GLY D 149 37.26 40.14 4.39
N PHE D 150 36.83 38.92 4.12
CA PHE D 150 37.69 37.92 3.47
C PHE D 150 39.01 37.61 4.18
N VAL D 151 39.04 37.81 5.50
CA VAL D 151 40.24 37.52 6.27
C VAL D 151 40.00 36.22 6.99
N PRO D 152 40.96 35.26 6.88
CA PRO D 152 40.82 33.95 7.53
C PRO D 152 40.53 34.05 9.02
N ASP D 153 39.72 33.12 9.49
CA ASP D 153 39.35 33.07 10.89
C ASP D 153 40.24 31.87 11.23
N PRO D 154 41.26 32.09 12.07
CA PRO D 154 42.22 31.08 12.52
C PRO D 154 41.60 29.82 13.15
N GLU D 155 40.63 30.00 14.04
CA GLU D 155 39.97 28.85 14.68
C GLU D 155 39.39 27.79 13.76
N ARG D 156 38.83 28.23 12.62
CA ARG D 156 38.26 27.29 11.66
C ARG D 156 39.30 26.74 10.70
N VAL D 157 40.42 27.44 10.57
CA VAL D 157 41.52 27.01 9.72
C VAL D 157 42.16 25.88 10.53
N ARG D 158 42.10 26.01 11.86
CA ARG D 158 42.64 25.04 12.77
C ARG D 158 41.92 23.74 12.54
N ARG D 159 40.59 23.81 12.57
CA ARG D 159 39.74 22.64 12.38
C ARG D 159 39.56 22.11 10.96
N ALA D 160 40.66 22.07 10.22
CA ALA D 160 40.73 21.57 8.86
C ALA D 160 42.05 20.79 8.83
N ILE D 161 42.81 20.89 9.93
CA ILE D 161 44.09 20.22 10.04
C ILE D 161 43.81 18.77 10.40
N THR D 162 44.51 17.87 9.74
CA THR D 162 44.36 16.43 9.95
C THR D 162 45.81 15.97 9.89
N PRO D 163 46.08 14.73 10.33
CA PRO D 163 47.43 14.20 10.30
C PRO D 163 47.97 13.99 8.88
N ARG D 164 47.14 14.31 7.88
CA ARG D 164 47.50 14.20 6.48
C ARG D 164 48.08 15.56 6.10
N THR D 165 47.56 16.60 6.75
CA THR D 165 47.96 17.98 6.49
C THR D 165 49.45 18.29 6.49
N LYS D 166 49.97 18.62 5.33
CA LYS D 166 51.38 18.96 5.16
C LYS D 166 51.79 20.42 4.88
N ALA D 167 50.84 21.23 4.39
CA ALA D 167 51.09 22.64 4.09
C ALA D 167 49.85 23.50 4.18
N LEU D 168 50.05 24.78 4.46
CA LEU D 168 48.94 25.73 4.58
C LEU D 168 49.41 26.78 3.59
N VAL D 169 48.45 27.37 2.86
CA VAL D 169 48.75 28.39 1.87
C VAL D 169 47.94 29.67 2.11
N VAL D 170 48.66 30.72 2.45
CA VAL D 170 48.08 32.03 2.72
C VAL D 170 48.67 32.98 1.67
N ASN D 171 47.87 33.94 1.24
CA ASN D 171 48.30 34.91 0.23
C ASN D 171 47.75 36.28 0.56
N SER D 172 48.62 37.11 1.15
CA SER D 172 48.27 38.48 1.54
C SER D 172 49.47 39.26 0.96
N PRO D 173 49.20 40.35 0.19
CA PRO D 173 47.86 40.84 -0.13
C PRO D 173 47.15 39.94 -1.15
N ASN D 174 45.95 39.51 -0.79
CA ASN D 174 45.14 38.62 -1.60
C ASN D 174 44.71 38.85 -3.06
N ASN D 175 44.71 37.75 -3.81
CA ASN D 175 44.31 37.73 -5.21
C ASN D 175 43.38 36.52 -5.02
N PRO D 176 42.09 36.67 -5.42
CA PRO D 176 41.40 37.74 -6.14
C PRO D 176 40.63 38.78 -5.26
N THR D 177 40.69 38.66 -3.93
CA THR D 177 39.95 39.62 -3.09
C THR D 177 40.57 40.96 -2.74
N GLY D 178 41.89 41.03 -2.88
CA GLY D 178 42.59 42.26 -2.59
C GLY D 178 42.79 42.53 -1.11
N ALA D 179 42.24 41.66 -0.25
CA ALA D 179 42.36 41.81 1.20
C ALA D 179 43.82 41.73 1.64
N VAL D 180 44.11 42.29 2.82
CA VAL D 180 45.47 42.26 3.36
C VAL D 180 45.20 41.87 4.81
N TYR D 181 45.65 40.67 5.18
CA TYR D 181 45.45 40.15 6.53
C TYR D 181 46.28 40.89 7.57
N PRO D 182 45.67 41.18 8.75
CA PRO D 182 46.37 41.87 9.84
C PRO D 182 47.50 41.03 10.44
N LYS D 183 48.45 41.70 11.09
CA LYS D 183 49.61 41.04 11.69
C LYS D 183 49.32 39.80 12.54
N GLU D 184 48.41 39.95 13.50
CA GLU D 184 48.01 38.86 14.39
C GLU D 184 47.25 37.67 13.82
N VAL D 185 47.03 37.64 12.52
CA VAL D 185 46.30 36.53 11.92
C VAL D 185 47.42 35.78 11.21
N LEU D 186 48.31 36.52 10.55
CA LEU D 186 49.44 35.89 9.88
C LEU D 186 50.20 35.32 11.06
N GLU D 187 50.11 36.02 12.20
CA GLU D 187 50.78 35.60 13.43
C GLU D 187 50.15 34.24 13.77
N ALA D 188 48.84 34.26 13.97
CA ALA D 188 48.06 33.08 14.31
C ALA D 188 48.24 31.83 13.45
N LEU D 189 48.09 32.01 12.13
CA LEU D 189 48.21 30.91 11.19
C LEU D 189 49.62 30.35 11.12
N ALA D 190 50.61 31.23 11.33
CA ALA D 190 52.01 30.81 11.33
C ALA D 190 52.21 29.92 12.55
N ARG D 191 51.48 30.21 13.61
CA ARG D 191 51.60 29.43 14.84
C ARG D 191 51.08 28.00 14.77
N LEU D 192 49.97 27.79 14.06
CA LEU D 192 49.40 26.45 13.91
C LEU D 192 50.38 25.65 13.05
N ALA D 193 51.01 26.31 12.10
CA ALA D 193 51.99 25.66 11.23
C ALA D 193 53.09 25.04 12.07
N VAL D 194 53.51 25.80 13.08
CA VAL D 194 54.54 25.40 14.02
C VAL D 194 54.03 24.31 14.96
N GLU D 195 52.86 24.59 15.55
CA GLU D 195 52.18 23.72 16.50
C GLU D 195 51.84 22.28 16.07
N HIS D 196 51.21 22.14 14.92
CA HIS D 196 50.79 20.85 14.40
C HIS D 196 51.86 20.29 13.48
N ASP D 197 52.93 21.06 13.29
CA ASP D 197 54.03 20.63 12.46
C ASP D 197 53.69 20.41 10.99
N PHE D 198 53.85 21.47 10.18
CA PHE D 198 53.62 21.40 8.75
C PHE D 198 54.06 22.74 8.21
N TYR D 199 54.37 22.77 6.91
CA TYR D 199 54.84 23.99 6.28
C TYR D 199 53.80 25.08 6.15
N LEU D 200 54.29 26.32 6.02
CA LEU D 200 53.38 27.44 5.86
C LEU D 200 53.99 28.03 4.59
N VAL D 201 53.16 28.16 3.55
CA VAL D 201 53.63 28.70 2.28
C VAL D 201 52.97 30.07 2.15
N SER D 202 53.80 31.12 2.21
CA SER D 202 53.33 32.48 2.12
C SER D 202 53.64 33.05 0.74
N ASP D 203 52.60 33.46 0.00
CA ASP D 203 52.80 34.03 -1.33
C ASP D 203 52.76 35.56 -1.29
N GLU D 204 53.80 36.14 -0.69
CA GLU D 204 53.88 37.60 -0.56
C GLU D 204 53.71 38.45 -1.81
N ILE D 205 54.62 38.30 -2.79
CA ILE D 205 54.55 39.01 -4.08
C ILE D 205 53.92 40.41 -4.26
N TYR D 206 52.64 40.55 -3.89
CA TYR D 206 51.90 41.80 -3.98
C TYR D 206 52.18 42.76 -2.81
N GLU D 207 53.14 42.42 -1.95
CA GLU D 207 53.48 43.25 -0.80
C GLU D 207 53.58 44.76 -1.03
N HIS D 208 54.22 45.10 -2.15
CA HIS D 208 54.41 46.50 -2.51
C HIS D 208 53.26 47.36 -3.01
N LEU D 209 52.15 46.71 -3.37
CA LEU D 209 50.98 47.43 -3.86
C LEU D 209 50.08 47.40 -2.61
N LEU D 210 50.48 48.18 -1.61
CA LEU D 210 49.74 48.24 -0.35
C LEU D 210 49.18 49.64 -0.17
N TYR D 211 47.88 49.79 -0.31
CA TYR D 211 47.28 51.10 -0.17
C TYR D 211 47.01 51.42 1.27
N GLU D 212 46.41 50.48 1.98
CA GLU D 212 46.18 50.68 3.40
C GLU D 212 46.21 49.53 4.39
N GLY D 213 47.34 49.46 5.10
CA GLY D 213 47.59 48.43 6.09
C GLY D 213 49.08 48.29 6.23
N GLU D 214 49.52 47.20 6.85
CA GLU D 214 50.94 46.97 7.00
C GLU D 214 51.15 45.54 6.57
N HIS D 215 52.19 45.32 5.77
CA HIS D 215 52.53 43.99 5.30
C HIS D 215 53.46 43.25 6.25
N PHE D 216 52.90 42.21 6.86
CA PHE D 216 53.64 41.38 7.79
C PHE D 216 53.98 40.03 7.18
N SER D 217 55.18 39.53 7.48
CA SER D 217 55.62 38.23 6.97
C SER D 217 55.61 37.30 8.18
N PRO D 218 55.13 36.06 7.99
CA PRO D 218 55.08 35.09 9.08
C PRO D 218 56.42 34.40 9.29
N GLY D 219 57.33 34.54 8.33
CA GLY D 219 58.63 33.91 8.42
C GLY D 219 59.46 34.54 9.52
N ARG D 220 58.94 35.65 10.05
CA ARG D 220 59.58 36.37 11.14
C ARG D 220 59.20 35.40 12.28
N VAL D 221 57.92 35.09 12.38
CA VAL D 221 57.39 34.20 13.41
C VAL D 221 57.70 32.70 13.46
N ALA D 222 57.68 32.05 12.30
CA ALA D 222 57.94 30.60 12.22
C ALA D 222 58.90 30.36 11.07
N PRO D 223 60.18 30.76 11.23
CA PRO D 223 61.25 30.62 10.24
C PRO D 223 61.65 29.21 9.82
N GLU D 224 61.41 28.22 10.69
CA GLU D 224 61.74 26.84 10.35
C GLU D 224 60.55 26.04 9.81
N HIS D 225 59.49 26.76 9.44
CA HIS D 225 58.28 26.19 8.87
C HIS D 225 57.82 26.94 7.63
N THR D 226 57.92 28.26 7.67
CA THR D 226 57.48 29.11 6.56
C THR D 226 58.39 29.11 5.33
N LEU D 227 57.76 29.18 4.17
CA LEU D 227 58.46 29.22 2.90
C LEU D 227 57.84 30.48 2.32
N THR D 228 58.69 31.51 2.17
CA THR D 228 58.25 32.81 1.68
C THR D 228 58.54 33.01 0.19
N VAL D 229 57.47 33.02 -0.60
CA VAL D 229 57.53 33.18 -2.04
C VAL D 229 57.20 34.58 -2.53
N ASN D 230 58.14 35.16 -3.27
CA ASN D 230 57.99 36.50 -3.83
C ASN D 230 58.58 36.56 -5.25
N GLY D 231 58.38 37.67 -5.95
CA GLY D 231 58.89 37.78 -7.30
C GLY D 231 59.00 39.21 -7.83
N ALA D 232 59.77 39.38 -8.90
CA ALA D 232 59.96 40.69 -9.50
C ALA D 232 58.76 41.22 -10.26
N ALA D 233 58.07 40.32 -10.96
CA ALA D 233 56.90 40.66 -11.76
C ALA D 233 55.97 41.81 -11.43
N LYS D 234 55.18 41.63 -10.37
CA LYS D 234 54.19 42.64 -9.97
C LYS D 234 54.65 43.99 -9.44
N ALA D 235 55.73 44.01 -8.67
CA ALA D 235 56.25 45.27 -8.14
C ALA D 235 56.89 46.10 -9.24
N PHE D 236 57.89 45.50 -9.89
CA PHE D 236 58.63 46.14 -10.97
C PHE D 236 58.16 46.07 -12.41
N ALA D 237 56.87 45.77 -12.61
CA ALA D 237 56.30 45.66 -13.94
C ALA D 237 57.05 44.66 -14.84
N MET D 238 57.68 43.67 -14.22
CA MET D 238 58.46 42.62 -14.90
C MET D 238 57.88 41.22 -15.18
N THR D 239 56.58 41.13 -15.46
CA THR D 239 55.93 39.85 -15.73
C THR D 239 56.59 39.05 -16.84
N GLY D 240 56.71 39.69 -17.99
CA GLY D 240 57.32 39.02 -19.12
C GLY D 240 58.74 38.54 -18.92
N TRP D 241 59.44 39.15 -17.97
CA TRP D 241 60.83 38.77 -17.69
C TRP D 241 61.01 37.35 -17.18
N ARG D 242 60.04 36.86 -16.43
CA ARG D 242 60.11 35.52 -15.86
C ARG D 242 61.15 35.34 -14.77
N ILE D 243 60.91 35.99 -13.64
CA ILE D 243 61.81 35.90 -12.49
C ILE D 243 61.11 36.05 -11.17
N GLY D 244 61.24 34.99 -10.38
CA GLY D 244 60.64 34.93 -9.05
C GLY D 244 61.67 34.39 -8.08
N TYR D 245 61.38 34.49 -6.80
CA TYR D 245 62.30 34.02 -5.78
C TYR D 245 61.67 33.60 -4.48
N ALA D 246 62.43 32.87 -3.66
CA ALA D 246 61.94 32.41 -2.37
C ALA D 246 63.02 32.16 -1.33
N CYS D 247 62.59 31.94 -0.09
CA CYS D 247 63.51 31.69 1.01
C CYS D 247 62.82 30.87 2.09
N GLY D 248 63.64 30.17 2.89
CA GLY D 248 63.13 29.33 3.96
C GLY D 248 64.17 28.29 4.37
N PRO D 249 63.73 27.15 4.91
CA PRO D 249 64.66 26.10 5.34
C PRO D 249 65.67 25.69 4.26
N LYS D 250 66.95 25.72 4.63
CA LYS D 250 68.05 25.34 3.74
C LYS D 250 67.80 24.00 3.05
N GLU D 251 67.10 23.10 3.74
CA GLU D 251 66.79 21.78 3.22
C GLU D 251 65.97 21.99 1.94
N VAL D 252 64.70 22.38 2.10
CA VAL D 252 63.78 22.63 0.99
C VAL D 252 64.11 23.58 -0.19
N ILE D 253 64.97 24.57 0.05
CA ILE D 253 65.37 25.55 -0.96
C ILE D 253 66.65 25.00 -1.59
N LYS D 254 66.63 23.71 -1.90
CA LYS D 254 67.81 23.05 -2.43
C LYS D 254 67.23 21.76 -2.96
N ALA D 255 66.04 21.40 -2.46
CA ALA D 255 65.31 20.22 -2.88
C ALA D 255 64.81 20.96 -4.13
N MET D 256 64.19 22.13 -3.90
CA MET D 256 63.69 23.00 -4.95
C MET D 256 64.70 23.24 -6.05
N ALA D 257 65.91 23.63 -5.64
CA ALA D 257 66.97 23.90 -6.61
C ALA D 257 67.30 22.68 -7.46
N SER D 258 67.15 21.49 -6.87
CA SER D 258 67.43 20.25 -7.56
C SER D 258 66.37 19.86 -8.62
N VAL D 259 65.16 20.37 -8.46
CA VAL D 259 64.06 20.12 -9.40
C VAL D 259 64.36 21.12 -10.51
N SER D 260 64.66 22.35 -10.11
CA SER D 260 64.98 23.45 -11.02
C SER D 260 66.05 23.03 -12.02
N ARG D 261 67.09 22.32 -11.54
CA ARG D 261 68.17 21.85 -12.41
C ARG D 261 67.67 20.91 -13.50
N GLN D 262 66.72 20.07 -13.13
CA GLN D 262 66.15 19.11 -14.06
C GLN D 262 64.93 19.55 -14.86
N SER D 263 64.30 20.64 -14.45
CA SER D 263 63.13 21.13 -15.18
C SER D 263 63.51 22.22 -16.18
N THR D 264 64.10 23.29 -15.68
CA THR D 264 64.48 24.40 -16.53
C THR D 264 65.99 24.61 -16.66
N THR D 265 66.76 23.96 -15.79
CA THR D 265 68.22 24.07 -15.78
C THR D 265 68.73 25.29 -15.03
N SER D 266 67.96 26.39 -15.10
CA SER D 266 68.28 27.65 -14.40
C SER D 266 67.61 28.76 -15.19
N PRO D 267 67.17 29.81 -14.48
CA PRO D 267 66.50 30.95 -15.12
C PRO D 267 67.39 31.64 -16.16
N ASP D 268 66.75 32.41 -17.03
CA ASP D 268 67.46 33.14 -18.07
C ASP D 268 68.45 34.09 -17.43
N THR D 269 69.72 33.90 -17.75
CA THR D 269 70.79 34.73 -17.21
C THR D 269 70.63 36.24 -17.27
N ILE D 270 70.30 36.76 -18.45
CA ILE D 270 70.11 38.20 -18.67
C ILE D 270 69.12 38.80 -17.67
N ALA D 271 67.94 38.20 -17.55
CA ALA D 271 66.93 38.71 -16.63
C ALA D 271 67.37 38.60 -15.17
N GLN D 272 68.32 37.72 -14.88
CA GLN D 272 68.81 37.58 -13.52
C GLN D 272 69.64 38.80 -13.17
N TRP D 273 70.50 39.21 -14.11
CA TRP D 273 71.33 40.39 -13.91
C TRP D 273 70.46 41.64 -14.01
N ALA D 274 69.33 41.54 -14.71
CA ALA D 274 68.42 42.67 -14.85
C ALA D 274 67.68 42.92 -13.53
N THR D 275 67.42 41.84 -12.80
CA THR D 275 66.73 41.88 -11.50
C THR D 275 67.68 42.39 -10.41
N LEU D 276 68.93 41.95 -10.49
CA LEU D 276 69.96 42.33 -9.51
C LEU D 276 69.92 43.84 -9.36
N GLU D 277 69.83 44.53 -10.48
CA GLU D 277 69.78 45.99 -10.51
C GLU D 277 68.50 46.63 -9.95
N ALA D 278 67.37 45.95 -10.11
CA ALA D 278 66.13 46.48 -9.61
C ALA D 278 66.31 46.41 -8.08
N LEU D 279 66.89 45.30 -7.62
CA LEU D 279 67.13 45.06 -6.20
C LEU D 279 68.22 45.80 -5.43
N THR D 280 69.35 46.08 -6.09
CA THR D 280 70.46 46.81 -5.45
C THR D 280 70.36 48.32 -5.62
N ASN D 281 69.61 48.76 -6.64
CA ASN D 281 69.48 50.18 -6.88
C ASN D 281 68.27 50.72 -6.16
N GLN D 282 68.48 50.98 -4.87
CA GLN D 282 67.47 51.56 -4.00
C GLN D 282 67.66 52.98 -4.51
N GLU D 283 66.59 53.77 -4.38
CA GLU D 283 66.55 55.14 -4.84
C GLU D 283 66.06 55.27 -6.27
N ALA D 284 66.20 54.23 -7.11
CA ALA D 284 65.62 54.28 -8.46
C ALA D 284 64.31 53.51 -8.34
N SER D 285 64.42 52.26 -7.86
CA SER D 285 63.27 51.38 -7.69
C SER D 285 62.24 51.88 -6.68
N ARG D 286 62.73 52.45 -5.59
CA ARG D 286 61.88 52.97 -4.53
C ARG D 286 60.89 53.97 -5.11
N ALA D 287 61.30 54.65 -6.19
CA ALA D 287 60.46 55.65 -6.86
C ALA D 287 59.41 55.10 -7.82
N PHE D 288 59.79 54.07 -8.58
CA PHE D 288 58.87 53.46 -9.53
C PHE D 288 57.70 52.94 -8.71
N VAL D 289 58.02 52.17 -7.69
CA VAL D 289 57.03 51.58 -6.81
C VAL D 289 56.14 52.70 -6.30
N GLU D 290 56.77 53.67 -5.65
CA GLU D 290 56.06 54.80 -5.11
C GLU D 290 55.43 55.76 -6.10
N MET D 291 55.10 55.26 -7.29
CA MET D 291 54.45 56.08 -8.30
C MET D 291 53.37 55.10 -8.72
N ALA D 292 53.77 53.85 -8.99
CA ALA D 292 52.82 52.80 -9.38
C ALA D 292 51.75 52.69 -8.33
N ARG D 293 52.17 52.61 -7.07
CA ARG D 293 51.24 52.49 -5.95
C ARG D 293 50.12 53.52 -5.91
N GLU D 294 50.48 54.80 -5.82
CA GLU D 294 49.47 55.86 -5.77
C GLU D 294 48.71 55.93 -7.09
N ALA D 295 49.28 55.34 -8.14
CA ALA D 295 48.61 55.29 -9.45
C ALA D 295 47.44 54.32 -9.25
N TYR D 296 47.76 53.05 -9.01
CA TYR D 296 46.75 52.00 -8.81
C TYR D 296 45.72 52.41 -7.76
N ARG D 297 46.16 53.18 -6.77
CA ARG D 297 45.30 53.65 -5.70
C ARG D 297 44.12 54.51 -6.13
N ARG D 298 44.35 55.39 -7.10
CA ARG D 298 43.33 56.28 -7.63
C ARG D 298 42.33 55.53 -8.53
N ARG D 299 42.84 54.59 -9.33
CA ARG D 299 42.03 53.80 -10.25
C ARG D 299 41.17 52.97 -9.33
N ARG D 300 41.79 52.54 -8.24
CA ARG D 300 41.14 51.73 -7.22
C ARG D 300 39.93 52.54 -6.76
N ASP D 301 40.14 53.84 -6.53
CA ASP D 301 39.06 54.69 -6.06
C ASP D 301 38.10 55.20 -7.12
N LEU D 302 38.51 55.07 -8.37
CA LEU D 302 37.71 55.52 -9.50
C LEU D 302 36.73 54.35 -9.70
N LEU D 303 37.28 53.16 -9.87
CA LEU D 303 36.51 51.94 -10.07
C LEU D 303 35.39 51.81 -9.04
N LEU D 304 35.82 51.79 -7.77
CA LEU D 304 34.93 51.68 -6.64
C LEU D 304 33.81 52.69 -6.53
N GLU D 305 34.11 53.97 -6.72
CA GLU D 305 33.08 55.01 -6.63
C GLU D 305 32.02 54.80 -7.70
N GLY D 306 32.48 54.64 -8.94
CA GLY D 306 31.56 54.42 -10.04
C GLY D 306 30.78 53.11 -9.95
N LEU D 307 31.40 52.09 -9.37
CA LEU D 307 30.76 50.80 -9.21
C LEU D 307 29.66 50.95 -8.16
N THR D 308 30.02 51.59 -7.05
CA THR D 308 29.10 51.84 -5.95
C THR D 308 28.02 52.81 -6.36
N ALA D 309 28.37 53.71 -7.28
CA ALA D 309 27.41 54.70 -7.77
C ALA D 309 26.41 53.96 -8.67
N LEU D 310 26.92 53.00 -9.44
CA LEU D 310 26.09 52.22 -10.33
C LEU D 310 25.14 51.28 -9.60
N GLY D 311 25.47 50.95 -8.36
CA GLY D 311 24.62 50.06 -7.58
C GLY D 311 25.29 48.74 -7.30
N LEU D 312 26.23 48.37 -8.16
CA LEU D 312 26.98 47.12 -7.99
C LEU D 312 27.77 47.08 -6.68
N LYS D 313 27.77 45.92 -6.04
CA LYS D 313 28.48 45.75 -4.79
C LYS D 313 29.87 45.11 -4.89
N ALA D 314 30.80 45.65 -4.12
CA ALA D 314 32.16 45.13 -4.09
C ALA D 314 32.92 45.39 -2.81
N VAL D 315 33.88 44.54 -2.55
CA VAL D 315 34.72 44.61 -1.35
C VAL D 315 35.91 45.54 -1.65
N ARG D 316 36.03 46.60 -0.84
CA ARG D 316 37.11 47.57 -1.00
C ARG D 316 38.46 46.89 -0.75
N PRO D 317 39.28 46.73 -1.80
CA PRO D 317 40.57 46.09 -1.60
C PRO D 317 41.53 47.05 -0.92
N SER D 318 42.55 46.51 -0.25
CA SER D 318 43.54 47.35 0.41
C SER D 318 44.86 47.13 -0.30
N GLY D 319 45.00 45.99 -0.98
CA GLY D 319 46.22 45.67 -1.68
C GLY D 319 45.95 44.92 -2.97
N ALA D 320 46.99 44.76 -3.78
CA ALA D 320 46.88 44.07 -5.06
C ALA D 320 45.97 44.92 -5.95
N PHE D 321 45.75 44.50 -7.18
CA PHE D 321 44.89 45.25 -8.08
C PHE D 321 43.68 44.52 -8.65
N TYR D 322 42.95 43.86 -7.76
CA TYR D 322 41.75 43.11 -8.15
C TYR D 322 40.61 43.58 -7.26
N VAL D 323 39.39 43.29 -7.70
CA VAL D 323 38.16 43.66 -6.97
C VAL D 323 37.20 42.56 -7.39
N LEU D 324 36.60 41.87 -6.45
CA LEU D 324 35.66 40.84 -6.84
C LEU D 324 34.42 41.70 -6.81
N MET D 325 33.58 41.58 -7.84
CA MET D 325 32.33 42.33 -7.91
C MET D 325 31.13 41.37 -7.86
N ASP D 326 30.09 41.78 -7.15
CA ASP D 326 28.88 40.98 -7.01
C ASP D 326 27.91 41.02 -8.20
N THR D 327 28.08 40.08 -9.12
CA THR D 327 27.27 40.00 -10.32
C THR D 327 25.79 39.78 -10.07
N SER D 328 25.42 39.73 -8.79
CA SER D 328 24.06 39.52 -8.37
C SER D 328 22.92 40.17 -9.16
N PRO D 329 22.99 41.49 -9.42
CA PRO D 329 21.92 42.15 -10.17
C PRO D 329 22.18 42.28 -11.66
N ILE D 330 23.29 41.72 -12.12
CA ILE D 330 23.64 41.78 -13.53
C ILE D 330 23.17 40.47 -14.17
N ALA D 331 23.01 39.42 -13.35
CA ALA D 331 22.55 38.10 -13.78
C ALA D 331 22.27 37.29 -12.49
N PRO D 332 21.95 35.99 -12.60
CA PRO D 332 21.68 35.23 -11.37
C PRO D 332 22.83 34.31 -10.92
N ASP D 333 23.76 34.06 -11.84
CA ASP D 333 24.91 33.18 -11.60
C ASP D 333 26.09 33.96 -12.25
N GLU D 334 27.33 33.60 -11.93
CA GLU D 334 28.49 34.33 -12.43
C GLU D 334 29.08 34.02 -13.80
N VAL D 335 28.36 33.17 -14.53
CA VAL D 335 28.77 32.73 -15.85
C VAL D 335 27.88 33.34 -16.89
N ARG D 336 26.58 33.40 -16.61
CA ARG D 336 25.61 33.98 -17.54
C ARG D 336 25.97 35.46 -17.44
N ALA D 337 26.31 35.88 -16.22
CA ALA D 337 26.68 37.27 -15.92
C ALA D 337 27.93 37.73 -16.67
N ALA D 338 28.86 36.81 -16.86
CA ALA D 338 30.11 37.06 -17.55
C ALA D 338 29.96 37.37 -19.03
N GLU D 339 29.14 36.61 -19.73
CA GLU D 339 28.92 36.84 -21.15
C GLU D 339 28.04 38.07 -21.42
N ARG D 340 27.11 38.34 -20.51
CA ARG D 340 26.21 39.49 -20.60
C ARG D 340 27.12 40.70 -20.66
N LEU D 341 28.23 40.64 -19.94
CA LEU D 341 29.21 41.72 -19.90
C LEU D 341 30.15 41.76 -21.11
N LEU D 342 30.38 40.63 -21.75
CA LEU D 342 31.25 40.60 -22.93
C LEU D 342 30.39 41.18 -24.03
N GLU D 343 29.07 41.02 -23.88
CA GLU D 343 28.09 41.51 -24.84
C GLU D 343 28.18 43.04 -24.89
N ALA D 344 28.48 43.65 -23.75
CA ALA D 344 28.60 45.10 -23.67
C ALA D 344 30.04 45.57 -23.94
N GLY D 345 30.89 44.64 -24.37
CA GLY D 345 32.29 44.92 -24.66
C GLY D 345 33.18 45.14 -23.45
N VAL D 346 33.19 44.19 -22.53
CA VAL D 346 34.02 44.31 -21.34
C VAL D 346 34.30 42.90 -20.80
N ALA D 347 35.54 42.47 -20.99
CA ALA D 347 35.98 41.15 -20.55
C ALA D 347 36.38 41.09 -19.08
N VAL D 348 35.67 40.25 -18.34
CA VAL D 348 35.91 40.07 -16.91
C VAL D 348 36.28 38.59 -16.77
N VAL D 349 36.77 38.19 -15.61
CA VAL D 349 37.13 36.80 -15.36
C VAL D 349 36.21 36.31 -14.24
N PRO D 350 35.39 35.29 -14.53
CA PRO D 350 34.42 34.68 -13.62
C PRO D 350 35.04 34.14 -12.34
N GLY D 351 34.39 34.44 -11.21
CA GLY D 351 34.87 33.98 -9.92
C GLY D 351 34.82 32.48 -9.71
N THR D 352 34.26 31.77 -10.69
CA THR D 352 34.14 30.31 -10.64
C THR D 352 35.33 29.47 -10.20
N ASP D 353 36.49 29.74 -10.76
CA ASP D 353 37.67 28.97 -10.39
C ASP D 353 38.49 29.51 -9.22
N PHE D 354 37.90 30.47 -8.51
CA PHE D 354 38.53 31.07 -7.35
C PHE D 354 37.58 30.67 -6.22
N ALA D 355 36.51 29.94 -6.56
CA ALA D 355 35.52 29.52 -5.57
C ALA D 355 34.91 30.84 -5.03
N ALA D 356 34.83 31.85 -5.89
CA ALA D 356 34.26 33.15 -5.54
C ALA D 356 32.98 33.22 -6.37
N PHE D 357 32.05 32.33 -6.03
CA PHE D 357 30.77 32.21 -6.72
C PHE D 357 29.80 33.38 -6.66
N GLY D 358 29.27 33.76 -7.82
CA GLY D 358 28.35 34.88 -7.87
C GLY D 358 29.13 36.17 -7.71
N HIS D 359 30.33 36.17 -8.28
CA HIS D 359 31.24 37.31 -8.24
C HIS D 359 32.06 37.17 -9.52
N VAL D 360 32.72 38.25 -9.92
CA VAL D 360 33.51 38.20 -11.14
C VAL D 360 34.65 39.14 -10.78
N ARG D 361 35.86 38.77 -11.16
CA ARG D 361 37.05 39.55 -10.86
C ARG D 361 37.52 40.71 -11.75
N LEU D 362 37.22 41.94 -11.34
CA LEU D 362 37.62 43.13 -12.06
C LEU D 362 39.08 43.43 -11.80
N SER D 363 39.70 44.17 -12.71
CA SER D 363 41.11 44.54 -12.57
C SER D 363 41.55 45.91 -13.04
N TYR D 364 41.59 46.85 -12.11
CA TYR D 364 42.02 48.22 -12.38
C TYR D 364 43.49 48.45 -12.70
N ALA D 365 44.22 47.38 -12.95
CA ALA D 365 45.65 47.47 -13.28
C ALA D 365 45.85 47.97 -14.70
N THR D 366 44.74 48.30 -15.37
CA THR D 366 44.77 48.80 -16.74
C THR D 366 44.69 50.32 -16.57
N SER D 367 44.73 51.03 -17.69
CA SER D 367 44.67 52.49 -17.67
C SER D 367 43.44 53.04 -16.95
N GLU D 368 43.54 54.29 -16.53
CA GLU D 368 42.45 54.96 -15.83
C GLU D 368 41.32 55.26 -16.82
N GLU D 369 41.63 55.28 -18.11
CA GLU D 369 40.61 55.53 -19.12
C GLU D 369 39.83 54.28 -19.54
N ASN D 370 40.24 53.11 -19.07
CA ASN D 370 39.55 51.88 -19.40
C ASN D 370 38.56 51.54 -18.33
N LEU D 371 38.78 52.10 -17.15
CA LEU D 371 37.88 51.89 -16.02
C LEU D 371 36.73 52.81 -16.41
N ARG D 372 37.08 53.96 -16.99
CA ARG D 372 36.10 54.95 -17.41
C ARG D 372 35.17 54.49 -18.52
N LYS D 373 35.69 53.66 -19.41
CA LYS D 373 34.92 53.12 -20.53
C LYS D 373 34.15 51.91 -20.00
N ALA D 374 34.85 51.06 -19.28
CA ALA D 374 34.24 49.86 -18.73
C ALA D 374 33.11 50.19 -17.76
N LEU D 375 33.26 51.28 -17.03
CA LEU D 375 32.25 51.71 -16.06
C LEU D 375 31.01 52.24 -16.78
N GLU D 376 31.26 52.75 -17.97
CA GLU D 376 30.19 53.30 -18.77
C GLU D 376 29.39 52.12 -19.31
N ARG D 377 30.10 51.16 -19.91
CA ARG D 377 29.45 49.99 -20.47
C ARG D 377 28.68 49.17 -19.44
N PHE D 378 29.13 49.18 -18.18
CA PHE D 378 28.44 48.45 -17.11
C PHE D 378 27.12 49.21 -17.02
N ALA D 379 27.24 50.53 -16.83
CA ALA D 379 26.09 51.43 -16.71
C ALA D 379 24.93 51.15 -17.66
N ARG D 380 25.27 50.87 -18.92
CA ARG D 380 24.29 50.57 -19.96
C ARG D 380 23.65 49.21 -19.68
N VAL D 381 24.48 48.19 -19.41
CA VAL D 381 24.02 46.83 -19.09
C VAL D 381 22.88 46.88 -18.08
N LEU D 382 23.05 47.73 -17.08
CA LEU D 382 22.04 47.89 -16.04
C LEU D 382 20.96 48.78 -16.66
N MET E 1 -19.84 -27.77 64.25
CA MET E 1 -18.71 -27.59 65.21
C MET E 1 -17.55 -26.94 64.46
N ARG E 2 -16.36 -27.55 64.42
CA ARG E 2 -15.24 -26.93 63.71
C ARG E 2 -14.35 -28.08 63.22
N GLY E 3 -13.55 -27.79 62.20
CA GLY E 3 -12.67 -28.81 61.63
C GLY E 3 -12.71 -28.79 60.11
N LEU E 4 -11.72 -29.39 59.47
CA LEU E 4 -11.72 -29.40 58.02
C LEU E 4 -12.64 -30.42 57.39
N SER E 5 -12.71 -30.38 56.06
CA SER E 5 -13.55 -31.26 55.25
C SER E 5 -12.69 -32.47 54.93
N ARG E 6 -13.32 -33.63 54.79
CA ARG E 6 -12.54 -34.82 54.48
C ARG E 6 -12.36 -34.99 52.96
N ARG E 7 -12.05 -33.89 52.29
CA ARG E 7 -11.82 -33.91 50.85
C ARG E 7 -10.50 -33.18 50.84
N VAL E 8 -10.38 -32.29 51.80
CA VAL E 8 -9.22 -31.46 51.95
C VAL E 8 -8.14 -32.14 52.83
N GLN E 9 -8.57 -32.84 53.86
CA GLN E 9 -7.67 -33.56 54.74
C GLN E 9 -7.17 -34.71 53.90
N ALA E 10 -8.09 -35.39 53.22
CA ALA E 10 -7.73 -36.52 52.38
C ALA E 10 -6.71 -36.29 51.28
N MET E 11 -6.42 -35.03 50.98
CA MET E 11 -5.46 -34.71 49.94
C MET E 11 -3.97 -34.57 50.23
N LYS E 12 -3.20 -35.30 49.43
CA LYS E 12 -1.76 -35.31 49.54
C LYS E 12 -1.05 -34.04 49.06
N PRO E 13 0.12 -33.73 49.64
CA PRO E 13 0.95 -32.56 49.32
C PRO E 13 1.44 -32.53 47.89
N ASP E 14 2.24 -31.51 47.57
CA ASP E 14 2.77 -31.36 46.23
C ASP E 14 4.25 -31.76 46.30
N ALA E 15 4.71 -32.49 45.29
CA ALA E 15 6.10 -32.96 45.25
C ALA E 15 7.08 -31.85 44.92
N VAL E 16 6.65 -30.91 44.08
CA VAL E 16 7.53 -29.80 43.70
C VAL E 16 7.41 -28.60 44.61
N VAL E 17 6.23 -28.37 45.17
CA VAL E 17 6.07 -27.27 46.11
C VAL E 17 6.97 -27.78 47.25
N ALA E 18 7.25 -29.10 47.28
CA ALA E 18 8.12 -29.61 48.32
C ALA E 18 9.56 -29.31 47.98
N VAL E 19 10.10 -29.97 46.96
CA VAL E 19 11.49 -29.74 46.57
C VAL E 19 11.88 -28.26 46.53
N ASN E 20 10.96 -27.43 46.03
CA ASN E 20 11.19 -25.99 45.96
C ASN E 20 11.57 -25.40 47.31
N ALA E 21 10.62 -25.48 48.26
CA ALA E 21 10.81 -24.96 49.60
C ALA E 21 12.07 -25.56 50.18
N LYS E 22 12.24 -26.86 50.06
CA LYS E 22 13.49 -27.35 50.60
C LYS E 22 14.64 -27.32 49.62
N ALA E 23 14.70 -26.17 48.90
CA ALA E 23 15.83 -25.82 48.00
C ALA E 23 15.89 -24.68 49.01
N LEU E 24 15.28 -23.51 48.72
CA LEU E 24 15.30 -22.35 49.65
C LEU E 24 15.33 -22.68 51.14
N GLU E 25 16.58 -22.72 51.60
CA GLU E 25 17.07 -23.09 52.94
C GLU E 25 18.22 -23.79 52.13
N LEU E 26 19.36 -24.11 52.69
CA LEU E 26 20.43 -24.72 51.84
C LEU E 26 20.70 -23.57 50.83
N ARG E 27 19.84 -23.43 49.82
CA ARG E 27 19.89 -22.35 48.84
C ARG E 27 19.90 -21.14 49.81
N ARG E 28 18.89 -21.06 50.67
CA ARG E 28 18.80 -19.98 51.68
C ARG E 28 19.73 -20.21 52.90
N GLN E 29 21.03 -20.26 52.64
CA GLN E 29 22.09 -20.43 53.65
C GLN E 29 23.44 -20.92 53.12
N GLY E 30 23.88 -20.33 52.01
CA GLY E 30 25.14 -20.74 51.44
C GLY E 30 24.98 -21.71 50.29
N VAL E 31 24.63 -22.96 50.57
CA VAL E 31 24.47 -23.96 49.51
C VAL E 31 23.75 -23.60 48.20
N ASP E 32 24.50 -23.60 47.11
CA ASP E 32 23.90 -23.30 45.82
C ASP E 32 23.70 -24.69 45.24
N LEU E 33 22.46 -24.99 44.85
CA LEU E 33 22.17 -26.29 44.23
C LEU E 33 21.80 -25.92 42.79
N VAL E 34 21.63 -26.95 41.95
CA VAL E 34 21.29 -26.71 40.56
C VAL E 34 19.91 -27.34 40.57
N ALA E 35 18.92 -26.55 40.19
CA ALA E 35 17.54 -27.01 40.19
C ALA E 35 16.78 -27.42 38.93
N LEU E 36 16.76 -28.72 38.68
CA LEU E 36 16.06 -29.26 37.51
C LEU E 36 14.61 -29.64 37.86
N THR E 37 13.99 -28.91 38.77
CA THR E 37 12.61 -29.20 39.17
C THR E 37 11.64 -28.60 38.16
N ALA E 38 12.07 -27.50 37.56
CA ALA E 38 11.32 -26.73 36.58
C ALA E 38 10.13 -27.14 35.71
N GLY E 39 9.04 -26.41 35.84
CA GLY E 39 7.89 -26.66 35.02
C GLY E 39 7.80 -25.58 33.98
N GLU E 40 8.42 -24.46 34.32
CA GLU E 40 8.45 -23.29 33.46
C GLU E 40 9.66 -23.07 32.59
N PRO E 41 9.46 -22.43 31.45
CA PRO E 41 10.55 -22.13 30.50
C PRO E 41 11.40 -20.98 31.03
N ASP E 42 12.71 -21.10 30.83
CA ASP E 42 13.65 -20.09 31.29
C ASP E 42 13.38 -18.76 30.61
N PHE E 43 12.94 -18.83 29.37
CA PHE E 43 12.61 -17.63 28.60
C PHE E 43 11.51 -16.82 29.27
N ASP E 44 11.58 -15.51 29.07
CA ASP E 44 10.62 -14.59 29.65
C ASP E 44 9.68 -14.44 28.47
N THR E 45 8.42 -14.18 28.78
CA THR E 45 7.40 -14.00 27.74
C THR E 45 7.83 -12.89 26.79
N PRO E 46 7.53 -13.07 25.50
CA PRO E 46 7.84 -12.15 24.41
C PRO E 46 7.38 -10.71 24.70
N GLU E 47 8.00 -9.73 24.05
CA GLU E 47 7.65 -8.33 24.28
C GLU E 47 6.30 -7.81 23.83
N HIS E 48 5.83 -8.31 22.69
CA HIS E 48 4.56 -7.88 22.16
C HIS E 48 3.48 -8.11 23.18
N VAL E 49 3.43 -9.34 23.69
CA VAL E 49 2.44 -9.79 24.65
C VAL E 49 2.53 -8.94 25.92
N LYS E 50 3.76 -8.56 26.27
CA LYS E 50 3.95 -7.64 27.40
C LYS E 50 3.32 -6.30 26.98
N GLU E 51 3.64 -5.83 25.78
CA GLU E 51 3.11 -4.58 25.25
C GLU E 51 1.59 -4.55 25.22
N ALA E 52 0.98 -5.62 24.66
CA ALA E 52 -0.47 -5.71 24.57
C ALA E 52 -1.09 -5.52 25.95
N ALA E 53 -0.44 -6.07 26.97
CA ALA E 53 -0.92 -5.97 28.35
C ALA E 53 -0.91 -4.49 28.70
N ARG E 54 0.21 -3.83 28.39
CA ARG E 54 0.37 -2.40 28.66
C ARG E 54 -0.76 -1.60 28.04
N ARG E 55 -1.01 -1.85 26.76
CA ARG E 55 -2.06 -1.15 26.03
C ARG E 55 -3.34 -1.30 26.81
N ALA E 56 -3.64 -2.50 27.29
CA ALA E 56 -4.87 -2.72 28.03
C ALA E 56 -4.95 -1.87 29.27
N LEU E 57 -3.84 -1.80 30.01
CA LEU E 57 -3.78 -1.01 31.24
C LEU E 57 -4.13 0.41 30.87
N ALA E 58 -3.47 0.89 29.82
CA ALA E 58 -3.67 2.23 29.31
C ALA E 58 -5.12 2.52 28.94
N GLN E 59 -5.72 1.68 28.11
CA GLN E 59 -7.12 1.93 27.74
C GLN E 59 -8.16 1.62 28.82
N GLY E 60 -7.69 1.25 30.01
CA GLY E 60 -8.60 1.01 31.10
C GLY E 60 -9.45 -0.22 30.94
N LYS E 61 -8.79 -1.30 30.50
CA LYS E 61 -9.41 -2.60 30.28
C LYS E 61 -9.25 -3.24 31.66
N THR E 62 -9.96 -2.71 32.65
CA THR E 62 -9.84 -3.25 34.00
C THR E 62 -11.09 -3.64 34.78
N LYS E 63 -12.18 -3.84 34.07
CA LYS E 63 -13.44 -4.24 34.71
C LYS E 63 -13.71 -5.73 34.62
N TYR E 64 -14.80 -6.15 35.21
CA TYR E 64 -15.15 -7.54 35.18
C TYR E 64 -15.45 -8.08 33.78
N ALA E 65 -14.78 -9.16 33.42
CA ALA E 65 -14.95 -9.80 32.13
C ALA E 65 -16.02 -10.87 32.32
N PRO E 66 -16.56 -11.41 31.22
CA PRO E 66 -17.60 -12.45 31.31
C PRO E 66 -16.99 -13.73 31.88
N PRO E 67 -17.79 -14.61 32.53
CA PRO E 67 -17.34 -15.85 33.14
C PRO E 67 -16.61 -16.79 32.19
N ALA E 68 -17.01 -16.80 30.93
CA ALA E 68 -16.35 -17.67 29.96
C ALA E 68 -15.17 -16.97 29.29
N GLY E 69 -14.94 -15.72 29.68
CA GLY E 69 -13.85 -14.95 29.12
C GLY E 69 -14.35 -13.96 28.11
N ILE E 70 -13.49 -13.02 27.72
CA ILE E 70 -13.88 -12.01 26.75
C ILE E 70 -14.19 -12.61 25.39
N PRO E 71 -15.21 -12.05 24.71
CA PRO E 71 -15.63 -12.52 23.38
C PRO E 71 -14.45 -12.59 22.43
N GLU E 72 -13.76 -11.47 22.25
CA GLU E 72 -12.61 -11.42 21.35
C GLU E 72 -11.64 -12.57 21.50
N LEU E 73 -11.37 -12.98 22.74
CA LEU E 73 -10.45 -14.07 22.97
C LEU E 73 -11.12 -15.40 22.64
N ARG E 74 -12.43 -15.49 22.92
CA ARG E 74 -13.16 -16.72 22.61
C ARG E 74 -13.25 -16.93 21.12
N GLU E 75 -13.39 -15.83 20.39
CA GLU E 75 -13.49 -15.86 18.93
C GLU E 75 -12.13 -16.25 18.38
N ALA E 76 -11.08 -15.64 18.94
CA ALA E 76 -9.72 -15.91 18.52
C ALA E 76 -9.25 -17.30 18.91
N LEU E 77 -9.80 -17.81 20.00
CA LEU E 77 -9.46 -19.13 20.52
C LEU E 77 -9.96 -20.15 19.52
N ALA E 78 -11.27 -20.10 19.26
CA ALA E 78 -11.93 -21.00 18.31
C ALA E 78 -11.21 -21.01 16.98
N GLU E 79 -10.54 -19.91 16.68
CA GLU E 79 -9.82 -19.83 15.42
C GLU E 79 -8.41 -20.41 15.47
N LYS E 80 -7.88 -20.60 16.68
CA LYS E 80 -6.56 -21.24 16.86
C LYS E 80 -6.87 -22.72 16.67
N PHE E 81 -7.83 -23.19 17.47
CA PHE E 81 -8.28 -24.58 17.53
C PHE E 81 -8.62 -25.20 16.18
N ARG E 82 -8.95 -24.34 15.23
CA ARG E 82 -9.29 -24.75 13.88
C ARG E 82 -7.97 -24.75 13.11
N ARG E 83 -7.42 -23.56 12.96
CA ARG E 83 -6.18 -23.30 12.24
C ARG E 83 -5.08 -24.31 12.57
N GLU E 84 -4.68 -24.35 13.85
CA GLU E 84 -3.65 -25.26 14.33
C GLU E 84 -4.02 -26.70 14.68
N ASN E 85 -5.31 -26.95 14.88
CA ASN E 85 -5.79 -28.30 15.23
C ASN E 85 -6.82 -29.14 14.46
N GLY E 86 -7.59 -28.50 13.59
CA GLY E 86 -8.59 -29.24 12.84
C GLY E 86 -9.87 -29.45 13.61
N LEU E 87 -9.99 -28.80 14.77
CA LEU E 87 -11.19 -28.88 15.61
C LEU E 87 -12.07 -27.85 14.91
N SER E 88 -13.36 -28.12 14.90
CA SER E 88 -14.29 -27.24 14.23
C SER E 88 -15.27 -26.75 15.29
N VAL E 89 -14.74 -25.98 16.24
CA VAL E 89 -15.55 -25.45 17.33
C VAL E 89 -15.95 -24.04 16.96
N THR E 90 -16.95 -23.54 17.67
CA THR E 90 -17.44 -22.19 17.43
C THR E 90 -17.17 -21.58 18.81
N PRO E 91 -16.97 -20.25 18.86
CA PRO E 91 -16.71 -19.59 20.14
C PRO E 91 -17.56 -20.05 21.31
N GLU E 92 -18.83 -20.39 21.06
CA GLU E 92 -19.70 -20.86 22.13
C GLU E 92 -19.24 -22.17 22.80
N GLU E 93 -18.44 -22.94 22.08
CA GLU E 93 -17.90 -24.20 22.58
C GLU E 93 -16.41 -23.99 22.89
N THR E 94 -16.08 -22.80 23.38
CA THR E 94 -14.71 -22.41 23.71
C THR E 94 -14.84 -21.67 25.04
N ILE E 95 -13.85 -21.85 25.91
CA ILE E 95 -13.84 -21.19 27.22
C ILE E 95 -12.42 -20.85 27.66
N VAL E 96 -12.25 -19.70 28.30
CA VAL E 96 -10.93 -19.29 28.76
C VAL E 96 -10.93 -19.29 30.29
N THR E 97 -10.14 -20.20 30.86
CA THR E 97 -10.01 -20.35 32.32
C THR E 97 -8.77 -19.67 32.93
N VAL E 98 -8.65 -19.76 34.26
CA VAL E 98 -7.53 -19.19 35.02
C VAL E 98 -6.40 -20.22 34.96
N GLY E 99 -5.98 -20.55 33.74
CA GLY E 99 -4.91 -21.53 33.56
C GLY E 99 -5.44 -22.89 33.16
N GLY E 100 -4.54 -23.71 32.62
CA GLY E 100 -4.92 -25.05 32.19
C GLY E 100 -5.36 -25.87 33.39
N SER E 101 -4.97 -25.38 34.57
CA SER E 101 -5.29 -26.00 35.84
C SER E 101 -6.76 -25.74 36.16
N GLN E 102 -7.19 -24.48 36.03
CA GLN E 102 -8.59 -24.15 36.30
C GLN E 102 -9.53 -24.92 35.34
N ALA E 103 -9.02 -25.25 34.14
CA ALA E 103 -9.81 -25.95 33.11
C ALA E 103 -10.00 -27.40 33.56
N LEU E 104 -8.89 -28.09 33.82
CA LEU E 104 -8.95 -29.48 34.27
C LEU E 104 -9.77 -29.61 35.54
N PHE E 105 -9.61 -28.69 36.48
CA PHE E 105 -10.35 -28.73 37.74
C PHE E 105 -11.83 -28.59 37.38
N ASN E 106 -12.26 -27.40 36.99
CA ASN E 106 -13.65 -27.15 36.62
C ASN E 106 -14.31 -28.23 35.78
N LEU E 107 -13.52 -28.91 34.95
CA LEU E 107 -14.00 -29.98 34.07
C LEU E 107 -14.60 -31.11 34.90
N PHE E 108 -13.76 -31.71 35.74
CA PHE E 108 -14.19 -32.80 36.59
C PHE E 108 -15.30 -32.37 37.56
N GLN E 109 -15.43 -31.07 37.80
CA GLN E 109 -16.47 -30.56 38.69
C GLN E 109 -17.80 -30.56 37.97
N ALA E 110 -17.73 -30.59 36.64
CA ALA E 110 -18.89 -30.59 35.76
C ALA E 110 -19.37 -31.98 35.33
N ILE E 111 -18.42 -32.88 35.06
CA ILE E 111 -18.77 -34.24 34.68
C ILE E 111 -18.79 -34.97 36.03
N LEU E 112 -17.72 -35.66 36.40
CA LEU E 112 -17.64 -36.37 37.69
C LEU E 112 -18.59 -36.25 38.89
N ASP E 113 -19.36 -37.32 39.14
CA ASP E 113 -20.29 -37.39 40.25
C ASP E 113 -19.65 -38.55 41.04
N PRO E 114 -19.71 -38.51 42.39
CA PRO E 114 -19.15 -39.51 43.32
C PRO E 114 -19.19 -40.95 42.86
N GLY E 115 -18.03 -41.60 42.91
CA GLY E 115 -17.94 -42.99 42.49
C GLY E 115 -17.66 -43.16 41.00
N ASP E 116 -17.77 -42.08 40.23
CA ASP E 116 -17.51 -42.17 38.80
C ASP E 116 -16.02 -42.39 38.66
N GLU E 117 -15.65 -43.30 37.77
CA GLU E 117 -14.25 -43.64 37.55
C GLU E 117 -13.61 -42.88 36.40
N VAL E 118 -12.36 -42.47 36.56
CA VAL E 118 -11.64 -41.75 35.52
C VAL E 118 -10.37 -42.55 35.27
N ILE E 119 -10.23 -43.09 34.06
CA ILE E 119 -9.04 -43.86 33.71
C ILE E 119 -7.91 -42.86 33.52
N VAL E 120 -6.75 -43.18 34.08
CA VAL E 120 -5.58 -42.30 34.02
C VAL E 120 -4.37 -43.15 33.74
N LEU E 121 -3.57 -42.73 32.76
CA LEU E 121 -2.36 -43.44 32.37
C LEU E 121 -1.01 -43.10 33.02
N SER E 122 -0.40 -44.07 33.70
CA SER E 122 0.89 -43.88 34.35
C SER E 122 2.07 -44.29 33.45
N PRO E 123 3.24 -43.64 33.61
CA PRO E 123 3.53 -42.56 34.56
C PRO E 123 2.63 -41.39 34.20
N TYR E 124 2.16 -40.67 35.21
CA TYR E 124 1.26 -39.55 35.01
C TYR E 124 1.54 -38.30 35.80
N TRP E 125 1.12 -37.16 35.26
CA TRP E 125 1.31 -35.89 35.93
C TRP E 125 0.61 -35.80 37.29
N VAL E 126 1.41 -35.56 38.31
CA VAL E 126 0.98 -35.42 39.69
C VAL E 126 -0.45 -35.04 40.05
N SER E 127 -0.94 -33.95 39.46
CA SER E 127 -2.29 -33.48 39.77
C SER E 127 -3.52 -34.13 39.24
N TYR E 128 -3.38 -34.92 38.18
CA TYR E 128 -4.52 -35.62 37.60
C TYR E 128 -5.35 -36.40 38.60
N PRO E 129 -4.70 -37.30 39.38
CA PRO E 129 -5.49 -38.06 40.35
C PRO E 129 -5.91 -37.22 41.55
N GLU E 130 -5.09 -36.23 41.91
CA GLU E 130 -5.39 -35.37 43.05
C GLU E 130 -6.75 -34.71 42.91
N MET E 131 -7.03 -34.23 41.70
CA MET E 131 -8.28 -33.57 41.41
C MET E 131 -9.51 -34.35 40.96
N VAL E 132 -9.28 -35.52 40.35
CA VAL E 132 -10.35 -36.40 39.88
C VAL E 132 -11.12 -36.64 41.16
N ARG E 133 -10.39 -37.14 42.16
CA ARG E 133 -10.93 -37.45 43.48
C ARG E 133 -11.40 -36.30 44.38
N PHE E 134 -10.88 -35.10 44.16
CA PHE E 134 -11.31 -33.93 44.95
C PHE E 134 -12.80 -33.81 44.57
N ALA E 135 -13.10 -34.05 43.30
CA ALA E 135 -14.48 -33.97 42.82
C ALA E 135 -15.35 -35.14 43.25
N GLY E 136 -14.71 -36.23 43.65
CA GLY E 136 -15.43 -37.41 44.09
C GLY E 136 -15.21 -38.55 43.11
N GLY E 137 -14.17 -38.43 42.31
CA GLY E 137 -13.87 -39.43 41.32
C GLY E 137 -13.19 -40.65 41.89
N VAL E 138 -12.75 -41.53 40.99
CA VAL E 138 -12.08 -42.77 41.37
C VAL E 138 -11.04 -43.01 40.31
N VAL E 139 -9.79 -42.72 40.63
CA VAL E 139 -8.70 -42.94 39.68
C VAL E 139 -8.52 -44.44 39.45
N VAL E 140 -8.59 -44.85 38.18
CA VAL E 140 -8.44 -46.24 37.77
C VAL E 140 -7.25 -46.04 36.85
N GLU E 141 -6.08 -46.55 37.22
CA GLU E 141 -4.90 -46.36 36.41
C GLU E 141 -4.28 -47.45 35.56
N VAL E 142 -3.82 -47.09 34.37
CA VAL E 142 -3.21 -48.04 33.44
C VAL E 142 -1.76 -47.68 33.17
N GLU E 143 -0.86 -48.63 33.35
CA GLU E 143 0.54 -48.33 33.10
C GLU E 143 1.09 -48.43 31.68
N THR E 144 2.01 -47.53 31.36
CA THR E 144 2.66 -47.50 30.06
C THR E 144 4.10 -47.96 30.35
N LEU E 145 4.52 -49.05 29.69
CA LEU E 145 5.87 -49.59 29.89
C LEU E 145 6.93 -48.79 29.13
N PRO E 146 8.13 -48.65 29.72
CA PRO E 146 9.24 -47.91 29.11
C PRO E 146 9.82 -48.68 27.94
N GLU E 147 9.66 -50.00 27.99
CA GLU E 147 10.16 -50.89 26.95
C GLU E 147 9.45 -50.38 25.69
N GLU E 148 8.14 -50.20 25.82
CA GLU E 148 7.29 -49.70 24.74
C GLU E 148 7.26 -48.16 24.72
N GLY E 149 8.40 -47.56 25.08
CA GLY E 149 8.54 -46.11 25.10
C GLY E 149 7.41 -45.28 25.69
N PHE E 150 6.82 -45.73 26.78
CA PHE E 150 5.73 -45.00 27.42
C PHE E 150 4.45 -44.57 26.69
N VAL E 151 4.14 -45.26 25.59
CA VAL E 151 2.94 -44.99 24.77
C VAL E 151 1.89 -46.03 25.15
N PRO E 152 0.64 -45.61 25.38
CA PRO E 152 -0.46 -46.51 25.75
C PRO E 152 -0.76 -47.60 24.73
N ASP E 153 -1.24 -48.71 25.26
CA ASP E 153 -1.62 -49.88 24.47
C ASP E 153 -3.14 -49.80 24.68
N PRO E 154 -3.89 -49.46 23.61
CA PRO E 154 -5.35 -49.35 23.67
C PRO E 154 -6.02 -50.64 24.13
N GLU E 155 -5.50 -51.79 23.69
CA GLU E 155 -6.06 -53.07 24.08
C GLU E 155 -6.26 -53.20 25.58
N ARG E 156 -5.27 -52.82 26.36
CA ARG E 156 -5.43 -52.92 27.80
C ARG E 156 -6.10 -51.72 28.42
N VAL E 157 -6.11 -50.60 27.68
CA VAL E 157 -6.77 -49.39 28.17
C VAL E 157 -8.26 -49.77 28.06
N ARG E 158 -8.58 -50.65 27.11
CA ARG E 158 -9.97 -51.10 26.92
C ARG E 158 -10.46 -51.86 28.14
N ARG E 159 -9.69 -52.88 28.51
CA ARG E 159 -10.02 -53.72 29.66
C ARG E 159 -9.94 -53.09 31.06
N ALA E 160 -10.07 -51.78 31.13
CA ALA E 160 -10.02 -51.03 32.38
C ALA E 160 -11.35 -50.27 32.40
N ILE E 161 -12.10 -50.36 31.29
CA ILE E 161 -13.38 -49.68 31.17
C ILE E 161 -14.41 -50.54 31.90
N THR E 162 -15.25 -49.88 32.68
CA THR E 162 -16.29 -50.55 33.45
C THR E 162 -17.45 -49.59 33.26
N PRO E 163 -18.68 -50.04 33.60
CA PRO E 163 -19.86 -49.18 33.46
C PRO E 163 -19.87 -47.95 34.39
N ARG E 164 -18.84 -47.82 35.22
CA ARG E 164 -18.73 -46.69 36.13
C ARG E 164 -17.87 -45.68 35.35
N THR E 165 -16.98 -46.18 34.49
CA THR E 165 -16.07 -45.34 33.69
C THR E 165 -16.70 -44.16 32.97
N LYS E 166 -16.35 -42.96 33.43
CA LYS E 166 -16.85 -41.71 32.84
C LYS E 166 -15.92 -40.84 32.01
N ALA E 167 -14.61 -40.99 32.20
CA ALA E 167 -13.63 -40.21 31.46
C ALA E 167 -12.32 -40.93 31.30
N LEU E 168 -11.58 -40.58 30.26
CA LEU E 168 -10.27 -41.17 29.99
C LEU E 168 -9.43 -39.92 29.87
N VAL E 169 -8.18 -39.98 30.33
CA VAL E 169 -7.28 -38.85 30.29
C VAL E 169 -5.95 -39.11 29.59
N VAL E 170 -5.84 -38.54 28.39
CA VAL E 170 -4.66 -38.66 27.55
C VAL E 170 -3.89 -37.33 27.47
N ASN E 171 -2.57 -37.42 27.56
CA ASN E 171 -1.68 -36.27 27.48
C ASN E 171 -0.40 -36.54 26.65
N SER E 172 -0.38 -36.03 25.42
CA SER E 172 0.77 -36.18 24.52
C SER E 172 0.86 -34.79 23.88
N PRO E 173 2.04 -34.14 23.95
CA PRO E 173 3.31 -34.57 24.57
C PRO E 173 3.23 -34.78 26.08
N ASN E 174 3.58 -35.98 26.51
CA ASN E 174 3.54 -36.36 27.91
C ASN E 174 4.42 -35.65 28.92
N ASN E 175 3.94 -35.61 30.16
CA ASN E 175 4.62 -35.00 31.30
C ASN E 175 4.22 -36.18 32.20
N PRO E 176 5.20 -36.80 32.91
CA PRO E 176 6.66 -36.58 32.97
C PRO E 176 7.57 -37.36 32.02
N THR E 177 7.01 -38.17 31.14
CA THR E 177 7.86 -38.95 30.23
C THR E 177 8.39 -38.27 28.95
N GLY E 178 7.66 -37.26 28.49
CA GLY E 178 8.07 -36.56 27.28
C GLY E 178 7.66 -37.24 26.00
N ALA E 179 7.04 -38.42 26.11
CA ALA E 179 6.58 -39.18 24.95
C ALA E 179 5.52 -38.41 24.16
N VAL E 180 5.36 -38.75 22.89
CA VAL E 180 4.36 -38.11 22.04
C VAL E 180 3.73 -39.32 21.33
N TYR E 181 2.45 -39.56 21.64
CA TYR E 181 1.74 -40.69 21.07
C TYR E 181 1.44 -40.50 19.59
N PRO E 182 1.64 -41.55 18.76
CA PRO E 182 1.39 -41.51 17.31
C PRO E 182 -0.07 -41.29 16.98
N LYS E 183 -0.33 -40.71 15.81
CA LYS E 183 -1.69 -40.43 15.37
C LYS E 183 -2.76 -41.47 15.65
N GLU E 184 -2.51 -42.69 15.20
CA GLU E 184 -3.44 -43.80 15.38
C GLU E 184 -3.71 -44.46 16.75
N VAL E 185 -3.08 -43.92 17.79
CA VAL E 185 -3.26 -44.43 19.14
C VAL E 185 -4.26 -43.40 19.70
N LEU E 186 -4.08 -42.11 19.41
CA LEU E 186 -5.01 -41.07 19.88
C LEU E 186 -6.30 -41.40 19.12
N GLU E 187 -6.10 -41.97 17.93
CA GLU E 187 -7.17 -42.38 17.04
C GLU E 187 -7.88 -43.44 17.88
N ALA E 188 -7.15 -44.52 18.16
CA ALA E 188 -7.67 -45.66 18.92
C ALA E 188 -8.38 -45.34 20.22
N LEU E 189 -7.70 -44.59 21.07
CA LEU E 189 -8.21 -44.19 22.36
C LEU E 189 -9.49 -43.40 22.21
N ALA E 190 -9.48 -42.46 21.28
CA ALA E 190 -10.62 -41.59 21.03
C ALA E 190 -11.83 -42.44 20.64
N ARG E 191 -11.57 -43.57 20.00
CA ARG E 191 -12.65 -44.43 19.59
C ARG E 191 -13.33 -45.22 20.67
N LEU E 192 -12.57 -45.63 21.69
CA LEU E 192 -13.13 -46.39 22.81
C LEU E 192 -14.03 -45.38 23.52
N ALA E 193 -13.61 -44.11 23.57
CA ALA E 193 -14.37 -43.05 24.22
C ALA E 193 -15.77 -42.95 23.61
N VAL E 194 -15.83 -43.09 22.29
CA VAL E 194 -17.10 -43.03 21.57
C VAL E 194 -17.87 -44.34 21.73
N GLU E 195 -17.17 -45.44 21.52
CA GLU E 195 -17.72 -46.78 21.61
C GLU E 195 -18.45 -47.13 22.90
N HIS E 196 -17.77 -46.94 24.03
CA HIS E 196 -18.31 -47.25 25.34
C HIS E 196 -19.06 -46.06 25.94
N ASP E 197 -19.05 -44.94 25.22
CA ASP E 197 -19.74 -43.72 25.66
C ASP E 197 -19.24 -43.09 26.96
N PHE E 198 -18.19 -42.26 26.84
CA PHE E 198 -17.62 -41.57 28.00
C PHE E 198 -16.71 -40.50 27.41
N TYR E 199 -16.48 -39.42 28.15
CA TYR E 199 -15.61 -38.33 27.71
C TYR E 199 -14.15 -38.70 27.54
N LEU E 200 -13.45 -37.95 26.71
CA LEU E 200 -12.04 -38.20 26.48
C LEU E 200 -11.54 -36.81 26.81
N VAL E 201 -10.61 -36.72 27.75
CA VAL E 201 -10.02 -35.45 28.17
C VAL E 201 -8.58 -35.44 27.65
N SER E 202 -8.32 -34.57 26.68
CA SER E 202 -7.00 -34.46 26.07
C SER E 202 -6.29 -33.22 26.58
N ASP E 203 -5.08 -33.41 27.13
CA ASP E 203 -4.28 -32.31 27.66
C ASP E 203 -3.14 -31.92 26.74
N GLU E 204 -3.49 -31.32 25.61
CA GLU E 204 -2.48 -30.94 24.64
C GLU E 204 -1.36 -29.97 24.98
N ILE E 205 -1.72 -28.83 25.55
CA ILE E 205 -0.76 -27.81 26.01
C ILE E 205 0.70 -27.78 25.52
N TYR E 206 1.41 -28.90 25.70
CA TYR E 206 2.80 -29.02 25.27
C TYR E 206 2.91 -29.24 23.75
N GLU E 207 1.80 -29.07 23.06
CA GLU E 207 1.76 -29.27 21.61
C GLU E 207 2.91 -28.69 20.82
N HIS E 208 3.24 -27.45 21.14
CA HIS E 208 4.29 -26.72 20.47
C HIS E 208 5.74 -26.99 20.73
N LEU E 209 6.03 -27.70 21.80
CA LEU E 209 7.40 -27.98 22.17
C LEU E 209 7.42 -29.43 21.70
N LEU E 210 7.59 -29.63 20.39
CA LEU E 210 7.60 -30.97 19.79
C LEU E 210 8.79 -31.06 18.86
N TYR E 211 9.76 -31.87 19.25
CA TYR E 211 11.00 -32.03 18.52
C TYR E 211 10.92 -33.03 17.38
N GLU E 212 10.29 -34.17 17.61
CA GLU E 212 10.14 -35.16 16.55
C GLU E 212 8.95 -36.08 16.54
N GLY E 213 7.97 -35.68 15.74
CA GLY E 213 6.73 -36.41 15.59
C GLY E 213 5.69 -35.44 15.05
N GLU E 214 4.42 -35.80 15.11
CA GLU E 214 3.39 -34.92 14.61
C GLU E 214 2.31 -34.94 15.68
N HIS E 215 1.88 -33.76 16.08
CA HIS E 215 0.85 -33.63 17.11
C HIS E 215 -0.56 -33.75 16.55
N PHE E 216 -1.22 -34.86 16.87
CA PHE E 216 -2.58 -35.11 16.42
C PHE E 216 -3.52 -34.83 17.61
N SER E 217 -4.71 -34.34 17.30
CA SER E 217 -5.74 -34.07 18.32
C SER E 217 -6.84 -35.10 18.03
N PRO E 218 -7.42 -35.69 19.10
CA PRO E 218 -8.48 -36.68 18.93
C PRO E 218 -9.86 -36.05 18.74
N GLY E 219 -9.95 -34.75 19.01
CA GLY E 219 -11.22 -34.04 18.86
C GLY E 219 -11.59 -33.92 17.40
N ARG E 220 -10.65 -34.34 16.57
CA ARG E 220 -10.74 -34.35 15.13
C ARG E 220 -11.65 -35.58 14.96
N VAL E 221 -11.25 -36.66 15.62
CA VAL E 221 -11.96 -37.93 15.58
C VAL E 221 -13.25 -38.17 16.36
N ALA E 222 -13.33 -37.66 17.58
CA ALA E 222 -14.51 -37.85 18.41
C ALA E 222 -14.88 -36.51 19.05
N PRO E 223 -15.36 -35.56 18.23
CA PRO E 223 -15.76 -34.21 18.64
C PRO E 223 -16.86 -34.04 19.67
N GLU E 224 -17.69 -35.05 19.86
CA GLU E 224 -18.72 -34.87 20.86
C GLU E 224 -18.44 -35.54 22.17
N HIS E 225 -17.28 -36.14 22.22
CA HIS E 225 -16.85 -36.85 23.39
C HIS E 225 -15.62 -36.18 23.98
N THR E 226 -14.76 -35.71 23.10
CA THR E 226 -13.53 -35.06 23.49
C THR E 226 -13.58 -33.64 24.01
N LEU E 227 -12.78 -33.41 25.05
CA LEU E 227 -12.68 -32.12 25.69
C LEU E 227 -11.18 -31.90 25.49
N THR E 228 -10.86 -30.84 24.74
CA THR E 228 -9.47 -30.50 24.46
C THR E 228 -8.98 -29.31 25.28
N VAL E 229 -8.09 -29.60 26.22
CA VAL E 229 -7.52 -28.62 27.13
C VAL E 229 -6.11 -28.15 26.76
N ASN E 230 -5.93 -26.84 26.69
CA ASN E 230 -4.62 -26.28 26.36
C ASN E 230 -4.48 -24.97 27.15
N GLY E 231 -3.37 -24.26 26.90
CA GLY E 231 -3.13 -23.02 27.60
C GLY E 231 -1.96 -22.23 27.06
N ALA E 232 -1.90 -20.95 27.44
CA ALA E 232 -0.85 -20.05 27.02
C ALA E 232 0.51 -20.31 27.67
N ALA E 233 0.47 -20.64 28.96
CA ALA E 233 1.67 -20.90 29.74
C ALA E 233 2.95 -21.46 29.12
N LYS E 234 2.91 -22.73 28.79
CA LYS E 234 4.06 -23.40 28.22
C LYS E 234 4.64 -22.91 26.90
N ALA E 235 3.78 -22.70 25.91
CA ALA E 235 4.23 -22.26 24.58
C ALA E 235 4.84 -20.87 24.61
N PHE E 236 4.04 -19.90 25.09
CA PHE E 236 4.44 -18.51 25.20
C PHE E 236 5.17 -18.01 26.45
N ALA E 237 5.77 -18.92 27.23
CA ALA E 237 6.48 -18.55 28.45
C ALA E 237 5.60 -17.74 29.41
N MET E 238 4.29 -17.92 29.29
CA MET E 238 3.29 -17.24 30.12
C MET E 238 2.72 -17.94 31.35
N THR E 239 3.56 -18.66 32.09
CA THR E 239 3.12 -19.39 33.27
C THR E 239 2.51 -18.52 34.38
N GLY E 240 3.22 -17.48 34.79
CA GLY E 240 2.74 -16.58 35.81
C GLY E 240 1.48 -15.81 35.44
N TRP E 241 1.20 -15.74 34.14
CA TRP E 241 0.03 -15.04 33.61
C TRP E 241 -1.32 -15.65 33.91
N ARG E 242 -1.33 -16.93 34.30
CA ARG E 242 -2.58 -17.63 34.62
C ARG E 242 -3.68 -17.65 33.55
N ILE E 243 -3.39 -18.17 32.38
CA ILE E 243 -4.41 -18.26 31.32
C ILE E 243 -4.41 -19.52 30.47
N GLY E 244 -5.49 -20.28 30.65
CA GLY E 244 -5.66 -21.52 29.96
C GLY E 244 -6.99 -21.51 29.23
N TYR E 245 -7.17 -22.49 28.35
CA TYR E 245 -8.40 -22.57 27.58
C TYR E 245 -8.79 -23.97 27.14
N ALA E 246 -10.05 -24.13 26.74
CA ALA E 246 -10.55 -25.42 26.28
C ALA E 246 -11.72 -25.33 25.30
N CYS E 247 -12.07 -26.48 24.72
CA CYS E 247 -13.15 -26.56 23.76
C CYS E 247 -13.74 -27.96 23.73
N GLY E 248 -14.99 -28.06 23.30
CA GLY E 248 -15.68 -29.33 23.23
C GLY E 248 -17.18 -29.14 23.21
N PRO E 249 -17.96 -30.09 23.72
CA PRO E 249 -19.43 -30.03 23.76
C PRO E 249 -19.97 -28.77 24.45
N LYS E 250 -20.73 -27.98 23.68
CA LYS E 250 -21.34 -26.74 24.18
C LYS E 250 -21.79 -26.93 25.63
N GLU E 251 -22.49 -28.03 25.86
CA GLU E 251 -23.01 -28.38 27.17
C GLU E 251 -22.07 -28.32 28.39
N VAL E 252 -21.02 -29.13 28.38
CA VAL E 252 -20.06 -29.16 29.48
C VAL E 252 -19.15 -27.91 29.49
N ILE E 253 -19.12 -27.18 28.37
CA ILE E 253 -18.32 -25.95 28.25
C ILE E 253 -19.12 -24.74 28.71
N LYS E 254 -19.94 -24.94 29.73
CA LYS E 254 -20.74 -23.84 30.28
C LYS E 254 -21.21 -24.39 31.61
N ALA E 255 -21.00 -25.68 31.79
CA ALA E 255 -21.33 -26.35 33.03
C ALA E 255 -20.03 -25.70 33.56
N MET E 256 -18.91 -25.89 32.84
CA MET E 256 -17.64 -25.32 33.22
C MET E 256 -17.68 -23.83 33.48
N ALA E 257 -18.23 -23.08 32.53
CA ALA E 257 -18.31 -21.64 32.67
C ALA E 257 -19.11 -21.23 33.91
N SER E 258 -20.08 -22.06 34.26
CA SER E 258 -20.89 -21.79 35.43
C SER E 258 -20.26 -22.04 36.78
N VAL E 259 -19.21 -22.86 36.79
CA VAL E 259 -18.45 -23.15 38.01
C VAL E 259 -17.50 -21.95 38.08
N SER E 260 -16.93 -21.62 36.93
CA SER E 260 -15.99 -20.51 36.79
C SER E 260 -16.56 -19.22 37.35
N ARG E 261 -17.79 -18.89 36.96
CA ARG E 261 -18.43 -17.66 37.42
C ARG E 261 -18.47 -17.57 38.93
N GLN E 262 -18.64 -18.72 39.57
CA GLN E 262 -18.73 -18.77 41.02
C GLN E 262 -17.48 -19.12 41.83
N SER E 263 -16.43 -19.59 41.16
CA SER E 263 -15.20 -19.94 41.86
C SER E 263 -14.25 -18.75 41.75
N THR E 264 -13.98 -18.31 40.53
CA THR E 264 -13.09 -17.19 40.28
C THR E 264 -13.79 -15.94 39.75
N THR E 265 -15.00 -16.11 39.24
CA THR E 265 -15.81 -15.04 38.67
C THR E 265 -15.41 -14.76 37.24
N SER E 266 -14.14 -15.02 36.92
CA SER E 266 -13.58 -14.76 35.60
C SER E 266 -12.09 -14.52 35.65
N PRO E 267 -11.39 -14.78 34.54
CA PRO E 267 -9.94 -14.59 34.46
C PRO E 267 -9.52 -13.13 34.43
N ASP E 268 -8.34 -12.87 34.99
CA ASP E 268 -7.76 -11.53 35.04
C ASP E 268 -7.87 -10.86 33.66
N THR E 269 -8.72 -9.85 33.56
CA THR E 269 -8.92 -9.13 32.29
C THR E 269 -7.69 -8.77 31.45
N ILE E 270 -6.72 -8.13 32.11
CA ILE E 270 -5.47 -7.72 31.46
C ILE E 270 -4.81 -8.89 30.71
N ALA E 271 -4.69 -10.03 31.38
CA ALA E 271 -4.06 -11.20 30.78
C ALA E 271 -4.81 -11.66 29.54
N GLN E 272 -6.14 -11.58 29.57
CA GLN E 272 -6.97 -12.00 28.42
C GLN E 272 -6.52 -11.23 27.19
N TRP E 273 -6.60 -9.91 27.27
CA TRP E 273 -6.18 -9.05 26.18
C TRP E 273 -4.71 -9.31 25.82
N ALA E 274 -3.94 -9.73 26.82
CA ALA E 274 -2.53 -10.01 26.67
C ALA E 274 -2.30 -11.31 25.89
N THR E 275 -3.25 -12.23 26.02
CA THR E 275 -3.20 -13.53 25.33
C THR E 275 -3.76 -13.35 23.92
N LEU E 276 -4.78 -12.52 23.82
CA LEU E 276 -5.44 -12.21 22.56
C LEU E 276 -4.41 -11.78 21.52
N GLU E 277 -3.34 -11.11 21.96
CA GLU E 277 -2.33 -10.66 21.03
C GLU E 277 -1.43 -11.75 20.53
N ALA E 278 -1.01 -12.64 21.43
CA ALA E 278 -0.13 -13.74 21.05
C ALA E 278 -0.77 -14.94 20.33
N LEU E 279 -2.04 -14.80 20.00
CA LEU E 279 -2.79 -15.86 19.31
C LEU E 279 -3.06 -15.23 17.96
N THR E 280 -3.38 -13.94 18.00
CA THR E 280 -3.71 -13.18 16.81
C THR E 280 -2.54 -12.69 16.00
N ASN E 281 -1.46 -12.38 16.67
CA ASN E 281 -0.27 -11.89 15.99
C ASN E 281 0.58 -13.11 15.64
N GLN E 282 0.19 -13.82 14.58
CA GLN E 282 0.94 -15.01 14.17
C GLN E 282 2.44 -14.83 13.93
N GLU E 283 2.83 -14.04 12.93
CA GLU E 283 4.23 -13.80 12.64
C GLU E 283 5.18 -13.57 13.81
N ALA E 284 4.70 -12.90 14.86
CA ALA E 284 5.53 -12.58 16.01
C ALA E 284 5.68 -13.83 16.87
N SER E 285 4.54 -14.42 17.25
CA SER E 285 4.49 -15.62 18.07
C SER E 285 5.13 -16.85 17.42
N ARG E 286 4.85 -17.03 16.14
CA ARG E 286 5.40 -18.15 15.36
C ARG E 286 6.91 -18.21 15.57
N ALA E 287 7.53 -17.03 15.70
CA ALA E 287 8.98 -16.92 15.89
C ALA E 287 9.52 -17.25 17.27
N PHE E 288 8.81 -16.83 18.31
CA PHE E 288 9.24 -17.10 19.68
C PHE E 288 9.23 -18.60 19.85
N VAL E 289 8.13 -19.22 19.44
CA VAL E 289 7.98 -20.65 19.53
C VAL E 289 9.15 -21.30 18.81
N GLU E 290 9.35 -20.99 17.54
CA GLU E 290 10.47 -21.57 16.81
C GLU E 290 11.81 -21.46 17.52
N MET E 291 12.08 -20.30 18.13
CA MET E 291 13.33 -20.09 18.85
C MET E 291 13.39 -21.00 20.08
N ALA E 292 12.30 -20.99 20.87
CA ALA E 292 12.20 -21.80 22.07
C ALA E 292 12.40 -23.28 21.79
N ARG E 293 11.75 -23.77 20.74
CA ARG E 293 11.89 -25.17 20.40
C ARG E 293 13.31 -25.57 20.12
N GLU E 294 13.92 -24.96 19.12
CA GLU E 294 15.29 -25.30 18.74
C GLU E 294 16.22 -25.12 19.93
N ALA E 295 15.75 -24.35 20.91
CA ALA E 295 16.51 -24.10 22.12
C ALA E 295 16.41 -25.35 22.97
N TYR E 296 15.21 -25.66 23.46
CA TYR E 296 14.98 -26.86 24.27
C TYR E 296 15.52 -28.14 23.62
N ARG E 297 15.53 -28.16 22.28
CA ARG E 297 16.01 -29.28 21.49
C ARG E 297 17.49 -29.62 21.65
N ARG E 298 18.32 -28.61 21.94
CA ARG E 298 19.77 -28.79 22.13
C ARG E 298 20.10 -29.15 23.58
N ARG E 299 19.32 -28.61 24.52
CA ARG E 299 19.52 -28.87 25.94
C ARG E 299 19.09 -30.32 26.07
N ARG E 300 18.03 -30.68 25.34
CA ARG E 300 17.48 -32.03 25.30
C ARG E 300 18.69 -32.92 25.00
N ASP E 301 19.41 -32.60 23.92
CA ASP E 301 20.61 -33.35 23.51
C ASP E 301 21.80 -33.40 24.49
N LEU E 302 22.15 -32.23 25.02
CA LEU E 302 23.26 -32.07 25.96
C LEU E 302 23.05 -32.98 27.15
N LEU E 303 21.86 -32.90 27.74
CA LEU E 303 21.48 -33.68 28.90
C LEU E 303 21.61 -35.13 28.49
N LEU E 304 20.83 -35.53 27.49
CA LEU E 304 20.85 -36.90 27.00
C LEU E 304 22.17 -37.54 26.63
N GLU E 305 23.12 -36.75 26.15
CA GLU E 305 24.42 -37.28 25.77
C GLU E 305 25.17 -37.49 27.07
N GLY E 306 25.26 -36.42 27.85
CA GLY E 306 25.98 -36.47 29.11
C GLY E 306 25.45 -37.50 30.09
N LEU E 307 24.15 -37.71 30.10
CA LEU E 307 23.55 -38.69 31.01
C LEU E 307 23.96 -40.06 30.49
N THR E 308 23.77 -40.27 29.20
CA THR E 308 24.09 -41.53 28.54
C THR E 308 25.59 -41.89 28.48
N ALA E 309 26.43 -40.86 28.57
CA ALA E 309 27.86 -41.08 28.55
C ALA E 309 28.17 -41.42 30.01
N LEU E 310 27.55 -40.71 30.95
CA LEU E 310 27.79 -41.00 32.37
C LEU E 310 27.33 -42.37 32.87
N GLY E 311 26.44 -43.01 32.11
CA GLY E 311 25.98 -44.34 32.45
C GLY E 311 24.51 -44.41 32.81
N LEU E 312 23.96 -43.31 33.33
CA LEU E 312 22.55 -43.24 33.72
C LEU E 312 21.55 -43.41 32.58
N LYS E 313 20.61 -44.34 32.73
CA LYS E 313 19.60 -44.59 31.71
C LYS E 313 18.33 -43.73 31.67
N ALA E 314 17.96 -43.26 30.49
CA ALA E 314 16.77 -42.44 30.31
C ALA E 314 16.09 -42.61 28.96
N VAL E 315 14.78 -42.41 28.95
CA VAL E 315 13.94 -42.53 27.75
C VAL E 315 13.95 -41.22 26.94
N ARG E 316 14.69 -41.22 25.81
CA ARG E 316 14.79 -40.03 24.96
C ARG E 316 13.41 -39.49 24.60
N PRO E 317 13.06 -38.33 25.14
CA PRO E 317 11.76 -37.69 24.90
C PRO E 317 11.64 -37.09 23.49
N SER E 318 10.42 -36.80 23.05
CA SER E 318 10.23 -36.22 21.74
C SER E 318 9.55 -34.87 21.90
N GLY E 319 8.86 -34.69 23.02
CA GLY E 319 8.16 -33.46 23.29
C GLY E 319 8.19 -33.07 24.76
N ALA E 320 7.71 -31.86 25.07
CA ALA E 320 7.68 -31.32 26.43
C ALA E 320 9.16 -31.18 26.84
N PHE E 321 9.42 -30.73 28.07
CA PHE E 321 10.81 -30.62 28.53
C PHE E 321 11.19 -31.37 29.80
N TYR E 322 10.80 -32.65 29.86
CA TYR E 322 11.08 -33.49 31.01
C TYR E 322 11.79 -34.74 30.51
N VAL E 323 12.44 -35.45 31.43
CA VAL E 323 13.17 -36.67 31.11
C VAL E 323 13.07 -37.48 32.39
N LEU E 324 12.59 -38.71 32.27
CA LEU E 324 12.49 -39.57 33.44
C LEU E 324 13.82 -40.29 33.38
N MET E 325 14.61 -40.10 34.43
CA MET E 325 15.92 -40.72 34.54
C MET E 325 15.82 -41.93 35.49
N ASP E 326 16.64 -42.94 35.22
CA ASP E 326 16.67 -44.17 36.01
C ASP E 326 17.65 -44.15 37.18
N THR E 327 17.14 -43.79 38.36
CA THR E 327 17.96 -43.70 39.57
C THR E 327 18.56 -45.01 40.07
N SER E 328 18.30 -46.09 39.36
CA SER E 328 18.79 -47.42 39.76
C SER E 328 20.19 -47.58 40.33
N PRO E 329 21.21 -46.98 39.69
CA PRO E 329 22.60 -47.07 40.17
C PRO E 329 23.06 -45.90 41.07
N ILE E 330 22.13 -44.98 41.33
CA ILE E 330 22.41 -43.82 42.16
C ILE E 330 21.83 -44.06 43.56
N ALA E 331 21.00 -45.10 43.66
CA ALA E 331 20.38 -45.52 44.91
C ALA E 331 19.45 -46.67 44.53
N PRO E 332 18.98 -47.43 45.53
CA PRO E 332 18.08 -48.57 45.30
C PRO E 332 16.59 -48.22 45.11
N ASP E 333 16.17 -47.03 45.56
CA ASP E 333 14.78 -46.58 45.41
C ASP E 333 14.88 -45.13 44.91
N GLU E 334 13.76 -44.52 44.57
CA GLU E 334 13.79 -43.16 44.06
C GLU E 334 13.69 -42.00 45.02
N VAL E 335 13.67 -42.32 46.31
CA VAL E 335 13.56 -41.29 47.32
C VAL E 335 14.86 -40.98 48.06
N ARG E 336 15.67 -42.01 48.31
CA ARG E 336 16.96 -41.83 48.97
C ARG E 336 17.89 -41.28 47.91
N ALA E 337 17.67 -41.72 46.67
CA ALA E 337 18.46 -41.27 45.54
C ALA E 337 18.20 -39.79 45.40
N ALA E 338 16.94 -39.40 45.60
CA ALA E 338 16.58 -38.00 45.48
C ALA E 338 17.43 -37.14 46.41
N GLU E 339 17.60 -37.60 47.64
CA GLU E 339 18.37 -36.88 48.64
C GLU E 339 19.86 -36.96 48.35
N ARG E 340 20.30 -38.12 47.85
CA ARG E 340 21.69 -38.39 47.50
C ARG E 340 22.09 -37.29 46.50
N LEU E 341 21.15 -36.91 45.66
CA LEU E 341 21.37 -35.88 44.66
C LEU E 341 21.27 -34.44 45.15
N LEU E 342 20.46 -34.21 46.18
CA LEU E 342 20.32 -32.85 46.71
C LEU E 342 21.62 -32.62 47.48
N GLU E 343 22.30 -33.69 47.84
CA GLU E 343 23.58 -33.60 48.56
C GLU E 343 24.69 -33.16 47.61
N ALA E 344 24.49 -33.40 46.32
CA ALA E 344 25.45 -33.03 45.30
C ALA E 344 24.95 -31.71 44.70
N GLY E 345 24.08 -31.03 45.44
CA GLY E 345 23.54 -29.75 45.00
C GLY E 345 22.80 -29.78 43.69
N VAL E 346 21.77 -30.61 43.60
CA VAL E 346 20.96 -30.71 42.39
C VAL E 346 19.59 -31.25 42.75
N ALA E 347 18.62 -30.35 42.72
CA ALA E 347 17.24 -30.68 43.06
C ALA E 347 16.45 -31.31 41.91
N VAL E 348 16.00 -32.54 42.15
CA VAL E 348 15.23 -33.30 41.18
C VAL E 348 13.87 -33.55 41.84
N VAL E 349 12.90 -34.02 41.06
CA VAL E 349 11.57 -34.31 41.60
C VAL E 349 11.37 -35.80 41.43
N PRO E 350 11.21 -36.54 42.55
CA PRO E 350 11.01 -37.99 42.60
C PRO E 350 9.80 -38.48 41.81
N GLY E 351 10.00 -39.55 41.05
CA GLY E 351 8.94 -40.12 40.25
C GLY E 351 7.80 -40.74 41.03
N THR E 352 7.94 -40.76 42.36
CA THR E 352 6.93 -41.33 43.26
C THR E 352 5.46 -40.94 43.03
N ASP E 353 5.24 -39.65 42.87
CA ASP E 353 3.91 -39.12 42.67
C ASP E 353 3.32 -39.12 41.26
N PHE E 354 4.02 -39.76 40.33
CA PHE E 354 3.56 -39.86 38.96
C PHE E 354 3.48 -41.36 38.74
N ALA E 355 3.83 -42.16 39.75
CA ALA E 355 3.80 -43.62 39.62
C ALA E 355 4.93 -44.00 38.68
N ALA E 356 6.01 -43.23 38.71
CA ALA E 356 7.18 -43.48 37.86
C ALA E 356 8.27 -43.89 38.86
N PHE E 357 8.05 -45.04 39.48
CA PHE E 357 8.97 -45.58 40.47
C PHE E 357 10.39 -45.94 40.05
N GLY E 358 11.36 -45.57 40.88
CA GLY E 358 12.72 -45.89 40.55
C GLY E 358 13.16 -45.04 39.38
N HIS E 359 12.65 -43.82 39.36
CA HIS E 359 12.94 -42.85 38.31
C HIS E 359 12.81 -41.51 39.01
N VAL E 360 13.38 -40.49 38.40
CA VAL E 360 13.34 -39.17 38.97
C VAL E 360 13.27 -38.26 37.74
N ARG E 361 12.46 -37.20 37.84
CA ARG E 361 12.27 -36.24 36.76
C ARG E 361 13.15 -35.01 36.59
N LEU E 362 14.03 -35.04 35.58
CA LEU E 362 14.94 -33.93 35.27
C LEU E 362 14.28 -32.99 34.26
N SER E 363 14.55 -31.71 34.45
CA SER E 363 13.98 -30.69 33.58
C SER E 363 14.90 -29.71 32.86
N TYR E 364 15.29 -30.07 31.63
CA TYR E 364 16.14 -29.21 30.83
C TYR E 364 15.56 -27.86 30.38
N ALA E 365 14.42 -27.48 30.97
CA ALA E 365 13.78 -26.21 30.65
C ALA E 365 14.54 -25.07 31.28
N THR E 366 15.69 -25.41 31.86
CA THR E 366 16.59 -24.48 32.51
C THR E 366 17.71 -24.17 31.51
N SER E 367 18.68 -23.36 31.94
CA SER E 367 19.84 -22.97 31.13
C SER E 367 20.83 -23.98 30.56
N GLU E 368 21.59 -23.52 29.58
CA GLU E 368 22.60 -24.34 28.93
C GLU E 368 23.72 -24.65 29.93
N GLU E 369 23.90 -23.74 30.88
CA GLU E 369 24.92 -23.85 31.91
C GLU E 369 24.56 -24.56 33.22
N ASN E 370 23.29 -24.97 33.37
CA ASN E 370 22.88 -25.67 34.58
C ASN E 370 22.86 -27.14 34.25
N LEU E 371 22.63 -27.46 32.99
CA LEU E 371 22.59 -28.84 32.55
C LEU E 371 24.05 -29.27 32.60
N ARG E 372 24.94 -28.36 32.25
CA ARG E 372 26.37 -28.63 32.28
C ARG E 372 26.89 -28.78 33.71
N LYS E 373 26.37 -27.98 34.62
CA LYS E 373 26.80 -28.05 36.01
C LYS E 373 26.13 -29.25 36.68
N ALA E 374 24.81 -29.39 36.52
CA ALA E 374 24.05 -30.51 37.10
C ALA E 374 24.61 -31.85 36.61
N LEU E 375 25.02 -31.87 35.35
CA LEU E 375 25.56 -33.07 34.73
C LEU E 375 26.85 -33.40 35.47
N GLU E 376 27.63 -32.36 35.76
CA GLU E 376 28.90 -32.50 36.44
C GLU E 376 28.67 -33.08 37.82
N ARG E 377 27.79 -32.46 38.59
CA ARG E 377 27.52 -32.93 39.95
C ARG E 377 27.04 -34.37 39.99
N PHE E 378 26.35 -34.80 38.94
CA PHE E 378 25.84 -36.18 38.85
C PHE E 378 27.13 -36.97 38.78
N ALA E 379 27.97 -36.62 37.82
CA ALA E 379 29.26 -37.28 37.59
C ALA E 379 30.07 -37.62 38.81
N ARG E 380 30.17 -36.69 39.74
CA ARG E 380 30.93 -36.91 40.97
C ARG E 380 30.25 -37.87 41.93
N VAL E 381 28.92 -37.79 42.01
CA VAL E 381 28.16 -38.67 42.90
C VAL E 381 28.45 -40.14 42.56
N LEU E 382 28.52 -40.45 41.26
CA LEU E 382 28.79 -41.83 40.82
C LEU E 382 30.25 -42.29 41.01
N MET F 1 -20.50 -43.45 31.87
CA MET F 1 -21.31 -43.00 30.70
C MET F 1 -20.92 -41.57 30.27
N ARG F 2 -21.91 -40.71 30.08
CA ARG F 2 -21.67 -39.31 29.72
C ARG F 2 -22.79 -38.53 30.37
N GLY F 3 -22.55 -37.25 30.64
CA GLY F 3 -23.56 -36.42 31.27
C GLY F 3 -22.97 -35.56 32.36
N LEU F 4 -23.73 -34.56 32.80
CA LEU F 4 -23.28 -33.65 33.85
C LEU F 4 -23.35 -34.13 35.28
N SER F 5 -22.64 -33.43 36.17
CA SER F 5 -22.59 -33.78 37.60
C SER F 5 -23.86 -33.29 38.25
N ARG F 6 -24.24 -33.90 39.37
CA ARG F 6 -25.46 -33.51 40.06
C ARG F 6 -25.35 -32.15 40.76
N ARG F 7 -24.12 -31.71 40.99
CA ARG F 7 -23.88 -30.44 41.65
C ARG F 7 -24.03 -29.28 40.67
N VAL F 8 -23.58 -29.50 39.44
CA VAL F 8 -23.58 -28.50 38.37
C VAL F 8 -24.95 -28.27 37.73
N GLN F 9 -25.68 -29.36 37.53
CA GLN F 9 -27.02 -29.31 36.96
C GLN F 9 -27.85 -28.61 38.02
N ALA F 10 -27.69 -29.03 39.26
CA ALA F 10 -28.41 -28.46 40.38
C ALA F 10 -28.28 -26.97 40.67
N MET F 11 -27.18 -26.37 40.23
CA MET F 11 -26.97 -24.96 40.52
C MET F 11 -27.68 -23.97 39.60
N LYS F 12 -28.15 -22.88 40.18
CA LYS F 12 -28.87 -21.87 39.42
C LYS F 12 -28.14 -20.69 38.77
N PRO F 13 -28.64 -20.23 37.60
CA PRO F 13 -28.08 -19.12 36.81
C PRO F 13 -27.91 -17.79 37.58
N ASP F 14 -27.13 -16.88 37.00
CA ASP F 14 -26.86 -15.62 37.65
C ASP F 14 -27.80 -14.46 37.41
N ALA F 15 -28.52 -14.09 38.45
CA ALA F 15 -29.46 -12.97 38.40
C ALA F 15 -28.98 -11.68 37.69
N VAL F 16 -27.71 -11.34 37.90
CA VAL F 16 -27.12 -10.15 37.31
C VAL F 16 -26.32 -10.37 36.00
N VAL F 17 -25.94 -11.62 35.73
CA VAL F 17 -25.22 -11.92 34.50
C VAL F 17 -26.34 -11.95 33.44
N ALA F 18 -27.55 -12.25 33.90
CA ALA F 18 -28.72 -12.32 33.03
C ALA F 18 -29.03 -10.92 32.51
N VAL F 19 -29.44 -10.01 33.40
CA VAL F 19 -29.75 -8.64 32.98
C VAL F 19 -28.66 -8.00 32.12
N ASN F 20 -27.41 -8.37 32.40
CA ASN F 20 -26.24 -7.85 31.67
C ASN F 20 -26.48 -8.21 30.21
N ALA F 21 -26.45 -9.51 29.89
CA ALA F 21 -26.70 -9.96 28.52
C ALA F 21 -27.96 -9.44 27.85
N LYS F 22 -29.09 -9.43 28.55
CA LYS F 22 -30.32 -8.94 27.94
C LYS F 22 -30.40 -7.42 27.90
N ALA F 23 -29.25 -6.78 28.06
CA ALA F 23 -29.16 -5.33 27.99
C ALA F 23 -28.72 -5.59 26.54
N LEU F 24 -27.43 -5.48 26.26
CA LEU F 24 -26.88 -5.72 24.91
C LEU F 24 -27.54 -6.47 23.73
N GLU F 25 -28.66 -5.94 23.28
CA GLU F 25 -29.49 -6.49 22.19
C GLU F 25 -30.75 -5.64 22.39
N LEU F 26 -30.69 -4.78 23.40
CA LEU F 26 -31.72 -3.84 23.78
C LEU F 26 -30.60 -2.84 23.45
N ARG F 27 -29.49 -2.90 24.21
CA ARG F 27 -28.34 -2.02 23.97
C ARG F 27 -27.79 -2.30 22.56
N ARG F 28 -28.34 -3.31 21.89
CA ARG F 28 -27.93 -3.64 20.54
C ARG F 28 -29.12 -3.65 19.58
N GLN F 29 -29.26 -2.52 18.88
CA GLN F 29 -30.28 -2.17 17.89
C GLN F 29 -30.94 -0.93 18.47
N GLY F 30 -30.09 0.09 18.62
CA GLY F 30 -30.50 1.38 19.13
C GLY F 30 -30.67 1.55 20.62
N VAL F 31 -31.79 1.05 21.14
CA VAL F 31 -32.12 1.19 22.55
C VAL F 31 -31.01 1.30 23.58
N ASP F 32 -30.67 2.53 23.92
CA ASP F 32 -29.63 2.78 24.92
C ASP F 32 -30.60 2.74 26.10
N LEU F 33 -30.24 1.96 27.11
CA LEU F 33 -31.07 1.85 28.30
C LEU F 33 -30.11 2.56 29.27
N VAL F 34 -30.25 2.30 30.57
CA VAL F 34 -29.37 2.89 31.57
C VAL F 34 -29.16 1.61 32.37
N ALA F 35 -27.90 1.28 32.65
CA ALA F 35 -27.57 0.07 33.40
C ALA F 35 -27.14 0.20 34.85
N LEU F 36 -28.09 0.13 35.77
CA LEU F 36 -27.78 0.23 37.19
C LEU F 36 -27.66 -1.17 37.78
N THR F 37 -27.10 -2.09 37.01
CA THR F 37 -26.89 -3.48 37.45
C THR F 37 -25.55 -3.56 38.19
N ALA F 38 -24.73 -2.54 37.93
CA ALA F 38 -23.40 -2.42 38.50
C ALA F 38 -22.83 -2.92 39.82
N GLY F 39 -21.79 -3.72 39.74
CA GLY F 39 -21.14 -4.22 40.93
C GLY F 39 -19.83 -3.48 41.08
N GLU F 40 -19.36 -2.96 39.95
CA GLU F 40 -18.13 -2.23 39.94
C GLU F 40 -18.20 -0.72 39.94
N PRO F 41 -17.11 -0.09 40.41
CA PRO F 41 -17.02 1.36 40.47
C PRO F 41 -16.71 1.91 39.09
N ASP F 42 -17.35 3.02 38.72
CA ASP F 42 -17.12 3.64 37.41
C ASP F 42 -15.72 4.20 37.21
N PHE F 43 -15.03 4.49 38.31
CA PHE F 43 -13.67 5.02 38.25
C PHE F 43 -12.79 3.95 37.65
N ASP F 44 -11.63 4.37 37.13
CA ASP F 44 -10.69 3.43 36.54
C ASP F 44 -9.77 3.26 37.75
N THR F 45 -9.06 2.14 37.82
CA THR F 45 -8.18 1.90 38.97
C THR F 45 -7.10 2.98 38.96
N PRO F 46 -6.57 3.29 40.15
CA PRO F 46 -5.53 4.30 40.30
C PRO F 46 -4.29 3.98 39.45
N GLU F 47 -3.61 5.03 39.01
CA GLU F 47 -2.42 4.90 38.19
C GLU F 47 -1.19 4.24 38.81
N HIS F 48 -0.87 4.55 40.07
CA HIS F 48 0.31 3.95 40.71
C HIS F 48 0.21 2.44 40.76
N VAL F 49 -1.01 1.94 40.78
CA VAL F 49 -1.26 0.52 40.80
C VAL F 49 -0.92 0.11 39.36
N LYS F 50 -1.44 0.85 38.37
CA LYS F 50 -1.19 0.55 36.95
C LYS F 50 0.31 0.52 36.71
N GLU F 51 1.01 1.55 37.19
CA GLU F 51 2.45 1.63 37.00
C GLU F 51 3.17 0.46 37.67
N ALA F 52 2.82 0.15 38.91
CA ALA F 52 3.47 -0.96 39.60
C ALA F 52 3.38 -2.22 38.75
N ALA F 53 2.24 -2.39 38.07
CA ALA F 53 2.03 -3.55 37.21
C ALA F 53 3.05 -3.49 36.08
N ARG F 54 3.18 -2.32 35.48
CA ARG F 54 4.13 -2.09 34.39
C ARG F 54 5.54 -2.46 34.86
N ARG F 55 5.92 -1.92 36.01
CA ARG F 55 7.21 -2.15 36.63
C ARG F 55 7.49 -3.66 36.69
N ALA F 56 6.46 -4.46 37.04
CA ALA F 56 6.58 -5.93 37.13
C ALA F 56 6.82 -6.60 35.79
N LEU F 57 6.09 -6.15 34.77
CA LEU F 57 6.22 -6.69 33.41
C LEU F 57 7.66 -6.46 33.02
N ALA F 58 8.10 -5.22 33.21
CA ALA F 58 9.45 -4.82 32.87
C ALA F 58 10.48 -5.72 33.53
N GLN F 59 10.36 -5.89 34.84
CA GLN F 59 11.31 -6.71 35.56
C GLN F 59 11.29 -8.20 35.23
N GLY F 60 10.22 -8.63 34.55
CA GLY F 60 10.09 -10.02 34.21
C GLY F 60 9.56 -10.82 35.39
N LYS F 61 8.59 -10.24 36.08
CA LYS F 61 7.96 -10.86 37.24
C LYS F 61 6.81 -11.61 36.58
N THR F 62 7.15 -12.65 35.84
CA THR F 62 6.14 -13.44 35.13
C THR F 62 6.11 -14.97 35.29
N LYS F 63 6.75 -15.47 36.34
CA LYS F 63 6.77 -16.90 36.59
C LYS F 63 5.75 -17.34 37.65
N TYR F 64 5.66 -18.63 37.90
CA TYR F 64 4.75 -19.15 38.88
C TYR F 64 5.00 -18.64 40.29
N ALA F 65 3.96 -18.09 40.90
CA ALA F 65 4.03 -17.57 42.27
C ALA F 65 3.60 -18.72 43.17
N PRO F 66 3.80 -18.60 44.49
CA PRO F 66 3.40 -19.67 45.40
C PRO F 66 1.88 -19.78 45.49
N PRO F 67 1.37 -20.94 45.87
CA PRO F 67 -0.07 -21.16 45.99
C PRO F 67 -0.78 -20.18 46.91
N ALA F 68 -0.12 -19.77 47.99
CA ALA F 68 -0.73 -18.84 48.92
C ALA F 68 -0.48 -17.39 48.53
N GLY F 69 0.24 -17.20 47.43
CA GLY F 69 0.56 -15.87 46.96
C GLY F 69 1.99 -15.49 47.31
N ILE F 70 2.50 -14.42 46.70
CA ILE F 70 3.86 -13.99 46.96
C ILE F 70 4.04 -13.56 48.41
N PRO F 71 5.22 -13.86 48.98
CA PRO F 71 5.56 -13.51 50.36
C PRO F 71 5.32 -12.03 50.62
N GLU F 72 5.97 -11.17 49.84
CA GLU F 72 5.83 -9.73 49.99
C GLU F 72 4.39 -9.25 50.16
N LEU F 73 3.46 -9.84 49.41
CA LEU F 73 2.06 -9.44 49.51
C LEU F 73 1.44 -10.02 50.76
N ARG F 74 1.83 -11.26 51.09
CA ARG F 74 1.29 -11.92 52.27
C ARG F 74 1.73 -11.08 53.47
N GLU F 75 3.01 -10.72 53.50
CA GLU F 75 3.54 -9.91 54.58
C GLU F 75 2.78 -8.59 54.66
N ALA F 76 2.69 -7.89 53.53
CA ALA F 76 2.00 -6.60 53.47
C ALA F 76 0.52 -6.71 53.80
N LEU F 77 -0.04 -7.89 53.59
CA LEU F 77 -1.45 -8.12 53.83
C LEU F 77 -1.69 -8.10 55.33
N ALA F 78 -0.96 -8.97 56.02
CA ALA F 78 -1.05 -9.12 57.47
C ALA F 78 -0.92 -7.79 58.14
N GLU F 79 -0.20 -6.88 57.49
CA GLU F 79 0.00 -5.56 58.04
C GLU F 79 -1.27 -4.75 57.84
N LYS F 80 -1.90 -4.91 56.67
CA LYS F 80 -3.13 -4.18 56.36
C LYS F 80 -4.20 -4.55 57.37
N PHE F 81 -4.31 -5.84 57.64
CA PHE F 81 -5.29 -6.32 58.59
C PHE F 81 -5.04 -5.82 60.01
N ARG F 82 -3.78 -5.70 60.37
CA ARG F 82 -3.39 -5.22 61.69
C ARG F 82 -3.69 -3.73 61.76
N ARG F 83 -3.01 -2.98 60.91
CA ARG F 83 -3.14 -1.53 60.81
C ARG F 83 -4.60 -1.05 60.75
N GLU F 84 -5.30 -1.42 59.69
CA GLU F 84 -6.69 -1.03 59.49
C GLU F 84 -7.77 -1.77 60.24
N ASN F 85 -7.45 -2.98 60.70
CA ASN F 85 -8.43 -3.80 61.41
C ASN F 85 -8.32 -4.31 62.84
N GLY F 86 -7.12 -4.30 63.41
CA GLY F 86 -6.95 -4.77 64.77
C GLY F 86 -6.81 -6.27 64.87
N LEU F 87 -6.66 -6.93 63.73
CA LEU F 87 -6.48 -8.37 63.72
C LEU F 87 -4.98 -8.52 63.87
N SER F 88 -4.58 -9.52 64.64
CA SER F 88 -3.17 -9.78 64.90
C SER F 88 -2.73 -11.07 64.21
N VAL F 89 -2.80 -11.06 62.88
CA VAL F 89 -2.42 -12.24 62.12
C VAL F 89 -0.96 -12.08 61.71
N THR F 90 -0.33 -13.14 61.25
CA THR F 90 1.05 -13.05 60.78
C THR F 90 0.78 -13.51 59.35
N PRO F 91 1.79 -13.42 58.46
CA PRO F 91 1.60 -13.82 57.06
C PRO F 91 1.08 -15.24 56.76
N GLU F 92 1.47 -16.21 57.58
CA GLU F 92 1.05 -17.57 57.32
C GLU F 92 -0.43 -17.78 57.52
N GLU F 93 -1.06 -16.86 58.25
CA GLU F 93 -2.49 -16.93 58.53
C GLU F 93 -3.10 -15.92 57.58
N THR F 94 -2.41 -15.69 56.47
CA THR F 94 -2.86 -14.74 55.47
C THR F 94 -2.72 -15.48 54.15
N ILE F 95 -3.67 -15.24 53.23
CA ILE F 95 -3.66 -15.89 51.92
C ILE F 95 -4.21 -14.95 50.85
N VAL F 96 -3.61 -14.99 49.66
CA VAL F 96 -4.06 -14.16 48.55
C VAL F 96 -4.63 -15.02 47.41
N THR F 97 -5.95 -14.94 47.26
CA THR F 97 -6.68 -15.69 46.25
C THR F 97 -7.05 -14.93 44.97
N VAL F 98 -7.63 -15.65 44.00
CA VAL F 98 -8.04 -15.08 42.72
C VAL F 98 -9.37 -14.36 42.93
N GLY F 99 -9.34 -13.33 43.76
CA GLY F 99 -10.54 -12.57 44.04
C GLY F 99 -11.23 -12.99 45.32
N GLY F 100 -12.09 -12.12 45.85
CA GLY F 100 -12.81 -12.43 47.07
C GLY F 100 -13.73 -13.61 46.88
N SER F 101 -14.06 -13.91 45.63
CA SER F 101 -14.92 -15.03 45.31
C SER F 101 -14.14 -16.32 45.59
N GLN F 102 -12.94 -16.46 45.00
CA GLN F 102 -12.12 -17.65 45.22
C GLN F 102 -11.76 -17.89 46.68
N ALA F 103 -11.86 -16.85 47.48
CA ALA F 103 -11.58 -16.97 48.90
C ALA F 103 -12.83 -17.65 49.46
N LEU F 104 -13.99 -17.04 49.22
CA LEU F 104 -15.26 -17.61 49.71
C LEU F 104 -15.47 -19.03 49.22
N PHE F 105 -15.09 -19.30 47.97
CA PHE F 105 -15.25 -20.63 47.40
C PHE F 105 -14.32 -21.58 48.14
N ASN F 106 -13.01 -21.43 47.92
CA ASN F 106 -12.02 -22.29 48.58
C ASN F 106 -12.25 -22.57 50.07
N LEU F 107 -12.90 -21.63 50.74
CA LEU F 107 -13.18 -21.73 52.17
C LEU F 107 -14.18 -22.85 52.45
N PHE F 108 -15.33 -22.78 51.78
CA PHE F 108 -16.37 -23.76 51.98
C PHE F 108 -15.94 -25.18 51.63
N GLN F 109 -15.01 -25.31 50.69
CA GLN F 109 -14.54 -26.65 50.30
C GLN F 109 -13.59 -27.12 51.41
N ALA F 110 -13.00 -26.19 52.17
CA ALA F 110 -12.09 -26.55 53.25
C ALA F 110 -12.80 -26.92 54.54
N ILE F 111 -13.85 -26.18 54.89
CA ILE F 111 -14.62 -26.48 56.08
C ILE F 111 -15.72 -27.42 55.55
N LEU F 112 -16.92 -26.90 55.25
CA LEU F 112 -18.02 -27.70 54.70
C LEU F 112 -17.97 -29.12 54.17
N ASP F 113 -18.62 -30.01 54.91
CA ASP F 113 -18.74 -31.41 54.54
C ASP F 113 -20.24 -31.53 54.23
N PRO F 114 -20.61 -32.53 53.43
CA PRO F 114 -22.00 -32.76 53.07
C PRO F 114 -22.94 -32.78 54.28
N GLY F 115 -24.02 -32.03 54.18
CA GLY F 115 -25.00 -31.98 55.24
C GLY F 115 -24.70 -30.92 56.28
N ASP F 116 -23.49 -30.35 56.25
CA ASP F 116 -23.12 -29.31 57.21
C ASP F 116 -23.94 -28.09 56.85
N GLU F 117 -24.50 -27.45 57.87
CA GLU F 117 -25.33 -26.27 57.66
C GLU F 117 -24.56 -24.97 57.79
N VAL F 118 -24.90 -24.00 56.95
CA VAL F 118 -24.26 -22.68 57.00
C VAL F 118 -25.41 -21.67 57.14
N ILE F 119 -25.42 -20.95 58.26
CA ILE F 119 -26.45 -19.94 58.47
C ILE F 119 -26.10 -18.76 57.58
N VAL F 120 -27.11 -18.21 56.91
CA VAL F 120 -26.92 -17.09 55.99
C VAL F 120 -28.09 -16.11 56.22
N LEU F 121 -27.76 -14.83 56.36
CA LEU F 121 -28.78 -13.78 56.59
C LEU F 121 -29.45 -13.00 55.45
N SER F 122 -30.72 -13.25 55.20
CA SER F 122 -31.45 -12.55 54.14
C SER F 122 -31.94 -11.16 54.57
N PRO F 123 -31.99 -10.19 53.63
CA PRO F 123 -31.58 -10.32 52.23
C PRO F 123 -30.11 -10.65 52.18
N TYR F 124 -29.69 -11.38 51.15
CA TYR F 124 -28.30 -11.78 51.00
C TYR F 124 -27.75 -11.79 49.58
N TRP F 125 -26.44 -11.60 49.48
CA TRP F 125 -25.77 -11.62 48.19
C TRP F 125 -25.91 -12.93 47.45
N VAL F 126 -26.48 -12.84 46.26
CA VAL F 126 -26.70 -13.96 45.37
C VAL F 126 -25.89 -15.24 45.48
N SER F 127 -24.57 -15.12 45.58
CA SER F 127 -23.78 -16.32 45.68
C SER F 127 -23.51 -17.05 46.95
N TYR F 128 -23.68 -16.37 48.08
CA TYR F 128 -23.43 -17.03 49.37
C TYR F 128 -24.05 -18.44 49.38
N PRO F 129 -25.34 -18.59 48.98
CA PRO F 129 -25.95 -19.91 48.99
C PRO F 129 -25.52 -20.84 47.86
N GLU F 130 -25.35 -20.30 46.66
CA GLU F 130 -24.95 -21.12 45.51
C GLU F 130 -23.63 -21.84 45.75
N MET F 131 -22.77 -21.21 46.56
CA MET F 131 -21.48 -21.78 46.87
C MET F 131 -21.37 -22.58 48.17
N VAL F 132 -22.30 -22.32 49.11
CA VAL F 132 -22.37 -23.06 50.38
C VAL F 132 -22.84 -24.40 49.84
N ARG F 133 -23.93 -24.40 49.06
CA ARG F 133 -24.48 -25.61 48.46
C ARG F 133 -23.58 -26.39 47.50
N PHE F 134 -22.80 -25.69 46.68
CA PHE F 134 -21.94 -26.39 45.73
C PHE F 134 -20.99 -27.38 46.40
N ALA F 135 -20.49 -26.99 47.57
CA ALA F 135 -19.57 -27.79 48.38
C ALA F 135 -20.27 -28.96 49.10
N GLY F 136 -21.59 -28.87 49.21
CA GLY F 136 -22.35 -29.91 49.86
C GLY F 136 -22.98 -29.37 51.13
N GLY F 137 -23.06 -28.05 51.23
CA GLY F 137 -23.62 -27.42 52.40
C GLY F 137 -25.13 -27.42 52.44
N VAL F 138 -25.68 -26.72 53.41
CA VAL F 138 -27.12 -26.63 53.59
C VAL F 138 -27.37 -25.22 54.10
N VAL F 139 -27.83 -24.35 53.23
CA VAL F 139 -28.11 -22.99 53.66
C VAL F 139 -29.28 -23.10 54.63
N VAL F 140 -29.18 -22.33 55.70
CA VAL F 140 -30.22 -22.27 56.73
C VAL F 140 -30.22 -20.75 56.78
N GLU F 141 -31.33 -20.14 56.37
CA GLU F 141 -31.39 -18.68 56.37
C GLU F 141 -32.25 -17.89 57.34
N VAL F 142 -31.72 -16.77 57.83
CA VAL F 142 -32.40 -15.91 58.79
C VAL F 142 -32.69 -14.52 58.20
N GLU F 143 -33.95 -14.09 58.20
CA GLU F 143 -34.27 -12.77 57.64
C GLU F 143 -33.92 -11.64 58.61
N THR F 144 -33.68 -10.46 58.06
CA THR F 144 -33.33 -9.27 58.84
C THR F 144 -34.47 -8.39 58.29
N LEU F 145 -35.40 -7.98 59.15
CA LEU F 145 -36.52 -7.16 58.69
C LEU F 145 -36.13 -5.76 58.27
N PRO F 146 -36.87 -5.19 57.30
CA PRO F 146 -36.58 -3.83 56.82
C PRO F 146 -37.16 -2.72 57.71
N GLU F 147 -37.84 -3.09 58.79
CA GLU F 147 -38.41 -2.09 59.69
C GLU F 147 -37.26 -1.91 60.65
N GLU F 148 -36.59 -3.02 60.99
CA GLU F 148 -35.44 -2.93 61.89
C GLU F 148 -34.18 -2.63 61.04
N GLY F 149 -34.39 -1.89 59.94
CA GLY F 149 -33.32 -1.49 59.05
C GLY F 149 -32.20 -2.47 58.73
N PHE F 150 -32.56 -3.75 58.58
CA PHE F 150 -31.60 -4.81 58.27
C PHE F 150 -30.31 -4.91 59.08
N VAL F 151 -30.40 -5.27 60.34
CA VAL F 151 -29.20 -5.39 61.15
C VAL F 151 -29.75 -6.59 61.88
N PRO F 152 -29.10 -7.74 61.68
CA PRO F 152 -29.49 -9.00 62.32
C PRO F 152 -29.82 -8.82 63.79
N ASP F 153 -30.72 -9.64 64.31
CA ASP F 153 -31.13 -9.57 65.70
C ASP F 153 -30.54 -10.88 66.22
N PRO F 154 -29.45 -10.78 67.00
CA PRO F 154 -28.72 -11.92 67.58
C PRO F 154 -29.60 -13.04 68.14
N GLU F 155 -30.58 -12.69 68.97
CA GLU F 155 -31.47 -13.69 69.58
C GLU F 155 -32.20 -14.66 68.63
N ARG F 156 -32.41 -14.24 67.39
CA ARG F 156 -33.10 -15.09 66.42
C ARG F 156 -32.09 -15.82 65.51
N VAL F 157 -30.86 -15.31 65.50
CA VAL F 157 -29.78 -15.90 64.72
C VAL F 157 -29.36 -17.07 65.62
N ARG F 158 -29.57 -16.90 66.92
CA ARG F 158 -29.23 -17.93 67.88
C ARG F 158 -30.11 -19.12 67.59
N ARG F 159 -31.43 -18.92 67.62
CA ARG F 159 -32.36 -20.01 67.36
C ARG F 159 -32.45 -20.62 65.95
N ALA F 160 -31.30 -20.67 65.29
CA ALA F 160 -31.19 -21.22 63.95
C ALA F 160 -29.98 -22.14 64.03
N ILE F 161 -29.28 -22.11 65.16
CA ILE F 161 -28.10 -22.94 65.37
C ILE F 161 -28.59 -24.34 65.75
N THR F 162 -27.97 -25.34 65.15
CA THR F 162 -28.30 -26.73 65.40
C THR F 162 -26.92 -27.38 65.43
N PRO F 163 -26.83 -28.62 65.94
CA PRO F 163 -25.55 -29.32 66.00
C PRO F 163 -24.95 -29.65 64.63
N ARG F 164 -25.66 -29.32 63.56
CA ARG F 164 -25.16 -29.52 62.19
C ARG F 164 -24.46 -28.20 61.81
N THR F 165 -24.91 -27.09 62.41
CA THR F 165 -24.36 -25.76 62.14
C THR F 165 -22.85 -25.62 62.21
N LYS F 166 -22.24 -25.34 61.06
CA LYS F 166 -20.80 -25.19 60.96
C LYS F 166 -20.19 -23.84 60.66
N ALA F 167 -21.00 -22.94 60.12
CA ALA F 167 -20.52 -21.60 59.80
C ALA F 167 -21.68 -20.60 59.80
N LEU F 168 -21.34 -19.34 60.04
CA LEU F 168 -22.31 -18.25 60.07
C LEU F 168 -21.63 -17.31 59.08
N VAL F 169 -22.40 -16.62 58.27
CA VAL F 169 -21.81 -15.72 57.28
C VAL F 169 -22.47 -14.37 57.38
N VAL F 170 -21.74 -13.44 57.99
CA VAL F 170 -22.23 -12.10 58.20
C VAL F 170 -21.52 -11.23 57.19
N ASN F 171 -22.24 -10.23 56.68
CA ASN F 171 -21.70 -9.30 55.71
C ASN F 171 -22.15 -7.87 56.01
N SER F 172 -21.18 -7.03 56.39
CA SER F 172 -21.40 -5.61 56.73
C SER F 172 -20.07 -5.02 56.25
N PRO F 173 -20.11 -3.96 55.41
CA PRO F 173 -21.29 -3.27 54.88
C PRO F 173 -22.03 -4.17 53.92
N ASN F 174 -23.31 -4.31 54.16
CA ASN F 174 -24.20 -5.13 53.36
C ASN F 174 -24.46 -4.93 51.86
N ASN F 175 -24.56 -6.06 51.15
CA ASN F 175 -24.83 -6.10 49.71
C ASN F 175 -25.90 -7.17 49.85
N PRO F 176 -27.14 -6.91 49.35
CA PRO F 176 -27.67 -5.77 48.60
C PRO F 176 -28.36 -4.64 49.40
N THR F 177 -28.45 -4.76 50.72
CA THR F 177 -29.08 -3.69 51.52
C THR F 177 -28.30 -2.42 51.89
N GLY F 178 -26.96 -2.49 51.79
CA GLY F 178 -26.12 -1.34 52.09
C GLY F 178 -25.98 -1.03 53.57
N ALA F 179 -26.67 -1.80 54.42
CA ALA F 179 -26.61 -1.61 55.86
C ALA F 179 -25.20 -1.87 56.40
N VAL F 180 -24.90 -1.31 57.57
CA VAL F 180 -23.60 -1.49 58.18
C VAL F 180 -23.99 -1.80 59.63
N TYR F 181 -23.70 -3.03 60.05
CA TYR F 181 -24.05 -3.47 61.41
C TYR F 181 -23.21 -2.82 62.50
N PRO F 182 -23.88 -2.47 63.63
CA PRO F 182 -23.32 -1.83 64.82
C PRO F 182 -22.29 -2.74 65.48
N LYS F 183 -21.22 -2.13 65.99
CA LYS F 183 -20.14 -2.83 66.66
C LYS F 183 -20.58 -3.95 67.61
N GLU F 184 -21.60 -3.68 68.42
CA GLU F 184 -22.12 -4.66 69.35
C GLU F 184 -23.04 -5.78 68.84
N VAL F 185 -23.14 -5.92 67.53
CA VAL F 185 -23.96 -6.96 66.92
C VAL F 185 -22.92 -7.87 66.32
N LEU F 186 -21.86 -7.29 65.72
CA LEU F 186 -20.80 -8.12 65.15
C LEU F 186 -20.22 -8.80 66.38
N GLU F 187 -20.17 -8.05 67.48
CA GLU F 187 -19.64 -8.54 68.75
C GLU F 187 -20.52 -9.74 69.11
N ALA F 188 -21.82 -9.50 69.21
CA ALA F 188 -22.79 -10.54 69.54
C ALA F 188 -22.72 -11.82 68.72
N LEU F 189 -22.77 -11.65 67.40
CA LEU F 189 -22.71 -12.74 66.46
C LEU F 189 -21.41 -13.50 66.57
N ALA F 190 -20.32 -12.77 66.74
CA ALA F 190 -18.99 -13.36 66.87
C ALA F 190 -18.98 -14.25 68.11
N ARG F 191 -19.79 -13.86 69.10
CA ARG F 191 -19.90 -14.61 70.34
C ARG F 191 -20.61 -15.96 70.24
N LEU F 192 -21.66 -16.05 69.44
CA LEU F 192 -22.38 -17.32 69.28
C LEU F 192 -21.42 -18.25 68.58
N ALA F 193 -20.62 -17.70 67.67
CA ALA F 193 -19.66 -18.49 66.91
C ALA F 193 -18.69 -19.21 67.83
N VAL F 194 -18.26 -18.51 68.87
CA VAL F 194 -17.33 -19.05 69.84
C VAL F 194 -18.02 -19.95 70.89
N GLU F 195 -19.22 -19.53 71.29
CA GLU F 195 -20.03 -20.23 72.28
C GLU F 195 -20.56 -21.60 71.84
N HIS F 196 -20.97 -21.70 70.57
CA HIS F 196 -21.49 -22.96 70.05
C HIS F 196 -20.43 -23.67 69.20
N ASP F 197 -19.25 -23.07 69.14
CA ASP F 197 -18.14 -23.61 68.37
C ASP F 197 -18.42 -23.90 66.90
N PHE F 198 -18.25 -22.87 66.06
CA PHE F 198 -18.43 -22.99 64.62
C PHE F 198 -17.77 -21.73 64.07
N TYR F 199 -17.27 -21.80 62.83
CA TYR F 199 -16.61 -20.67 62.18
C TYR F 199 -17.54 -19.49 61.87
N LEU F 200 -16.98 -18.29 61.83
CA LEU F 200 -17.75 -17.09 61.57
C LEU F 200 -17.01 -16.63 60.32
N VAL F 201 -17.75 -16.41 59.23
CA VAL F 201 -17.15 -15.97 57.98
C VAL F 201 -17.61 -14.53 57.77
N SER F 202 -16.67 -13.61 57.86
CA SER F 202 -16.97 -12.19 57.69
C SER F 202 -16.51 -11.70 56.33
N ASP F 203 -17.44 -11.15 55.56
CA ASP F 203 -17.12 -10.66 54.23
C ASP F 203 -16.91 -9.14 54.25
N GLU F 204 -15.74 -8.70 54.70
CA GLU F 204 -15.46 -7.26 54.80
C GLU F 204 -15.37 -6.33 53.60
N ILE F 205 -14.71 -6.80 52.55
CA ILE F 205 -14.59 -6.09 51.28
C ILE F 205 -15.08 -4.64 51.02
N TYR F 206 -16.31 -4.33 51.44
CA TYR F 206 -16.88 -3.00 51.28
C TYR F 206 -16.54 -2.07 52.43
N GLU F 207 -15.62 -2.51 53.30
CA GLU F 207 -15.21 -1.71 54.46
C GLU F 207 -14.91 -0.23 54.24
N HIS F 208 -14.24 0.06 53.13
CA HIS F 208 -13.87 1.41 52.78
C HIS F 208 -14.88 2.37 52.19
N LEU F 209 -16.02 1.82 51.77
CA LEU F 209 -17.07 2.62 51.17
C LEU F 209 -18.08 2.67 52.33
N LEU F 210 -17.76 3.49 53.33
CA LEU F 210 -18.61 3.62 54.50
C LEU F 210 -18.83 5.10 54.69
N TYR F 211 -20.07 5.53 54.47
CA TYR F 211 -20.49 6.91 54.57
C TYR F 211 -20.81 7.34 56.00
N GLU F 212 -21.56 6.49 56.70
CA GLU F 212 -21.90 6.77 58.09
C GLU F 212 -21.99 5.65 59.13
N GLY F 213 -20.91 5.48 59.86
CA GLY F 213 -20.85 4.46 60.89
C GLY F 213 -19.39 4.15 61.13
N GLU F 214 -19.13 3.07 61.85
CA GLU F 214 -17.77 2.64 62.13
C GLU F 214 -17.69 1.16 61.74
N HIS F 215 -16.68 0.81 60.94
CA HIS F 215 -16.49 -0.58 60.52
C HIS F 215 -15.71 -1.40 61.55
N PHE F 216 -16.39 -2.32 62.22
CA PHE F 216 -15.76 -3.16 63.23
C PHE F 216 -15.62 -4.57 62.65
N SER F 217 -14.53 -5.24 62.98
CA SER F 217 -14.24 -6.60 62.51
C SER F 217 -14.44 -7.49 63.75
N PRO F 218 -15.05 -8.66 63.56
CA PRO F 218 -15.30 -9.58 64.68
C PRO F 218 -14.07 -10.45 64.99
N GLY F 219 -13.09 -10.44 64.08
CA GLY F 219 -11.88 -11.22 64.28
C GLY F 219 -11.05 -10.64 65.42
N ARG F 220 -11.48 -9.48 65.90
CA ARG F 220 -10.85 -8.76 67.01
C ARG F 220 -11.37 -9.57 68.18
N VAL F 221 -12.69 -9.84 68.14
CA VAL F 221 -13.37 -10.60 69.16
C VAL F 221 -13.26 -12.13 69.27
N ALA F 222 -13.28 -12.82 68.13
CA ALA F 222 -13.21 -14.28 68.12
C ALA F 222 -12.22 -14.70 67.03
N PRO F 223 -10.93 -14.45 67.26
CA PRO F 223 -9.82 -14.77 66.33
C PRO F 223 -9.57 -16.24 65.96
N GLU F 224 -9.98 -17.18 66.81
CA GLU F 224 -9.76 -18.59 66.46
C GLU F 224 -10.99 -19.23 65.83
N HIS F 225 -11.98 -18.39 65.52
CA HIS F 225 -13.23 -18.83 64.90
C HIS F 225 -13.49 -18.06 63.59
N THR F 226 -13.12 -16.79 63.57
CA THR F 226 -13.32 -15.91 62.41
C THR F 226 -12.37 -16.00 61.21
N LEU F 227 -12.95 -15.99 60.01
CA LEU F 227 -12.17 -16.05 58.78
C LEU F 227 -12.66 -14.76 58.19
N THR F 228 -11.74 -13.82 58.08
CA THR F 228 -12.02 -12.50 57.55
C THR F 228 -11.63 -12.39 56.08
N VAL F 229 -12.65 -12.27 55.22
CA VAL F 229 -12.48 -12.16 53.77
C VAL F 229 -12.62 -10.74 53.22
N ASN F 230 -11.63 -10.30 52.44
CA ASN F 230 -11.60 -8.96 51.89
C ASN F 230 -10.99 -9.07 50.49
N GLY F 231 -10.85 -7.94 49.82
CA GLY F 231 -10.26 -7.95 48.49
C GLY F 231 -9.96 -6.57 47.94
N ALA F 232 -9.10 -6.52 46.91
CA ALA F 232 -8.72 -5.27 46.28
C ALA F 232 -9.80 -4.62 45.42
N ALA F 233 -10.55 -5.45 44.71
CA ALA F 233 -11.63 -4.99 43.84
C ALA F 233 -12.42 -3.71 44.09
N LYS F 234 -13.28 -3.74 45.10
CA LYS F 234 -14.13 -2.60 45.43
C LYS F 234 -13.50 -1.29 45.87
N ALA F 235 -12.55 -1.40 46.78
CA ALA F 235 -11.89 -0.21 47.30
C ALA F 235 -11.08 0.48 46.21
N PHE F 236 -10.14 -0.26 45.63
CA PHE F 236 -9.25 0.24 44.59
C PHE F 236 -9.67 0.19 43.11
N ALA F 237 -10.96 0.06 42.84
CA ALA F 237 -11.47 -0.03 41.47
C ALA F 237 -10.79 -1.14 40.68
N MET F 238 -10.28 -2.14 41.39
CA MET F 238 -9.59 -3.28 40.78
C MET F 238 -10.32 -4.57 40.34
N THR F 239 -11.65 -4.52 40.24
CA THR F 239 -12.42 -5.70 39.86
C THR F 239 -11.80 -6.64 38.86
N GLY F 240 -11.56 -6.14 37.66
CA GLY F 240 -11.00 -6.95 36.60
C GLY F 240 -9.66 -7.59 36.87
N TRP F 241 -8.90 -7.08 37.84
CA TRP F 241 -7.59 -7.65 38.14
C TRP F 241 -7.63 -9.00 38.84
N ARG F 242 -8.78 -9.32 39.43
CA ARG F 242 -8.96 -10.58 40.11
C ARG F 242 -8.02 -10.85 41.25
N ILE F 243 -8.13 -10.04 42.31
CA ILE F 243 -7.29 -10.23 43.50
C ILE F 243 -8.08 -10.04 44.79
N GLY F 244 -8.11 -11.09 45.62
CA GLY F 244 -8.78 -11.05 46.91
C GLY F 244 -7.88 -11.68 47.95
N TYR F 245 -8.23 -11.51 49.22
CA TYR F 245 -7.43 -12.05 50.30
C TYR F 245 -8.19 -12.35 51.58
N ALA F 246 -7.58 -13.13 52.47
CA ALA F 246 -8.20 -13.48 53.73
C ALA F 246 -7.21 -13.81 54.84
N CYS F 247 -7.73 -13.95 56.05
CA CYS F 247 -6.92 -14.27 57.22
C CYS F 247 -7.75 -14.97 58.30
N GLY F 248 -7.08 -15.74 59.15
CA GLY F 248 -7.75 -16.49 60.19
C GLY F 248 -6.87 -17.62 60.72
N PRO F 249 -7.46 -18.63 61.38
CA PRO F 249 -6.73 -19.79 61.95
C PRO F 249 -5.88 -20.44 60.90
N LYS F 250 -4.56 -20.40 61.09
CA LYS F 250 -3.62 -20.96 60.12
C LYS F 250 -4.03 -22.30 59.53
N GLU F 251 -4.64 -23.16 60.35
CA GLU F 251 -5.09 -24.48 59.89
C GLU F 251 -6.03 -24.52 58.65
N VAL F 252 -6.98 -23.59 58.62
CA VAL F 252 -7.94 -23.48 57.51
C VAL F 252 -7.32 -22.71 56.35
N ILE F 253 -6.38 -21.82 56.66
CA ILE F 253 -5.68 -21.00 55.66
C ILE F 253 -4.51 -21.72 54.98
N LYS F 254 -4.61 -23.04 54.92
CA LYS F 254 -3.60 -23.86 54.28
C LYS F 254 -4.36 -25.07 53.76
N ALA F 255 -5.65 -25.10 54.11
CA ALA F 255 -6.59 -26.12 53.69
C ALA F 255 -6.89 -25.32 52.42
N MET F 256 -7.22 -24.04 52.62
CA MET F 256 -7.51 -23.14 51.51
C MET F 256 -6.40 -23.06 50.48
N ALA F 257 -5.19 -22.82 50.95
CA ALA F 257 -4.05 -22.71 50.05
C ALA F 257 -3.83 -23.97 49.23
N SER F 258 -4.19 -25.11 49.80
CA SER F 258 -3.97 -26.35 49.09
C SER F 258 -4.98 -26.56 47.97
N VAL F 259 -6.18 -26.03 48.17
CA VAL F 259 -7.24 -26.17 47.18
C VAL F 259 -6.76 -25.25 46.06
N SER F 260 -6.32 -24.06 46.46
CA SER F 260 -5.83 -23.04 45.55
C SER F 260 -4.78 -23.60 44.59
N ARG F 261 -3.89 -24.47 45.05
CA ARG F 261 -2.91 -24.97 44.10
C ARG F 261 -3.48 -25.96 43.09
N GLN F 262 -4.55 -26.64 43.46
CA GLN F 262 -5.14 -27.63 42.57
C GLN F 262 -6.44 -27.11 41.95
N SER F 263 -6.53 -25.81 41.80
CA SER F 263 -7.69 -25.21 41.22
C SER F 263 -7.15 -24.19 40.25
N THR F 264 -6.41 -23.21 40.78
CA THR F 264 -5.85 -22.14 39.98
C THR F 264 -4.34 -22.16 39.93
N THR F 265 -3.73 -22.91 40.84
CA THR F 265 -2.26 -23.00 40.95
C THR F 265 -1.68 -21.80 41.69
N SER F 266 -2.36 -20.64 41.56
CA SER F 266 -2.06 -19.33 42.19
C SER F 266 -2.46 -18.09 41.39
N PRO F 267 -2.79 -16.98 42.09
CA PRO F 267 -3.18 -15.74 41.41
C PRO F 267 -2.12 -15.21 40.46
N ASP F 268 -2.58 -14.66 39.35
CA ASP F 268 -1.74 -14.07 38.31
C ASP F 268 -0.71 -13.13 38.94
N THR F 269 0.56 -13.51 38.82
CA THR F 269 1.68 -12.78 39.38
C THR F 269 1.72 -11.25 39.29
N ILE F 270 1.54 -10.74 38.07
CA ILE F 270 1.55 -9.30 37.81
C ILE F 270 0.61 -8.55 38.72
N ALA F 271 -0.64 -9.02 38.82
CA ALA F 271 -1.63 -8.36 39.66
C ALA F 271 -1.28 -8.46 41.14
N GLN F 272 -0.45 -9.43 41.47
CA GLN F 272 -0.02 -9.61 42.85
C GLN F 272 0.81 -8.37 43.07
N TRP F 273 1.95 -8.27 42.38
CA TRP F 273 2.83 -7.11 42.50
C TRP F 273 2.15 -5.75 42.42
N ALA F 274 1.06 -5.68 41.67
CA ALA F 274 0.31 -4.44 41.51
C ALA F 274 -0.43 -4.16 42.81
N THR F 275 -1.02 -5.18 43.42
CA THR F 275 -1.76 -4.99 44.65
C THR F 275 -0.83 -4.58 45.79
N LEU F 276 0.33 -5.25 45.85
CA LEU F 276 1.34 -5.01 46.86
C LEU F 276 1.46 -3.50 46.96
N GLU F 277 1.60 -2.86 45.79
CA GLU F 277 1.75 -1.42 45.70
C GLU F 277 0.57 -0.59 46.25
N ALA F 278 -0.65 -1.00 45.93
CA ALA F 278 -1.81 -0.27 46.41
C ALA F 278 -1.85 -0.41 47.93
N LEU F 279 -1.46 -1.58 48.43
CA LEU F 279 -1.49 -1.78 49.86
C LEU F 279 -0.33 -1.14 50.63
N THR F 280 0.84 -1.04 50.01
CA THR F 280 1.97 -0.43 50.67
C THR F 280 2.17 1.08 50.56
N ASN F 281 1.67 1.65 49.47
CA ASN F 281 1.76 3.07 49.22
C ASN F 281 0.54 3.73 49.85
N GLN F 282 0.55 3.88 51.17
CA GLN F 282 -0.58 4.49 51.86
C GLN F 282 -0.97 5.84 51.30
N GLU F 283 -0.07 6.81 51.40
CA GLU F 283 -0.41 8.11 50.88
C GLU F 283 -0.75 8.44 49.45
N ALA F 284 -0.97 7.42 48.65
CA ALA F 284 -1.45 7.56 47.28
C ALA F 284 -2.87 6.95 47.35
N SER F 285 -2.94 5.71 47.86
CA SER F 285 -4.21 4.99 47.98
C SER F 285 -5.22 5.65 48.90
N ARG F 286 -4.74 6.22 49.99
CA ARG F 286 -5.58 6.88 50.99
C ARG F 286 -6.38 7.99 50.34
N ALA F 287 -5.84 8.52 49.26
CA ALA F 287 -6.48 9.59 48.53
C ALA F 287 -7.54 9.14 47.53
N PHE F 288 -7.24 8.06 46.80
CA PHE F 288 -8.19 7.55 45.81
C PHE F 288 -9.46 7.19 46.56
N VAL F 289 -9.30 6.43 47.65
CA VAL F 289 -10.41 5.99 48.47
C VAL F 289 -11.19 7.24 48.90
N GLU F 290 -10.50 8.19 49.52
CA GLU F 290 -11.17 9.41 49.97
C GLU F 290 -12.01 10.12 48.90
N MET F 291 -11.52 10.10 47.67
CA MET F 291 -12.23 10.74 46.56
C MET F 291 -13.44 9.89 46.21
N ALA F 292 -13.22 8.59 46.02
CA ALA F 292 -14.28 7.65 45.69
C ALA F 292 -15.45 7.67 46.65
N ARG F 293 -15.19 7.53 47.96
CA ARG F 293 -16.29 7.52 48.92
C ARG F 293 -17.17 8.75 48.84
N GLU F 294 -16.55 9.92 48.95
CA GLU F 294 -17.27 11.18 48.91
C GLU F 294 -18.06 11.26 47.60
N ALA F 295 -17.50 10.64 46.57
CA ALA F 295 -18.12 10.61 45.25
C ALA F 295 -19.42 9.80 45.43
N TYR F 296 -19.26 8.53 45.81
CA TYR F 296 -20.40 7.64 46.01
C TYR F 296 -21.41 8.21 46.99
N ARG F 297 -20.93 8.99 47.94
CA ARG F 297 -21.82 9.56 48.94
C ARG F 297 -22.84 10.53 48.33
N ARG F 298 -22.43 11.29 47.32
CA ARG F 298 -23.33 12.26 46.66
C ARG F 298 -24.37 11.63 45.79
N ARG F 299 -23.93 10.63 45.02
CA ARG F 299 -24.80 9.91 44.10
C ARG F 299 -25.81 9.21 45.00
N ARG F 300 -25.30 8.70 46.12
CA ARG F 300 -26.08 8.00 47.11
C ARG F 300 -27.24 8.90 47.54
N ASP F 301 -26.92 10.16 47.80
CA ASP F 301 -27.94 11.11 48.24
C ASP F 301 -28.82 11.59 47.12
N LEU F 302 -28.32 11.50 45.89
CA LEU F 302 -29.05 11.96 44.73
C LEU F 302 -29.91 10.91 44.04
N LEU F 303 -29.83 9.67 44.50
CA LEU F 303 -30.62 8.60 43.92
C LEU F 303 -31.74 8.64 44.96
N LEU F 304 -31.35 8.68 46.23
CA LEU F 304 -32.27 8.72 47.34
C LEU F 304 -33.27 9.85 47.40
N GLU F 305 -32.83 11.06 47.06
CA GLU F 305 -33.74 12.21 47.12
C GLU F 305 -34.74 12.09 46.00
N GLY F 306 -34.21 11.95 44.79
CA GLY F 306 -35.07 11.82 43.63
C GLY F 306 -36.01 10.64 43.76
N LEU F 307 -35.53 9.57 44.38
CA LEU F 307 -36.37 8.39 44.57
C LEU F 307 -37.45 8.78 45.57
N THR F 308 -37.01 9.34 46.70
CA THR F 308 -37.92 9.76 47.73
C THR F 308 -38.87 10.83 47.23
N ALA F 309 -38.44 11.61 46.25
CA ALA F 309 -39.28 12.68 45.71
C ALA F 309 -40.33 12.08 44.79
N LEU F 310 -39.95 11.05 44.04
CA LEU F 310 -40.83 10.34 43.13
C LEU F 310 -41.93 9.55 43.83
N GLY F 311 -41.69 9.21 45.09
CA GLY F 311 -42.66 8.45 45.85
C GLY F 311 -42.20 7.04 46.16
N LEU F 312 -41.42 6.43 45.26
CA LEU F 312 -40.89 5.07 45.43
C LEU F 312 -40.09 5.00 46.73
N LYS F 313 -40.23 3.88 47.45
CA LYS F 313 -39.56 3.69 48.75
C LYS F 313 -38.25 2.90 48.89
N ALA F 314 -37.31 3.41 49.70
CA ALA F 314 -36.02 2.74 49.87
C ALA F 314 -35.33 2.97 51.20
N VAL F 315 -34.51 2.01 51.57
CA VAL F 315 -33.80 2.12 52.83
C VAL F 315 -32.48 2.81 52.47
N ARG F 316 -32.19 3.89 53.18
CA ARG F 316 -30.96 4.64 52.95
C ARG F 316 -29.78 3.79 53.40
N PRO F 317 -28.84 3.52 52.49
CA PRO F 317 -27.65 2.72 52.79
C PRO F 317 -26.60 3.58 53.51
N SER F 318 -25.74 2.95 54.30
CA SER F 318 -24.70 3.70 54.99
C SER F 318 -23.38 3.30 54.38
N GLY F 319 -23.35 2.12 53.74
CA GLY F 319 -22.14 1.63 53.11
C GLY F 319 -22.42 0.89 51.83
N ALA F 320 -21.36 0.56 51.09
CA ALA F 320 -21.47 -0.14 49.81
C ALA F 320 -22.20 0.82 48.87
N PHE F 321 -22.48 0.37 47.66
CA PHE F 321 -23.19 1.21 46.70
C PHE F 321 -24.48 0.70 46.07
N TYR F 322 -25.27 0.03 46.89
CA TYR F 322 -26.52 -0.56 46.46
C TYR F 322 -27.65 0.07 47.26
N VAL F 323 -28.88 -0.08 46.77
CA VAL F 323 -30.08 0.45 47.42
C VAL F 323 -31.16 -0.52 46.98
N LEU F 324 -31.91 -1.07 47.93
CA LEU F 324 -32.99 -1.98 47.59
C LEU F 324 -34.22 -1.09 47.51
N MET F 325 -34.82 -1.04 46.33
CA MET F 325 -36.02 -0.23 46.12
C MET F 325 -37.28 -1.05 46.20
N ASP F 326 -38.32 -0.44 46.76
CA ASP F 326 -39.61 -1.10 46.89
C ASP F 326 -40.43 -0.92 45.62
N THR F 327 -40.40 -1.94 44.76
CA THR F 327 -41.15 -1.94 43.51
C THR F 327 -42.66 -2.00 43.68
N SER F 328 -43.12 -2.06 44.92
CA SER F 328 -44.54 -2.12 45.21
C SER F 328 -45.58 -1.35 44.40
N PRO F 329 -45.29 -0.10 43.99
CA PRO F 329 -46.27 0.66 43.20
C PRO F 329 -45.92 0.79 41.71
N ILE F 330 -44.84 0.13 41.31
CA ILE F 330 -44.36 0.15 39.93
C ILE F 330 -44.86 -1.12 39.24
N ALA F 331 -45.29 -2.09 40.05
CA ALA F 331 -45.81 -3.39 39.58
C ALA F 331 -46.17 -4.11 40.90
N PRO F 332 -46.68 -5.37 40.82
CA PRO F 332 -47.06 -6.14 42.01
C PRO F 332 -45.99 -7.05 42.65
N ASP F 333 -45.20 -7.72 41.83
CA ASP F 333 -44.15 -8.56 42.35
C ASP F 333 -42.94 -7.78 41.87
N GLU F 334 -41.78 -8.37 42.07
CA GLU F 334 -40.52 -7.78 41.65
C GLU F 334 -39.91 -8.19 40.30
N VAL F 335 -40.64 -8.95 39.49
CA VAL F 335 -40.12 -9.38 38.18
C VAL F 335 -40.85 -8.79 36.97
N ARG F 336 -42.15 -8.58 37.14
CA ARG F 336 -43.00 -7.99 36.11
C ARG F 336 -42.46 -6.57 36.23
N ALA F 337 -42.34 -6.11 37.47
CA ALA F 337 -41.82 -4.78 37.78
C ALA F 337 -40.50 -4.56 37.03
N ALA F 338 -39.59 -5.53 37.16
CA ALA F 338 -38.28 -5.47 36.55
C ALA F 338 -38.32 -5.19 35.05
N GLU F 339 -39.19 -5.89 34.35
CA GLU F 339 -39.34 -5.73 32.89
C GLU F 339 -39.97 -4.41 32.50
N ARG F 340 -40.95 -3.98 33.29
CA ARG F 340 -41.66 -2.72 33.08
C ARG F 340 -40.59 -1.62 33.09
N LEU F 341 -39.57 -1.77 33.94
CA LEU F 341 -38.48 -0.81 34.02
C LEU F 341 -37.46 -0.92 32.90
N LEU F 342 -37.27 -2.12 32.33
CA LEU F 342 -36.31 -2.28 31.24
C LEU F 342 -36.98 -1.61 30.02
N GLU F 343 -38.31 -1.59 30.02
CA GLU F 343 -39.07 -0.96 28.94
C GLU F 343 -38.98 0.57 28.98
N ALA F 344 -38.52 1.10 30.11
CA ALA F 344 -38.36 2.54 30.29
C ALA F 344 -36.84 2.74 30.15
N GLY F 345 -36.17 1.75 29.57
CA GLY F 345 -34.73 1.82 29.37
C GLY F 345 -33.90 1.97 30.63
N VAL F 346 -34.06 1.06 31.58
CA VAL F 346 -33.29 1.12 32.81
C VAL F 346 -33.23 -0.29 33.39
N ALA F 347 -32.03 -0.88 33.31
CA ALA F 347 -31.79 -2.22 33.81
C ALA F 347 -31.50 -2.28 35.29
N VAL F 348 -32.34 -3.01 36.02
CA VAL F 348 -32.21 -3.17 37.46
C VAL F 348 -32.03 -4.67 37.65
N VAL F 349 -31.67 -5.08 38.86
CA VAL F 349 -31.48 -6.50 39.16
C VAL F 349 -32.54 -6.83 40.24
N PRO F 350 -33.45 -7.76 39.93
CA PRO F 350 -34.54 -8.20 40.81
C PRO F 350 -34.07 -8.78 42.14
N GLY F 351 -34.73 -8.36 43.21
CA GLY F 351 -34.39 -8.83 44.54
C GLY F 351 -34.65 -10.31 44.78
N THR F 352 -35.23 -10.98 43.78
CA THR F 352 -35.54 -12.41 43.88
C THR F 352 -34.46 -13.38 44.39
N ASP F 353 -33.25 -13.25 43.87
CA ASP F 353 -32.15 -14.11 44.29
C ASP F 353 -31.36 -13.65 45.51
N PHE F 354 -31.88 -12.63 46.17
CA PHE F 354 -31.28 -12.08 47.38
C PHE F 354 -32.33 -12.31 48.46
N ALA F 355 -33.45 -12.94 48.10
CA ALA F 355 -34.54 -13.20 49.05
C ALA F 355 -35.01 -11.81 49.49
N ALA F 356 -35.01 -10.87 48.54
CA ALA F 356 -35.42 -9.50 48.79
C ALA F 356 -36.61 -9.46 47.84
N PHE F 357 -37.71 -10.08 48.24
CA PHE F 357 -38.91 -10.10 47.41
C PHE F 357 -39.70 -8.81 47.46
N GLY F 358 -40.08 -8.31 46.28
CA GLY F 358 -40.84 -7.07 46.18
C GLY F 358 -39.92 -5.88 46.33
N HIS F 359 -38.69 -6.05 45.84
CA HIS F 359 -37.65 -5.04 45.91
C HIS F 359 -36.80 -5.31 44.68
N VAL F 360 -36.02 -4.33 44.26
CA VAL F 360 -35.16 -4.52 43.09
C VAL F 360 -33.87 -3.80 43.47
N ARG F 361 -32.73 -4.34 43.07
CA ARG F 361 -31.44 -3.76 43.40
C ARG F 361 -30.84 -2.74 42.45
N LEU F 362 -30.82 -1.46 42.87
CA LEU F 362 -30.27 -0.35 42.08
C LEU F 362 -28.79 -0.19 42.39
N SER F 363 -28.08 0.55 41.54
CA SER F 363 -26.66 0.79 41.77
C SER F 363 -26.06 2.13 41.39
N TYR F 364 -25.98 3.02 42.36
CA TYR F 364 -25.39 4.33 42.12
C TYR F 364 -23.88 4.36 41.89
N ALA F 365 -23.29 3.18 41.70
CA ALA F 365 -21.85 3.10 41.46
C ALA F 365 -21.50 3.52 40.02
N THR F 366 -22.51 3.96 39.26
CA THR F 366 -22.27 4.39 37.89
C THR F 366 -22.18 5.90 38.01
N SER F 367 -22.29 6.58 36.86
CA SER F 367 -22.22 8.03 36.79
C SER F 367 -23.29 8.94 37.38
N GLU F 368 -22.87 10.16 37.65
CA GLU F 368 -23.71 11.22 38.20
C GLU F 368 -24.79 11.47 37.16
N GLU F 369 -24.44 11.29 35.90
CA GLU F 369 -25.37 11.52 34.80
C GLU F 369 -26.31 10.37 34.45
N ASN F 370 -26.08 9.20 35.03
CA ASN F 370 -26.93 8.06 34.75
C ASN F 370 -28.05 7.92 35.74
N LEU F 371 -27.77 8.32 36.97
CA LEU F 371 -28.75 8.26 38.03
C LEU F 371 -29.75 9.35 37.65
N ARG F 372 -29.22 10.47 37.14
CA ARG F 372 -30.04 11.61 36.74
C ARG F 372 -31.02 11.18 35.63
N LYS F 373 -30.52 10.36 34.69
CA LYS F 373 -31.32 9.85 33.56
C LYS F 373 -32.29 8.75 34.00
N ALA F 374 -31.76 7.79 34.73
CA ALA F 374 -32.52 6.68 35.26
C ALA F 374 -33.65 7.19 36.14
N LEU F 375 -33.38 8.31 36.80
CA LEU F 375 -34.34 8.94 37.69
C LEU F 375 -35.42 9.58 36.84
N GLU F 376 -35.05 10.01 35.65
CA GLU F 376 -35.98 10.66 34.74
C GLU F 376 -36.90 9.56 34.26
N ARG F 377 -36.33 8.47 33.77
CA ARG F 377 -37.12 7.34 33.28
C ARG F 377 -38.03 6.59 34.25
N PHE F 378 -37.72 6.69 35.55
CA PHE F 378 -38.54 6.06 36.59
C PHE F 378 -39.75 6.98 36.57
N ALA F 379 -39.48 8.27 36.72
CA ALA F 379 -40.52 9.30 36.74
C ALA F 379 -41.67 9.17 35.76
N ARG F 380 -41.38 8.91 34.48
CA ARG F 380 -42.42 8.78 33.47
C ARG F 380 -43.25 7.51 33.66
N VAL F 381 -42.57 6.40 33.96
CA VAL F 381 -43.20 5.09 34.18
C VAL F 381 -44.36 5.26 35.18
N LEU F 382 -44.08 5.95 36.28
CA LEU F 382 -45.09 6.20 37.29
C LEU F 382 -46.12 7.17 36.70
N MET G 1 -45.88 -76.26 -7.30
CA MET G 1 -46.80 -75.74 -8.35
C MET G 1 -46.58 -74.25 -8.64
N ARG G 2 -47.63 -73.52 -9.09
CA ARG G 2 -47.48 -72.11 -9.41
C ARG G 2 -48.61 -71.35 -8.75
N GLY G 3 -48.37 -70.07 -8.48
CA GLY G 3 -49.39 -69.26 -7.84
C GLY G 3 -48.79 -68.38 -6.77
N LEU G 4 -49.54 -67.38 -6.34
CA LEU G 4 -49.05 -66.47 -5.32
C LEU G 4 -49.10 -66.99 -3.90
N SER G 5 -48.46 -66.23 -3.00
CA SER G 5 -48.39 -66.56 -1.57
C SER G 5 -49.69 -66.12 -0.91
N ARG G 6 -50.05 -66.79 0.18
CA ARG G 6 -51.26 -66.46 0.91
C ARG G 6 -51.22 -65.08 1.56
N ARG G 7 -50.00 -64.61 1.85
CA ARG G 7 -49.76 -63.30 2.48
C ARG G 7 -49.92 -62.14 1.54
N VAL G 8 -49.42 -62.34 0.32
CA VAL G 8 -49.43 -61.34 -0.73
C VAL G 8 -50.82 -61.16 -1.34
N GLN G 9 -51.52 -62.27 -1.48
CA GLN G 9 -52.86 -62.27 -2.04
C GLN G 9 -53.74 -61.60 -1.02
N ALA G 10 -53.53 -61.98 0.24
CA ALA G 10 -54.27 -61.42 1.36
C ALA G 10 -54.16 -59.92 1.63
N MET G 11 -53.13 -59.28 1.09
CA MET G 11 -52.96 -57.85 1.34
C MET G 11 -53.67 -56.85 0.46
N LYS G 12 -54.34 -55.92 1.11
CA LYS G 12 -55.10 -54.88 0.44
C LYS G 12 -54.22 -53.87 -0.29
N PRO G 13 -54.73 -53.27 -1.39
CA PRO G 13 -54.05 -52.27 -2.22
C PRO G 13 -53.97 -50.90 -1.50
N ASP G 14 -53.40 -49.90 -2.17
CA ASP G 14 -53.23 -48.59 -1.54
C ASP G 14 -54.12 -47.37 -1.69
N ALA G 15 -54.80 -47.02 -0.60
CA ALA G 15 -55.70 -45.86 -0.55
C ALA G 15 -55.15 -44.64 -1.25
N VAL G 16 -53.87 -44.37 -1.02
CA VAL G 16 -53.21 -43.23 -1.63
C VAL G 16 -52.53 -43.42 -2.99
N VAL G 17 -52.06 -44.63 -3.27
CA VAL G 17 -51.43 -44.89 -4.56
C VAL G 17 -52.55 -45.03 -5.59
N ALA G 18 -53.78 -45.17 -5.10
CA ALA G 18 -54.98 -45.27 -5.94
C ALA G 18 -55.31 -43.85 -6.43
N VAL G 19 -55.59 -42.94 -5.50
CA VAL G 19 -55.91 -41.55 -5.87
C VAL G 19 -54.90 -40.88 -6.79
N ASN G 20 -53.64 -41.31 -6.71
CA ASN G 20 -52.57 -40.77 -7.55
C ASN G 20 -52.76 -41.26 -8.98
N ALA G 21 -52.92 -42.56 -9.15
CA ALA G 21 -53.14 -43.15 -10.48
C ALA G 21 -54.37 -42.54 -11.17
N LYS G 22 -55.48 -42.51 -10.44
CA LYS G 22 -56.73 -41.95 -10.96
C LYS G 22 -56.83 -40.42 -11.06
N ALA G 23 -55.71 -39.74 -10.85
CA ALA G 23 -55.65 -38.28 -10.94
C ALA G 23 -55.20 -38.55 -12.38
N LEU G 24 -53.89 -38.64 -12.57
CA LEU G 24 -53.25 -38.92 -13.85
C LEU G 24 -53.75 -39.37 -15.21
N GLU G 25 -55.07 -39.37 -15.43
CA GLU G 25 -55.64 -39.81 -16.71
C GLU G 25 -56.48 -38.55 -16.76
N LEU G 26 -57.53 -38.52 -15.96
CA LEU G 26 -58.34 -37.32 -15.75
C LEU G 26 -57.35 -36.16 -15.92
N ARG G 27 -56.25 -36.22 -15.17
CA ARG G 27 -55.20 -35.21 -15.26
C ARG G 27 -54.66 -35.35 -16.70
N ARG G 28 -54.23 -36.55 -17.07
CA ARG G 28 -53.72 -36.86 -18.42
C ARG G 28 -54.78 -36.92 -19.56
N GLN G 29 -55.59 -35.87 -19.64
CA GLN G 29 -56.63 -35.75 -20.64
C GLN G 29 -57.29 -34.42 -20.26
N GLY G 30 -56.43 -33.42 -20.06
CA GLY G 30 -56.91 -32.09 -19.71
C GLY G 30 -57.30 -31.80 -18.27
N VAL G 31 -58.27 -32.54 -17.74
CA VAL G 31 -58.75 -32.33 -16.37
C VAL G 31 -57.72 -32.02 -15.29
N ASP G 32 -57.48 -30.73 -15.05
CA ASP G 32 -56.54 -30.31 -14.02
C ASP G 32 -57.35 -30.31 -12.74
N LEU G 33 -56.89 -31.05 -11.75
CA LEU G 33 -57.58 -31.12 -10.46
C LEU G 33 -56.46 -30.64 -9.53
N VAL G 34 -56.81 -30.38 -8.29
CA VAL G 34 -55.84 -29.91 -7.31
C VAL G 34 -55.69 -31.20 -6.51
N ALA G 35 -54.45 -31.63 -6.32
CA ALA G 35 -54.17 -32.87 -5.58
C ALA G 35 -53.73 -32.84 -4.11
N LEU G 36 -54.70 -32.80 -3.22
CA LEU G 36 -54.44 -32.76 -1.79
C LEU G 36 -54.21 -34.17 -1.20
N THR G 37 -53.56 -35.03 -1.97
CA THR G 37 -53.27 -36.39 -1.52
C THR G 37 -51.94 -36.42 -0.77
N ALA G 38 -51.11 -35.44 -1.08
CA ALA G 38 -49.76 -35.28 -0.53
C ALA G 38 -49.16 -35.78 0.79
N GLY G 39 -48.10 -36.57 0.68
CA GLY G 39 -47.42 -37.06 1.86
C GLY G 39 -46.12 -36.29 1.99
N GLU G 40 -45.61 -35.84 0.86
CA GLU G 40 -44.38 -35.09 0.84
C GLU G 40 -44.52 -33.56 0.79
N PRO G 41 -43.50 -32.85 1.31
CA PRO G 41 -43.43 -31.38 1.36
C PRO G 41 -43.14 -30.82 -0.03
N ASP G 42 -43.81 -29.73 -0.39
CA ASP G 42 -43.60 -29.13 -1.72
C ASP G 42 -42.19 -28.58 -1.92
N PHE G 43 -41.50 -28.31 -0.82
CA PHE G 43 -40.13 -27.80 -0.85
C PHE G 43 -39.17 -28.85 -1.39
N ASP G 44 -38.11 -28.41 -2.04
CA ASP G 44 -37.13 -29.34 -2.59
C ASP G 44 -36.18 -29.45 -1.41
N THR G 45 -35.55 -30.61 -1.24
CA THR G 45 -34.60 -30.82 -0.15
C THR G 45 -33.48 -29.78 -0.25
N PRO G 46 -32.89 -29.37 0.89
CA PRO G 46 -31.82 -28.38 1.01
C PRO G 46 -30.63 -28.55 0.08
N GLU G 47 -30.07 -27.43 -0.37
CA GLU G 47 -28.92 -27.47 -1.26
C GLU G 47 -27.67 -28.06 -0.62
N HIS G 48 -27.44 -27.79 0.66
CA HIS G 48 -26.25 -28.34 1.31
C HIS G 48 -26.29 -29.86 1.35
N VAL G 49 -27.50 -30.41 1.39
CA VAL G 49 -27.69 -31.86 1.41
C VAL G 49 -27.34 -32.29 -0.02
N LYS G 50 -27.90 -31.59 -1.01
CA LYS G 50 -27.65 -31.88 -2.41
C LYS G 50 -26.16 -31.87 -2.67
N GLU G 51 -25.50 -30.83 -2.16
CA GLU G 51 -24.08 -30.66 -2.32
C GLU G 51 -23.29 -31.82 -1.75
N ALA G 52 -23.60 -32.21 -0.52
CA ALA G 52 -22.92 -33.31 0.16
C ALA G 52 -22.98 -34.58 -0.70
N ALA G 53 -24.13 -34.77 -1.36
CA ALA G 53 -24.35 -35.94 -2.21
C ALA G 53 -23.35 -35.84 -3.36
N ARG G 54 -23.29 -34.66 -3.97
CA ARG G 54 -22.39 -34.37 -5.08
C ARG G 54 -20.96 -34.68 -4.64
N ARG G 55 -20.61 -34.25 -3.43
CA ARG G 55 -19.30 -34.47 -2.86
C ARG G 55 -18.97 -35.97 -2.90
N ALA G 56 -19.92 -36.77 -2.43
CA ALA G 56 -19.76 -38.23 -2.38
C ALA G 56 -19.52 -38.87 -3.74
N LEU G 57 -20.29 -38.44 -4.73
CA LEU G 57 -20.15 -38.97 -6.09
C LEU G 57 -18.72 -38.69 -6.52
N ALA G 58 -18.30 -37.46 -6.32
CA ALA G 58 -16.96 -37.05 -6.67
C ALA G 58 -15.91 -37.93 -6.01
N GLN G 59 -16.06 -38.09 -4.70
CA GLN G 59 -15.13 -38.88 -3.92
C GLN G 59 -15.11 -40.37 -4.24
N GLY G 60 -16.11 -40.82 -5.00
CA GLY G 60 -16.20 -42.22 -5.35
C GLY G 60 -16.68 -43.03 -4.16
N LYS G 61 -17.66 -42.47 -3.43
CA LYS G 61 -18.26 -43.12 -2.26
C LYS G 61 -19.41 -43.93 -2.87
N THR G 62 -19.06 -44.92 -3.69
CA THR G 62 -20.06 -45.74 -4.37
C THR G 62 -20.07 -47.26 -4.24
N LYS G 63 -19.40 -47.78 -3.21
CA LYS G 63 -19.34 -49.22 -2.97
C LYS G 63 -20.34 -49.63 -1.90
N TYR G 64 -20.39 -50.93 -1.61
CA TYR G 64 -21.29 -51.47 -0.62
C TYR G 64 -21.03 -50.96 0.79
N ALA G 65 -22.07 -50.44 1.41
CA ALA G 65 -21.98 -49.93 2.77
C ALA G 65 -22.38 -51.09 3.67
N PRO G 66 -22.05 -51.02 4.96
CA PRO G 66 -22.46 -52.12 5.83
C PRO G 66 -23.99 -52.11 5.94
N PRO G 67 -24.59 -53.25 6.32
CA PRO G 67 -26.00 -53.48 6.48
C PRO G 67 -26.69 -52.55 7.45
N ALA G 68 -26.01 -52.19 8.53
CA ALA G 68 -26.63 -51.30 9.52
C ALA G 68 -26.40 -49.84 9.11
N GLY G 69 -25.70 -49.64 8.00
CA GLY G 69 -25.41 -48.30 7.51
C GLY G 69 -23.99 -47.89 7.86
N ILE G 70 -23.52 -46.82 7.24
CA ILE G 70 -22.15 -46.35 7.48
C ILE G 70 -21.96 -45.91 8.92
N PRO G 71 -20.77 -46.19 9.47
CA PRO G 71 -20.41 -45.83 10.85
C PRO G 71 -20.68 -44.36 11.11
N GLU G 72 -20.06 -43.50 10.31
CA GLU G 72 -20.22 -42.05 10.47
C GLU G 72 -21.67 -41.61 10.68
N LEU G 73 -22.59 -42.22 9.94
CA LEU G 73 -23.99 -41.84 10.06
C LEU G 73 -24.59 -42.42 11.34
N ARG G 74 -24.21 -43.64 11.69
CA ARG G 74 -24.73 -44.27 12.91
C ARG G 74 -24.25 -43.42 14.10
N GLU G 75 -22.98 -43.04 14.06
CA GLU G 75 -22.37 -42.24 15.12
C GLU G 75 -23.11 -40.91 15.23
N ALA G 76 -23.35 -40.28 14.09
CA ALA G 76 -24.05 -38.99 14.03
C ALA G 76 -25.53 -39.13 14.39
N LEU G 77 -26.05 -40.35 14.22
CA LEU G 77 -27.44 -40.65 14.48
C LEU G 77 -27.70 -40.80 15.96
N ALA G 78 -26.85 -41.58 16.63
CA ALA G 78 -26.97 -41.87 18.05
C ALA G 78 -26.95 -40.50 18.70
N GLU G 79 -26.30 -39.59 18.00
CA GLU G 79 -26.21 -38.26 18.49
C GLU G 79 -27.47 -37.44 18.46
N LYS G 80 -28.05 -37.35 17.27
CA LYS G 80 -29.27 -36.61 17.02
C LYS G 80 -30.26 -37.03 18.07
N PHE G 81 -30.35 -38.33 18.24
CA PHE G 81 -31.26 -38.91 19.20
C PHE G 81 -31.10 -38.41 20.63
N ARG G 82 -29.87 -38.11 21.04
CA ARG G 82 -29.64 -37.62 22.39
C ARG G 82 -29.91 -36.14 22.49
N ARG G 83 -29.17 -35.36 21.71
CA ARG G 83 -29.26 -33.88 21.63
C ARG G 83 -30.71 -33.40 21.50
N GLU G 84 -31.40 -33.91 20.48
CA GLU G 84 -32.80 -33.55 20.22
C GLU G 84 -33.84 -34.38 20.97
N ASN G 85 -33.46 -35.57 21.43
CA ASN G 85 -34.40 -36.42 22.13
C ASN G 85 -34.25 -36.94 23.56
N GLY G 86 -33.04 -36.89 24.12
CA GLY G 86 -32.86 -37.38 25.48
C GLY G 86 -32.69 -38.87 25.54
N LEU G 87 -32.65 -39.50 24.37
CA LEU G 87 -32.46 -40.94 24.26
C LEU G 87 -30.96 -41.07 24.46
N SER G 88 -30.57 -42.11 25.20
CA SER G 88 -29.17 -42.34 25.51
C SER G 88 -28.71 -43.62 24.83
N VAL G 89 -28.64 -43.59 23.51
CA VAL G 89 -28.23 -44.76 22.74
C VAL G 89 -26.78 -44.58 22.32
N THR G 90 -26.16 -45.68 21.91
CA THR G 90 -24.76 -45.67 21.46
C THR G 90 -24.93 -46.17 20.03
N PRO G 91 -24.06 -45.72 19.10
CA PRO G 91 -24.09 -46.11 17.69
C PRO G 91 -24.49 -47.55 17.36
N GLU G 92 -24.23 -48.50 18.26
CA GLU G 92 -24.61 -49.89 18.01
C GLU G 92 -26.03 -50.25 18.43
N GLU G 93 -26.81 -49.23 18.77
CA GLU G 93 -28.20 -49.36 19.20
C GLU G 93 -28.91 -48.42 18.23
N THR G 94 -28.26 -48.18 17.09
CA THR G 94 -28.75 -47.24 16.09
C THR G 94 -28.61 -47.98 14.76
N ILE G 95 -29.57 -47.76 13.86
CA ILE G 95 -29.56 -48.39 12.55
C ILE G 95 -30.15 -47.46 11.49
N VAL G 96 -29.55 -47.47 10.30
CA VAL G 96 -30.05 -46.64 9.21
C VAL G 96 -30.60 -47.54 8.09
N THR G 97 -31.93 -47.48 7.94
CA THR G 97 -32.67 -48.24 6.95
C THR G 97 -32.88 -47.60 5.56
N VAL G 98 -33.77 -48.19 4.76
CA VAL G 98 -34.09 -47.68 3.43
C VAL G 98 -35.43 -47.00 3.70
N GLY G 99 -35.40 -45.93 4.48
CA GLY G 99 -36.62 -45.20 4.79
C GLY G 99 -37.28 -45.63 6.08
N GLY G 100 -38.15 -44.78 6.61
CA GLY G 100 -38.85 -45.10 7.85
C GLY G 100 -39.75 -46.29 7.66
N SER G 101 -40.12 -46.57 6.42
CA SER G 101 -40.96 -47.70 6.13
C SER G 101 -40.14 -48.95 6.40
N GLN G 102 -39.00 -49.10 5.75
CA GLN G 102 -38.16 -50.30 5.97
C GLN G 102 -37.82 -50.58 7.43
N ALA G 103 -37.80 -49.51 8.23
CA ALA G 103 -37.50 -49.63 9.64
C ALA G 103 -38.73 -50.32 10.22
N LEU G 104 -39.91 -49.74 10.02
CA LEU G 104 -41.15 -50.33 10.53
C LEU G 104 -41.34 -51.76 10.03
N PHE G 105 -40.93 -52.00 8.79
CA PHE G 105 -41.03 -53.31 8.17
C PHE G 105 -40.06 -54.23 8.90
N ASN G 106 -38.76 -54.07 8.68
CA ASN G 106 -37.75 -54.90 9.34
C ASN G 106 -37.95 -55.21 10.82
N LEU G 107 -38.62 -54.30 11.53
CA LEU G 107 -38.86 -54.47 12.96
C LEU G 107 -39.87 -55.59 13.15
N PHE G 108 -41.03 -55.48 12.51
CA PHE G 108 -42.06 -56.49 12.65
C PHE G 108 -41.70 -57.88 12.16
N GLN G 109 -40.59 -57.99 11.44
CA GLN G 109 -40.12 -59.28 10.95
C GLN G 109 -39.16 -59.78 12.03
N ALA G 110 -38.68 -58.87 12.90
CA ALA G 110 -37.77 -59.22 13.98
C ALA G 110 -38.46 -59.61 15.28
N ILE G 111 -39.51 -58.88 15.65
CA ILE G 111 -40.27 -59.21 16.86
C ILE G 111 -41.35 -60.17 16.34
N LEU G 112 -42.57 -59.68 16.07
CA LEU G 112 -43.66 -60.50 15.53
C LEU G 112 -43.58 -61.93 14.99
N ASP G 113 -44.18 -62.87 15.72
CA ASP G 113 -44.23 -64.28 15.33
C ASP G 113 -45.74 -64.40 15.13
N PRO G 114 -46.17 -65.33 14.27
CA PRO G 114 -47.56 -65.61 13.93
C PRO G 114 -48.48 -65.66 15.14
N GLY G 115 -49.59 -64.93 15.06
CA GLY G 115 -50.54 -64.90 16.16
C GLY G 115 -50.24 -63.84 17.20
N ASP G 116 -49.05 -63.25 17.15
CA ASP G 116 -48.68 -62.21 18.11
C ASP G 116 -49.53 -61.00 17.76
N GLU G 117 -50.10 -60.38 18.80
CA GLU G 117 -50.94 -59.21 18.61
C GLU G 117 -50.21 -57.88 18.73
N VAL G 118 -50.58 -56.92 17.88
CA VAL G 118 -49.96 -55.59 17.92
C VAL G 118 -51.11 -54.61 18.09
N ILE G 119 -51.12 -53.89 19.20
CA ILE G 119 -52.16 -52.90 19.44
C ILE G 119 -51.85 -51.70 18.54
N VAL G 120 -52.87 -51.17 17.89
CA VAL G 120 -52.72 -50.04 16.98
C VAL G 120 -53.91 -49.09 17.24
N LEU G 121 -53.65 -47.81 17.45
CA LEU G 121 -54.74 -46.84 17.70
C LEU G 121 -55.37 -46.01 16.57
N SER G 122 -56.64 -46.24 16.29
CA SER G 122 -57.36 -45.51 15.23
C SER G 122 -57.89 -44.13 15.62
N PRO G 123 -57.97 -43.16 14.66
CA PRO G 123 -57.55 -43.25 13.24
C PRO G 123 -56.06 -43.48 13.09
N TYR G 124 -55.69 -44.39 12.20
CA TYR G 124 -54.29 -44.74 12.02
C TYR G 124 -53.75 -44.75 10.59
N TRP G 125 -52.45 -44.55 10.48
CA TRP G 125 -51.80 -44.55 9.18
C TRP G 125 -51.92 -45.86 8.45
N VAL G 126 -52.53 -45.78 7.26
CA VAL G 126 -52.75 -46.92 6.38
C VAL G 126 -51.89 -48.18 6.46
N SER G 127 -50.58 -48.03 6.53
CA SER G 127 -49.70 -49.20 6.57
C SER G 127 -49.26 -49.99 7.78
N TYR G 128 -49.60 -49.50 8.96
CA TYR G 128 -49.24 -50.20 10.18
C TYR G 128 -49.83 -51.60 10.14
N PRO G 129 -51.17 -51.72 9.93
CA PRO G 129 -51.81 -53.04 9.89
C PRO G 129 -51.38 -53.88 8.70
N GLU G 130 -51.14 -53.24 7.56
CA GLU G 130 -50.72 -53.98 6.37
C GLU G 130 -49.48 -54.77 6.71
N MET G 131 -48.50 -54.11 7.32
CA MET G 131 -47.26 -54.77 7.67
C MET G 131 -47.22 -55.67 8.90
N VAL G 132 -48.06 -55.37 9.88
CA VAL G 132 -48.12 -56.18 11.09
C VAL G 132 -48.59 -57.54 10.60
N ARG G 133 -49.62 -57.55 9.75
CA ARG G 133 -50.19 -58.77 9.17
C ARG G 133 -49.31 -59.53 8.19
N PHE G 134 -48.50 -58.80 7.43
CA PHE G 134 -47.62 -59.41 6.45
C PHE G 134 -46.62 -60.28 7.23
N ALA G 135 -46.22 -59.82 8.41
CA ALA G 135 -45.30 -60.59 9.24
C ALA G 135 -45.95 -61.76 9.96
N GLY G 136 -47.28 -61.70 10.08
CA GLY G 136 -48.01 -62.76 10.76
C GLY G 136 -48.63 -62.24 12.03
N GLY G 137 -48.71 -60.92 12.13
CA GLY G 137 -49.28 -60.29 13.32
C GLY G 137 -50.80 -60.33 13.37
N VAL G 138 -51.35 -59.64 14.36
CA VAL G 138 -52.78 -59.58 14.56
C VAL G 138 -53.07 -58.17 15.07
N VAL G 139 -53.62 -57.33 14.20
CA VAL G 139 -53.97 -55.96 14.56
C VAL G 139 -55.09 -56.05 15.60
N VAL G 140 -54.91 -55.34 16.70
CA VAL G 140 -55.91 -55.29 17.76
C VAL G 140 -55.95 -53.77 17.80
N GLU G 141 -57.07 -53.18 17.41
CA GLU G 141 -57.17 -51.73 17.42
C GLU G 141 -58.02 -50.96 18.41
N VAL G 142 -57.50 -49.83 18.88
CA VAL G 142 -58.18 -48.99 19.86
C VAL G 142 -58.52 -47.62 19.30
N GLU G 143 -59.77 -47.20 19.51
CA GLU G 143 -60.28 -45.91 19.06
C GLU G 143 -59.83 -44.71 19.90
N THR G 144 -59.88 -43.53 19.30
CA THR G 144 -59.50 -42.29 19.98
C THR G 144 -60.64 -41.41 19.47
N LEU G 145 -61.49 -40.96 20.39
CA LEU G 145 -62.62 -40.14 20.04
C LEU G 145 -62.28 -38.70 19.73
N PRO G 146 -62.77 -38.17 18.59
CA PRO G 146 -62.50 -36.80 18.19
C PRO G 146 -62.91 -35.80 19.29
N GLU G 147 -63.95 -36.15 20.04
CA GLU G 147 -64.42 -35.30 21.14
C GLU G 147 -63.37 -35.11 22.22
N GLU G 148 -62.33 -35.96 22.18
CA GLU G 148 -61.21 -35.89 23.12
C GLU G 148 -60.22 -35.00 22.39
N GLY G 149 -60.10 -35.23 21.09
CA GLY G 149 -59.15 -34.48 20.30
C GLY G 149 -58.08 -35.43 19.80
N PHE G 150 -58.49 -36.67 19.58
CA PHE G 150 -57.62 -37.75 19.11
C PHE G 150 -56.39 -38.24 19.87
N VAL G 151 -56.40 -38.00 21.19
CA VAL G 151 -55.30 -38.42 22.05
C VAL G 151 -55.79 -39.67 22.78
N PRO G 152 -55.01 -40.76 22.70
CA PRO G 152 -55.34 -42.02 23.35
C PRO G 152 -55.68 -41.85 24.84
N ASP G 153 -56.57 -42.70 25.35
CA ASP G 153 -56.99 -42.68 26.76
C ASP G 153 -56.28 -43.94 27.19
N PRO G 154 -55.27 -43.79 28.06
CA PRO G 154 -54.48 -44.92 28.57
C PRO G 154 -55.34 -46.04 29.19
N GLU G 155 -56.35 -45.64 29.98
CA GLU G 155 -57.25 -46.58 30.64
C GLU G 155 -57.81 -47.69 29.76
N ARG G 156 -58.20 -47.35 28.52
CA ARG G 156 -58.74 -48.33 27.60
C ARG G 156 -57.68 -49.03 26.77
N VAL G 157 -56.55 -48.36 26.55
CA VAL G 157 -55.46 -48.94 25.77
C VAL G 157 -55.01 -50.11 26.64
N ARG G 158 -55.21 -49.96 27.94
CA ARG G 158 -54.85 -50.99 28.91
C ARG G 158 -55.69 -52.23 28.68
N ARG G 159 -57.01 -52.06 28.67
CA ARG G 159 -57.91 -53.19 28.46
C ARG G 159 -58.02 -53.78 27.05
N ALA G 160 -56.89 -53.75 26.34
CA ALA G 160 -56.80 -54.29 24.99
C ALA G 160 -55.57 -55.20 25.05
N ILE G 161 -54.85 -55.15 26.17
CA ILE G 161 -53.64 -55.95 26.37
C ILE G 161 -54.10 -57.35 26.75
N THR G 162 -53.47 -58.34 26.13
CA THR G 162 -53.78 -59.74 26.38
C THR G 162 -52.38 -60.36 26.40
N PRO G 163 -52.27 -61.60 26.90
CA PRO G 163 -50.97 -62.27 26.94
C PRO G 163 -50.36 -62.57 25.57
N ARG G 164 -51.08 -62.20 24.52
CA ARG G 164 -50.59 -62.39 23.16
C ARG G 164 -49.90 -61.10 22.78
N THR G 165 -50.41 -60.01 23.33
CA THR G 165 -49.90 -58.67 23.07
C THR G 165 -48.39 -58.51 23.13
N LYS G 166 -47.78 -58.24 21.97
CA LYS G 166 -46.33 -58.08 21.85
C LYS G 166 -45.76 -56.71 21.50
N ALA G 167 -46.61 -55.81 21.01
CA ALA G 167 -46.19 -54.45 20.66
C ALA G 167 -47.34 -53.47 20.69
N LEU G 168 -47.02 -52.20 20.93
CA LEU G 168 -48.02 -51.15 20.97
C LEU G 168 -47.37 -50.20 19.99
N VAL G 169 -48.18 -49.55 19.16
CA VAL G 169 -47.63 -48.60 18.19
C VAL G 169 -48.33 -47.30 18.52
N VAL G 170 -47.53 -46.26 18.78
CA VAL G 170 -48.06 -44.94 19.09
C VAL G 170 -47.33 -43.98 18.14
N ASN G 171 -48.07 -43.09 17.49
CA ASN G 171 -47.49 -42.12 16.56
C ASN G 171 -48.03 -40.71 16.78
N SER G 172 -47.15 -39.86 17.33
CA SER G 172 -47.42 -38.44 17.63
C SER G 172 -46.09 -37.88 17.12
N PRO G 173 -46.11 -36.85 16.25
CA PRO G 173 -47.30 -36.17 15.71
C PRO G 173 -48.03 -37.06 14.73
N ASN G 174 -49.28 -37.32 15.07
CA ASN G 174 -50.19 -38.15 14.30
C ASN G 174 -50.44 -37.93 12.80
N ASN G 175 -50.63 -39.04 12.09
CA ASN G 175 -50.92 -39.06 10.64
C ASN G 175 -52.01 -40.11 10.83
N PRO G 176 -53.23 -39.86 10.35
CA PRO G 176 -53.84 -38.72 9.63
C PRO G 176 -54.51 -37.60 10.43
N THR G 177 -54.63 -37.72 11.75
CA THR G 177 -55.25 -36.66 12.54
C THR G 177 -54.47 -35.40 12.90
N GLY G 178 -53.13 -35.45 12.80
CA GLY G 178 -52.30 -34.29 13.11
C GLY G 178 -52.12 -34.00 14.58
N ALA G 179 -52.80 -34.76 15.44
CA ALA G 179 -52.71 -34.57 16.88
C ALA G 179 -51.29 -34.80 17.40
N VAL G 180 -50.99 -34.24 18.56
CA VAL G 180 -49.67 -34.39 19.16
C VAL G 180 -50.03 -34.70 20.63
N TYR G 181 -49.72 -35.93 21.04
CA TYR G 181 -50.04 -36.38 22.39
C TYR G 181 -49.19 -35.71 23.46
N PRO G 182 -49.83 -35.28 24.57
CA PRO G 182 -49.14 -34.63 25.69
C PRO G 182 -48.10 -35.57 26.28
N LYS G 183 -47.10 -34.97 26.92
CA LYS G 183 -46.00 -35.68 27.54
C LYS G 183 -46.45 -36.90 28.32
N GLU G 184 -47.24 -36.66 29.36
CA GLU G 184 -47.78 -37.71 30.24
C GLU G 184 -48.66 -38.85 29.75
N VAL G 185 -48.96 -38.85 28.46
CA VAL G 185 -49.79 -39.90 27.89
C VAL G 185 -48.72 -40.79 27.28
N LEU G 186 -47.67 -40.19 26.71
CA LEU G 186 -46.57 -40.97 26.13
C LEU G 186 -45.95 -41.68 27.34
N GLU G 187 -45.93 -40.96 28.47
CA GLU G 187 -45.39 -41.43 29.72
C GLU G 187 -46.27 -42.62 30.12
N ALA G 188 -47.58 -42.40 30.14
CA ALA G 188 -48.52 -43.46 30.48
C ALA G 188 -48.44 -44.74 29.66
N LEU G 189 -48.54 -44.59 28.34
CA LEU G 189 -48.49 -45.74 27.45
C LEU G 189 -47.14 -46.43 27.59
N ALA G 190 -46.06 -45.65 27.63
CA ALA G 190 -44.71 -46.21 27.74
C ALA G 190 -44.65 -47.09 28.99
N ARG G 191 -45.39 -46.71 30.02
CA ARG G 191 -45.43 -47.44 31.28
C ARG G 191 -46.14 -48.80 31.22
N LEU G 192 -47.16 -48.93 30.37
CA LEU G 192 -47.89 -50.20 30.25
C LEU G 192 -46.93 -51.12 29.53
N ALA G 193 -46.22 -50.56 28.56
CA ALA G 193 -45.27 -51.33 27.78
C ALA G 193 -44.27 -52.05 28.69
N VAL G 194 -43.86 -51.37 29.76
CA VAL G 194 -42.92 -51.93 30.72
C VAL G 194 -43.63 -52.87 31.69
N GLU G 195 -44.76 -52.39 32.21
CA GLU G 195 -45.59 -53.08 33.17
C GLU G 195 -46.15 -54.44 32.76
N HIS G 196 -46.46 -54.59 31.48
CA HIS G 196 -46.99 -55.85 30.98
C HIS G 196 -45.94 -56.48 30.10
N ASP G 197 -44.78 -55.84 30.02
CA ASP G 197 -43.67 -56.35 29.23
C ASP G 197 -43.95 -56.68 27.77
N PHE G 198 -43.79 -55.68 26.91
CA PHE G 198 -43.99 -55.81 25.46
C PHE G 198 -43.37 -54.54 24.91
N TYR G 199 -42.90 -54.60 23.66
CA TYR G 199 -42.27 -53.44 23.03
C TYR G 199 -43.23 -52.28 22.76
N LEU G 200 -42.68 -51.08 22.66
CA LEU G 200 -43.47 -49.89 22.41
C LEU G 200 -42.75 -49.40 21.15
N VAL G 201 -43.51 -49.20 20.07
CA VAL G 201 -42.95 -48.75 18.81
C VAL G 201 -43.46 -47.32 18.62
N SER G 202 -42.53 -46.37 18.69
CA SER G 202 -42.84 -44.96 18.54
C SER G 202 -42.40 -44.47 17.17
N ASP G 203 -43.34 -43.95 16.39
CA ASP G 203 -43.04 -43.46 15.06
C ASP G 203 -42.96 -41.92 15.10
N GLU G 204 -41.86 -41.41 15.64
CA GLU G 204 -41.68 -39.96 15.77
C GLU G 204 -41.66 -39.08 14.53
N ILE G 205 -40.92 -39.53 13.50
CA ILE G 205 -40.81 -38.86 12.20
C ILE G 205 -41.20 -37.41 11.92
N TYR G 206 -42.44 -37.08 12.29
CA TYR G 206 -43.04 -35.75 12.14
C TYR G 206 -42.69 -34.82 13.29
N GLU G 207 -41.76 -35.27 14.16
CA GLU G 207 -41.33 -34.48 15.31
C GLU G 207 -41.07 -32.99 15.09
N HIS G 208 -40.42 -32.67 13.98
CA HIS G 208 -40.08 -31.30 13.62
C HIS G 208 -41.12 -30.36 13.03
N LEU G 209 -42.26 -30.93 12.65
CA LEU G 209 -43.35 -30.17 12.04
C LEU G 209 -44.27 -30.12 13.26
N LEU G 210 -43.93 -29.24 14.19
CA LEU G 210 -44.70 -29.10 15.41
C LEU G 210 -45.04 -27.63 15.60
N TYR G 211 -46.32 -27.30 15.42
CA TYR G 211 -46.78 -25.92 15.53
C TYR G 211 -47.11 -25.50 16.95
N GLU G 212 -47.84 -26.36 17.66
CA GLU G 212 -48.27 -26.10 19.05
C GLU G 212 -48.25 -27.20 20.13
N GLY G 213 -47.11 -27.37 20.80
CA GLY G 213 -47.00 -28.38 21.84
C GLY G 213 -45.53 -28.69 22.04
N GLU G 214 -45.24 -29.79 22.72
CA GLU G 214 -43.85 -30.17 22.95
C GLU G 214 -43.76 -31.65 22.60
N HIS G 215 -42.76 -31.98 21.80
CA HIS G 215 -42.55 -33.36 21.39
C HIS G 215 -41.76 -34.17 22.40
N PHE G 216 -42.45 -35.10 23.06
CA PHE G 216 -41.84 -35.97 24.06
C PHE G 216 -41.65 -37.41 23.54
N SER G 217 -40.47 -37.98 23.79
CA SER G 217 -40.15 -39.34 23.34
C SER G 217 -40.31 -40.24 24.56
N PRO G 218 -40.91 -41.41 24.39
CA PRO G 218 -41.11 -42.34 25.51
C PRO G 218 -39.86 -43.17 25.80
N GLY G 219 -38.91 -43.15 24.88
CA GLY G 219 -37.67 -43.90 25.05
C GLY G 219 -36.83 -43.32 26.17
N ARG G 220 -37.26 -42.18 26.70
CA ARG G 220 -36.59 -41.51 27.80
C ARG G 220 -37.14 -42.35 28.94
N VAL G 221 -38.45 -42.55 28.93
CA VAL G 221 -39.11 -43.34 29.96
C VAL G 221 -38.97 -44.87 30.05
N ALA G 222 -38.98 -45.56 28.91
CA ALA G 222 -38.88 -47.02 28.89
C ALA G 222 -37.91 -47.41 27.79
N PRO G 223 -36.61 -47.14 27.99
CA PRO G 223 -35.52 -47.43 27.06
C PRO G 223 -35.24 -48.88 26.69
N GLU G 224 -35.59 -49.83 27.54
CA GLU G 224 -35.34 -51.22 27.19
C GLU G 224 -36.55 -51.90 26.54
N HIS G 225 -37.61 -51.10 26.28
CA HIS G 225 -38.86 -51.55 25.67
C HIS G 225 -39.17 -50.78 24.40
N THR G 226 -38.89 -49.48 24.41
CA THR G 226 -39.16 -48.61 23.28
C THR G 226 -38.24 -48.74 22.10
N LEU G 227 -38.81 -48.62 20.90
CA LEU G 227 -38.06 -48.70 19.66
C LEU G 227 -38.54 -47.40 19.05
N THR G 228 -37.60 -46.50 18.86
CA THR G 228 -37.89 -45.19 18.31
C THR G 228 -37.53 -45.05 16.84
N VAL G 229 -38.56 -44.96 16.00
CA VAL G 229 -38.41 -44.84 14.55
C VAL G 229 -38.60 -43.42 14.00
N ASN G 230 -37.62 -42.94 13.24
CA ASN G 230 -37.67 -41.60 12.65
C ASN G 230 -37.01 -41.70 11.29
N GLY G 231 -36.94 -40.58 10.58
CA GLY G 231 -36.35 -40.57 9.25
C GLY G 231 -36.09 -39.19 8.70
N ALA G 232 -35.27 -39.13 7.65
CA ALA G 232 -34.92 -37.87 7.01
C ALA G 232 -36.03 -37.23 6.19
N ALA G 233 -36.77 -38.08 5.48
CA ALA G 233 -37.87 -37.64 4.61
C ALA G 233 -38.68 -36.39 4.87
N LYS G 234 -39.54 -36.45 5.89
CA LYS G 234 -40.41 -35.35 6.26
C LYS G 234 -39.85 -34.01 6.74
N ALA G 235 -38.80 -34.08 7.56
CA ALA G 235 -38.17 -32.87 8.09
C ALA G 235 -37.39 -32.15 7.00
N PHE G 236 -36.43 -32.87 6.41
CA PHE G 236 -35.58 -32.36 5.34
C PHE G 236 -36.01 -32.42 3.88
N ALA G 237 -37.31 -32.58 3.64
CA ALA G 237 -37.84 -32.67 2.28
C ALA G 237 -37.17 -33.76 1.44
N MET G 238 -36.63 -34.77 2.11
CA MET G 238 -35.95 -35.87 1.44
C MET G 238 -36.68 -37.16 1.07
N THR G 239 -38.01 -37.11 0.96
CA THR G 239 -38.79 -38.31 0.63
C THR G 239 -38.25 -39.27 -0.42
N GLY G 240 -37.87 -38.74 -1.58
CA GLY G 240 -37.32 -39.56 -2.64
C GLY G 240 -35.95 -40.18 -2.38
N TRP G 241 -35.22 -39.62 -1.41
CA TRP G 241 -33.88 -40.13 -1.09
C TRP G 241 -33.85 -41.53 -0.47
N ARG G 242 -34.95 -41.92 0.14
CA ARG G 242 -35.06 -43.23 0.80
C ARG G 242 -34.04 -43.44 1.92
N ILE G 243 -34.26 -42.74 3.03
CA ILE G 243 -33.43 -42.84 4.23
C ILE G 243 -34.20 -42.64 5.53
N GLY G 244 -34.22 -43.70 6.34
CA GLY G 244 -34.87 -43.67 7.63
C GLY G 244 -33.94 -44.27 8.67
N TYR G 245 -34.27 -44.10 9.94
CA TYR G 245 -33.43 -44.63 10.99
C TYR G 245 -34.16 -44.94 12.29
N ALA G 246 -33.51 -45.72 13.15
CA ALA G 246 -34.10 -46.08 14.44
C ALA G 246 -33.09 -46.42 15.52
N CYS G 247 -33.59 -46.55 16.75
CA CYS G 247 -32.76 -46.86 17.90
C CYS G 247 -33.57 -47.57 18.99
N GLY G 248 -32.87 -48.35 19.82
CA GLY G 248 -33.51 -49.09 20.89
C GLY G 248 -32.60 -50.22 21.37
N PRO G 249 -33.17 -51.29 21.95
CA PRO G 249 -32.40 -52.43 22.46
C PRO G 249 -31.43 -52.99 21.44
N LYS G 250 -30.14 -52.97 21.79
CA LYS G 250 -29.05 -53.45 20.95
C LYS G 250 -29.42 -54.75 20.22
N GLU G 251 -30.21 -55.59 20.89
CA GLU G 251 -30.65 -56.87 20.34
C GLU G 251 -31.57 -56.80 19.12
N VAL G 252 -32.71 -56.13 19.27
CA VAL G 252 -33.68 -55.98 18.18
C VAL G 252 -33.11 -55.10 17.07
N ILE G 253 -32.26 -54.14 17.45
CA ILE G 253 -31.61 -53.23 16.51
C ILE G 253 -30.54 -53.98 15.68
N LYS G 254 -30.48 -55.30 15.84
CA LYS G 254 -29.51 -56.13 15.13
C LYS G 254 -30.22 -57.28 14.42
N ALA G 255 -31.40 -57.63 14.93
CA ALA G 255 -32.22 -58.68 14.35
C ALA G 255 -32.53 -57.88 13.09
N MET G 256 -32.94 -56.62 13.29
CA MET G 256 -33.26 -55.72 12.18
C MET G 256 -32.18 -55.61 11.13
N ALA G 257 -30.96 -55.34 11.57
CA ALA G 257 -29.84 -55.20 10.66
C ALA G 257 -29.61 -56.46 9.86
N SER G 258 -29.92 -57.58 10.48
CA SER G 258 -29.75 -58.86 9.85
C SER G 258 -30.72 -59.06 8.67
N VAL G 259 -31.96 -58.59 8.84
CA VAL G 259 -33.01 -58.72 7.84
C VAL G 259 -32.58 -57.81 6.71
N SER G 260 -32.16 -56.60 7.09
CA SER G 260 -31.69 -55.57 6.18
C SER G 260 -30.63 -56.12 5.25
N ARG G 261 -29.69 -56.87 5.82
CA ARG G 261 -28.58 -57.47 5.08
C ARG G 261 -28.99 -58.42 3.98
N GLN G 262 -30.16 -59.02 4.13
CA GLN G 262 -30.64 -59.94 3.13
C GLN G 262 -31.97 -59.64 2.45
N SER G 263 -32.44 -58.40 2.61
CA SER G 263 -33.66 -57.95 1.96
C SER G 263 -33.00 -56.92 1.01
N THR G 264 -32.52 -55.80 1.53
CA THR G 264 -31.90 -54.79 0.67
C THR G 264 -30.38 -54.77 0.51
N THR G 265 -29.67 -55.40 1.46
CA THR G 265 -28.20 -55.46 1.53
C THR G 265 -27.62 -54.24 2.26
N SER G 266 -28.29 -53.10 2.11
CA SER G 266 -27.91 -51.83 2.72
C SER G 266 -28.48 -50.67 1.91
N PRO G 267 -28.78 -49.55 2.58
CA PRO G 267 -29.33 -48.38 1.89
C PRO G 267 -28.29 -47.75 0.99
N ASP G 268 -28.79 -47.04 -0.02
CA ASP G 268 -27.99 -46.34 -1.01
C ASP G 268 -26.87 -45.49 -0.38
N THR G 269 -25.61 -45.88 -0.61
CA THR G 269 -24.46 -45.16 -0.06
C THR G 269 -24.45 -43.64 -0.15
N ILE G 270 -24.67 -43.13 -1.37
CA ILE G 270 -24.69 -41.68 -1.62
C ILE G 270 -25.64 -40.96 -0.67
N ALA G 271 -26.82 -41.55 -0.47
CA ALA G 271 -27.81 -40.93 0.40
C ALA G 271 -27.41 -40.93 1.87
N GLN G 272 -26.60 -41.92 2.25
CA GLN G 272 -26.16 -42.02 3.63
C GLN G 272 -25.39 -40.73 3.89
N TRP G 273 -24.28 -40.57 3.19
CA TRP G 273 -23.46 -39.38 3.32
C TRP G 273 -24.28 -38.10 3.19
N ALA G 274 -25.24 -38.09 2.27
CA ALA G 274 -26.08 -36.92 2.07
C ALA G 274 -26.78 -36.59 3.37
N THR G 275 -27.27 -37.62 4.04
CA THR G 275 -27.97 -37.46 5.30
C THR G 275 -27.03 -37.03 6.41
N LEU G 276 -25.83 -37.62 6.45
CA LEU G 276 -24.82 -37.32 7.45
C LEU G 276 -24.67 -35.81 7.63
N GLU G 277 -24.75 -35.07 6.52
CA GLU G 277 -24.66 -33.61 6.58
C GLU G 277 -25.88 -32.90 7.12
N ALA G 278 -27.07 -33.33 6.69
CA ALA G 278 -28.32 -32.73 7.16
C ALA G 278 -28.29 -32.82 8.69
N LEU G 279 -27.72 -33.92 9.19
CA LEU G 279 -27.61 -34.11 10.62
C LEU G 279 -26.44 -33.40 11.32
N THR G 280 -25.25 -33.45 10.73
CA THR G 280 -24.10 -32.79 11.35
C THR G 280 -23.97 -31.29 11.15
N ASN G 281 -24.60 -30.76 10.10
CA ASN G 281 -24.54 -29.33 9.82
C ASN G 281 -25.77 -28.71 10.47
N GLN G 282 -25.78 -28.63 11.80
CA GLN G 282 -26.90 -28.08 12.55
C GLN G 282 -27.40 -26.76 11.97
N GLU G 283 -26.60 -25.69 12.13
CA GLU G 283 -26.94 -24.37 11.61
C GLU G 283 -27.68 -24.20 10.28
N ALA G 284 -27.30 -25.00 9.29
CA ALA G 284 -27.90 -24.93 7.96
C ALA G 284 -29.28 -25.56 8.03
N SER G 285 -29.33 -26.79 8.53
CA SER G 285 -30.57 -27.55 8.66
C SER G 285 -31.57 -26.91 9.61
N ARG G 286 -31.06 -26.35 10.71
CA ARG G 286 -31.90 -25.70 11.71
C ARG G 286 -32.77 -24.68 11.00
N ALA G 287 -32.21 -24.01 10.00
CA ALA G 287 -32.92 -22.98 9.26
C ALA G 287 -33.97 -23.44 8.27
N PHE G 288 -33.67 -24.52 7.56
CA PHE G 288 -34.61 -25.07 6.59
C PHE G 288 -35.87 -25.43 7.34
N VAL G 289 -35.69 -26.19 8.41
CA VAL G 289 -36.79 -26.64 9.26
C VAL G 289 -37.55 -25.41 9.72
N GLU G 290 -36.84 -24.44 10.29
CA GLU G 290 -37.45 -23.22 10.76
C GLU G 290 -38.34 -22.56 9.70
N MET G 291 -37.91 -22.61 8.44
CA MET G 291 -38.66 -22.02 7.35
C MET G 291 -39.90 -22.83 7.05
N ALA G 292 -39.67 -24.12 6.84
CA ALA G 292 -40.73 -25.07 6.52
C ALA G 292 -41.87 -25.06 7.53
N ARG G 293 -41.51 -25.22 8.80
CA ARG G 293 -42.48 -25.22 9.89
C ARG G 293 -43.39 -24.00 9.98
N GLU G 294 -42.83 -22.81 9.76
CA GLU G 294 -43.61 -21.58 9.80
C GLU G 294 -44.50 -21.55 8.56
N ALA G 295 -43.97 -22.12 7.48
CA ALA G 295 -44.64 -22.17 6.19
C ALA G 295 -45.90 -23.00 6.34
N TYR G 296 -45.74 -24.30 6.59
CA TYR G 296 -46.85 -25.23 6.75
C TYR G 296 -47.89 -24.68 7.72
N ARG G 297 -47.42 -24.06 8.79
CA ARG G 297 -48.30 -23.49 9.79
C ARG G 297 -49.32 -22.48 9.27
N ARG G 298 -48.93 -21.68 8.28
CA ARG G 298 -49.82 -20.66 7.72
C ARG G 298 -50.87 -21.28 6.81
N ARG G 299 -50.44 -22.27 6.05
CA ARG G 299 -51.30 -22.99 5.13
C ARG G 299 -52.28 -23.72 6.04
N ARG G 300 -51.75 -24.22 7.16
CA ARG G 300 -52.52 -24.95 8.16
C ARG G 300 -53.67 -24.03 8.57
N ASP G 301 -53.36 -22.76 8.80
CA ASP G 301 -54.35 -21.78 9.19
C ASP G 301 -55.26 -21.38 8.04
N LEU G 302 -54.73 -21.45 6.82
CA LEU G 302 -55.49 -21.07 5.63
C LEU G 302 -56.62 -22.08 5.44
N LEU G 303 -56.22 -23.34 5.32
CA LEU G 303 -57.13 -24.45 5.13
C LEU G 303 -58.19 -24.36 6.20
N LEU G 304 -57.74 -24.37 7.45
CA LEU G 304 -58.65 -24.31 8.57
C LEU G 304 -59.69 -23.19 8.54
N GLU G 305 -59.23 -21.97 8.32
CA GLU G 305 -60.14 -20.83 8.29
C GLU G 305 -61.19 -21.03 7.23
N GLY G 306 -60.73 -21.10 5.98
CA GLY G 306 -61.63 -21.28 4.85
C GLY G 306 -62.55 -22.48 4.97
N LEU G 307 -62.09 -23.54 5.62
CA LEU G 307 -62.91 -24.74 5.81
C LEU G 307 -64.05 -24.40 6.77
N THR G 308 -63.67 -23.81 7.91
CA THR G 308 -64.62 -23.40 8.95
C THR G 308 -65.47 -22.23 8.46
N ALA G 309 -65.00 -21.55 7.44
CA ALA G 309 -65.75 -20.44 6.87
C ALA G 309 -66.79 -21.12 5.97
N LEU G 310 -66.38 -22.19 5.28
CA LEU G 310 -67.27 -22.93 4.38
C LEU G 310 -68.33 -23.78 5.08
N GLY G 311 -68.15 -24.00 6.37
CA GLY G 311 -69.10 -24.79 7.14
C GLY G 311 -68.60 -26.18 7.46
N LEU G 312 -67.75 -26.73 6.58
CA LEU G 312 -67.18 -28.07 6.76
C LEU G 312 -66.40 -28.13 8.08
N LYS G 313 -66.53 -29.24 8.80
CA LYS G 313 -65.84 -29.42 10.07
C LYS G 313 -64.50 -30.19 10.09
N ALA G 314 -63.58 -29.73 10.93
CA ALA G 314 -62.28 -30.38 11.05
C ALA G 314 -61.58 -30.15 12.38
N VAL G 315 -60.80 -31.12 12.81
CA VAL G 315 -60.11 -30.97 14.08
C VAL G 315 -58.70 -30.41 13.86
N ARG G 316 -58.51 -29.20 14.37
CA ARG G 316 -57.25 -28.48 14.29
C ARG G 316 -55.98 -29.24 14.64
N PRO G 317 -55.16 -29.59 13.64
CA PRO G 317 -53.93 -30.31 13.94
C PRO G 317 -52.95 -29.39 14.66
N SER G 318 -51.96 -29.98 15.31
CA SER G 318 -50.93 -29.22 16.00
C SER G 318 -49.60 -29.60 15.36
N GLY G 319 -49.56 -30.76 14.72
CA GLY G 319 -48.35 -31.23 14.07
C GLY G 319 -48.63 -31.99 12.80
N ALA G 320 -47.55 -32.29 12.04
CA ALA G 320 -47.62 -33.02 10.78
C ALA G 320 -48.40 -32.12 9.82
N PHE G 321 -48.66 -32.61 8.61
CA PHE G 321 -49.40 -31.81 7.65
C PHE G 321 -50.64 -32.44 7.03
N TYR G 322 -51.55 -32.88 7.90
CA TYR G 322 -52.80 -33.50 7.48
C TYR G 322 -53.91 -32.89 8.30
N VAL G 323 -55.14 -33.07 7.83
CA VAL G 323 -56.34 -32.57 8.50
C VAL G 323 -57.42 -33.55 8.09
N LEU G 324 -58.13 -34.07 9.08
CA LEU G 324 -59.22 -34.98 8.79
C LEU G 324 -60.45 -34.06 8.68
N MET G 325 -61.08 -34.07 7.51
CA MET G 325 -62.26 -33.25 7.28
C MET G 325 -63.48 -34.12 7.43
N ASP G 326 -64.57 -33.52 7.90
CA ASP G 326 -65.83 -34.25 8.09
C ASP G 326 -66.76 -34.14 6.88
N THR G 327 -66.65 -35.12 6.01
CA THR G 327 -67.44 -35.16 4.78
C THR G 327 -68.95 -35.22 4.96
N SER G 328 -69.40 -35.17 6.22
CA SER G 328 -70.83 -35.21 6.56
C SER G 328 -71.89 -34.53 5.68
N PRO G 329 -71.67 -33.25 5.30
CA PRO G 329 -72.63 -32.52 4.45
C PRO G 329 -72.27 -32.61 2.97
N ILE G 330 -71.07 -33.10 2.68
CA ILE G 330 -70.62 -33.23 1.30
C ILE G 330 -70.99 -34.59 0.69
N ALA G 331 -71.63 -35.44 1.51
CA ALA G 331 -72.09 -36.78 1.11
C ALA G 331 -72.52 -37.56 2.36
N PRO G 332 -73.12 -38.75 2.18
CA PRO G 332 -73.58 -39.57 3.30
C PRO G 332 -72.55 -40.56 3.85
N ASP G 333 -71.44 -40.71 3.15
CA ASP G 333 -70.39 -41.62 3.59
C ASP G 333 -69.11 -40.94 3.09
N GLU G 334 -67.96 -41.56 3.32
CA GLU G 334 -66.72 -40.97 2.88
C GLU G 334 -66.12 -41.39 1.54
N VAL G 335 -66.81 -42.29 0.83
CA VAL G 335 -66.33 -42.76 -0.47
C VAL G 335 -67.03 -42.09 -1.65
N ARG G 336 -68.34 -41.84 -1.51
CA ARG G 336 -69.15 -41.17 -2.53
C ARG G 336 -68.69 -39.70 -2.37
N ALA G 337 -68.50 -39.30 -1.12
CA ALA G 337 -68.02 -37.97 -0.77
C ALA G 337 -66.71 -37.66 -1.48
N ALA G 338 -65.89 -38.69 -1.60
CA ALA G 338 -64.59 -38.60 -2.24
C ALA G 338 -64.69 -38.32 -3.73
N GLU G 339 -65.61 -39.03 -4.36
CA GLU G 339 -65.86 -38.92 -5.79
C GLU G 339 -66.42 -37.54 -6.06
N ARG G 340 -67.46 -37.18 -5.33
CA ARG G 340 -68.11 -35.89 -5.50
C ARG G 340 -67.07 -34.76 -5.57
N LEU G 341 -66.00 -34.92 -4.80
CA LEU G 341 -64.93 -33.94 -4.76
C LEU G 341 -63.94 -34.03 -5.90
N LEU G 342 -63.76 -35.23 -6.45
CA LEU G 342 -62.85 -35.42 -7.57
C LEU G 342 -63.58 -34.76 -8.75
N GLU G 343 -64.91 -34.73 -8.68
CA GLU G 343 -65.74 -34.14 -9.73
C GLU G 343 -65.59 -32.64 -9.82
N ALA G 344 -65.20 -32.01 -8.72
CA ALA G 344 -64.99 -30.56 -8.69
C ALA G 344 -63.49 -30.31 -8.85
N GLY G 345 -62.75 -31.33 -9.25
CA GLY G 345 -61.31 -31.23 -9.45
C GLY G 345 -60.46 -31.06 -8.21
N VAL G 346 -60.59 -31.98 -7.27
CA VAL G 346 -59.80 -31.91 -6.06
C VAL G 346 -59.70 -33.32 -5.47
N ALA G 347 -58.50 -33.88 -5.58
CA ALA G 347 -58.23 -35.22 -5.09
C ALA G 347 -57.90 -35.28 -3.59
N VAL G 348 -58.73 -36.01 -2.86
CA VAL G 348 -58.56 -36.18 -1.43
C VAL G 348 -58.35 -37.68 -1.24
N VAL G 349 -57.96 -38.09 -0.02
CA VAL G 349 -57.75 -39.51 0.27
C VAL G 349 -58.78 -39.86 1.35
N PRO G 350 -59.70 -40.80 1.05
CA PRO G 350 -60.75 -41.28 1.94
C PRO G 350 -60.25 -41.85 3.25
N GLY G 351 -60.89 -41.45 4.34
CA GLY G 351 -60.51 -41.92 5.66
C GLY G 351 -60.74 -43.40 5.92
N THR G 352 -61.34 -44.08 4.93
CA THR G 352 -61.63 -45.51 5.03
C THR G 352 -60.53 -46.46 5.51
N ASP G 353 -59.34 -46.31 4.94
CA ASP G 353 -58.21 -47.15 5.31
C ASP G 353 -57.46 -46.74 6.57
N PHE G 354 -57.93 -45.68 7.20
CA PHE G 354 -57.33 -45.18 8.44
C PHE G 354 -58.32 -45.45 9.56
N ALA G 355 -59.45 -46.03 9.20
CA ALA G 355 -60.52 -46.30 10.17
C ALA G 355 -61.01 -44.92 10.62
N ALA G 356 -61.00 -43.97 9.69
CA ALA G 356 -61.44 -42.62 9.96
C ALA G 356 -62.67 -42.48 9.05
N PHE G 357 -63.71 -43.23 9.40
CA PHE G 357 -64.96 -43.24 8.65
C PHE G 357 -65.76 -41.94 8.66
N GLY G 358 -66.19 -41.50 7.48
CA GLY G 358 -66.98 -40.28 7.39
C GLY G 358 -66.08 -39.08 7.56
N HIS G 359 -64.87 -39.23 7.03
CA HIS G 359 -63.85 -38.19 7.09
C HIS G 359 -63.01 -38.45 5.85
N VAL G 360 -62.23 -37.47 5.43
CA VAL G 360 -61.37 -37.64 4.28
C VAL G 360 -60.14 -36.78 4.59
N ARG G 361 -58.96 -37.34 4.33
CA ARG G 361 -57.70 -36.68 4.62
C ARG G 361 -57.03 -35.65 3.70
N LEU G 362 -57.28 -34.37 3.98
CA LEU G 362 -56.68 -33.28 3.20
C LEU G 362 -55.22 -33.09 3.59
N SER G 363 -54.45 -32.45 2.70
CA SER G 363 -53.04 -32.21 2.92
C SER G 363 -52.40 -30.89 2.50
N TYR G 364 -52.39 -29.91 3.42
CA TYR G 364 -51.82 -28.60 3.15
C TYR G 364 -50.31 -28.53 2.89
N ALA G 365 -49.69 -29.68 2.69
CA ALA G 365 -48.27 -29.75 2.41
C ALA G 365 -47.95 -29.31 0.98
N THR G 366 -48.97 -28.95 0.21
CA THR G 366 -48.74 -28.50 -1.16
C THR G 366 -48.60 -27.00 -0.96
N SER G 367 -48.77 -26.22 -2.03
CA SER G 367 -48.66 -24.77 -1.92
C SER G 367 -49.79 -23.94 -1.33
N GLU G 368 -49.50 -22.65 -1.14
CA GLU G 368 -50.45 -21.69 -0.60
C GLU G 368 -51.53 -21.51 -1.67
N GLU G 369 -51.17 -21.70 -2.93
CA GLU G 369 -52.09 -21.55 -4.05
C GLU G 369 -53.14 -22.63 -4.24
N ASN G 370 -52.73 -23.88 -4.01
CA ASN G 370 -53.61 -25.02 -4.18
C ASN G 370 -54.66 -25.07 -3.10
N LEU G 371 -54.30 -24.58 -1.91
CA LEU G 371 -55.26 -24.57 -0.82
C LEU G 371 -56.33 -23.60 -1.29
N ARG G 372 -55.94 -22.42 -1.75
CA ARG G 372 -56.94 -21.45 -2.22
C ARG G 372 -57.78 -21.86 -3.42
N LYS G 373 -57.25 -22.73 -4.28
CA LYS G 373 -58.02 -23.18 -5.43
C LYS G 373 -58.94 -24.29 -4.90
N ALA G 374 -58.35 -25.21 -4.15
CA ALA G 374 -59.10 -26.33 -3.58
C ALA G 374 -60.23 -25.83 -2.68
N LEU G 375 -60.02 -24.69 -2.04
CA LEU G 375 -61.00 -24.05 -1.15
C LEU G 375 -62.11 -23.36 -1.93
N GLU G 376 -61.80 -23.01 -3.18
CA GLU G 376 -62.77 -22.36 -4.05
C GLU G 376 -63.66 -23.49 -4.53
N ARG G 377 -63.06 -24.54 -5.08
CA ARG G 377 -63.84 -25.67 -5.57
C ARG G 377 -64.73 -26.39 -4.53
N PHE G 378 -64.30 -26.43 -3.26
CA PHE G 378 -65.08 -27.08 -2.19
C PHE G 378 -66.32 -26.18 -2.17
N ALA G 379 -66.06 -24.88 -2.02
CA ALA G 379 -67.12 -23.87 -1.95
C ALA G 379 -68.27 -24.06 -2.92
N ARG G 380 -67.92 -24.48 -4.13
CA ARG G 380 -68.89 -24.73 -5.18
C ARG G 380 -69.70 -26.03 -4.98
N VAL G 381 -69.01 -27.15 -4.71
CA VAL G 381 -69.69 -28.44 -4.52
C VAL G 381 -70.84 -28.23 -3.54
N LEU G 382 -70.59 -27.42 -2.51
CA LEU G 382 -71.59 -27.12 -1.50
C LEU G 382 -72.68 -26.16 -1.97
N MET H 1 -45.51 -60.60 25.16
CA MET H 1 -44.30 -60.54 26.03
C MET H 1 -43.25 -59.72 25.27
N ARG H 2 -42.03 -60.22 25.21
CA ARG H 2 -40.94 -59.55 24.50
C ARG H 2 -40.02 -60.68 24.02
N GLY H 3 -39.25 -60.39 22.98
CA GLY H 3 -38.35 -61.39 22.43
C GLY H 3 -38.39 -61.39 20.92
N LEU H 4 -37.39 -62.00 20.29
CA LEU H 4 -37.35 -62.03 18.84
C LEU H 4 -38.30 -63.01 18.16
N SER H 5 -38.23 -63.05 16.82
CA SER H 5 -39.07 -63.91 15.99
C SER H 5 -38.27 -65.16 15.69
N ARG H 6 -38.96 -66.28 15.45
CA ARG H 6 -38.21 -67.51 15.16
C ARG H 6 -37.53 -67.46 13.81
N ARG H 7 -38.05 -66.63 12.92
CA ARG H 7 -37.50 -66.49 11.57
C ARG H 7 -36.16 -65.76 11.60
N VAL H 8 -36.04 -64.85 12.56
CA VAL H 8 -34.86 -64.03 12.73
C VAL H 8 -33.79 -64.68 13.58
N GLN H 9 -34.22 -65.36 14.63
CA GLN H 9 -33.31 -66.04 15.53
C GLN H 9 -32.75 -67.15 14.65
N ALA H 10 -33.66 -67.89 14.02
CA ALA H 10 -33.27 -68.99 13.16
C ALA H 10 -32.26 -68.77 12.03
N MET H 11 -32.02 -67.51 11.65
CA MET H 11 -31.07 -67.24 10.56
C MET H 11 -29.58 -67.04 10.80
N LYS H 12 -28.78 -67.66 9.93
CA LYS H 12 -27.33 -67.59 10.04
C LYS H 12 -26.59 -66.32 9.61
N PRO H 13 -25.59 -65.89 10.41
CA PRO H 13 -24.79 -64.70 10.12
C PRO H 13 -24.14 -64.77 8.74
N ASP H 14 -23.50 -63.69 8.33
CA ASP H 14 -22.91 -63.66 7.01
C ASP H 14 -21.46 -63.92 6.71
N ALA H 15 -21.20 -65.07 6.13
CA ALA H 15 -19.85 -65.51 5.74
C ALA H 15 -18.84 -64.40 5.43
N VAL H 16 -19.22 -63.53 4.50
CA VAL H 16 -18.36 -62.42 4.07
C VAL H 16 -18.31 -61.26 5.03
N VAL H 17 -19.47 -60.89 5.50
CA VAL H 17 -19.53 -59.84 6.46
C VAL H 17 -18.63 -60.05 7.64
N ALA H 18 -18.46 -61.32 7.91
CA ALA H 18 -17.61 -61.75 8.99
C ALA H 18 -16.17 -61.41 8.65
N VAL H 19 -15.63 -62.01 7.60
CA VAL H 19 -14.24 -61.75 7.21
C VAL H 19 -13.88 -60.26 7.14
N ASN H 20 -14.80 -59.46 6.61
CA ASN H 20 -14.58 -58.01 6.49
C ASN H 20 -14.24 -57.40 7.84
N ALA H 21 -15.14 -57.55 8.80
CA ALA H 21 -14.96 -57.02 10.15
C ALA H 21 -13.63 -57.46 10.74
N LYS H 22 -13.45 -58.78 10.78
CA LYS H 22 -12.22 -59.37 11.31
C LYS H 22 -10.98 -59.03 10.48
N ALA H 23 -11.13 -58.17 9.46
CA ALA H 23 -10.01 -57.77 8.64
C ALA H 23 -9.81 -56.60 9.60
N LEU H 24 -10.12 -55.38 9.16
CA LEU H 24 -9.92 -54.20 10.01
C LEU H 24 -10.23 -54.34 11.48
N GLU H 25 -9.14 -54.40 12.23
CA GLU H 25 -9.00 -54.55 13.68
C GLU H 25 -8.15 -55.78 13.34
N LEU H 26 -7.07 -55.51 12.59
CA LEU H 26 -6.04 -56.45 12.10
C LEU H 26 -5.50 -55.42 11.12
N ARG H 27 -6.28 -55.08 10.10
CA ARG H 27 -5.89 -54.08 9.12
C ARG H 27 -5.87 -52.85 10.02
N ARG H 28 -6.79 -52.83 10.99
CA ARG H 28 -6.91 -51.74 11.93
C ARG H 28 -6.11 -52.13 13.18
N GLN H 29 -4.79 -52.19 12.99
CA GLN H 29 -3.87 -52.57 14.05
C GLN H 29 -2.54 -52.87 13.33
N GLY H 30 -2.19 -52.00 12.40
CA GLY H 30 -0.95 -52.20 11.66
C GLY H 30 -0.94 -53.28 10.58
N VAL H 31 -1.20 -54.54 10.94
CA VAL H 31 -1.16 -55.62 9.95
C VAL H 31 -1.99 -55.30 8.72
N ASP H 32 -1.32 -55.33 7.56
CA ASP H 32 -2.01 -55.07 6.31
C ASP H 32 -2.21 -56.49 5.78
N LEU H 33 -3.38 -56.75 5.25
CA LEU H 33 -3.69 -58.05 4.68
C LEU H 33 -4.02 -57.67 3.24
N VAL H 34 -4.26 -58.68 2.41
CA VAL H 34 -4.60 -58.44 1.02
C VAL H 34 -5.96 -59.13 1.11
N ALA H 35 -7.01 -58.38 0.79
CA ALA H 35 -8.37 -58.93 0.87
C ALA H 35 -9.15 -59.38 -0.39
N LEU H 36 -9.06 -60.67 -0.68
CA LEU H 36 -9.74 -61.26 -1.82
C LEU H 36 -11.14 -61.76 -1.40
N THR H 37 -11.85 -60.95 -0.62
CA THR H 37 -13.21 -61.27 -0.16
C THR H 37 -14.24 -60.64 -1.09
N ALA H 38 -13.78 -59.60 -1.80
CA ALA H 38 -14.57 -58.85 -2.77
C ALA H 38 -15.74 -59.29 -3.63
N GLY H 39 -16.85 -58.58 -3.50
CA GLY H 39 -18.02 -58.87 -4.30
C GLY H 39 -18.12 -57.78 -5.33
N GLU H 40 -17.54 -56.63 -5.00
CA GLU H 40 -17.56 -55.49 -5.87
C GLU H 40 -16.34 -55.25 -6.76
N PRO H 41 -16.55 -54.61 -7.93
CA PRO H 41 -15.48 -54.30 -8.86
C PRO H 41 -14.65 -53.13 -8.32
N ASP H 42 -13.34 -53.27 -8.37
CA ASP H 42 -12.43 -52.24 -7.88
C ASP H 42 -12.70 -50.90 -8.58
N PHE H 43 -13.41 -50.98 -9.71
CA PHE H 43 -13.75 -49.81 -10.49
C PHE H 43 -14.86 -48.95 -9.91
N ASP H 44 -14.78 -47.65 -10.17
CA ASP H 44 -15.76 -46.68 -9.68
C ASP H 44 -16.74 -46.60 -10.85
N THR H 45 -18.00 -46.27 -10.57
CA THR H 45 -19.02 -46.16 -11.61
C THR H 45 -18.60 -45.16 -12.69
N PRO H 46 -19.07 -45.35 -13.93
CA PRO H 46 -18.74 -44.45 -15.05
C PRO H 46 -19.11 -43.01 -14.75
N GLU H 47 -18.39 -42.07 -15.37
CA GLU H 47 -18.67 -40.66 -15.16
C GLU H 47 -19.99 -40.15 -15.75
N HIS H 48 -20.49 -40.81 -16.78
CA HIS H 48 -21.74 -40.37 -17.36
C HIS H 48 -22.94 -40.68 -16.48
N VAL H 49 -22.81 -41.74 -15.68
CA VAL H 49 -23.87 -42.16 -14.77
C VAL H 49 -23.81 -41.13 -13.65
N LYS H 50 -22.62 -40.91 -13.10
CA LYS H 50 -22.42 -39.94 -12.01
C LYS H 50 -23.08 -38.64 -12.42
N GLU H 51 -22.76 -38.19 -13.63
CA GLU H 51 -23.34 -36.96 -14.16
C GLU H 51 -24.85 -36.95 -14.22
N ALA H 52 -25.45 -38.04 -14.70
CA ALA H 52 -26.91 -38.15 -14.79
C ALA H 52 -27.53 -37.97 -13.41
N ALA H 53 -26.85 -38.50 -12.38
CA ALA H 53 -27.33 -38.40 -11.01
C ALA H 53 -27.34 -36.94 -10.64
N ARG H 54 -26.23 -36.27 -10.90
CA ARG H 54 -26.09 -34.85 -10.61
C ARG H 54 -27.26 -34.13 -11.27
N ARG H 55 -27.45 -34.36 -12.56
CA ARG H 55 -28.53 -33.72 -13.32
C ARG H 55 -29.85 -33.82 -12.60
N ALA H 56 -30.13 -35.00 -12.04
CA ALA H 56 -31.37 -35.25 -11.31
C ALA H 56 -31.49 -34.38 -10.07
N LEU H 57 -30.41 -34.30 -9.30
CA LEU H 57 -30.38 -33.51 -8.08
C LEU H 57 -30.72 -32.07 -8.51
N ALA H 58 -30.02 -31.59 -9.53
CA ALA H 58 -30.25 -30.26 -10.04
C ALA H 58 -31.71 -30.01 -10.40
N GLN H 59 -32.29 -30.93 -11.17
CA GLN H 59 -33.67 -30.80 -11.60
C GLN H 59 -34.70 -30.94 -10.50
N GLY H 60 -34.24 -31.38 -9.33
CA GLY H 60 -35.15 -31.57 -8.21
C GLY H 60 -35.96 -32.83 -8.37
N LYS H 61 -35.31 -33.89 -8.83
CA LYS H 61 -35.92 -35.20 -9.02
C LYS H 61 -35.69 -35.82 -7.66
N THR H 62 -36.42 -35.34 -6.66
CA THR H 62 -36.27 -35.86 -5.31
C THR H 62 -37.50 -36.29 -4.50
N LYS H 63 -38.62 -36.51 -5.19
CA LYS H 63 -39.84 -36.93 -4.53
C LYS H 63 -40.07 -38.43 -4.63
N TYR H 64 -41.16 -38.89 -4.04
CA TYR H 64 -41.49 -40.30 -4.06
C TYR H 64 -41.77 -40.82 -5.47
N ALA H 65 -41.08 -41.90 -5.82
CA ALA H 65 -41.23 -42.54 -7.12
C ALA H 65 -42.28 -43.63 -6.92
N PRO H 66 -42.75 -44.24 -8.01
CA PRO H 66 -43.75 -45.32 -7.94
C PRO H 66 -43.14 -46.58 -7.34
N PRO H 67 -43.96 -47.42 -6.71
CA PRO H 67 -43.47 -48.65 -6.09
C PRO H 67 -42.70 -49.52 -7.04
N ALA H 68 -43.14 -49.59 -8.29
CA ALA H 68 -42.47 -50.44 -9.27
C ALA H 68 -41.30 -49.73 -9.93
N GLY H 69 -41.09 -48.48 -9.55
CA GLY H 69 -40.02 -47.69 -10.12
C GLY H 69 -40.55 -46.71 -11.14
N ILE H 70 -39.72 -45.75 -11.53
CA ILE H 70 -40.14 -44.74 -12.49
C ILE H 70 -40.44 -45.35 -13.86
N PRO H 71 -41.48 -44.82 -14.53
CA PRO H 71 -41.90 -45.30 -15.84
C PRO H 71 -40.73 -45.35 -16.81
N GLU H 72 -40.07 -44.21 -17.00
CA GLU H 72 -38.94 -44.13 -17.91
C GLU H 72 -37.93 -45.28 -17.75
N LEU H 73 -37.64 -45.66 -16.52
CA LEU H 73 -36.69 -46.74 -16.28
C LEU H 73 -37.34 -48.09 -16.60
N ARG H 74 -38.62 -48.26 -16.23
CA ARG H 74 -39.32 -49.51 -16.51
C ARG H 74 -39.26 -49.66 -18.03
N GLU H 75 -39.75 -48.65 -18.75
CA GLU H 75 -39.72 -48.69 -20.21
C GLU H 75 -38.33 -49.04 -20.75
N ALA H 76 -37.31 -48.32 -20.30
CA ALA H 76 -35.95 -48.57 -20.75
C ALA H 76 -35.45 -49.95 -20.36
N LEU H 77 -36.02 -50.49 -19.29
CA LEU H 77 -35.66 -51.81 -18.76
C LEU H 77 -36.15 -52.88 -19.75
N ALA H 78 -37.45 -52.83 -20.04
CA ALA H 78 -38.09 -53.76 -20.96
C ALA H 78 -37.44 -53.73 -22.32
N GLU H 79 -36.58 -52.75 -22.54
CA GLU H 79 -35.88 -52.62 -23.81
C GLU H 79 -34.56 -53.39 -23.80
N LYS H 80 -33.85 -53.34 -22.67
CA LYS H 80 -32.58 -54.04 -22.54
C LYS H 80 -32.95 -55.50 -22.64
N PHE H 81 -33.84 -55.91 -21.77
CA PHE H 81 -34.29 -57.30 -21.74
C PHE H 81 -34.55 -57.85 -23.14
N ARG H 82 -35.07 -57.00 -24.01
CA ARG H 82 -35.34 -57.39 -25.38
C ARG H 82 -34.08 -57.39 -26.23
N ARG H 83 -33.47 -56.21 -26.32
CA ARG H 83 -32.26 -56.00 -27.09
C ARG H 83 -31.19 -57.05 -26.72
N GLU H 84 -30.66 -56.95 -25.51
CA GLU H 84 -29.64 -57.86 -25.01
C GLU H 84 -30.03 -59.30 -24.67
N ASN H 85 -31.31 -59.53 -24.39
CA ASN H 85 -31.76 -60.87 -24.02
C ASN H 85 -32.78 -61.73 -24.78
N GLY H 86 -33.56 -61.12 -25.65
CA GLY H 86 -34.55 -61.89 -26.39
C GLY H 86 -35.83 -62.13 -25.62
N LEU H 87 -35.93 -61.55 -24.42
CA LEU H 87 -37.13 -61.70 -23.60
C LEU H 87 -38.03 -60.72 -24.31
N SER H 88 -39.34 -60.95 -24.25
CA SER H 88 -40.29 -60.07 -24.94
C SER H 88 -41.26 -59.55 -23.92
N VAL H 89 -40.75 -58.78 -22.95
CA VAL H 89 -41.57 -58.24 -21.88
C VAL H 89 -42.03 -56.85 -22.22
N THR H 90 -43.10 -56.41 -21.56
CA THR H 90 -43.63 -55.06 -21.77
C THR H 90 -43.25 -54.45 -20.42
N PRO H 91 -43.26 -53.11 -20.34
CA PRO H 91 -42.92 -52.37 -19.12
C PRO H 91 -43.69 -52.74 -17.84
N GLU H 92 -44.90 -53.28 -17.98
CA GLU H 92 -45.67 -53.64 -16.80
C GLU H 92 -45.17 -54.96 -16.25
N GLU H 93 -44.43 -55.70 -17.08
CA GLU H 93 -43.87 -57.01 -16.74
C GLU H 93 -42.39 -56.76 -16.42
N THR H 94 -42.11 -55.59 -15.85
CA THR H 94 -40.76 -55.17 -15.51
C THR H 94 -40.90 -54.43 -14.18
N ILE H 95 -39.89 -54.59 -13.31
CA ILE H 95 -39.89 -53.91 -12.01
C ILE H 95 -38.49 -53.53 -11.57
N VAL H 96 -38.37 -52.36 -10.96
CA VAL H 96 -37.07 -51.90 -10.47
C VAL H 96 -36.99 -51.89 -8.93
N THR H 97 -36.25 -52.88 -8.41
CA THR H 97 -36.04 -53.08 -6.99
C THR H 97 -34.92 -52.30 -6.31
N VAL H 98 -34.74 -52.54 -5.01
CA VAL H 98 -33.69 -51.90 -4.21
C VAL H 98 -32.54 -52.91 -4.30
N GLY H 99 -32.01 -53.08 -5.50
CA GLY H 99 -30.92 -54.03 -5.70
C GLY H 99 -31.42 -55.40 -6.11
N GLY H 100 -30.52 -56.21 -6.66
CA GLY H 100 -30.87 -57.56 -7.08
C GLY H 100 -31.29 -58.37 -5.87
N SER H 101 -30.92 -57.90 -4.69
CA SER H 101 -31.24 -58.56 -3.43
C SER H 101 -32.72 -58.36 -3.17
N GLN H 102 -33.18 -57.11 -3.17
CA GLN H 102 -34.59 -56.84 -2.93
C GLN H 102 -35.50 -57.57 -3.94
N ALA H 103 -34.96 -57.89 -5.10
CA ALA H 103 -35.73 -58.57 -6.14
C ALA H 103 -35.87 -60.01 -5.67
N LEU H 104 -34.74 -60.67 -5.41
CA LEU H 104 -34.77 -62.05 -4.94
C LEU H 104 -35.61 -62.20 -3.68
N PHE H 105 -35.58 -61.18 -2.82
CA PHE H 105 -36.34 -61.20 -1.56
C PHE H 105 -37.83 -61.10 -1.81
N ASN H 106 -38.30 -59.94 -2.26
CA ASN H 106 -39.73 -59.75 -2.54
C ASN H 106 -40.38 -60.86 -3.36
N LEU H 107 -39.56 -61.52 -4.19
CA LEU H 107 -40.00 -62.62 -5.07
C LEU H 107 -40.42 -63.79 -4.21
N PHE H 108 -39.47 -64.38 -3.50
CA PHE H 108 -39.74 -65.50 -2.63
C PHE H 108 -40.87 -65.24 -1.61
N GLN H 109 -41.22 -63.97 -1.40
CA GLN H 109 -42.29 -63.60 -0.46
C GLN H 109 -43.60 -63.58 -1.21
N ALA H 110 -43.51 -63.41 -2.53
CA ALA H 110 -44.68 -63.40 -3.39
C ALA H 110 -45.13 -64.79 -3.82
N ILE H 111 -44.17 -65.68 -4.10
CA ILE H 111 -44.49 -67.05 -4.47
C ILE H 111 -44.48 -67.78 -3.12
N LEU H 112 -43.38 -68.44 -2.74
CA LEU H 112 -43.27 -69.15 -1.45
C LEU H 112 -44.22 -69.07 -0.26
N ASP H 113 -44.92 -70.18 -0.02
CA ASP H 113 -45.87 -70.34 1.08
C ASP H 113 -45.20 -71.44 1.92
N PRO H 114 -45.27 -71.33 3.26
CA PRO H 114 -44.68 -72.30 4.20
C PRO H 114 -44.69 -73.75 3.73
N GLY H 115 -43.52 -74.38 3.78
CA GLY H 115 -43.41 -75.76 3.36
C GLY H 115 -43.12 -75.93 1.89
N ASP H 116 -43.26 -74.86 1.11
CA ASP H 116 -43.01 -74.93 -0.32
C ASP H 116 -41.51 -75.12 -0.46
N GLU H 117 -41.12 -76.03 -1.35
CA GLU H 117 -39.72 -76.34 -1.59
C GLU H 117 -39.12 -75.56 -2.76
N VAL H 118 -37.87 -75.13 -2.59
CA VAL H 118 -37.17 -74.40 -3.64
C VAL H 118 -35.88 -75.17 -3.91
N ILE H 119 -35.73 -75.69 -5.12
CA ILE H 119 -34.53 -76.45 -5.47
C ILE H 119 -33.43 -75.41 -5.65
N VAL H 120 -32.26 -75.71 -5.11
CA VAL H 120 -31.12 -74.80 -5.18
C VAL H 120 -29.89 -75.64 -5.49
N LEU H 121 -29.19 -75.28 -6.57
CA LEU H 121 -28.00 -76.00 -7.01
C LEU H 121 -26.82 -75.70 -6.07
N SER H 122 -25.96 -76.69 -5.85
CA SER H 122 -24.86 -76.52 -4.93
C SER H 122 -23.79 -75.46 -5.26
N PRO H 123 -22.56 -75.50 -4.65
CA PRO H 123 -21.64 -74.42 -4.96
C PRO H 123 -22.50 -73.17 -5.10
N TYR H 124 -23.38 -72.97 -4.12
CA TYR H 124 -24.33 -71.88 -4.23
C TYR H 124 -24.08 -70.62 -3.44
N TRP H 125 -24.53 -69.51 -3.99
CA TRP H 125 -24.37 -68.23 -3.33
C TRP H 125 -25.06 -68.16 -1.97
N VAL H 126 -24.24 -67.89 -0.96
CA VAL H 126 -24.68 -67.77 0.42
C VAL H 126 -26.12 -67.42 0.79
N SER H 127 -26.68 -66.37 0.19
CA SER H 127 -28.04 -65.95 0.54
C SER H 127 -29.34 -66.54 0.01
N TYR H 128 -29.22 -67.42 -0.98
CA TYR H 128 -30.39 -68.07 -1.56
C TYR H 128 -31.16 -68.84 -0.49
N PRO H 129 -30.49 -69.74 0.26
CA PRO H 129 -31.23 -70.49 1.29
C PRO H 129 -31.72 -69.56 2.39
N GLU H 130 -30.84 -68.64 2.81
CA GLU H 130 -31.17 -67.69 3.87
C GLU H 130 -32.49 -67.01 3.59
N MET H 131 -32.68 -66.54 2.36
CA MET H 131 -33.93 -65.87 2.02
C MET H 131 -35.10 -66.77 1.62
N VAL H 132 -34.79 -68.00 1.17
CA VAL H 132 -35.80 -68.99 0.78
C VAL H 132 -36.51 -69.29 2.09
N ARG H 133 -35.73 -69.75 3.06
CA ARG H 133 -36.21 -70.09 4.38
C ARG H 133 -36.87 -68.97 5.19
N PHE H 134 -36.41 -67.73 4.99
CA PHE H 134 -36.96 -66.61 5.74
C PHE H 134 -38.43 -66.53 5.41
N ALA H 135 -38.76 -66.71 4.13
CA ALA H 135 -40.14 -66.66 3.65
C ALA H 135 -40.99 -67.85 4.09
N GLY H 136 -40.31 -68.93 4.48
CA GLY H 136 -41.01 -70.12 4.92
C GLY H 136 -40.79 -71.24 3.95
N GLY H 137 -39.74 -71.10 3.14
CA GLY H 137 -39.42 -72.11 2.16
C GLY H 137 -38.72 -73.32 2.72
N VAL H 138 -38.25 -74.18 1.83
CA VAL H 138 -37.56 -75.39 2.21
C VAL H 138 -36.53 -75.61 1.12
N VAL H 139 -35.28 -75.31 1.45
CA VAL H 139 -34.22 -75.51 0.47
C VAL H 139 -34.05 -77.00 0.25
N VAL H 140 -34.03 -77.41 -1.01
CA VAL H 140 -33.86 -78.81 -1.40
C VAL H 140 -32.69 -78.55 -2.33
N GLU H 141 -31.50 -78.99 -1.95
CA GLU H 141 -30.35 -78.78 -2.80
C GLU H 141 -29.73 -79.90 -3.65
N VAL H 142 -29.24 -79.56 -4.83
CA VAL H 142 -28.62 -80.51 -5.75
C VAL H 142 -27.17 -80.14 -6.03
N GLU H 143 -26.27 -81.11 -5.86
CA GLU H 143 -24.84 -80.88 -6.12
C GLU H 143 -24.46 -80.82 -7.60
N THR H 144 -23.38 -80.11 -7.88
CA THR H 144 -22.89 -79.93 -9.23
C THR H 144 -21.42 -80.30 -9.04
N LEU H 145 -21.04 -81.48 -9.50
CA LEU H 145 -19.66 -81.93 -9.33
C LEU H 145 -18.56 -81.15 -10.04
N PRO H 146 -17.40 -80.95 -9.37
CA PRO H 146 -16.28 -80.20 -9.97
C PRO H 146 -15.64 -80.92 -11.16
N GLU H 147 -15.77 -82.25 -11.19
CA GLU H 147 -15.24 -83.05 -12.30
C GLU H 147 -16.07 -82.64 -13.52
N GLU H 148 -17.35 -82.35 -13.29
CA GLU H 148 -18.26 -81.90 -14.34
C GLU H 148 -18.28 -80.36 -14.51
N GLY H 149 -17.15 -79.73 -14.19
CA GLY H 149 -17.02 -78.29 -14.30
C GLY H 149 -18.17 -77.45 -13.77
N PHE H 150 -18.79 -77.90 -12.70
CA PHE H 150 -19.92 -77.21 -12.09
C PHE H 150 -21.12 -76.74 -12.91
N VAL H 151 -21.55 -77.58 -13.86
CA VAL H 151 -22.70 -77.28 -14.72
C VAL H 151 -23.67 -78.38 -14.32
N PRO H 152 -24.88 -78.00 -13.89
CA PRO H 152 -25.95 -78.93 -13.46
C PRO H 152 -26.21 -80.03 -14.47
N ASP H 153 -26.61 -81.18 -13.94
CA ASP H 153 -26.92 -82.36 -14.75
C ASP H 153 -28.45 -82.36 -14.75
N PRO H 154 -29.06 -81.93 -15.86
CA PRO H 154 -30.51 -81.88 -15.98
C PRO H 154 -31.18 -83.27 -16.02
N GLU H 155 -30.78 -84.16 -15.13
CA GLU H 155 -31.36 -85.49 -15.09
C GLU H 155 -31.56 -85.66 -13.60
N ARG H 156 -30.54 -85.31 -12.82
CA ARG H 156 -30.65 -85.43 -11.38
C ARG H 156 -31.35 -84.24 -10.73
N VAL H 157 -31.48 -83.14 -11.48
CA VAL H 157 -32.16 -81.94 -10.98
C VAL H 157 -33.63 -82.37 -11.09
N ARG H 158 -33.92 -83.27 -12.03
CA ARG H 158 -35.28 -83.77 -12.24
C ARG H 158 -35.73 -84.59 -11.05
N ARG H 159 -34.87 -85.49 -10.59
CA ARG H 159 -35.21 -86.34 -9.43
C ARG H 159 -35.04 -85.68 -8.06
N ALA H 160 -35.39 -84.41 -8.00
CA ALA H 160 -35.35 -83.64 -6.77
C ALA H 160 -36.71 -82.91 -6.74
N ILE H 161 -37.46 -83.03 -7.84
CA ILE H 161 -38.76 -82.40 -7.97
C ILE H 161 -39.76 -83.26 -7.23
N THR H 162 -40.62 -82.61 -6.45
CA THR H 162 -41.63 -83.30 -5.66
C THR H 162 -42.81 -82.36 -5.83
N PRO H 163 -44.01 -82.84 -5.49
CA PRO H 163 -45.22 -82.00 -5.61
C PRO H 163 -45.24 -80.75 -4.70
N ARG H 164 -44.23 -80.54 -3.86
CA ARG H 164 -44.21 -79.32 -3.05
C ARG H 164 -43.30 -78.37 -3.81
N THR H 165 -42.41 -78.93 -4.64
CA THR H 165 -41.52 -78.09 -5.43
C THR H 165 -42.19 -76.93 -6.16
N LYS H 166 -41.87 -75.71 -5.73
CA LYS H 166 -42.43 -74.51 -6.34
C LYS H 166 -41.52 -73.58 -7.15
N ALA H 167 -40.20 -73.71 -6.97
CA ALA H 167 -39.23 -72.90 -7.70
C ALA H 167 -37.89 -73.60 -7.85
N LEU H 168 -37.16 -73.23 -8.91
CA LEU H 168 -35.84 -73.81 -9.19
C LEU H 168 -35.06 -72.52 -9.31
N VAL H 169 -33.83 -72.53 -8.83
CA VAL H 169 -33.01 -71.34 -8.88
C VAL H 169 -31.65 -71.63 -9.51
N VAL H 170 -31.46 -71.05 -10.68
CA VAL H 170 -30.22 -71.21 -11.43
C VAL H 170 -29.49 -69.86 -11.53
N ASN H 171 -28.17 -69.91 -11.65
CA ASN H 171 -27.38 -68.69 -11.75
C ASN H 171 -26.08 -68.81 -12.54
N SER H 172 -26.17 -68.45 -13.82
CA SER H 172 -25.04 -68.49 -14.73
C SER H 172 -24.99 -67.09 -15.34
N PRO H 173 -23.82 -66.41 -15.24
CA PRO H 173 -22.55 -66.83 -14.63
C PRO H 173 -22.54 -67.00 -13.10
N ASN H 174 -22.13 -68.20 -12.68
CA ASN H 174 -22.02 -68.62 -11.28
C ASN H 174 -21.15 -67.85 -10.26
N ASN H 175 -21.67 -67.75 -9.04
CA ASN H 175 -21.01 -67.13 -7.89
C ASN H 175 -21.42 -68.35 -7.04
N PRO H 176 -20.44 -69.02 -6.39
CA PRO H 176 -18.99 -68.82 -6.32
C PRO H 176 -18.10 -69.58 -7.29
N THR H 177 -18.66 -70.41 -8.16
CA THR H 177 -17.80 -71.16 -9.09
C THR H 177 -17.29 -70.50 -10.35
N GLY H 178 -18.02 -69.49 -10.81
CA GLY H 178 -17.64 -68.78 -12.02
C GLY H 178 -18.05 -69.47 -13.31
N ALA H 179 -18.63 -70.67 -13.18
CA ALA H 179 -19.08 -71.43 -14.34
C ALA H 179 -20.16 -70.70 -15.11
N VAL H 180 -20.32 -71.05 -16.39
CA VAL H 180 -21.34 -70.43 -17.23
C VAL H 180 -21.94 -71.65 -17.93
N TYR H 181 -23.21 -71.92 -17.61
CA TYR H 181 -23.91 -73.07 -18.17
C TYR H 181 -24.23 -72.90 -19.65
N PRO H 182 -24.01 -73.97 -20.44
CA PRO H 182 -24.28 -73.93 -21.88
C PRO H 182 -25.76 -73.62 -22.12
N LYS H 183 -26.09 -73.30 -23.37
CA LYS H 183 -27.45 -72.99 -23.74
C LYS H 183 -28.43 -74.14 -23.46
N GLU H 184 -28.13 -75.31 -24.01
CA GLU H 184 -28.96 -76.49 -23.84
C GLU H 184 -29.16 -77.12 -22.46
N VAL H 185 -28.66 -76.46 -21.42
CA VAL H 185 -28.83 -76.95 -20.06
C VAL H 185 -29.82 -75.94 -19.52
N LEU H 186 -29.66 -74.69 -19.93
CA LEU H 186 -30.56 -73.60 -19.53
C LEU H 186 -31.85 -73.87 -20.30
N GLU H 187 -31.73 -74.62 -21.38
CA GLU H 187 -32.84 -74.99 -22.22
C GLU H 187 -33.52 -76.08 -21.37
N ALA H 188 -32.74 -77.12 -21.03
CA ALA H 188 -33.22 -78.25 -20.26
C ALA H 188 -33.94 -77.97 -18.95
N LEU H 189 -33.29 -77.22 -18.07
CA LEU H 189 -33.86 -76.88 -16.77
C LEU H 189 -35.15 -76.09 -16.97
N ALA H 190 -35.10 -75.12 -17.89
CA ALA H 190 -36.25 -74.27 -18.17
C ALA H 190 -37.42 -75.15 -18.54
N ARG H 191 -37.12 -76.28 -19.17
CA ARG H 191 -38.14 -77.24 -19.57
C ARG H 191 -38.81 -78.01 -18.44
N LEU H 192 -38.05 -78.39 -17.41
CA LEU H 192 -38.63 -79.10 -16.27
C LEU H 192 -39.55 -78.12 -15.56
N ALA H 193 -39.15 -76.84 -15.56
CA ALA H 193 -39.94 -75.79 -14.92
C ALA H 193 -41.33 -75.73 -15.53
N VAL H 194 -41.38 -75.86 -16.85
CA VAL H 194 -42.62 -75.85 -17.59
C VAL H 194 -43.34 -77.17 -17.34
N GLU H 195 -42.67 -78.27 -17.70
CA GLU H 195 -43.19 -79.62 -17.55
C GLU H 195 -43.86 -80.04 -16.24
N HIS H 196 -43.25 -79.67 -15.11
CA HIS H 196 -43.79 -80.01 -13.81
C HIS H 196 -44.55 -78.81 -13.24
N ASP H 197 -44.51 -77.69 -13.96
CA ASP H 197 -45.22 -76.51 -13.55
C ASP H 197 -44.81 -75.85 -12.23
N PHE H 198 -43.74 -75.07 -12.29
CA PHE H 198 -43.21 -74.36 -11.12
C PHE H 198 -42.32 -73.29 -11.73
N TYR H 199 -42.14 -72.18 -11.02
CA TYR H 199 -41.31 -71.07 -11.49
C TYR H 199 -39.83 -71.38 -11.62
N LEU H 200 -39.14 -70.66 -12.49
CA LEU H 200 -37.72 -70.87 -12.70
C LEU H 200 -37.23 -69.48 -12.38
N VAL H 201 -36.29 -69.37 -11.44
CA VAL H 201 -35.74 -68.07 -11.04
C VAL H 201 -34.31 -68.03 -11.56
N SER H 202 -34.07 -67.16 -12.53
CA SER H 202 -32.76 -67.02 -13.14
C SER H 202 -32.08 -65.75 -12.61
N ASP H 203 -30.96 -65.88 -11.92
CA ASP H 203 -30.26 -64.71 -11.39
C ASP H 203 -29.16 -64.31 -12.37
N GLU H 204 -29.55 -63.70 -13.47
CA GLU H 204 -28.59 -63.29 -14.50
C GLU H 204 -27.43 -62.35 -14.22
N ILE H 205 -27.70 -61.23 -13.57
CA ILE H 205 -26.68 -60.26 -13.16
C ILE H 205 -25.21 -60.18 -13.64
N TYR H 206 -24.51 -61.30 -13.59
CA TYR H 206 -23.11 -61.39 -14.04
C TYR H 206 -22.97 -61.61 -15.54
N GLU H 207 -24.09 -61.50 -16.26
CA GLU H 207 -24.13 -61.70 -17.70
C GLU H 207 -22.97 -61.07 -18.45
N HIS H 208 -22.72 -59.80 -18.16
CA HIS H 208 -21.69 -59.04 -18.84
C HIS H 208 -20.20 -59.29 -18.59
N LEU H 209 -19.88 -60.05 -17.54
CA LEU H 209 -18.48 -60.37 -17.21
C LEU H 209 -18.48 -61.81 -17.72
N LEU H 210 -18.32 -61.95 -19.04
CA LEU H 210 -18.32 -63.26 -19.66
C LEU H 210 -17.10 -63.35 -20.56
N TYR H 211 -16.10 -64.07 -20.09
CA TYR H 211 -14.86 -64.21 -20.82
C TYR H 211 -14.92 -65.23 -21.95
N GLU H 212 -15.50 -66.39 -21.63
CA GLU H 212 -15.62 -67.48 -22.60
C GLU H 212 -16.90 -68.32 -22.63
N GLY H 213 -17.81 -67.96 -23.55
CA GLY H 213 -19.04 -68.69 -23.70
C GLY H 213 -20.11 -67.74 -24.22
N GLU H 214 -21.36 -68.14 -24.16
CA GLU H 214 -22.40 -67.24 -24.63
C GLU H 214 -23.43 -67.31 -23.51
N HIS H 215 -23.97 -66.15 -23.18
CA HIS H 215 -24.97 -66.04 -22.15
C HIS H 215 -26.39 -66.22 -22.68
N PHE H 216 -27.01 -67.35 -22.33
CA PHE H 216 -28.37 -67.65 -22.73
C PHE H 216 -29.36 -67.42 -21.59
N SER H 217 -30.54 -66.88 -21.91
CA SER H 217 -31.56 -66.64 -20.90
C SER H 217 -32.64 -67.69 -21.17
N PRO H 218 -33.19 -68.30 -20.11
CA PRO H 218 -34.23 -69.32 -20.28
C PRO H 218 -35.62 -68.70 -20.46
N GLY H 219 -35.74 -67.41 -20.20
CA GLY H 219 -37.01 -66.72 -20.34
C GLY H 219 -37.41 -66.63 -21.79
N ARG H 220 -36.48 -66.99 -22.66
CA ARG H 220 -36.71 -67.00 -24.10
C ARG H 220 -37.57 -68.27 -24.13
N VAL H 221 -37.03 -69.36 -23.59
CA VAL H 221 -37.70 -70.65 -23.58
C VAL H 221 -38.98 -70.92 -22.81
N ALA H 222 -39.07 -70.41 -21.59
CA ALA H 222 -40.25 -70.63 -20.75
C ALA H 222 -40.64 -69.29 -20.12
N PRO H 223 -41.15 -68.36 -20.94
CA PRO H 223 -41.58 -67.02 -20.52
C PRO H 223 -42.70 -66.89 -19.50
N GLU H 224 -43.56 -67.90 -19.38
CA GLU H 224 -44.65 -67.82 -18.40
C GLU H 224 -44.32 -68.53 -17.08
N HIS H 225 -43.06 -68.95 -16.97
CA HIS H 225 -42.56 -69.64 -15.79
C HIS H 225 -41.34 -68.95 -15.22
N THR H 226 -40.48 -68.49 -16.13
CA THR H 226 -39.25 -67.81 -15.75
C THR H 226 -39.41 -66.41 -15.16
N LEU H 227 -38.54 -66.12 -14.20
CA LEU H 227 -38.51 -64.83 -13.53
C LEU H 227 -37.02 -64.55 -13.72
N THR H 228 -36.72 -63.50 -14.47
CA THR H 228 -35.36 -63.13 -14.77
C THR H 228 -34.87 -61.93 -13.94
N VAL H 229 -33.96 -62.21 -13.01
CA VAL H 229 -33.41 -61.21 -12.11
C VAL H 229 -32.01 -60.70 -12.49
N ASN H 230 -31.87 -59.38 -12.62
CA ASN H 230 -30.59 -58.77 -12.97
C ASN H 230 -30.46 -57.46 -12.20
N GLY H 231 -29.35 -56.77 -12.40
CA GLY H 231 -29.14 -55.51 -11.69
C GLY H 231 -27.99 -54.69 -12.23
N ALA H 232 -27.97 -53.41 -11.86
CA ALA H 232 -26.94 -52.48 -12.28
C ALA H 232 -25.58 -52.70 -11.64
N ALA H 233 -25.58 -53.04 -10.36
CA ALA H 233 -24.37 -53.27 -9.59
C ALA H 233 -23.08 -53.79 -10.21
N LYS H 234 -23.07 -55.08 -10.56
CA LYS H 234 -21.88 -55.70 -11.14
C LYS H 234 -21.34 -55.21 -12.48
N ALA H 235 -22.24 -55.02 -13.44
CA ALA H 235 -21.83 -54.58 -14.76
C ALA H 235 -21.25 -53.17 -14.72
N PHE H 236 -22.07 -52.25 -14.24
CA PHE H 236 -21.71 -50.83 -14.13
C PHE H 236 -20.98 -50.30 -12.89
N ALA H 237 -20.34 -51.19 -12.12
CA ALA H 237 -19.62 -50.81 -10.91
C ALA H 237 -20.52 -50.04 -9.95
N MET H 238 -21.82 -50.33 -10.04
CA MET H 238 -22.88 -49.72 -9.25
C MET H 238 -23.42 -50.41 -7.97
N THR H 239 -22.55 -51.09 -7.24
CA THR H 239 -22.96 -51.76 -6.01
C THR H 239 -23.58 -50.87 -4.95
N GLY H 240 -22.88 -49.80 -4.57
CA GLY H 240 -23.38 -48.90 -3.55
C GLY H 240 -24.67 -48.15 -3.89
N TRP H 241 -25.04 -48.12 -5.17
CA TRP H 241 -26.26 -47.42 -5.60
C TRP H 241 -27.56 -48.10 -5.26
N ARG H 242 -27.49 -49.39 -4.93
CA ARG H 242 -28.67 -50.16 -4.60
C ARG H 242 -29.84 -50.15 -5.61
N ILE H 243 -29.57 -50.65 -6.82
CA ILE H 243 -30.57 -50.74 -7.87
C ILE H 243 -30.48 -52.02 -8.68
N GLY H 244 -31.56 -52.78 -8.61
CA GLY H 244 -31.68 -54.05 -9.32
C GLY H 244 -33.01 -54.08 -10.04
N TYR H 245 -33.19 -55.07 -10.90
CA TYR H 245 -34.43 -55.17 -11.66
C TYR H 245 -34.78 -56.59 -12.10
N ALA H 246 -36.04 -56.78 -12.50
CA ALA H 246 -36.50 -58.08 -12.94
C ALA H 246 -37.68 -58.02 -13.92
N CYS H 247 -38.00 -59.17 -14.50
CA CYS H 247 -39.11 -59.28 -15.45
C CYS H 247 -39.66 -60.71 -15.47
N GLY H 248 -40.91 -60.83 -15.89
CA GLY H 248 -41.57 -62.11 -15.95
C GLY H 248 -43.08 -61.94 -15.97
N PRO H 249 -43.84 -62.91 -15.49
CA PRO H 249 -45.30 -62.82 -15.47
C PRO H 249 -45.85 -61.57 -14.78
N LYS H 250 -46.71 -60.86 -15.49
CA LYS H 250 -47.33 -59.65 -14.98
C LYS H 250 -47.94 -59.76 -13.59
N GLU H 251 -48.33 -60.99 -13.22
CA GLU H 251 -48.93 -61.26 -11.92
C GLU H 251 -47.96 -61.22 -10.76
N VAL H 252 -46.87 -61.99 -10.88
CA VAL H 252 -45.84 -62.05 -9.84
C VAL H 252 -45.04 -60.76 -9.73
N ILE H 253 -44.89 -60.06 -10.86
CA ILE H 253 -44.15 -58.81 -10.89
C ILE H 253 -45.03 -57.64 -10.43
N LYS H 254 -46.01 -57.96 -9.62
CA LYS H 254 -46.95 -56.95 -9.15
C LYS H 254 -47.31 -57.38 -7.74
N ALA H 255 -46.96 -58.63 -7.42
CA ALA H 255 -47.19 -59.21 -6.11
C ALA H 255 -45.91 -58.56 -5.57
N MET H 256 -44.82 -58.70 -6.33
CA MET H 256 -43.56 -58.11 -5.97
C MET H 256 -43.64 -56.61 -5.70
N ALA H 257 -44.21 -55.90 -6.64
CA ALA H 257 -44.34 -54.45 -6.51
C ALA H 257 -45.13 -54.04 -5.28
N SER H 258 -46.11 -54.86 -4.91
CA SER H 258 -46.91 -54.54 -3.74
C SER H 258 -46.20 -54.78 -2.41
N VAL H 259 -45.19 -55.65 -2.39
CA VAL H 259 -44.39 -55.94 -1.19
C VAL H 259 -43.47 -54.73 -1.12
N SER H 260 -42.90 -54.39 -2.27
CA SER H 260 -41.98 -53.26 -2.42
C SER H 260 -42.58 -51.98 -1.84
N ARG H 261 -43.83 -51.67 -2.20
CA ARG H 261 -44.52 -50.47 -1.70
C ARG H 261 -44.51 -50.48 -0.18
N GLN H 262 -44.63 -51.66 0.40
CA GLN H 262 -44.68 -51.79 1.84
C GLN H 262 -43.46 -52.22 2.65
N SER H 263 -42.29 -52.24 2.03
CA SER H 263 -41.07 -52.63 2.72
C SER H 263 -40.19 -51.40 2.54
N THR H 264 -39.97 -51.04 1.28
CA THR H 264 -39.14 -49.90 0.94
C THR H 264 -39.84 -48.64 0.45
N THR H 265 -41.08 -48.82 0.00
CA THR H 265 -41.92 -47.75 -0.57
C THR H 265 -41.56 -47.47 -2.02
N SER H 266 -40.27 -47.61 -2.37
CA SER H 266 -39.74 -47.41 -3.73
C SER H 266 -38.25 -47.13 -3.70
N PRO H 267 -37.56 -47.39 -4.82
CA PRO H 267 -36.13 -47.13 -4.82
C PRO H 267 -35.73 -45.65 -4.77
N ASP H 268 -34.52 -45.40 -4.31
CA ASP H 268 -33.95 -44.07 -4.20
C ASP H 268 -34.07 -43.42 -5.58
N THR H 269 -34.97 -42.45 -5.72
CA THR H 269 -35.21 -41.75 -6.99
C THR H 269 -34.01 -41.35 -7.83
N ILE H 270 -33.04 -40.69 -7.20
CA ILE H 270 -31.82 -40.23 -7.87
C ILE H 270 -31.14 -41.39 -8.61
N ALA H 271 -31.04 -42.53 -7.93
CA ALA H 271 -30.42 -43.71 -8.54
C ALA H 271 -31.16 -44.21 -9.77
N GLN H 272 -32.49 -44.11 -9.76
CA GLN H 272 -33.30 -44.58 -10.88
C GLN H 272 -32.89 -43.83 -12.15
N TRP H 273 -32.88 -42.51 -12.07
CA TRP H 273 -32.49 -41.67 -13.20
C TRP H 273 -31.04 -41.94 -13.52
N ALA H 274 -30.23 -42.19 -12.48
CA ALA H 274 -28.80 -42.47 -12.72
C ALA H 274 -28.72 -43.71 -13.62
N THR H 275 -29.49 -44.73 -13.27
CA THR H 275 -29.50 -46.00 -14.00
C THR H 275 -30.08 -45.85 -15.41
N LEU H 276 -31.14 -45.05 -15.54
CA LEU H 276 -31.81 -44.79 -16.84
C LEU H 276 -30.81 -44.35 -17.90
N GLU H 277 -29.73 -43.70 -17.45
CA GLU H 277 -28.68 -43.23 -18.35
C GLU H 277 -27.67 -44.34 -18.71
N ALA H 278 -27.31 -45.18 -17.74
CA ALA H 278 -26.38 -46.28 -17.98
C ALA H 278 -27.05 -47.22 -19.01
N LEU H 279 -28.37 -47.36 -18.87
CA LEU H 279 -29.14 -48.21 -19.77
C LEU H 279 -29.30 -47.63 -21.16
N THR H 280 -29.85 -46.42 -21.23
CA THR H 280 -30.07 -45.74 -22.51
C THR H 280 -28.91 -45.18 -23.32
N ASN H 281 -27.79 -44.89 -22.67
CA ASN H 281 -26.62 -44.36 -23.35
C ASN H 281 -25.75 -45.56 -23.69
N GLN H 282 -26.16 -46.36 -24.68
CA GLN H 282 -25.36 -47.54 -25.04
C GLN H 282 -23.90 -47.16 -25.26
N GLU H 283 -23.59 -46.49 -26.37
CA GLU H 283 -22.23 -46.03 -26.70
C GLU H 283 -21.20 -45.83 -25.58
N ALA H 284 -21.65 -45.24 -24.49
CA ALA H 284 -20.80 -44.91 -23.35
C ALA H 284 -20.61 -46.15 -22.50
N SER H 285 -21.74 -46.75 -22.10
CA SER H 285 -21.75 -47.95 -21.27
C SER H 285 -21.08 -49.15 -21.92
N ARG H 286 -21.34 -49.34 -23.21
CA ARG H 286 -20.77 -50.46 -23.94
C ARG H 286 -19.27 -50.47 -23.73
N ALA H 287 -18.68 -49.28 -23.66
CA ALA H 287 -17.24 -49.14 -23.48
C ALA H 287 -16.70 -49.46 -22.11
N PHE H 288 -17.40 -49.03 -21.07
CA PHE H 288 -16.96 -49.28 -19.70
C PHE H 288 -16.93 -50.78 -19.52
N VAL H 289 -18.01 -51.45 -19.92
CA VAL H 289 -18.13 -52.90 -19.83
C VAL H 289 -16.93 -53.50 -20.57
N GLU H 290 -16.75 -53.13 -21.83
CA GLU H 290 -15.62 -53.61 -22.62
C GLU H 290 -14.27 -53.55 -21.90
N MET H 291 -14.03 -52.45 -21.21
CA MET H 291 -12.78 -52.28 -20.51
C MET H 291 -12.72 -53.18 -19.31
N ALA H 292 -13.81 -53.16 -18.52
CA ALA H 292 -13.88 -53.97 -17.31
C ALA H 292 -13.67 -55.44 -17.59
N ARG H 293 -14.39 -55.98 -18.56
CA ARG H 293 -14.27 -57.39 -18.90
C ARG H 293 -12.83 -57.81 -19.11
N GLU H 294 -12.22 -57.32 -20.20
CA GLU H 294 -10.83 -57.62 -20.53
C GLU H 294 -9.91 -57.42 -19.33
N ALA H 295 -10.27 -56.45 -18.48
CA ALA H 295 -9.50 -56.14 -17.30
C ALA H 295 -9.58 -57.41 -16.42
N TYR H 296 -10.77 -57.73 -15.94
CA TYR H 296 -10.99 -58.91 -15.09
C TYR H 296 -10.42 -60.20 -15.69
N ARG H 297 -10.44 -60.31 -17.01
CA ARG H 297 -9.93 -61.51 -17.68
C ARG H 297 -8.45 -61.75 -17.39
N ARG H 298 -7.68 -60.68 -17.49
CA ARG H 298 -6.22 -60.71 -17.28
C ARG H 298 -5.82 -61.06 -15.84
N ARG H 299 -6.61 -60.57 -14.89
CA ARG H 299 -6.38 -60.83 -13.47
C ARG H 299 -6.78 -62.29 -13.31
N ARG H 300 -7.87 -62.68 -13.96
CA ARG H 300 -8.35 -64.05 -13.89
C ARG H 300 -7.27 -64.99 -14.42
N ASP H 301 -6.53 -64.53 -15.42
CA ASP H 301 -5.43 -65.29 -16.02
C ASP H 301 -4.17 -65.25 -15.15
N LEU H 302 -3.96 -64.11 -14.48
CA LEU H 302 -2.81 -63.90 -13.61
C LEU H 302 -2.97 -64.90 -12.45
N LEU H 303 -4.09 -64.76 -11.73
CA LEU H 303 -4.42 -65.60 -10.60
C LEU H 303 -4.27 -67.10 -10.88
N LEU H 304 -4.99 -67.56 -11.90
CA LEU H 304 -4.96 -68.97 -12.31
C LEU H 304 -3.57 -69.52 -12.58
N GLU H 305 -2.74 -68.76 -13.29
CA GLU H 305 -1.39 -69.21 -13.60
C GLU H 305 -0.53 -69.31 -12.33
N GLY H 306 -0.47 -68.23 -11.56
CA GLY H 306 0.30 -68.26 -10.32
C GLY H 306 -0.23 -69.27 -9.32
N LEU H 307 -1.55 -69.45 -9.30
CA LEU H 307 -2.21 -70.38 -8.39
C LEU H 307 -1.77 -71.82 -8.57
N THR H 308 -1.95 -72.34 -9.80
CA THR H 308 -1.56 -73.71 -10.13
C THR H 308 -0.04 -73.93 -10.29
N ALA H 309 0.68 -72.83 -10.53
CA ALA H 309 2.13 -72.88 -10.68
C ALA H 309 2.61 -73.18 -9.26
N LEU H 310 1.89 -72.61 -8.28
CA LEU H 310 2.18 -72.80 -6.86
C LEU H 310 1.78 -74.21 -6.46
N GLY H 311 0.90 -74.80 -7.25
CA GLY H 311 0.48 -76.15 -6.95
C GLY H 311 -0.97 -76.25 -6.58
N LEU H 312 -1.51 -75.18 -5.99
CA LEU H 312 -2.91 -75.15 -5.58
C LEU H 312 -3.88 -75.39 -6.74
N LYS H 313 -4.95 -76.15 -6.48
CA LYS H 313 -5.95 -76.48 -7.51
C LYS H 313 -7.25 -75.67 -7.63
N ALA H 314 -7.59 -75.24 -8.84
CA ALA H 314 -8.79 -74.44 -9.03
C ALA H 314 -9.48 -74.65 -10.37
N VAL H 315 -10.80 -74.51 -10.38
CA VAL H 315 -11.57 -74.70 -11.60
C VAL H 315 -11.58 -73.36 -12.34
N ARG H 316 -10.97 -73.35 -13.52
CA ARG H 316 -10.90 -72.15 -14.35
C ARG H 316 -12.33 -71.65 -14.64
N PRO H 317 -12.66 -70.42 -14.21
CA PRO H 317 -13.98 -69.80 -14.41
C PRO H 317 -14.08 -69.19 -15.80
N SER H 318 -15.30 -68.98 -16.25
CA SER H 318 -15.51 -68.40 -17.58
C SER H 318 -16.23 -67.07 -17.42
N GLY H 319 -16.92 -66.91 -16.29
CA GLY H 319 -17.66 -65.69 -16.03
C GLY H 319 -17.61 -65.30 -14.56
N ALA H 320 -18.11 -64.11 -14.24
CA ALA H 320 -18.10 -63.57 -12.87
C ALA H 320 -16.62 -63.39 -12.49
N PHE H 321 -16.37 -62.92 -11.27
CA PHE H 321 -14.99 -62.76 -10.83
C PHE H 321 -14.54 -63.52 -9.58
N TYR H 322 -14.99 -64.78 -9.47
CA TYR H 322 -14.67 -65.63 -8.33
C TYR H 322 -13.94 -66.86 -8.82
N VAL H 323 -13.27 -67.56 -7.91
CA VAL H 323 -12.52 -68.78 -8.22
C VAL H 323 -12.59 -69.59 -6.91
N LEU H 324 -13.06 -70.83 -6.98
CA LEU H 324 -13.14 -71.68 -5.79
C LEU H 324 -11.84 -72.49 -5.78
N MET H 325 -10.94 -72.14 -4.87
CA MET H 325 -9.65 -72.83 -4.75
C MET H 325 -9.74 -74.01 -3.79
N ASP H 326 -8.97 -75.06 -4.08
CA ASP H 326 -8.94 -76.26 -3.25
C ASP H 326 -7.89 -76.18 -2.14
N THR H 327 -8.34 -75.79 -0.96
CA THR H 327 -7.51 -75.65 0.23
C THR H 327 -6.88 -76.94 0.74
N SER H 328 -7.16 -78.05 0.05
CA SER H 328 -6.64 -79.35 0.45
C SER H 328 -5.26 -79.51 1.05
N PRO H 329 -4.23 -78.93 0.41
CA PRO H 329 -2.86 -79.02 0.90
C PRO H 329 -2.46 -77.85 1.77
N ILE H 330 -3.37 -76.90 1.94
CA ILE H 330 -3.07 -75.75 2.76
C ILE H 330 -3.59 -76.02 4.17
N ALA H 331 -4.45 -77.03 4.28
CA ALA H 331 -5.02 -77.45 5.57
C ALA H 331 -5.96 -78.64 5.28
N PRO H 332 -6.38 -79.38 6.33
CA PRO H 332 -7.28 -80.54 6.17
C PRO H 332 -8.74 -80.19 5.88
N ASP H 333 -9.18 -79.00 6.29
CA ASP H 333 -10.55 -78.57 6.03
C ASP H 333 -10.50 -77.13 5.52
N GLU H 334 -11.65 -76.54 5.25
CA GLU H 334 -11.67 -75.18 4.73
C GLU H 334 -11.77 -74.02 5.70
N VAL H 335 -11.70 -74.34 6.99
CA VAL H 335 -11.78 -73.32 8.03
C VAL H 335 -10.41 -72.99 8.64
N ARG H 336 -9.67 -74.02 9.03
CA ARG H 336 -8.34 -73.80 9.62
C ARG H 336 -7.62 -73.19 8.43
N ALA H 337 -7.79 -73.81 7.26
CA ALA H 337 -7.17 -73.33 6.03
C ALA H 337 -7.39 -71.83 5.87
N ALA H 338 -8.59 -71.38 6.24
CA ALA H 338 -8.96 -69.97 6.13
C ALA H 338 -8.13 -69.11 7.06
N GLU H 339 -7.93 -69.60 8.27
CA GLU H 339 -7.18 -68.91 9.31
C GLU H 339 -5.70 -68.88 8.98
N ARG H 340 -5.18 -70.02 8.56
CA ARG H 340 -3.78 -70.18 8.18
C ARG H 340 -3.47 -69.07 7.16
N LEU H 341 -4.43 -68.75 6.30
CA LEU H 341 -4.26 -67.72 5.28
C LEU H 341 -4.39 -66.28 5.74
N LEU H 342 -5.16 -66.05 6.80
CA LEU H 342 -5.31 -64.69 7.32
C LEU H 342 -3.96 -64.40 7.96
N GLU H 343 -3.32 -65.46 8.49
CA GLU H 343 -2.02 -65.33 9.14
C GLU H 343 -0.97 -64.81 8.16
N ALA H 344 -1.08 -65.21 6.91
CA ALA H 344 -0.14 -64.76 5.90
C ALA H 344 -0.71 -63.46 5.30
N GLY H 345 -1.63 -62.81 6.03
CA GLY H 345 -2.21 -61.56 5.58
C GLY H 345 -2.98 -61.61 4.27
N VAL H 346 -3.98 -62.47 4.21
CA VAL H 346 -4.78 -62.57 3.00
C VAL H 346 -6.15 -63.15 3.39
N ALA H 347 -7.15 -62.27 3.34
CA ALA H 347 -8.52 -62.64 3.68
C ALA H 347 -9.28 -63.29 2.54
N VAL H 348 -9.71 -64.53 2.78
CA VAL H 348 -10.47 -65.30 1.81
C VAL H 348 -11.81 -65.57 2.48
N VAL H 349 -12.77 -66.08 1.72
CA VAL H 349 -14.10 -66.40 2.28
C VAL H 349 -14.25 -67.90 2.11
N PRO H 350 -14.41 -68.63 3.23
CA PRO H 350 -14.57 -70.08 3.29
C PRO H 350 -15.78 -70.61 2.51
N GLY H 351 -15.54 -71.68 1.75
CA GLY H 351 -16.58 -72.29 0.96
C GLY H 351 -17.72 -72.92 1.75
N THR H 352 -17.58 -72.94 3.07
CA THR H 352 -18.58 -73.51 3.97
C THR H 352 -20.05 -73.17 3.79
N ASP H 353 -20.37 -71.89 3.70
CA ASP H 353 -21.75 -71.47 3.54
C ASP H 353 -22.29 -71.57 2.12
N PHE H 354 -21.42 -71.98 1.21
CA PHE H 354 -21.79 -72.13 -0.19
C PHE H 354 -21.95 -73.62 -0.49
N ALA H 355 -21.64 -74.46 0.50
CA ALA H 355 -21.69 -75.92 0.38
C ALA H 355 -20.54 -76.26 -0.57
N ALA H 356 -19.48 -75.46 -0.49
CA ALA H 356 -18.30 -75.63 -1.30
C ALA H 356 -17.20 -76.00 -0.29
N PHE H 357 -17.41 -77.13 0.38
CA PHE H 357 -16.48 -77.66 1.37
C PHE H 357 -15.09 -78.00 0.83
N GLY H 358 -14.07 -77.67 1.62
CA GLY H 358 -12.70 -77.96 1.24
C GLY H 358 -12.29 -77.10 0.07
N HIS H 359 -12.82 -75.89 0.06
CA HIS H 359 -12.56 -74.92 -1.00
C HIS H 359 -12.69 -73.58 -0.30
N VAL H 360 -12.16 -72.55 -0.94
CA VAL H 360 -12.19 -71.20 -0.42
C VAL H 360 -12.31 -70.23 -1.61
N ARG H 361 -13.17 -69.23 -1.50
CA ARG H 361 -13.38 -68.25 -2.57
C ARG H 361 -12.52 -67.00 -2.80
N LEU H 362 -11.49 -67.13 -3.64
CA LEU H 362 -10.60 -66.00 -3.98
C LEU H 362 -11.38 -65.08 -4.89
N SER H 363 -11.03 -63.80 -4.86
CA SER H 363 -11.71 -62.82 -5.71
C SER H 363 -10.83 -61.80 -6.46
N TYR H 364 -10.54 -62.10 -7.72
CA TYR H 364 -9.71 -61.22 -8.55
C TYR H 364 -10.32 -59.90 -9.00
N ALA H 365 -11.47 -59.55 -8.42
CA ALA H 365 -12.15 -58.31 -8.75
C ALA H 365 -11.42 -57.13 -8.09
N THR H 366 -10.28 -57.43 -7.46
CA THR H 366 -9.45 -56.42 -6.80
C THR H 366 -8.37 -56.10 -7.82
N SER H 367 -7.33 -55.37 -7.39
CA SER H 367 -6.23 -54.98 -8.26
C SER H 367 -5.26 -56.06 -8.69
N GLU H 368 -4.61 -55.77 -9.81
CA GLU H 368 -3.61 -56.64 -10.44
C GLU H 368 -2.49 -56.84 -9.44
N GLU H 369 -2.18 -55.75 -8.73
CA GLU H 369 -1.13 -55.74 -7.73
C GLU H 369 -1.39 -56.54 -6.47
N ASN H 370 -2.67 -56.79 -6.18
CA ASN H 370 -3.02 -57.55 -5.00
C ASN H 370 -2.97 -59.02 -5.31
N LEU H 371 -3.21 -59.39 -6.56
CA LEU H 371 -3.17 -60.79 -6.96
C LEU H 371 -1.71 -61.17 -6.94
N ARG H 372 -0.84 -60.18 -7.14
CA ARG H 372 0.60 -60.40 -7.13
C ARG H 372 1.13 -60.57 -5.71
N LYS H 373 0.58 -59.78 -4.78
CA LYS H 373 0.98 -59.84 -3.37
C LYS H 373 0.32 -61.06 -2.73
N ALA H 374 -1.01 -61.19 -2.91
CA ALA H 374 -1.73 -62.33 -2.34
C ALA H 374 -1.14 -63.64 -2.82
N LEU H 375 -0.68 -63.66 -4.06
CA LEU H 375 -0.08 -64.86 -4.64
C LEU H 375 1.32 -65.08 -4.06
N GLU H 376 1.94 -63.98 -3.60
CA GLU H 376 3.27 -64.03 -3.01
C GLU H 376 3.15 -64.63 -1.62
N ARG H 377 2.12 -64.22 -0.90
CA ARG H 377 1.88 -64.68 0.46
C ARG H 377 1.42 -66.15 0.52
N PHE H 378 0.67 -66.57 -0.50
CA PHE H 378 0.18 -67.95 -0.57
C PHE H 378 1.49 -68.72 -0.63
N ALA H 379 2.31 -68.34 -1.61
CA ALA H 379 3.62 -68.96 -1.85
C ALA H 379 4.44 -69.31 -0.62
N ARG H 380 4.55 -68.36 0.30
CA ARG H 380 5.32 -68.55 1.52
C ARG H 380 4.66 -69.52 2.50
N VAL H 381 3.33 -69.41 2.62
CA VAL H 381 2.56 -70.27 3.51
C VAL H 381 2.91 -71.73 3.19
N LEU H 382 2.96 -72.05 1.90
CA LEU H 382 3.28 -73.40 1.42
C LEU H 382 4.76 -73.82 1.57
#